data_5JFL
#
_entry.id   5JFL
#
_cell.length_a   107.393
_cell.length_b   154.796
_cell.length_c   126.594
_cell.angle_alpha   90.00
_cell.angle_beta   90.13
_cell.angle_gamma   90.00
#
_symmetry.space_group_name_H-M   'P 1 21 1'
#
loop_
_entity.id
_entity.type
_entity.pdbx_description
1 polymer 'Aldehyde dehydrogenase'
2 non-polymer NICOTINAMIDE-ADENINE-DINUCLEOTIDE
3 water water
#
_entity_poly.entity_id   1
_entity_poly.type   'polypeptide(L)'
_entity_poly.pdbx_seq_one_letter_code
;MAWSHPQFEKGHMNDANIADVVTKVLGEYGAPGAVSVAALTAKSPDGKSNSSADADVVARMVAKAIRDHAGTAQPSGNAA
TSSAAVSDGVFETMDAAVEAAALAQQQYLLCSMSDRARFVQGIRDVILNQDTLEKMSRMAVEETGMGNYEHKLIKNRLAG
EKTPGIEDLTTDAFSGDNGLTLVEYSPFGVIGAITPTTNPTETIVCNSIGMLAAGNSVVFSPHPRARQVSLLLVRLINQK
LAALGAPENLVVTVEKPSIENTNAMMAHPKVRMLVATGGPAIVKAVLSTGKKAIGAGAGNPPVVVDETANIEKAACDIVN
GCSFDNNLPCVAEKEIIAVAQIADYLIFNLKKNGAYEIKDPAVLQQLQDLVLTAKGGPQTKCVGKSAVWLLSQIGISVDA
SIKIILMEVPREHPFVQEELMMPILPLVRVETVDDAIDLAIEVEHDNRHTAIMHSTDVRKLTKMAKLIQTTIFVKNGPSY
AGLGAGGEGYSTFTIAGPTGEGLTSAKSFARRRKCVMVEALNIR
;
_entity_poly.pdbx_strand_id   A,B,C,D,E,F,G,H
#
# COMPACT_ATOMS: atom_id res chain seq x y z
N ALA A 85 -60.24 -31.87 -33.25
CA ALA A 85 -59.12 -32.76 -33.52
C ALA A 85 -58.29 -32.98 -32.26
N VAL A 86 -56.99 -32.70 -32.37
CA VAL A 86 -56.13 -32.74 -31.19
C VAL A 86 -56.52 -31.61 -30.24
N SER A 87 -56.34 -31.85 -28.95
CA SER A 87 -56.63 -30.82 -27.97
C SER A 87 -55.65 -29.67 -28.09
N ASP A 88 -56.17 -28.45 -27.95
CA ASP A 88 -55.34 -27.25 -27.93
C ASP A 88 -54.90 -26.86 -26.53
N GLY A 89 -55.22 -27.68 -25.52
CA GLY A 89 -54.83 -27.42 -24.16
C GLY A 89 -55.75 -26.48 -23.39
N VAL A 90 -56.67 -25.79 -24.06
CA VAL A 90 -57.51 -24.79 -23.43
C VAL A 90 -58.93 -25.36 -23.32
N PHE A 91 -59.48 -25.34 -22.11
CA PHE A 91 -60.77 -25.95 -21.83
C PHE A 91 -61.73 -24.91 -21.28
N GLU A 92 -63.02 -25.26 -21.32
CA GLU A 92 -64.08 -24.39 -20.85
C GLU A 92 -64.35 -24.50 -19.37
N THR A 93 -63.79 -25.51 -18.70
CA THR A 93 -64.05 -25.74 -17.29
C THR A 93 -62.74 -26.13 -16.62
N MET A 94 -62.49 -25.56 -15.44
CA MET A 94 -61.29 -25.93 -14.71
C MET A 94 -61.32 -27.40 -14.32
N ASP A 95 -62.51 -27.94 -14.04
CA ASP A 95 -62.62 -29.32 -13.58
C ASP A 95 -62.15 -30.30 -14.66
N ALA A 96 -62.66 -30.17 -15.88
CA ALA A 96 -62.19 -31.06 -16.94
C ALA A 96 -60.81 -30.68 -17.46
N ALA A 97 -60.36 -29.45 -17.25
CA ALA A 97 -58.96 -29.12 -17.49
C ALA A 97 -58.06 -29.91 -16.54
N VAL A 98 -58.48 -30.03 -15.28
CA VAL A 98 -57.73 -30.86 -14.33
C VAL A 98 -57.87 -32.33 -14.68
N GLU A 99 -59.07 -32.77 -15.07
CA GLU A 99 -59.26 -34.16 -15.46
C GLU A 99 -58.51 -34.50 -16.75
N ALA A 100 -58.33 -33.53 -17.63
CA ALA A 100 -57.59 -33.77 -18.87
C ALA A 100 -56.10 -33.90 -18.61
N ALA A 101 -55.54 -33.01 -17.79
CA ALA A 101 -54.14 -33.13 -17.38
C ALA A 101 -53.92 -34.25 -16.37
N ALA A 102 -55.00 -34.81 -15.81
CA ALA A 102 -54.86 -35.98 -14.95
C ALA A 102 -54.70 -37.25 -15.79
N LEU A 103 -55.41 -37.34 -16.91
CA LEU A 103 -55.21 -38.47 -17.81
C LEU A 103 -53.89 -38.36 -18.55
N ALA A 104 -53.49 -37.13 -18.91
CA ALA A 104 -52.21 -36.93 -19.58
C ALA A 104 -51.05 -37.39 -18.70
N GLN A 105 -51.10 -37.04 -17.41
CA GLN A 105 -50.04 -37.42 -16.48
C GLN A 105 -49.83 -38.92 -16.44
N GLN A 106 -50.92 -39.70 -16.42
CA GLN A 106 -50.80 -41.15 -16.34
C GLN A 106 -50.26 -41.72 -17.63
N GLN A 107 -50.79 -41.27 -18.78
CA GLN A 107 -50.18 -41.63 -20.06
C GLN A 107 -48.72 -41.22 -20.11
N TYR A 108 -48.41 -40.03 -19.57
CA TYR A 108 -47.03 -39.54 -19.53
C TYR A 108 -46.13 -40.45 -18.71
N LEU A 109 -46.70 -41.24 -17.80
CA LEU A 109 -45.91 -42.21 -17.04
C LEU A 109 -45.39 -43.35 -17.90
N LEU A 110 -45.92 -43.51 -19.11
CA LEU A 110 -45.44 -44.54 -20.03
C LEU A 110 -44.33 -44.04 -20.94
N CYS A 111 -44.11 -42.73 -21.00
CA CYS A 111 -43.11 -42.16 -21.89
C CYS A 111 -41.73 -42.24 -21.26
N SER A 112 -40.74 -42.52 -22.11
CA SER A 112 -39.36 -42.70 -21.66
C SER A 112 -38.74 -41.35 -21.31
N MET A 113 -37.55 -41.41 -20.71
CA MET A 113 -36.78 -40.19 -20.47
C MET A 113 -36.52 -39.46 -21.77
N SER A 114 -36.27 -40.20 -22.85
CA SER A 114 -36.01 -39.58 -24.15
C SER A 114 -37.23 -38.85 -24.67
N ASP A 115 -38.43 -39.33 -24.35
CA ASP A 115 -39.64 -38.61 -24.73
C ASP A 115 -39.71 -37.27 -24.02
N ARG A 116 -39.48 -37.26 -22.71
CA ARG A 116 -39.41 -36.01 -21.96
C ARG A 116 -38.42 -35.05 -22.58
N ALA A 117 -37.24 -35.56 -22.96
CA ALA A 117 -36.20 -34.70 -23.53
C ALA A 117 -36.64 -34.08 -24.85
N ARG A 118 -37.36 -34.84 -25.68
CA ARG A 118 -37.90 -34.27 -26.91
C ARG A 118 -38.99 -33.26 -26.61
N PHE A 119 -39.86 -33.58 -25.65
CA PHE A 119 -40.92 -32.64 -25.27
C PHE A 119 -40.34 -31.37 -24.68
N VAL A 120 -39.39 -31.52 -23.75
CA VAL A 120 -38.73 -30.37 -23.15
C VAL A 120 -38.05 -29.52 -24.22
N GLN A 121 -37.33 -30.18 -25.14
CA GLN A 121 -36.71 -29.46 -26.25
C GLN A 121 -37.77 -28.83 -27.15
N GLY A 122 -38.92 -29.49 -27.30
CA GLY A 122 -40.00 -28.91 -28.09
C GLY A 122 -40.51 -27.62 -27.51
N ILE A 123 -40.55 -27.52 -26.18
CA ILE A 123 -40.99 -26.28 -25.55
C ILE A 123 -39.94 -25.18 -25.74
N ARG A 124 -38.65 -25.55 -25.76
CA ARG A 124 -37.61 -24.55 -25.97
C ARG A 124 -37.69 -23.96 -27.37
N ASP A 125 -37.88 -24.81 -28.38
CA ASP A 125 -37.94 -24.31 -29.76
C ASP A 125 -39.19 -23.46 -29.99
N VAL A 126 -40.26 -23.72 -29.24
CA VAL A 126 -41.48 -22.93 -29.39
C VAL A 126 -41.21 -21.46 -29.07
N ILE A 127 -40.58 -21.20 -27.93
CA ILE A 127 -40.33 -19.82 -27.51
C ILE A 127 -39.07 -19.25 -28.13
N LEU A 128 -38.02 -20.06 -28.31
CA LEU A 128 -36.78 -19.56 -28.90
C LEU A 128 -36.88 -19.37 -30.40
N ASN A 129 -37.97 -19.83 -31.02
CA ASN A 129 -38.21 -19.51 -32.43
C ASN A 129 -38.30 -18.00 -32.60
N GLN A 130 -37.48 -17.46 -33.50
CA GLN A 130 -37.33 -16.02 -33.61
C GLN A 130 -38.65 -15.33 -33.94
N ASP A 131 -39.51 -15.97 -34.74
CA ASP A 131 -40.82 -15.39 -35.01
C ASP A 131 -41.69 -15.41 -33.76
N THR A 132 -41.65 -16.50 -33.00
CA THR A 132 -42.44 -16.58 -31.78
C THR A 132 -41.84 -15.75 -30.65
N LEU A 133 -40.50 -15.72 -30.56
CA LEU A 133 -39.83 -14.95 -29.52
C LEU A 133 -40.23 -13.48 -29.60
N GLU A 134 -40.19 -12.90 -30.79
CA GLU A 134 -40.57 -11.49 -30.94
C GLU A 134 -42.08 -11.31 -30.78
N LYS A 135 -42.86 -12.32 -31.16
CA LYS A 135 -44.32 -12.19 -31.08
C LYS A 135 -44.81 -12.19 -29.64
N MET A 136 -44.33 -13.14 -28.83
CA MET A 136 -44.76 -13.21 -27.43
C MET A 136 -44.25 -11.99 -26.66
N SER A 137 -43.07 -11.49 -27.00
CA SER A 137 -42.47 -10.39 -26.24
C SER A 137 -43.24 -9.10 -26.43
N ARG A 138 -43.61 -8.77 -27.68
CA ARG A 138 -44.31 -7.51 -27.90
C ARG A 138 -45.79 -7.61 -27.56
N MET A 139 -46.43 -8.75 -27.89
CA MET A 139 -47.84 -8.92 -27.60
C MET A 139 -48.12 -8.86 -26.10
N ALA A 140 -47.28 -9.53 -25.30
CA ALA A 140 -47.41 -9.43 -23.86
C ALA A 140 -47.41 -7.98 -23.42
N VAL A 141 -46.45 -7.19 -23.91
CA VAL A 141 -46.42 -5.75 -23.61
C VAL A 141 -47.71 -5.08 -24.09
N GLU A 142 -48.13 -5.39 -25.31
CA GLU A 142 -49.35 -4.79 -25.85
C GLU A 142 -50.55 -5.08 -24.97
N GLU A 143 -50.65 -6.31 -24.46
CA GLU A 143 -51.81 -6.69 -23.66
C GLU A 143 -51.67 -6.24 -22.21
N THR A 144 -50.47 -6.38 -21.62
CA THR A 144 -50.32 -6.07 -20.21
C THR A 144 -50.07 -4.58 -19.97
N GLY A 145 -49.52 -3.88 -20.95
CA GLY A 145 -49.14 -2.49 -20.72
C GLY A 145 -48.04 -2.35 -19.70
N MET A 146 -47.09 -3.29 -19.69
CA MET A 146 -46.02 -3.33 -18.71
C MET A 146 -44.76 -3.88 -19.38
N GLY A 147 -43.61 -3.39 -18.94
CA GLY A 147 -42.36 -3.82 -19.51
C GLY A 147 -42.12 -3.23 -20.89
N ASN A 148 -41.13 -3.78 -21.58
CA ASN A 148 -40.80 -3.35 -22.92
C ASN A 148 -40.39 -4.55 -23.77
N TYR A 149 -40.49 -4.38 -25.09
CA TYR A 149 -40.25 -5.48 -26.02
C TYR A 149 -38.80 -5.94 -25.98
N GLU A 150 -37.86 -5.00 -25.97
CA GLU A 150 -36.44 -5.36 -26.06
C GLU A 150 -36.00 -6.23 -24.88
N HIS A 151 -36.58 -6.03 -23.71
CA HIS A 151 -36.13 -6.75 -22.52
C HIS A 151 -36.84 -8.08 -22.32
N LYS A 152 -38.15 -8.14 -22.58
CA LYS A 152 -38.82 -9.43 -22.60
C LYS A 152 -38.34 -10.29 -23.76
N LEU A 153 -37.75 -9.68 -24.78
CA LEU A 153 -37.03 -10.44 -25.80
C LEU A 153 -35.85 -11.18 -25.19
N ILE A 154 -35.24 -10.58 -24.16
CA ILE A 154 -34.10 -11.21 -23.49
C ILE A 154 -34.58 -12.17 -22.41
N LYS A 155 -35.58 -11.75 -21.63
CA LYS A 155 -36.11 -12.61 -20.57
C LYS A 155 -36.69 -13.89 -21.14
N ASN A 156 -37.51 -13.79 -22.19
CA ASN A 156 -38.07 -14.97 -22.81
C ASN A 156 -36.97 -15.91 -23.31
N ARG A 157 -35.90 -15.35 -23.87
CA ARG A 157 -34.79 -16.18 -24.34
C ARG A 157 -34.04 -16.79 -23.17
N LEU A 158 -34.03 -16.12 -22.01
CA LEU A 158 -33.40 -16.69 -20.82
C LEU A 158 -34.20 -17.88 -20.30
N ALA A 159 -35.54 -17.77 -20.34
CA ALA A 159 -36.38 -18.88 -19.88
C ALA A 159 -36.27 -20.08 -20.81
N GLY A 160 -35.97 -19.85 -22.08
CA GLY A 160 -35.85 -20.94 -23.03
C GLY A 160 -34.50 -21.62 -23.02
N GLU A 161 -33.44 -20.85 -22.83
CA GLU A 161 -32.08 -21.40 -22.91
C GLU A 161 -31.56 -21.91 -21.57
N LYS A 162 -31.77 -21.16 -20.49
CA LYS A 162 -31.15 -21.47 -19.21
C LYS A 162 -32.12 -22.10 -18.21
N THR A 163 -33.22 -22.67 -18.68
CA THR A 163 -34.04 -23.47 -17.79
C THR A 163 -33.60 -24.92 -17.83
N PRO A 164 -33.29 -25.53 -16.68
CA PRO A 164 -32.79 -26.91 -16.70
C PRO A 164 -33.84 -27.89 -17.21
N GLY A 165 -33.35 -28.95 -17.86
CA GLY A 165 -34.18 -30.04 -18.37
C GLY A 165 -34.09 -31.27 -17.50
N ILE A 166 -34.09 -32.44 -18.15
CA ILE A 166 -34.05 -33.70 -17.42
C ILE A 166 -32.69 -34.00 -16.82
N GLU A 167 -31.65 -33.25 -17.22
CA GLU A 167 -30.37 -33.37 -16.53
C GLU A 167 -30.47 -32.90 -15.09
N ASP A 168 -31.48 -32.10 -14.76
CA ASP A 168 -31.68 -31.62 -13.41
C ASP A 168 -31.99 -32.75 -12.44
N LEU A 169 -32.61 -33.83 -12.93
CA LEU A 169 -33.01 -34.95 -12.09
C LEU A 169 -31.81 -35.86 -11.86
N THR A 170 -31.05 -35.56 -10.82
CA THR A 170 -29.86 -36.34 -10.49
C THR A 170 -30.25 -37.57 -9.66
N THR A 171 -29.26 -38.44 -9.45
CA THR A 171 -29.47 -39.67 -8.69
C THR A 171 -28.37 -39.79 -7.65
N ASP A 172 -28.75 -39.82 -6.38
CA ASP A 172 -27.80 -40.09 -5.31
C ASP A 172 -27.63 -41.59 -5.14
N ALA A 173 -26.43 -41.99 -4.74
CA ALA A 173 -26.09 -43.41 -4.63
C ALA A 173 -25.20 -43.63 -3.41
N PHE A 174 -25.53 -44.65 -2.63
CA PHE A 174 -24.76 -45.02 -1.44
C PHE A 174 -24.55 -46.52 -1.46
N SER A 175 -23.32 -46.94 -1.70
CA SER A 175 -22.95 -48.34 -1.81
C SER A 175 -22.07 -48.72 -0.61
N GLY A 176 -22.43 -49.82 0.04
CA GLY A 176 -21.70 -50.27 1.20
C GLY A 176 -21.92 -51.74 1.46
N ASP A 177 -21.72 -52.14 2.71
CA ASP A 177 -21.87 -53.55 3.08
C ASP A 177 -23.31 -54.01 2.98
N ASN A 178 -24.27 -53.11 3.18
CA ASN A 178 -25.68 -53.42 3.04
C ASN A 178 -26.19 -53.23 1.62
N GLY A 179 -25.31 -53.39 0.64
CA GLY A 179 -25.73 -53.32 -0.76
C GLY A 179 -25.65 -51.89 -1.29
N LEU A 180 -26.75 -51.44 -1.88
CA LEU A 180 -26.81 -50.16 -2.56
C LEU A 180 -28.09 -49.44 -2.16
N THR A 181 -28.10 -48.13 -2.34
CA THR A 181 -29.31 -47.33 -2.16
C THR A 181 -29.30 -46.20 -3.18
N LEU A 182 -30.38 -46.09 -3.94
CA LEU A 182 -30.56 -45.04 -4.93
C LEU A 182 -31.64 -44.07 -4.46
N VAL A 183 -31.46 -42.79 -4.77
CA VAL A 183 -32.44 -41.75 -4.48
C VAL A 183 -32.74 -41.00 -5.77
N GLU A 184 -34.00 -41.04 -6.20
CA GLU A 184 -34.42 -40.47 -7.47
C GLU A 184 -35.41 -39.34 -7.25
N TYR A 185 -35.62 -38.55 -8.31
CA TYR A 185 -36.63 -37.51 -8.36
C TYR A 185 -37.74 -37.97 -9.29
N SER A 186 -38.94 -38.17 -8.76
CA SER A 186 -40.02 -38.83 -9.47
C SER A 186 -41.27 -37.97 -9.55
N PRO A 187 -42.17 -38.26 -10.50
CA PRO A 187 -43.33 -37.37 -10.72
C PRO A 187 -44.22 -37.24 -9.50
N PHE A 188 -44.69 -36.01 -9.28
CA PHE A 188 -45.75 -35.76 -8.31
C PHE A 188 -47.09 -36.27 -8.82
N GLY A 189 -47.48 -35.80 -10.01
CA GLY A 189 -48.80 -36.06 -10.56
C GLY A 189 -49.24 -34.89 -11.43
N VAL A 190 -50.27 -34.17 -11.00
CA VAL A 190 -50.75 -32.98 -11.69
C VAL A 190 -50.39 -31.76 -10.85
N ILE A 191 -49.82 -30.74 -11.49
CA ILE A 191 -49.42 -29.52 -10.82
C ILE A 191 -50.33 -28.39 -11.28
N GLY A 192 -50.76 -27.56 -10.33
CA GLY A 192 -51.46 -26.34 -10.66
C GLY A 192 -50.55 -25.15 -10.49
N ALA A 193 -50.36 -24.36 -11.56
CA ALA A 193 -49.43 -23.25 -11.56
C ALA A 193 -50.19 -21.94 -11.73
N ILE A 194 -49.95 -21.00 -10.83
CA ILE A 194 -50.58 -19.68 -10.86
C ILE A 194 -49.48 -18.68 -11.23
N THR A 195 -49.61 -18.09 -12.41
CA THR A 195 -48.57 -17.26 -13.00
C THR A 195 -48.92 -15.78 -12.95
N PRO A 196 -47.92 -14.89 -12.88
CA PRO A 196 -48.22 -13.46 -12.71
C PRO A 196 -48.45 -12.73 -14.01
N THR A 197 -48.67 -11.42 -13.93
CA THR A 197 -48.80 -10.55 -15.08
C THR A 197 -47.52 -9.81 -15.41
N THR A 198 -46.46 -10.04 -14.64
CA THR A 198 -45.16 -9.42 -14.89
C THR A 198 -44.22 -10.31 -15.69
N ASN A 199 -44.39 -11.63 -15.60
CA ASN A 199 -43.65 -12.58 -16.43
C ASN A 199 -44.62 -13.62 -16.96
N PRO A 200 -45.56 -13.22 -17.82
CA PRO A 200 -46.60 -14.15 -18.26
C PRO A 200 -46.06 -15.31 -19.08
N THR A 201 -45.34 -15.00 -20.16
CA THR A 201 -44.77 -16.06 -20.99
C THR A 201 -43.54 -16.68 -20.34
N GLU A 202 -42.74 -15.87 -19.65
CA GLU A 202 -41.50 -16.36 -19.04
C GLU A 202 -41.79 -17.44 -18.01
N THR A 203 -42.77 -17.20 -17.14
CA THR A 203 -43.07 -18.16 -16.09
C THR A 203 -43.65 -19.45 -16.66
N ILE A 204 -44.49 -19.35 -17.69
CA ILE A 204 -45.10 -20.54 -18.29
C ILE A 204 -44.03 -21.41 -18.94
N VAL A 205 -43.16 -20.80 -19.75
CA VAL A 205 -42.06 -21.55 -20.34
C VAL A 205 -41.18 -22.15 -19.26
N CYS A 206 -40.89 -21.37 -18.22
CA CYS A 206 -40.00 -21.84 -17.17
C CYS A 206 -40.64 -22.95 -16.35
N ASN A 207 -41.94 -22.85 -16.08
CA ASN A 207 -42.64 -23.90 -15.34
C ASN A 207 -42.79 -25.16 -16.19
N SER A 208 -43.30 -25.01 -17.42
CA SER A 208 -43.61 -26.16 -18.25
C SER A 208 -42.37 -27.00 -18.53
N ILE A 209 -41.22 -26.36 -18.74
CA ILE A 209 -39.99 -27.11 -18.99
C ILE A 209 -39.61 -27.96 -17.79
N GLY A 210 -39.65 -27.36 -16.60
CA GLY A 210 -39.28 -28.09 -15.40
C GLY A 210 -40.33 -29.11 -14.98
N MET A 211 -41.60 -28.71 -15.01
CA MET A 211 -42.66 -29.62 -14.55
C MET A 211 -42.83 -30.80 -15.48
N LEU A 212 -42.56 -30.63 -16.78
CA LEU A 212 -42.63 -31.77 -17.69
C LEU A 212 -41.36 -32.62 -17.65
N ALA A 213 -40.20 -31.99 -17.42
CA ALA A 213 -38.98 -32.77 -17.26
C ALA A 213 -39.08 -33.71 -16.07
N ALA A 214 -39.76 -33.28 -15.02
CA ALA A 214 -39.96 -34.12 -13.83
C ALA A 214 -41.11 -35.12 -14.01
N GLY A 215 -41.71 -35.20 -15.19
CA GLY A 215 -42.74 -36.18 -15.46
C GLY A 215 -44.14 -35.80 -15.09
N ASN A 216 -44.39 -34.52 -14.79
CA ASN A 216 -45.71 -34.05 -14.40
C ASN A 216 -46.44 -33.43 -15.58
N SER A 217 -47.76 -33.38 -15.48
CA SER A 217 -48.55 -32.44 -16.26
C SER A 217 -48.79 -31.19 -15.43
N VAL A 218 -49.20 -30.11 -16.09
CA VAL A 218 -49.40 -28.83 -15.43
C VAL A 218 -50.71 -28.21 -15.89
N VAL A 219 -51.56 -27.83 -14.93
CA VAL A 219 -52.73 -27.01 -15.18
C VAL A 219 -52.35 -25.58 -14.83
N PHE A 220 -52.38 -24.69 -15.81
CA PHE A 220 -52.00 -23.30 -15.60
C PHE A 220 -53.21 -22.45 -15.26
N SER A 221 -52.98 -21.45 -14.41
CA SER A 221 -53.98 -20.43 -14.09
C SER A 221 -53.32 -19.08 -14.31
N PRO A 222 -53.42 -18.54 -15.52
CA PRO A 222 -52.78 -17.25 -15.81
C PRO A 222 -53.54 -16.09 -15.18
N HIS A 223 -52.79 -15.01 -14.97
CA HIS A 223 -53.40 -13.77 -14.54
C HIS A 223 -54.33 -13.26 -15.64
N PRO A 224 -55.57 -12.91 -15.33
CA PRO A 224 -56.52 -12.51 -16.40
C PRO A 224 -56.07 -11.31 -17.22
N ARG A 225 -55.14 -10.49 -16.70
CA ARG A 225 -54.60 -9.40 -17.52
C ARG A 225 -53.75 -9.93 -18.65
N ALA A 226 -53.10 -11.08 -18.46
CA ALA A 226 -52.28 -11.71 -19.49
C ALA A 226 -52.97 -12.91 -20.11
N ARG A 227 -54.31 -12.88 -20.17
CA ARG A 227 -55.06 -14.03 -20.65
C ARG A 227 -54.72 -14.37 -22.10
N GLN A 228 -54.73 -13.37 -22.98
CA GLN A 228 -54.58 -13.64 -24.41
C GLN A 228 -53.20 -14.15 -24.74
N VAL A 229 -52.16 -13.59 -24.13
CA VAL A 229 -50.80 -14.01 -24.45
C VAL A 229 -50.50 -15.37 -23.86
N SER A 230 -51.12 -15.72 -22.74
CA SER A 230 -50.81 -16.96 -22.04
C SER A 230 -51.44 -18.16 -22.74
N LEU A 231 -52.73 -18.06 -23.09
CA LEU A 231 -53.40 -19.17 -23.75
C LEU A 231 -52.78 -19.44 -25.12
N LEU A 232 -52.39 -18.40 -25.84
CA LEU A 232 -51.72 -18.58 -27.12
C LEU A 232 -50.44 -19.38 -26.95
N LEU A 233 -49.64 -19.07 -25.94
CA LEU A 233 -48.46 -19.86 -25.63
C LEU A 233 -48.85 -21.29 -25.27
N VAL A 234 -49.86 -21.43 -24.39
CA VAL A 234 -50.40 -22.75 -24.09
C VAL A 234 -50.75 -23.49 -25.37
N ARG A 235 -51.38 -22.79 -26.32
CA ARG A 235 -51.78 -23.42 -27.58
C ARG A 235 -50.57 -23.78 -28.42
N LEU A 236 -49.59 -22.88 -28.51
CA LEU A 236 -48.39 -23.15 -29.31
C LEU A 236 -47.63 -24.35 -28.77
N ILE A 237 -47.65 -24.56 -27.46
CA ILE A 237 -46.96 -25.71 -26.88
C ILE A 237 -47.71 -26.99 -27.22
N ASN A 238 -49.04 -26.98 -27.10
CA ASN A 238 -49.83 -28.17 -27.44
C ASN A 238 -49.60 -28.62 -28.86
N GLN A 239 -49.53 -27.67 -29.81
CA GLN A 239 -49.29 -28.03 -31.20
C GLN A 239 -47.94 -28.71 -31.37
N LYS A 240 -46.89 -28.14 -30.75
CA LYS A 240 -45.55 -28.71 -30.90
C LYS A 240 -45.48 -30.09 -30.26
N LEU A 241 -46.01 -30.23 -29.04
CA LEU A 241 -45.98 -31.53 -28.37
C LEU A 241 -46.79 -32.57 -29.12
N ALA A 242 -47.89 -32.15 -29.77
CA ALA A 242 -48.65 -33.08 -30.61
C ALA A 242 -47.80 -33.58 -31.77
N ALA A 243 -47.04 -32.67 -32.41
CA ALA A 243 -46.19 -33.07 -33.52
C ALA A 243 -45.04 -33.96 -33.09
N LEU A 244 -44.74 -34.03 -31.80
CA LEU A 244 -43.67 -34.87 -31.29
C LEU A 244 -44.16 -36.21 -30.77
N GLY A 245 -45.46 -36.37 -30.57
CA GLY A 245 -46.03 -37.60 -30.06
C GLY A 245 -46.42 -37.58 -28.60
N ALA A 246 -46.45 -36.41 -27.97
CA ALA A 246 -46.78 -36.33 -26.56
C ALA A 246 -48.24 -36.69 -26.33
N PRO A 247 -48.57 -37.24 -25.15
CA PRO A 247 -49.97 -37.38 -24.79
C PRO A 247 -50.65 -36.03 -24.77
N GLU A 248 -51.92 -36.01 -25.17
CA GLU A 248 -52.68 -34.77 -25.20
C GLU A 248 -52.80 -34.18 -23.80
N ASN A 249 -52.63 -32.86 -23.72
CA ASN A 249 -52.95 -32.06 -22.53
C ASN A 249 -51.94 -32.24 -21.39
N LEU A 250 -50.64 -32.28 -21.73
CA LEU A 250 -49.62 -32.19 -20.69
C LEU A 250 -49.54 -30.79 -20.11
N VAL A 251 -49.77 -29.77 -20.94
CA VAL A 251 -49.90 -28.39 -20.51
C VAL A 251 -51.30 -27.92 -20.89
N VAL A 252 -52.04 -27.38 -19.91
CA VAL A 252 -53.42 -26.96 -20.12
C VAL A 252 -53.70 -25.67 -19.37
N THR A 253 -54.78 -25.00 -19.77
CA THR A 253 -55.29 -23.83 -19.07
C THR A 253 -56.79 -23.75 -19.34
N VAL A 254 -57.40 -22.63 -18.96
CA VAL A 254 -58.83 -22.41 -19.14
C VAL A 254 -59.03 -21.23 -20.09
N GLU A 255 -60.20 -21.24 -20.75
CA GLU A 255 -60.53 -20.18 -21.71
C GLU A 255 -60.75 -18.84 -21.03
N LYS A 256 -61.32 -18.85 -19.82
CA LYS A 256 -61.64 -17.64 -19.06
C LYS A 256 -60.85 -17.67 -17.76
N PRO A 257 -59.58 -17.30 -17.77
CA PRO A 257 -58.81 -17.21 -16.52
C PRO A 257 -59.43 -16.19 -15.58
N SER A 258 -59.76 -16.64 -14.37
CA SER A 258 -60.43 -15.80 -13.40
C SER A 258 -59.94 -16.13 -12.00
N ILE A 259 -60.36 -15.31 -11.04
CA ILE A 259 -60.06 -15.58 -9.64
C ILE A 259 -60.85 -16.77 -9.12
N GLU A 260 -61.98 -17.09 -9.75
CA GLU A 260 -62.81 -18.21 -9.33
C GLU A 260 -62.22 -19.53 -9.80
N ASN A 261 -61.76 -19.59 -11.07
CA ASN A 261 -61.12 -20.80 -11.57
C ASN A 261 -59.81 -21.07 -10.83
N THR A 262 -59.09 -20.02 -10.45
CA THR A 262 -57.89 -20.19 -9.63
C THR A 262 -58.22 -20.85 -8.30
N ASN A 263 -59.26 -20.38 -7.63
CA ASN A 263 -59.74 -21.03 -6.42
C ASN A 263 -60.21 -22.44 -6.72
N ALA A 264 -60.94 -22.62 -7.82
CA ALA A 264 -61.40 -23.95 -8.19
C ALA A 264 -60.24 -24.92 -8.36
N MET A 265 -59.15 -24.46 -8.99
CA MET A 265 -57.99 -25.31 -9.18
C MET A 265 -57.31 -25.64 -7.85
N MET A 266 -57.33 -24.71 -6.89
CA MET A 266 -56.72 -24.97 -5.59
C MET A 266 -57.54 -25.96 -4.76
N ALA A 267 -58.80 -26.20 -5.12
CA ALA A 267 -59.66 -27.10 -4.36
C ALA A 267 -59.78 -28.48 -4.98
N HIS A 268 -59.40 -28.66 -6.24
CA HIS A 268 -59.69 -29.89 -6.95
C HIS A 268 -58.85 -31.04 -6.38
N PRO A 269 -59.45 -32.20 -6.13
CA PRO A 269 -58.70 -33.30 -5.50
C PRO A 269 -57.55 -33.83 -6.32
N LYS A 270 -57.66 -33.82 -7.66
CA LYS A 270 -56.64 -34.44 -8.49
C LYS A 270 -55.37 -33.61 -8.54
N VAL A 271 -55.47 -32.30 -8.31
CA VAL A 271 -54.28 -31.45 -8.22
C VAL A 271 -53.49 -31.86 -6.98
N ARG A 272 -52.22 -32.19 -7.17
CA ARG A 272 -51.39 -32.71 -6.10
C ARG A 272 -50.50 -31.65 -5.48
N MET A 273 -49.86 -30.82 -6.30
CA MET A 273 -49.03 -29.73 -5.83
C MET A 273 -49.50 -28.42 -6.45
N LEU A 274 -49.35 -27.34 -5.68
CA LEU A 274 -49.63 -25.99 -6.15
C LEU A 274 -48.34 -25.20 -6.23
N VAL A 275 -48.20 -24.39 -7.27
CA VAL A 275 -47.05 -23.49 -7.43
C VAL A 275 -47.60 -22.09 -7.67
N ALA A 276 -47.31 -21.18 -6.75
CA ALA A 276 -47.81 -19.82 -6.80
C ALA A 276 -46.65 -18.86 -7.04
N THR A 277 -46.80 -18.00 -8.05
CA THR A 277 -45.79 -17.01 -8.41
C THR A 277 -46.49 -15.66 -8.48
N GLY A 278 -46.45 -14.90 -7.39
CA GLY A 278 -47.12 -13.63 -7.34
C GLY A 278 -46.90 -12.85 -6.05
N GLY A 279 -47.96 -12.23 -5.54
CA GLY A 279 -47.86 -11.42 -4.35
C GLY A 279 -48.02 -12.21 -3.07
N PRO A 280 -48.18 -11.53 -1.94
CA PRO A 280 -48.33 -12.23 -0.66
C PRO A 280 -49.71 -12.85 -0.48
N ALA A 281 -50.72 -12.29 -1.15
CA ALA A 281 -52.08 -12.79 -1.01
C ALA A 281 -52.22 -14.17 -1.66
N ILE A 282 -51.64 -14.35 -2.85
CA ILE A 282 -51.78 -15.62 -3.54
C ILE A 282 -50.87 -16.69 -2.93
N VAL A 283 -49.69 -16.29 -2.46
CA VAL A 283 -48.77 -17.27 -1.85
C VAL A 283 -49.39 -17.87 -0.59
N LYS A 284 -49.96 -17.01 0.27
CA LYS A 284 -50.61 -17.52 1.46
C LYS A 284 -51.89 -18.31 1.15
N ALA A 285 -52.44 -18.13 -0.05
CA ALA A 285 -53.67 -18.82 -0.42
C ALA A 285 -53.41 -20.27 -0.80
N VAL A 286 -52.35 -20.53 -1.58
CA VAL A 286 -52.01 -21.90 -1.91
C VAL A 286 -51.46 -22.65 -0.71
N LEU A 287 -51.01 -21.94 0.32
CA LEU A 287 -50.55 -22.57 1.56
C LEU A 287 -51.70 -22.95 2.49
N SER A 288 -52.93 -22.62 2.14
CA SER A 288 -54.10 -22.90 2.97
C SER A 288 -55.03 -23.94 2.35
N THR A 289 -54.53 -24.70 1.37
CA THR A 289 -55.37 -25.57 0.56
C THR A 289 -55.32 -27.03 0.96
N GLY A 290 -54.46 -27.40 1.90
CA GLY A 290 -54.29 -28.80 2.22
C GLY A 290 -53.42 -29.56 1.24
N LYS A 291 -52.67 -28.86 0.39
CA LYS A 291 -51.85 -29.50 -0.64
C LYS A 291 -50.41 -28.99 -0.52
N LYS A 292 -49.51 -29.72 -1.16
CA LYS A 292 -48.15 -29.22 -1.34
C LYS A 292 -48.20 -27.94 -2.16
N ALA A 293 -47.52 -26.90 -1.68
CA ALA A 293 -47.61 -25.60 -2.33
C ALA A 293 -46.23 -24.94 -2.33
N ILE A 294 -45.74 -24.62 -3.53
CA ILE A 294 -44.55 -23.79 -3.68
C ILE A 294 -44.97 -22.33 -3.72
N GLY A 295 -44.36 -21.51 -2.86
CA GLY A 295 -44.72 -20.12 -2.76
C GLY A 295 -43.61 -19.17 -3.18
N ALA A 296 -43.78 -18.52 -4.32
CA ALA A 296 -42.85 -17.51 -4.80
C ALA A 296 -43.46 -16.14 -4.50
N GLY A 297 -42.95 -15.48 -3.46
CA GLY A 297 -43.52 -14.25 -2.97
C GLY A 297 -42.93 -13.01 -3.61
N ALA A 298 -43.30 -11.87 -3.05
CA ALA A 298 -42.87 -10.56 -3.54
C ALA A 298 -41.55 -10.15 -2.89
N GLY A 299 -40.98 -9.06 -3.39
CA GLY A 299 -39.71 -8.56 -2.91
C GLY A 299 -39.70 -7.05 -2.80
N ASN A 300 -38.53 -6.53 -2.46
CA ASN A 300 -38.27 -5.10 -2.30
C ASN A 300 -36.76 -4.92 -2.13
N PRO A 301 -35.97 -5.23 -3.17
CA PRO A 301 -34.54 -5.44 -2.96
C PRO A 301 -33.78 -4.14 -2.83
N PRO A 302 -33.02 -3.98 -1.74
CA PRO A 302 -32.10 -2.85 -1.62
C PRO A 302 -30.74 -3.18 -2.23
N VAL A 303 -30.05 -2.13 -2.66
CA VAL A 303 -28.71 -2.24 -3.22
C VAL A 303 -27.80 -1.31 -2.45
N VAL A 304 -26.94 -1.90 -1.60
CA VAL A 304 -26.01 -1.13 -0.79
C VAL A 304 -24.76 -0.82 -1.61
N VAL A 305 -24.27 0.42 -1.47
CA VAL A 305 -23.03 0.85 -2.12
C VAL A 305 -22.17 1.51 -1.06
N ASP A 306 -21.09 0.83 -0.67
CA ASP A 306 -20.18 1.37 0.33
C ASP A 306 -19.04 2.11 -0.34
N GLU A 307 -18.15 2.67 0.47
CA GLU A 307 -17.01 3.43 -0.05
C GLU A 307 -16.08 2.57 -0.90
N THR A 308 -16.13 1.25 -0.73
CA THR A 308 -15.19 0.34 -1.36
C THR A 308 -15.56 0.02 -2.81
N ALA A 309 -16.82 0.21 -3.19
CA ALA A 309 -17.30 -0.22 -4.50
C ALA A 309 -16.66 0.58 -5.63
N ASN A 310 -16.53 -0.06 -6.79
CA ASN A 310 -16.28 0.63 -8.04
C ASN A 310 -17.50 1.48 -8.35
N ILE A 311 -17.45 2.76 -7.99
CA ILE A 311 -18.60 3.64 -8.14
C ILE A 311 -19.03 3.71 -9.60
N GLU A 312 -18.06 3.74 -10.52
CA GLU A 312 -18.39 3.87 -11.93
C GLU A 312 -19.12 2.62 -12.44
N LYS A 313 -18.67 1.44 -12.03
CA LYS A 313 -19.35 0.21 -12.42
C LYS A 313 -20.64 0.00 -11.63
N ALA A 314 -20.64 0.39 -10.35
CA ALA A 314 -21.83 0.23 -9.53
C ALA A 314 -23.00 1.02 -10.11
N ALA A 315 -22.76 2.27 -10.49
CA ALA A 315 -23.83 3.11 -11.02
C ALA A 315 -24.32 2.62 -12.38
N CYS A 316 -23.47 1.91 -13.13
CA CYS A 316 -23.91 1.34 -14.40
C CYS A 316 -24.80 0.13 -14.19
N ASP A 317 -24.37 -0.79 -13.34
CA ASP A 317 -25.17 -1.99 -13.05
C ASP A 317 -26.49 -1.63 -12.41
N ILE A 318 -26.54 -0.54 -11.65
CA ILE A 318 -27.77 -0.14 -10.98
C ILE A 318 -28.81 0.30 -12.00
N VAL A 319 -28.41 1.17 -12.93
CA VAL A 319 -29.35 1.68 -13.93
C VAL A 319 -29.86 0.53 -14.80
N ASN A 320 -28.96 -0.35 -15.24
CA ASN A 320 -29.37 -1.48 -16.05
C ASN A 320 -30.29 -2.42 -15.28
N GLY A 321 -29.94 -2.71 -14.02
CA GLY A 321 -30.75 -3.62 -13.23
C GLY A 321 -32.11 -3.06 -12.86
N CYS A 322 -32.21 -1.74 -12.69
CA CYS A 322 -33.48 -1.13 -12.31
C CYS A 322 -34.38 -0.90 -13.52
N SER A 323 -33.80 -0.57 -14.68
CA SER A 323 -34.58 -0.34 -15.88
C SER A 323 -34.92 -1.63 -16.62
N PHE A 324 -34.40 -2.77 -16.17
CA PHE A 324 -34.63 -4.03 -16.87
C PHE A 324 -36.10 -4.42 -16.80
N ASP A 325 -36.72 -4.57 -17.96
CA ASP A 325 -38.17 -4.81 -18.08
C ASP A 325 -38.95 -3.79 -17.26
N ASN A 326 -38.44 -2.55 -17.22
CA ASN A 326 -39.05 -1.46 -16.47
C ASN A 326 -39.31 -1.84 -15.02
N ASN A 327 -38.33 -2.49 -14.41
CA ASN A 327 -38.31 -2.85 -12.99
C ASN A 327 -39.33 -3.93 -12.64
N LEU A 328 -39.94 -4.58 -13.63
CA LEU A 328 -40.86 -5.68 -13.35
C LEU A 328 -40.22 -6.87 -12.65
N PRO A 329 -38.98 -7.27 -12.94
CA PRO A 329 -38.40 -8.40 -12.20
C PRO A 329 -38.49 -8.22 -10.69
N CYS A 330 -38.78 -9.33 -9.99
CA CYS A 330 -38.78 -9.31 -8.54
C CYS A 330 -37.39 -9.09 -7.97
N VAL A 331 -36.35 -9.28 -8.78
CA VAL A 331 -34.98 -9.01 -8.34
C VAL A 331 -34.56 -7.57 -8.59
N ALA A 332 -35.24 -6.86 -9.50
CA ALA A 332 -34.77 -5.55 -9.94
C ALA A 332 -34.66 -4.57 -8.79
N GLU A 333 -33.54 -3.84 -8.76
CA GLU A 333 -33.28 -2.86 -7.70
C GLU A 333 -34.43 -1.87 -7.55
N LYS A 334 -34.84 -1.65 -6.30
CA LYS A 334 -35.98 -0.79 -6.02
C LYS A 334 -35.70 0.31 -4.99
N GLU A 335 -34.51 0.34 -4.40
CA GLU A 335 -34.07 1.48 -3.60
C GLU A 335 -32.57 1.38 -3.39
N ILE A 336 -31.92 2.54 -3.33
CA ILE A 336 -30.47 2.63 -3.14
C ILE A 336 -30.19 3.06 -1.71
N ILE A 337 -29.18 2.44 -1.10
CA ILE A 337 -28.70 2.80 0.23
C ILE A 337 -27.20 3.00 0.11
N ALA A 338 -26.76 4.25 0.10
CA ALA A 338 -25.36 4.59 -0.11
C ALA A 338 -24.79 5.31 1.11
N VAL A 339 -23.51 5.05 1.37
CA VAL A 339 -22.82 5.74 2.46
C VAL A 339 -22.46 7.15 2.00
N ALA A 340 -22.48 8.09 2.95
CA ALA A 340 -22.31 9.50 2.61
C ALA A 340 -20.99 9.79 1.93
N GLN A 341 -19.98 8.94 2.11
CA GLN A 341 -18.65 9.21 1.60
C GLN A 341 -18.61 9.25 0.08
N ILE A 342 -19.37 8.36 -0.57
CA ILE A 342 -19.35 8.24 -2.02
C ILE A 342 -20.72 8.51 -2.64
N ALA A 343 -21.67 9.05 -1.87
CA ALA A 343 -23.04 9.18 -2.35
C ALA A 343 -23.13 10.16 -3.51
N ASP A 344 -22.51 11.35 -3.37
CA ASP A 344 -22.59 12.35 -4.43
C ASP A 344 -21.90 11.88 -5.69
N TYR A 345 -20.82 11.10 -5.57
CA TYR A 345 -20.15 10.56 -6.75
C TYR A 345 -20.97 9.44 -7.37
N LEU A 346 -21.78 8.73 -6.57
CA LEU A 346 -22.67 7.72 -7.11
C LEU A 346 -23.79 8.34 -7.92
N ILE A 347 -24.42 9.40 -7.37
CA ILE A 347 -25.49 10.09 -8.07
C ILE A 347 -24.98 10.70 -9.37
N PHE A 348 -23.75 11.22 -9.36
CA PHE A 348 -23.17 11.78 -10.58
C PHE A 348 -22.98 10.69 -11.63
N ASN A 349 -22.44 9.54 -11.23
CA ASN A 349 -22.29 8.42 -12.16
C ASN A 349 -23.62 7.79 -12.54
N LEU A 350 -24.64 7.92 -11.68
CA LEU A 350 -25.96 7.42 -12.02
C LEU A 350 -26.60 8.26 -13.12
N LYS A 351 -26.58 9.59 -12.96
CA LYS A 351 -27.10 10.46 -14.01
C LYS A 351 -26.32 10.30 -15.30
N LYS A 352 -24.99 10.15 -15.20
CA LYS A 352 -24.18 9.93 -16.39
C LYS A 352 -24.62 8.69 -17.16
N ASN A 353 -25.20 7.71 -16.46
CA ASN A 353 -25.60 6.45 -17.08
C ASN A 353 -27.07 6.40 -17.46
N GLY A 354 -27.75 7.55 -17.52
CA GLY A 354 -29.12 7.58 -17.97
C GLY A 354 -30.17 7.77 -16.89
N ALA A 355 -29.80 8.30 -15.73
CA ALA A 355 -30.77 8.60 -14.69
C ALA A 355 -31.21 10.06 -14.80
N TYR A 356 -32.48 10.30 -14.52
CA TYR A 356 -33.00 11.66 -14.41
C TYR A 356 -33.23 11.96 -12.94
N GLU A 357 -32.44 12.88 -12.39
CA GLU A 357 -32.52 13.20 -10.97
C GLU A 357 -33.62 14.22 -10.72
N ILE A 358 -34.49 13.93 -9.76
CA ILE A 358 -35.53 14.84 -9.31
C ILE A 358 -35.06 15.47 -8.01
N LYS A 359 -34.84 16.78 -8.02
CA LYS A 359 -34.37 17.51 -6.85
C LYS A 359 -35.40 18.45 -6.26
N ASP A 360 -36.32 18.97 -7.06
CA ASP A 360 -37.32 19.93 -6.57
C ASP A 360 -38.42 19.18 -5.83
N PRO A 361 -38.69 19.51 -4.56
CA PRO A 361 -39.71 18.77 -3.80
C PRO A 361 -41.10 18.81 -4.39
N ALA A 362 -41.39 19.77 -5.27
CA ALA A 362 -42.72 19.86 -5.86
C ALA A 362 -42.91 18.79 -6.94
N VAL A 363 -42.01 18.74 -7.92
CA VAL A 363 -42.12 17.75 -8.99
C VAL A 363 -42.03 16.34 -8.43
N LEU A 364 -41.32 16.15 -7.31
CA LEU A 364 -41.33 14.86 -6.64
C LEU A 364 -42.71 14.53 -6.10
N GLN A 365 -43.29 15.45 -5.32
CA GLN A 365 -44.67 15.27 -4.87
C GLN A 365 -45.61 15.10 -6.05
N GLN A 366 -45.37 15.85 -7.12
CA GLN A 366 -46.15 15.69 -8.34
C GLN A 366 -45.98 14.29 -8.94
N LEU A 367 -44.81 13.68 -8.73
CA LEU A 367 -44.59 12.31 -9.19
C LEU A 367 -45.31 11.30 -8.31
N GLN A 368 -45.46 11.58 -7.02
CA GLN A 368 -46.16 10.67 -6.13
C GLN A 368 -47.65 10.61 -6.43
N ASP A 369 -48.25 11.71 -6.87
CA ASP A 369 -49.64 11.70 -7.30
C ASP A 369 -49.84 10.80 -8.51
N LEU A 370 -48.81 10.67 -9.34
CA LEU A 370 -48.93 9.88 -10.57
C LEU A 370 -48.91 8.39 -10.28
N VAL A 371 -47.89 7.93 -9.54
CA VAL A 371 -47.58 6.51 -9.46
C VAL A 371 -48.18 5.83 -8.23
N LEU A 372 -48.68 6.58 -7.26
CA LEU A 372 -49.25 5.99 -6.05
C LEU A 372 -50.77 5.97 -6.15
N THR A 373 -51.39 5.19 -5.26
CA THR A 373 -52.83 4.97 -5.23
C THR A 373 -53.41 5.43 -3.91
N ALA A 374 -54.66 5.04 -3.68
CA ALA A 374 -55.19 4.96 -2.33
C ALA A 374 -54.46 3.86 -1.56
N LYS A 375 -54.45 3.99 -0.24
CA LYS A 375 -53.74 3.09 0.67
C LYS A 375 -52.24 3.08 0.45
N GLY A 376 -51.71 4.05 -0.30
CA GLY A 376 -50.28 4.20 -0.45
C GLY A 376 -49.58 3.12 -1.25
N GLY A 377 -50.29 2.45 -2.16
CA GLY A 377 -49.69 1.42 -2.98
C GLY A 377 -49.34 1.92 -4.36
N PRO A 378 -48.82 1.04 -5.21
CA PRO A 378 -48.49 1.43 -6.58
C PRO A 378 -49.67 1.29 -7.53
N GLN A 379 -49.74 2.21 -8.48
CA GLN A 379 -50.81 2.19 -9.48
C GLN A 379 -50.44 1.20 -10.59
N THR A 380 -51.31 0.23 -10.83
CA THR A 380 -51.02 -0.78 -11.84
C THR A 380 -50.93 -0.18 -13.24
N LYS A 381 -51.50 1.01 -13.46
CA LYS A 381 -51.32 1.68 -14.75
C LYS A 381 -49.90 2.19 -14.92
N CYS A 382 -49.26 2.62 -13.83
CA CYS A 382 -47.87 3.07 -13.87
C CYS A 382 -46.88 1.93 -13.72
N VAL A 383 -47.28 0.84 -13.07
CA VAL A 383 -46.39 -0.30 -12.87
C VAL A 383 -45.92 -0.83 -14.21
N GLY A 384 -44.62 -1.06 -14.34
CA GLY A 384 -44.04 -1.57 -15.56
C GLY A 384 -43.89 -0.58 -16.69
N LYS A 385 -44.07 0.71 -16.42
CA LYS A 385 -43.93 1.74 -17.44
C LYS A 385 -42.49 2.24 -17.50
N SER A 386 -42.15 2.89 -18.61
CA SER A 386 -40.81 3.40 -18.81
C SER A 386 -40.60 4.71 -18.06
N ALA A 387 -39.34 5.14 -18.00
CA ALA A 387 -39.03 6.44 -17.41
C ALA A 387 -39.44 7.58 -18.32
N VAL A 388 -39.34 7.38 -19.64
CA VAL A 388 -39.86 8.35 -20.59
C VAL A 388 -41.36 8.55 -20.38
N TRP A 389 -42.08 7.44 -20.15
CA TRP A 389 -43.54 7.52 -19.98
C TRP A 389 -43.92 8.26 -18.71
N LEU A 390 -43.25 7.94 -17.60
CA LEU A 390 -43.66 8.49 -16.30
C LEU A 390 -43.35 9.98 -16.21
N LEU A 391 -42.22 10.41 -16.78
CA LEU A 391 -41.93 11.85 -16.80
C LEU A 391 -42.79 12.59 -17.80
N SER A 392 -43.27 11.89 -18.84
CA SER A 392 -44.22 12.50 -19.77
C SER A 392 -45.48 12.95 -19.03
N GLN A 393 -45.88 12.21 -18.01
CA GLN A 393 -47.10 12.49 -17.27
C GLN A 393 -46.97 13.65 -16.29
N ILE A 394 -45.75 14.08 -15.98
CA ILE A 394 -45.57 15.22 -15.08
C ILE A 394 -44.92 16.36 -15.84
N GLY A 395 -45.11 16.39 -17.16
CA GLY A 395 -44.71 17.53 -17.97
C GLY A 395 -43.22 17.69 -18.20
N ILE A 396 -42.48 16.59 -18.25
CA ILE A 396 -41.04 16.61 -18.49
C ILE A 396 -40.76 15.73 -19.70
N SER A 397 -40.16 16.31 -20.74
CA SER A 397 -39.92 15.62 -22.00
C SER A 397 -38.43 15.32 -22.13
N VAL A 398 -38.07 14.04 -21.98
CA VAL A 398 -36.69 13.59 -22.08
C VAL A 398 -36.59 12.58 -23.23
N ASP A 399 -35.36 12.36 -23.68
CA ASP A 399 -35.11 11.44 -24.79
C ASP A 399 -35.03 10.01 -24.26
N ALA A 400 -34.60 9.09 -25.12
CA ALA A 400 -34.53 7.68 -24.77
C ALA A 400 -33.29 7.33 -23.94
N SER A 401 -32.41 8.30 -23.69
CA SER A 401 -31.27 8.05 -22.82
C SER A 401 -31.70 7.77 -21.38
N ILE A 402 -32.75 8.44 -20.92
CA ILE A 402 -33.19 8.33 -19.53
C ILE A 402 -33.75 6.93 -19.30
N LYS A 403 -33.14 6.21 -18.36
CA LYS A 403 -33.58 4.86 -18.03
C LYS A 403 -34.32 4.77 -16.70
N ILE A 404 -34.01 5.62 -15.73
CA ILE A 404 -34.64 5.59 -14.41
C ILE A 404 -34.92 7.03 -13.97
N ILE A 405 -35.56 7.15 -12.81
CA ILE A 405 -35.85 8.43 -12.18
C ILE A 405 -35.25 8.38 -10.78
N LEU A 406 -34.32 9.30 -10.50
CA LEU A 406 -33.53 9.28 -9.28
C LEU A 406 -33.97 10.40 -8.34
N MET A 407 -33.98 10.11 -7.04
CA MET A 407 -34.26 11.12 -6.03
C MET A 407 -33.70 10.65 -4.69
N GLU A 408 -33.12 11.59 -3.94
CA GLU A 408 -32.56 11.30 -2.62
C GLU A 408 -33.60 11.70 -1.56
N VAL A 409 -34.16 10.70 -0.88
CA VAL A 409 -35.29 10.90 0.02
C VAL A 409 -34.99 10.24 1.37
N PRO A 410 -35.81 10.47 2.40
CA PRO A 410 -35.67 9.71 3.64
C PRO A 410 -36.15 8.28 3.49
N ARG A 411 -35.84 7.47 4.51
CA ARG A 411 -36.16 6.06 4.48
C ARG A 411 -37.65 5.78 4.60
N GLU A 412 -38.42 6.70 5.20
CA GLU A 412 -39.85 6.51 5.37
C GLU A 412 -40.62 6.72 4.07
N HIS A 413 -39.95 7.16 3.01
CA HIS A 413 -40.62 7.52 1.78
C HIS A 413 -41.36 6.31 1.19
N PRO A 414 -42.54 6.51 0.59
CA PRO A 414 -43.28 5.36 0.04
C PRO A 414 -42.55 4.68 -1.11
N PHE A 415 -41.74 5.42 -1.87
CA PHE A 415 -40.98 4.78 -2.93
C PHE A 415 -39.96 3.80 -2.36
N VAL A 416 -39.47 4.07 -1.14
CA VAL A 416 -38.57 3.14 -0.47
C VAL A 416 -39.35 1.95 0.09
N GLN A 417 -40.46 2.23 0.77
CA GLN A 417 -41.18 1.17 1.48
C GLN A 417 -41.89 0.23 0.52
N GLU A 418 -42.50 0.77 -0.53
CA GLU A 418 -43.35 0.00 -1.42
C GLU A 418 -42.55 -0.67 -2.53
N GLU A 419 -43.08 -1.78 -3.03
CA GLU A 419 -42.53 -2.46 -4.21
C GLU A 419 -43.14 -1.78 -5.44
N LEU A 420 -42.50 -0.70 -5.88
CA LEU A 420 -43.07 0.12 -6.95
C LEU A 420 -43.13 -0.65 -8.26
N MET A 421 -42.13 -1.49 -8.54
CA MET A 421 -42.00 -2.16 -9.83
C MET A 421 -42.01 -1.14 -10.97
N MET A 422 -41.27 -0.06 -10.78
CA MET A 422 -41.13 1.02 -11.75
C MET A 422 -39.68 1.49 -11.74
N PRO A 423 -39.20 2.05 -12.86
CA PRO A 423 -37.85 2.63 -12.88
C PRO A 423 -37.75 3.92 -12.07
N ILE A 424 -38.38 3.93 -10.89
CA ILE A 424 -38.30 5.02 -9.94
C ILE A 424 -37.44 4.53 -8.78
N LEU A 425 -36.31 5.19 -8.56
CA LEU A 425 -35.26 4.67 -7.68
C LEU A 425 -34.88 5.71 -6.62
N PRO A 426 -35.42 5.60 -5.41
CA PRO A 426 -34.99 6.50 -4.33
C PRO A 426 -33.59 6.16 -3.85
N LEU A 427 -33.04 7.06 -3.03
CA LEU A 427 -31.68 6.89 -2.51
C LEU A 427 -31.63 7.44 -1.10
N VAL A 428 -31.44 6.55 -0.13
CA VAL A 428 -31.28 6.92 1.27
C VAL A 428 -29.79 6.94 1.60
N ARG A 429 -29.35 8.02 2.22
CA ARG A 429 -27.95 8.20 2.61
C ARG A 429 -27.76 7.78 4.06
N VAL A 430 -26.65 7.11 4.33
CA VAL A 430 -26.35 6.58 5.66
C VAL A 430 -24.89 6.85 6.00
N GLU A 431 -24.59 6.81 7.30
CA GLU A 431 -23.25 7.20 7.75
C GLU A 431 -22.20 6.15 7.37
N THR A 432 -22.44 4.88 7.69
CA THR A 432 -21.48 3.82 7.44
C THR A 432 -22.16 2.64 6.77
N VAL A 433 -21.35 1.69 6.32
CA VAL A 433 -21.88 0.48 5.71
C VAL A 433 -22.67 -0.34 6.72
N ASP A 434 -22.22 -0.35 7.98
CA ASP A 434 -22.96 -1.04 9.04
C ASP A 434 -24.36 -0.46 9.18
N ASP A 435 -24.50 0.87 9.01
CA ASP A 435 -25.83 1.47 8.99
C ASP A 435 -26.55 1.16 7.69
N ALA A 436 -25.81 1.05 6.58
CA ALA A 436 -26.43 0.66 5.31
C ALA A 436 -26.94 -0.77 5.37
N ILE A 437 -26.20 -1.65 6.04
CA ILE A 437 -26.63 -3.04 6.17
C ILE A 437 -27.84 -3.14 7.08
N ASP A 438 -27.78 -2.49 8.24
CA ASP A 438 -28.89 -2.56 9.19
C ASP A 438 -30.15 -1.95 8.62
N LEU A 439 -30.03 -0.98 7.73
CA LEU A 439 -31.21 -0.38 7.10
C LEU A 439 -31.73 -1.26 5.96
N ALA A 440 -30.82 -1.84 5.16
CA ALA A 440 -31.23 -2.71 4.07
C ALA A 440 -32.02 -3.91 4.57
N ILE A 441 -31.73 -4.38 5.78
CA ILE A 441 -32.51 -5.46 6.37
C ILE A 441 -33.92 -4.99 6.66
N GLU A 442 -34.08 -3.74 7.12
CA GLU A 442 -35.39 -3.24 7.49
C GLU A 442 -36.29 -3.05 6.28
N VAL A 443 -35.78 -2.37 5.25
CA VAL A 443 -36.56 -2.16 4.03
C VAL A 443 -36.80 -3.44 3.24
N GLU A 444 -36.16 -4.54 3.65
CA GLU A 444 -36.48 -5.84 3.09
C GLU A 444 -37.85 -6.33 3.56
N HIS A 445 -38.33 -5.82 4.70
CA HIS A 445 -39.65 -6.18 5.24
C HIS A 445 -39.78 -7.69 5.47
N ASP A 446 -38.66 -8.36 5.74
CA ASP A 446 -38.61 -9.80 5.99
C ASP A 446 -39.09 -10.61 4.78
N ASN A 447 -39.00 -10.05 3.57
CA ASN A 447 -39.39 -10.82 2.39
C ASN A 447 -38.40 -11.94 2.11
N ARG A 448 -37.14 -11.76 2.50
CA ARG A 448 -36.09 -12.77 2.30
C ARG A 448 -35.97 -13.16 0.83
N HIS A 449 -36.08 -12.18 -0.06
CA HIS A 449 -36.12 -12.44 -1.49
C HIS A 449 -34.79 -12.10 -2.15
N THR A 450 -34.58 -10.83 -2.50
CA THR A 450 -33.38 -10.40 -3.20
C THR A 450 -32.76 -9.22 -2.48
N ALA A 451 -31.42 -9.20 -2.46
CA ALA A 451 -30.65 -8.07 -1.95
C ALA A 451 -29.40 -7.93 -2.79
N ILE A 452 -29.00 -6.69 -3.05
CA ILE A 452 -27.84 -6.41 -3.90
C ILE A 452 -26.84 -5.60 -3.08
N MET A 453 -25.56 -5.79 -3.40
CA MET A 453 -24.51 -4.99 -2.78
C MET A 453 -23.41 -4.74 -3.80
N HIS A 454 -22.86 -3.54 -3.76
CA HIS A 454 -21.66 -3.19 -4.53
C HIS A 454 -20.58 -2.80 -3.54
N SER A 455 -19.48 -3.57 -3.55
CA SER A 455 -18.39 -3.47 -2.59
C SER A 455 -17.34 -4.51 -2.94
N THR A 456 -16.06 -4.21 -2.74
CA THR A 456 -15.02 -5.20 -2.96
C THR A 456 -14.38 -5.68 -1.66
N ASP A 457 -14.92 -5.26 -0.52
CA ASP A 457 -14.48 -5.76 0.78
C ASP A 457 -15.17 -7.09 1.05
N VAL A 458 -14.41 -8.18 1.01
CA VAL A 458 -14.98 -9.50 1.26
C VAL A 458 -15.71 -9.52 2.60
N ARG A 459 -15.06 -9.02 3.65
CA ARG A 459 -15.64 -9.05 4.98
C ARG A 459 -17.00 -8.34 5.01
N LYS A 460 -17.12 -7.22 4.29
CA LYS A 460 -18.37 -6.48 4.27
C LYS A 460 -19.39 -7.13 3.34
N LEU A 461 -18.94 -7.81 2.28
CA LEU A 461 -19.87 -8.52 1.41
C LEU A 461 -20.47 -9.73 2.11
N THR A 462 -19.68 -10.42 2.94
CA THR A 462 -20.17 -11.61 3.63
C THR A 462 -20.91 -11.28 4.91
N LYS A 463 -20.76 -10.07 5.44
CA LYS A 463 -21.56 -9.67 6.60
C LYS A 463 -22.99 -9.38 6.17
N MET A 464 -23.17 -8.64 5.07
CA MET A 464 -24.53 -8.38 4.58
C MET A 464 -25.15 -9.65 4.00
N ALA A 465 -24.35 -10.45 3.28
CA ALA A 465 -24.88 -11.67 2.68
C ALA A 465 -25.41 -12.62 3.75
N LYS A 466 -24.75 -12.68 4.91
CA LYS A 466 -25.18 -13.57 5.98
C LYS A 466 -26.38 -13.01 6.74
N LEU A 467 -26.40 -11.71 7.00
CA LEU A 467 -27.38 -11.15 7.91
C LEU A 467 -28.74 -10.93 7.27
N ILE A 468 -28.80 -10.60 5.98
CA ILE A 468 -30.10 -10.32 5.39
C ILE A 468 -30.83 -11.61 5.00
N GLN A 469 -30.09 -12.66 4.67
CA GLN A 469 -30.67 -13.99 4.49
C GLN A 469 -31.67 -14.04 3.33
N THR A 470 -31.35 -13.35 2.24
CA THR A 470 -32.25 -13.37 1.09
C THR A 470 -31.98 -14.60 0.23
N THR A 471 -32.98 -14.96 -0.58
CA THR A 471 -32.84 -16.11 -1.46
C THR A 471 -31.79 -15.86 -2.54
N ILE A 472 -31.73 -14.64 -3.06
CA ILE A 472 -30.71 -14.23 -4.02
C ILE A 472 -29.97 -13.03 -3.45
N PHE A 473 -28.64 -13.06 -3.55
CA PHE A 473 -27.80 -11.95 -3.11
C PHE A 473 -26.77 -11.72 -4.22
N VAL A 474 -26.89 -10.60 -4.91
CA VAL A 474 -25.98 -10.24 -6.00
C VAL A 474 -24.92 -9.31 -5.45
N LYS A 475 -23.68 -9.49 -5.91
CA LYS A 475 -22.54 -8.68 -5.47
C LYS A 475 -21.80 -8.16 -6.69
N ASN A 476 -21.67 -6.83 -6.77
CA ASN A 476 -20.91 -6.16 -7.82
C ASN A 476 -21.46 -6.46 -9.21
N GLY A 477 -22.77 -6.62 -9.32
CA GLY A 477 -23.40 -6.87 -10.59
C GLY A 477 -24.86 -6.47 -10.60
N PRO A 478 -25.44 -6.36 -11.80
CA PRO A 478 -26.86 -6.04 -11.91
C PRO A 478 -27.72 -7.18 -11.36
N SER A 479 -28.89 -6.81 -10.84
CA SER A 479 -29.71 -7.77 -10.12
C SER A 479 -30.12 -8.95 -10.99
N TYR A 480 -30.21 -8.76 -12.30
CA TYR A 480 -30.57 -9.90 -13.14
C TYR A 480 -29.46 -10.94 -13.25
N ALA A 481 -28.30 -10.70 -12.63
CA ALA A 481 -27.28 -11.73 -12.54
C ALA A 481 -27.74 -12.90 -11.69
N GLY A 482 -28.62 -12.64 -10.71
CA GLY A 482 -29.17 -13.69 -9.89
C GLY A 482 -30.18 -14.59 -10.58
N LEU A 483 -30.54 -14.27 -11.83
CA LEU A 483 -31.43 -15.10 -12.63
C LEU A 483 -30.68 -15.86 -13.72
N GLY A 484 -29.35 -15.86 -13.68
CA GLY A 484 -28.55 -16.54 -14.67
C GLY A 484 -28.01 -15.66 -15.78
N ALA A 485 -28.52 -14.43 -15.92
CA ALA A 485 -28.10 -13.52 -16.97
C ALA A 485 -27.02 -12.60 -16.43
N GLY A 486 -25.78 -12.81 -16.89
CA GLY A 486 -24.65 -12.13 -16.30
C GLY A 486 -24.18 -12.72 -14.99
N GLY A 487 -24.74 -13.85 -14.59
CA GLY A 487 -24.32 -14.52 -13.37
C GLY A 487 -24.34 -16.02 -13.58
N GLU A 488 -23.53 -16.71 -12.80
CA GLU A 488 -23.40 -18.16 -12.96
C GLU A 488 -24.61 -18.87 -12.36
N GLY A 489 -24.96 -19.99 -12.98
CA GLY A 489 -26.11 -20.78 -12.58
C GLY A 489 -27.22 -20.70 -13.63
N TYR A 490 -28.21 -21.58 -13.44
CA TYR A 490 -29.33 -21.67 -14.37
C TYR A 490 -30.34 -20.54 -14.10
N SER A 491 -31.39 -20.50 -14.91
CA SER A 491 -32.40 -19.45 -14.83
C SER A 491 -33.73 -20.02 -14.35
N THR A 492 -34.42 -19.23 -13.53
CA THR A 492 -35.79 -19.54 -13.14
C THR A 492 -36.56 -18.24 -12.98
N PHE A 493 -37.88 -18.35 -13.06
CA PHE A 493 -38.78 -17.22 -12.86
C PHE A 493 -39.77 -17.46 -11.74
N THR A 494 -39.62 -18.56 -11.01
CA THR A 494 -40.38 -18.85 -9.80
C THR A 494 -39.36 -19.01 -8.67
N ILE A 495 -39.17 -17.96 -7.88
CA ILE A 495 -38.17 -17.92 -6.82
C ILE A 495 -38.88 -18.08 -5.49
N ALA A 496 -38.60 -19.18 -4.80
CA ALA A 496 -39.32 -19.54 -3.58
C ALA A 496 -38.59 -18.95 -2.37
N GLY A 497 -39.20 -17.96 -1.73
CA GLY A 497 -38.68 -17.37 -0.52
C GLY A 497 -39.30 -17.97 0.72
N PRO A 498 -40.65 -17.90 0.84
CA PRO A 498 -41.32 -18.50 2.00
C PRO A 498 -41.10 -20.00 2.13
N THR A 499 -41.58 -20.78 1.15
CA THR A 499 -41.46 -22.23 1.23
C THR A 499 -40.01 -22.70 1.11
N GLY A 500 -39.14 -21.90 0.50
CA GLY A 500 -37.71 -22.08 0.68
C GLY A 500 -37.01 -23.10 -0.20
N GLU A 501 -37.45 -23.28 -1.44
CA GLU A 501 -36.69 -24.09 -2.38
C GLU A 501 -35.72 -23.26 -3.21
N GLY A 502 -35.65 -21.95 -2.97
CA GLY A 502 -34.72 -21.12 -3.72
C GLY A 502 -35.17 -20.95 -5.16
N LEU A 503 -34.20 -21.05 -6.07
CA LEU A 503 -34.47 -20.95 -7.51
C LEU A 503 -34.96 -22.31 -7.97
N THR A 504 -36.27 -22.44 -8.16
CA THR A 504 -36.88 -23.73 -8.44
C THR A 504 -36.43 -24.27 -9.79
N SER A 505 -36.29 -25.59 -9.85
CA SER A 505 -35.92 -26.29 -11.08
C SER A 505 -36.78 -27.54 -11.18
N ALA A 506 -36.37 -28.49 -12.02
CA ALA A 506 -37.14 -29.71 -12.20
C ALA A 506 -37.15 -30.56 -10.93
N LYS A 507 -36.08 -30.48 -10.12
CA LYS A 507 -36.09 -31.14 -8.82
C LYS A 507 -37.24 -30.66 -7.95
N SER A 508 -37.63 -29.40 -8.09
CA SER A 508 -38.68 -28.83 -7.25
C SER A 508 -40.05 -29.40 -7.58
N PHE A 509 -40.25 -29.91 -8.79
CA PHE A 509 -41.52 -30.48 -9.20
C PHE A 509 -41.51 -32.00 -9.19
N ALA A 510 -40.72 -32.60 -8.29
CA ALA A 510 -40.55 -34.04 -8.25
C ALA A 510 -40.60 -34.53 -6.80
N ARG A 511 -41.03 -35.78 -6.63
CA ARG A 511 -41.01 -36.44 -5.34
C ARG A 511 -39.68 -37.16 -5.15
N ARG A 512 -39.17 -37.13 -3.93
CA ARG A 512 -37.90 -37.78 -3.61
C ARG A 512 -38.17 -39.21 -3.18
N ARG A 513 -37.60 -40.16 -3.91
CA ARG A 513 -37.84 -41.59 -3.68
C ARG A 513 -36.51 -42.31 -3.44
N LYS A 514 -36.54 -43.30 -2.55
CA LYS A 514 -35.37 -44.06 -2.15
C LYS A 514 -35.57 -45.53 -2.47
N CYS A 515 -34.54 -46.17 -3.00
CA CYS A 515 -34.60 -47.57 -3.44
C CYS A 515 -33.42 -48.32 -2.86
N VAL A 516 -33.70 -49.34 -2.04
CA VAL A 516 -32.68 -50.05 -1.27
C VAL A 516 -32.51 -51.45 -1.84
N MET A 517 -31.34 -51.69 -2.45
CA MET A 517 -30.96 -53.03 -2.91
C MET A 517 -30.11 -53.67 -1.81
N VAL A 518 -30.75 -54.49 -0.96
CA VAL A 518 -30.11 -54.97 0.25
C VAL A 518 -29.07 -56.04 -0.08
N GLU A 519 -27.85 -55.85 0.40
CA GLU A 519 -26.72 -56.78 0.23
C GLU A 519 -26.56 -57.25 -1.21
N ALA A 520 -26.80 -56.36 -2.16
CA ALA A 520 -26.50 -56.67 -3.55
C ALA A 520 -26.06 -55.39 -4.25
N LEU A 521 -25.25 -55.57 -5.29
CA LEU A 521 -24.74 -54.48 -6.11
C LEU A 521 -23.85 -53.53 -5.31
N ASN A 522 -23.09 -54.09 -4.36
CA ASN A 522 -21.99 -53.38 -3.73
C ASN A 522 -20.71 -53.84 -4.43
N ILE A 523 -20.47 -53.24 -5.60
CA ILE A 523 -19.43 -53.72 -6.50
C ILE A 523 -18.15 -52.90 -6.38
N ARG A 524 -17.97 -52.18 -5.27
CA ARG A 524 -16.74 -51.43 -5.04
C ARG A 524 -15.55 -52.38 -4.91
N VAL B 86 2.51 -63.19 15.86
CA VAL B 86 1.91 -62.23 14.95
C VAL B 86 2.96 -61.26 14.43
N SER B 87 2.97 -61.07 13.10
CA SER B 87 3.97 -60.20 12.48
C SER B 87 3.80 -58.76 12.93
N ASP B 88 4.91 -58.04 13.00
CA ASP B 88 4.92 -56.64 13.37
C ASP B 88 5.00 -55.71 12.16
N GLY B 89 5.01 -56.25 10.94
CA GLY B 89 5.00 -55.46 9.74
C GLY B 89 6.37 -55.02 9.23
N VAL B 90 7.43 -55.18 10.02
CA VAL B 90 8.76 -54.72 9.61
C VAL B 90 9.57 -55.91 9.16
N PHE B 91 10.22 -55.78 8.00
CA PHE B 91 10.87 -56.88 7.31
C PHE B 91 12.32 -56.53 7.02
N GLU B 92 13.13 -57.57 6.79
CA GLU B 92 14.55 -57.36 6.56
C GLU B 92 14.84 -56.89 5.15
N THR B 93 14.11 -57.41 4.16
CA THR B 93 14.31 -57.04 2.77
C THR B 93 13.09 -56.29 2.25
N MET B 94 13.29 -55.57 1.15
CA MET B 94 12.16 -54.93 0.49
C MET B 94 11.24 -55.95 -0.17
N ASP B 95 11.82 -56.97 -0.82
CA ASP B 95 11.02 -57.98 -1.48
C ASP B 95 10.14 -58.74 -0.49
N ALA B 96 10.68 -59.01 0.71
CA ALA B 96 9.88 -59.69 1.73
C ALA B 96 8.73 -58.82 2.21
N ALA B 97 8.93 -57.51 2.26
CA ALA B 97 7.85 -56.61 2.67
C ALA B 97 6.76 -56.54 1.60
N VAL B 98 7.15 -56.42 0.34
CA VAL B 98 6.17 -56.31 -0.74
C VAL B 98 5.31 -57.57 -0.81
N GLU B 99 5.96 -58.74 -0.90
CA GLU B 99 5.22 -59.99 -1.01
C GLU B 99 4.27 -60.19 0.17
N ALA B 100 4.69 -59.75 1.36
CA ALA B 100 3.79 -59.80 2.51
C ALA B 100 2.61 -58.85 2.31
N ALA B 101 2.89 -57.63 1.86
CA ALA B 101 1.81 -56.69 1.57
C ALA B 101 0.98 -57.15 0.38
N ALA B 102 1.58 -57.92 -0.54
CA ALA B 102 0.84 -58.47 -1.66
C ALA B 102 -0.24 -59.43 -1.18
N LEU B 103 0.14 -60.45 -0.42
CA LEU B 103 -0.81 -61.44 0.06
C LEU B 103 -1.80 -60.82 1.05
N ALA B 104 -1.37 -59.81 1.81
CA ALA B 104 -2.27 -59.13 2.72
C ALA B 104 -3.36 -58.35 2.00
N GLN B 105 -3.03 -57.78 0.83
CA GLN B 105 -4.03 -57.03 0.08
C GLN B 105 -5.05 -57.97 -0.56
N GLN B 106 -4.60 -59.14 -0.99
CA GLN B 106 -5.54 -60.18 -1.42
C GLN B 106 -6.54 -60.51 -0.32
N GLN B 107 -6.03 -60.83 0.87
CA GLN B 107 -6.90 -61.11 2.01
C GLN B 107 -7.75 -59.89 2.37
N TYR B 108 -7.23 -58.69 2.12
CA TYR B 108 -7.99 -57.48 2.40
C TYR B 108 -9.26 -57.42 1.53
N LEU B 109 -9.16 -57.85 0.28
CA LEU B 109 -10.28 -57.78 -0.65
C LEU B 109 -11.49 -58.56 -0.17
N LEU B 110 -11.32 -59.47 0.79
CA LEU B 110 -12.43 -60.23 1.36
C LEU B 110 -13.05 -59.52 2.56
N CYS B 111 -12.52 -58.38 2.97
CA CYS B 111 -13.04 -57.64 4.10
C CYS B 111 -14.14 -56.68 3.66
N SER B 112 -14.97 -56.29 4.62
CA SER B 112 -16.12 -55.45 4.37
C SER B 112 -15.78 -53.97 4.57
N MET B 113 -16.70 -53.09 4.16
CA MET B 113 -16.53 -51.66 4.41
C MET B 113 -16.48 -51.38 5.90
N SER B 114 -17.26 -52.12 6.69
CA SER B 114 -17.19 -51.99 8.14
C SER B 114 -15.81 -52.40 8.66
N ASP B 115 -15.21 -53.42 8.05
CA ASP B 115 -13.85 -53.82 8.41
C ASP B 115 -12.86 -52.70 8.12
N ARG B 116 -12.90 -52.16 6.90
CA ARG B 116 -12.07 -51.01 6.56
C ARG B 116 -12.28 -49.87 7.55
N ALA B 117 -13.54 -49.59 7.89
CA ALA B 117 -13.84 -48.53 8.83
C ALA B 117 -13.18 -48.77 10.18
N ARG B 118 -13.16 -50.03 10.63
CA ARG B 118 -12.56 -50.32 11.93
C ARG B 118 -11.05 -50.13 11.91
N PHE B 119 -10.39 -50.55 10.83
CA PHE B 119 -8.94 -50.41 10.76
C PHE B 119 -8.54 -48.95 10.68
N VAL B 120 -9.27 -48.17 9.87
CA VAL B 120 -9.00 -46.73 9.73
C VAL B 120 -9.11 -46.05 11.09
N GLN B 121 -10.20 -46.30 11.81
CA GLN B 121 -10.36 -45.70 13.13
C GLN B 121 -9.28 -46.18 14.08
N GLY B 122 -8.74 -47.38 13.86
CA GLY B 122 -7.63 -47.84 14.68
C GLY B 122 -6.37 -47.05 14.46
N ILE B 123 -6.10 -46.67 13.20
CA ILE B 123 -4.93 -45.84 12.92
C ILE B 123 -5.13 -44.43 13.45
N ARG B 124 -6.38 -43.96 13.51
CA ARG B 124 -6.66 -42.69 14.16
C ARG B 124 -6.35 -42.77 15.65
N ASP B 125 -6.87 -43.80 16.32
CA ASP B 125 -6.68 -43.92 17.76
C ASP B 125 -5.20 -44.03 18.12
N VAL B 126 -4.41 -44.70 17.28
CA VAL B 126 -2.98 -44.85 17.53
C VAL B 126 -2.33 -43.48 17.69
N ILE B 127 -2.41 -42.65 16.64
CA ILE B 127 -1.71 -41.38 16.66
C ILE B 127 -2.39 -40.38 17.58
N LEU B 128 -3.71 -40.46 17.73
CA LEU B 128 -4.44 -39.49 18.55
C LEU B 128 -4.34 -39.78 20.04
N ASN B 129 -3.89 -40.98 20.43
CA ASN B 129 -3.60 -41.24 21.84
C ASN B 129 -2.61 -40.21 22.35
N GLN B 130 -2.94 -39.59 23.49
CA GLN B 130 -2.14 -38.46 23.97
C GLN B 130 -0.69 -38.86 24.18
N ASP B 131 -0.45 -39.95 24.91
CA ASP B 131 0.93 -40.36 25.16
C ASP B 131 1.63 -40.71 23.85
N THR B 132 0.91 -41.34 22.92
CA THR B 132 1.51 -41.64 21.62
C THR B 132 1.68 -40.39 20.78
N LEU B 133 0.70 -39.48 20.83
CA LEU B 133 0.82 -38.21 20.12
C LEU B 133 2.07 -37.46 20.55
N GLU B 134 2.30 -37.39 21.87
CA GLU B 134 3.50 -36.74 22.37
C GLU B 134 4.75 -37.55 22.03
N LYS B 135 4.67 -38.88 22.14
CA LYS B 135 5.84 -39.71 21.86
C LYS B 135 6.35 -39.50 20.44
N MET B 136 5.45 -39.60 19.46
CA MET B 136 5.85 -39.42 18.06
C MET B 136 6.54 -38.07 17.85
N SER B 137 6.11 -37.05 18.59
CA SER B 137 6.57 -35.70 18.28
C SER B 137 7.95 -35.43 18.85
N ARG B 138 8.26 -35.90 20.07
CA ARG B 138 9.61 -35.73 20.57
C ARG B 138 10.57 -36.67 19.87
N MET B 139 10.11 -37.87 19.57
CA MET B 139 10.99 -38.86 18.97
C MET B 139 11.47 -38.41 17.59
N ALA B 140 10.58 -37.76 16.83
CA ALA B 140 10.96 -37.28 15.51
C ALA B 140 11.97 -36.15 15.61
N VAL B 141 11.65 -35.11 16.39
CA VAL B 141 12.55 -33.97 16.55
C VAL B 141 13.92 -34.42 17.06
N GLU B 142 13.93 -35.35 18.03
CA GLU B 142 15.19 -35.79 18.61
C GLU B 142 16.00 -36.64 17.65
N GLU B 143 15.34 -37.44 16.82
CA GLU B 143 16.07 -38.31 15.90
C GLU B 143 16.49 -37.59 14.62
N THR B 144 15.70 -36.62 14.17
CA THR B 144 16.06 -35.88 12.97
C THR B 144 16.72 -34.53 13.25
N GLY B 145 16.51 -33.96 14.42
CA GLY B 145 17.05 -32.64 14.72
C GLY B 145 16.32 -31.49 14.06
N MET B 146 15.10 -31.71 13.59
CA MET B 146 14.35 -30.72 12.85
C MET B 146 12.96 -30.53 13.45
N GLY B 147 12.46 -29.31 13.37
CA GLY B 147 11.13 -29.00 13.87
C GLY B 147 11.11 -28.76 15.36
N ASN B 148 9.90 -28.56 15.87
CA ASN B 148 9.70 -28.36 17.30
C ASN B 148 8.56 -29.23 17.79
N TYR B 149 8.66 -29.64 19.05
CA TYR B 149 7.69 -30.56 19.64
C TYR B 149 6.27 -30.01 19.53
N GLU B 150 6.05 -28.79 20.05
CA GLU B 150 4.67 -28.29 20.18
C GLU B 150 3.93 -28.23 18.85
N HIS B 151 4.65 -28.06 17.74
CA HIS B 151 3.97 -27.95 16.45
C HIS B 151 3.74 -29.30 15.78
N LYS B 152 4.69 -30.23 15.93
CA LYS B 152 4.45 -31.58 15.46
C LYS B 152 3.40 -32.31 16.29
N LEU B 153 3.09 -31.79 17.50
CA LEU B 153 1.88 -32.26 18.19
C LEU B 153 0.63 -31.87 17.42
N ILE B 154 0.58 -30.60 16.98
CA ILE B 154 -0.59 -30.13 16.24
C ILE B 154 -0.72 -30.87 14.91
N LYS B 155 0.42 -31.14 14.27
CA LYS B 155 0.40 -31.70 12.92
C LYS B 155 0.08 -33.20 12.93
N ASN B 156 0.64 -33.94 13.90
CA ASN B 156 0.28 -35.34 14.02
C ASN B 156 -1.18 -35.50 14.40
N ARG B 157 -1.69 -34.63 15.27
CA ARG B 157 -3.12 -34.61 15.55
C ARG B 157 -3.91 -34.28 14.29
N LEU B 158 -3.39 -33.37 13.47
CA LEU B 158 -4.10 -32.96 12.26
C LEU B 158 -4.16 -34.07 11.21
N ALA B 159 -3.24 -35.03 11.26
CA ALA B 159 -3.24 -36.10 10.26
C ALA B 159 -4.21 -37.21 10.63
N GLY B 160 -4.35 -37.51 11.92
CA GLY B 160 -5.29 -38.54 12.35
C GLY B 160 -6.70 -38.06 12.58
N GLU B 161 -6.92 -36.74 12.61
CA GLU B 161 -8.22 -36.18 12.95
C GLU B 161 -8.99 -35.66 11.75
N LYS B 162 -8.29 -35.23 10.68
CA LYS B 162 -8.97 -34.63 9.53
C LYS B 162 -8.56 -35.30 8.21
N THR B 163 -7.99 -36.50 8.26
CA THR B 163 -7.74 -37.24 7.03
C THR B 163 -9.00 -38.00 6.64
N PRO B 164 -9.43 -37.94 5.37
CA PRO B 164 -10.66 -38.63 4.97
C PRO B 164 -10.59 -40.13 5.19
N GLY B 165 -11.72 -40.70 5.56
CA GLY B 165 -11.88 -42.15 5.72
C GLY B 165 -12.57 -42.76 4.53
N ILE B 166 -13.40 -43.78 4.80
CA ILE B 166 -14.13 -44.44 3.72
C ILE B 166 -15.22 -43.55 3.15
N GLU B 167 -15.65 -42.53 3.90
CA GLU B 167 -16.64 -41.59 3.38
C GLU B 167 -16.12 -40.85 2.15
N ASP B 168 -14.80 -40.85 1.94
CA ASP B 168 -14.22 -40.19 0.78
C ASP B 168 -14.53 -40.92 -0.52
N LEU B 169 -14.90 -42.21 -0.44
CA LEU B 169 -15.10 -43.03 -1.63
C LEU B 169 -16.57 -42.94 -2.05
N THR B 170 -16.87 -41.89 -2.81
CA THR B 170 -18.23 -41.61 -3.23
C THR B 170 -18.62 -42.48 -4.42
N THR B 171 -19.94 -42.62 -4.61
CA THR B 171 -20.51 -43.30 -5.75
C THR B 171 -21.18 -42.26 -6.65
N ASP B 172 -20.93 -42.36 -7.94
CA ASP B 172 -21.70 -41.64 -8.94
C ASP B 172 -22.76 -42.56 -9.52
N ALA B 173 -23.85 -41.98 -10.01
CA ALA B 173 -24.93 -42.77 -10.57
C ALA B 173 -25.83 -41.90 -11.44
N PHE B 174 -26.29 -42.48 -12.54
CA PHE B 174 -27.27 -41.82 -13.40
CA PHE B 174 -27.24 -41.81 -13.44
C PHE B 174 -28.12 -42.88 -14.07
N SER B 175 -29.44 -42.70 -14.01
CA SER B 175 -30.37 -43.66 -14.58
C SER B 175 -31.32 -42.98 -15.55
N GLY B 176 -31.84 -43.77 -16.48
CA GLY B 176 -32.71 -43.29 -17.54
C GLY B 176 -33.30 -44.42 -18.35
N ASP B 177 -33.25 -44.30 -19.69
CA ASP B 177 -33.84 -45.34 -20.52
C ASP B 177 -32.91 -46.54 -20.71
N ASN B 178 -31.62 -46.28 -20.85
CA ASN B 178 -30.64 -47.36 -21.00
C ASN B 178 -30.26 -48.01 -19.69
N GLY B 179 -30.99 -47.73 -18.61
CA GLY B 179 -30.79 -48.42 -17.36
C GLY B 179 -30.07 -47.62 -16.29
N LEU B 180 -29.15 -48.25 -15.59
CA LEU B 180 -28.40 -47.63 -14.51
C LEU B 180 -26.91 -47.78 -14.75
N THR B 181 -26.15 -46.74 -14.42
CA THR B 181 -24.70 -46.78 -14.46
C THR B 181 -24.18 -46.34 -13.10
N LEU B 182 -23.34 -47.17 -12.48
CA LEU B 182 -22.65 -46.83 -11.26
C LEU B 182 -21.18 -46.53 -11.57
N VAL B 183 -20.60 -45.57 -10.87
CA VAL B 183 -19.17 -45.32 -10.90
C VAL B 183 -18.65 -45.43 -9.49
N GLU B 184 -17.54 -46.13 -9.32
CA GLU B 184 -17.05 -46.50 -7.99
C GLU B 184 -15.54 -46.32 -7.93
N TYR B 185 -15.03 -46.21 -6.72
CA TYR B 185 -13.59 -46.14 -6.46
C TYR B 185 -13.12 -47.47 -5.90
N SER B 186 -12.25 -48.16 -6.63
CA SER B 186 -11.76 -49.48 -6.28
C SER B 186 -10.25 -49.46 -6.08
N PRO B 187 -9.71 -50.42 -5.31
CA PRO B 187 -8.29 -50.36 -4.98
C PRO B 187 -7.38 -50.69 -6.16
N PHE B 188 -6.20 -50.06 -6.15
CA PHE B 188 -5.15 -50.39 -7.11
C PHE B 188 -4.57 -51.77 -6.80
N GLY B 189 -3.96 -51.92 -5.64
CA GLY B 189 -3.26 -53.12 -5.25
C GLY B 189 -2.27 -52.83 -4.14
N VAL B 190 -1.01 -53.19 -4.34
CA VAL B 190 0.05 -52.84 -3.41
C VAL B 190 0.66 -51.52 -3.86
N ILE B 191 0.64 -50.53 -2.98
CA ILE B 191 1.18 -49.21 -3.27
C ILE B 191 2.44 -49.01 -2.45
N GLY B 192 3.47 -48.41 -3.07
CA GLY B 192 4.68 -48.05 -2.39
C GLY B 192 4.71 -46.57 -2.12
N ALA B 193 4.88 -46.21 -0.86
CA ALA B 193 4.85 -44.82 -0.43
C ALA B 193 6.20 -44.44 0.16
N ILE B 194 6.75 -43.32 -0.31
CA ILE B 194 8.05 -42.82 0.13
C ILE B 194 7.80 -41.56 0.93
N THR B 195 8.11 -41.61 2.22
CA THR B 195 7.86 -40.51 3.15
C THR B 195 9.09 -39.64 3.32
N PRO B 196 8.92 -38.37 3.73
CA PRO B 196 10.08 -37.49 3.88
C PRO B 196 10.51 -37.31 5.33
N THR B 197 11.67 -36.69 5.53
CA THR B 197 12.12 -36.39 6.89
C THR B 197 11.32 -35.25 7.50
N THR B 198 10.80 -34.35 6.68
CA THR B 198 10.11 -33.17 7.20
C THR B 198 8.91 -33.57 8.05
N ASN B 199 8.06 -34.44 7.53
CA ASN B 199 6.90 -34.94 8.27
C ASN B 199 6.88 -36.45 8.21
N PRO B 200 7.71 -37.13 9.01
CA PRO B 200 7.77 -38.60 8.91
C PRO B 200 6.51 -39.28 9.40
N THR B 201 5.94 -38.80 10.51
CA THR B 201 4.76 -39.42 11.11
C THR B 201 3.47 -38.92 10.49
N GLU B 202 3.40 -37.63 10.15
CA GLU B 202 2.18 -37.08 9.57
C GLU B 202 1.85 -37.72 8.23
N THR B 203 2.87 -38.10 7.45
CA THR B 203 2.62 -38.70 6.15
C THR B 203 2.23 -40.16 6.28
N ILE B 204 2.89 -40.91 7.17
CA ILE B 204 2.53 -42.32 7.37
C ILE B 204 1.11 -42.43 7.87
N VAL B 205 0.73 -41.60 8.85
CA VAL B 205 -0.66 -41.60 9.32
C VAL B 205 -1.60 -41.22 8.18
N CYS B 206 -1.26 -40.17 7.44
CA CYS B 206 -2.14 -39.69 6.39
C CYS B 206 -2.22 -40.68 5.23
N ASN B 207 -1.06 -41.15 4.75
CA ASN B 207 -1.05 -42.13 3.66
C ASN B 207 -1.79 -43.40 4.03
N SER B 208 -1.40 -44.01 5.17
CA SER B 208 -1.93 -45.32 5.54
C SER B 208 -3.45 -45.29 5.69
N ILE B 209 -4.00 -44.19 6.21
CA ILE B 209 -5.44 -44.08 6.33
C ILE B 209 -6.10 -44.00 4.97
N GLY B 210 -5.51 -43.24 4.05
CA GLY B 210 -6.10 -43.09 2.73
C GLY B 210 -6.08 -44.38 1.92
N MET B 211 -4.96 -45.10 1.98
CA MET B 211 -4.81 -46.28 1.13
C MET B 211 -5.49 -47.51 1.72
N LEU B 212 -5.60 -47.61 3.04
CA LEU B 212 -6.39 -48.68 3.62
C LEU B 212 -7.88 -48.43 3.44
N ALA B 213 -8.31 -47.17 3.55
CA ALA B 213 -9.69 -46.83 3.26
C ALA B 213 -10.08 -47.22 1.84
N ALA B 214 -9.15 -47.10 0.90
CA ALA B 214 -9.38 -47.48 -0.49
C ALA B 214 -9.26 -48.98 -0.71
N GLY B 215 -8.89 -49.75 0.31
CA GLY B 215 -8.73 -51.19 0.16
C GLY B 215 -7.39 -51.64 -0.35
N ASN B 216 -6.36 -50.80 -0.24
CA ASN B 216 -5.01 -51.17 -0.65
C ASN B 216 -4.14 -51.46 0.57
N SER B 217 -3.01 -52.10 0.31
CA SER B 217 -1.94 -52.21 1.28
C SER B 217 -0.84 -51.22 0.92
N VAL B 218 -0.03 -50.87 1.90
CA VAL B 218 1.00 -49.86 1.72
C VAL B 218 2.34 -50.42 2.21
N VAL B 219 3.34 -50.38 1.33
CA VAL B 219 4.73 -50.64 1.70
C VAL B 219 5.40 -49.28 1.83
N PHE B 220 5.96 -49.01 3.01
CA PHE B 220 6.54 -47.71 3.31
C PHE B 220 8.06 -47.78 3.17
N SER B 221 8.63 -46.77 2.51
CA SER B 221 10.08 -46.60 2.38
C SER B 221 10.42 -45.23 2.97
N PRO B 222 10.58 -45.14 4.28
CA PRO B 222 10.77 -43.84 4.92
C PRO B 222 12.21 -43.38 4.80
N HIS B 223 12.41 -42.13 5.19
CA HIS B 223 13.72 -41.51 5.10
C HIS B 223 14.66 -42.07 6.17
N PRO B 224 15.91 -42.35 5.82
CA PRO B 224 16.84 -42.90 6.83
C PRO B 224 17.03 -42.00 8.03
N ARG B 225 16.92 -40.68 7.87
CA ARG B 225 17.08 -39.76 8.99
C ARG B 225 15.94 -39.88 9.99
N ALA B 226 14.77 -40.34 9.55
CA ALA B 226 13.64 -40.56 10.45
C ALA B 226 13.32 -42.04 10.53
N ARG B 227 14.33 -42.85 10.83
CA ARG B 227 14.24 -44.29 10.61
C ARG B 227 13.50 -44.99 11.75
N GLN B 228 13.92 -44.76 12.99
CA GLN B 228 13.33 -45.47 14.12
C GLN B 228 11.97 -44.91 14.53
N VAL B 229 11.70 -43.65 14.21
CA VAL B 229 10.38 -43.10 14.52
C VAL B 229 9.33 -43.66 13.55
N SER B 230 9.75 -44.04 12.34
CA SER B 230 8.80 -44.58 11.37
C SER B 230 8.52 -46.05 11.62
N LEU B 231 9.55 -46.82 12.02
CA LEU B 231 9.34 -48.23 12.32
C LEU B 231 8.51 -48.41 13.59
N LEU B 232 8.72 -47.54 14.58
CA LEU B 232 7.92 -47.63 15.80
C LEU B 232 6.48 -47.23 15.54
N LEU B 233 6.26 -46.26 14.65
CA LEU B 233 4.90 -45.88 14.28
C LEU B 233 4.22 -46.99 13.50
N VAL B 234 4.94 -47.63 12.58
CA VAL B 234 4.36 -48.73 11.82
C VAL B 234 4.11 -49.93 12.72
N ARG B 235 5.05 -50.25 13.62
CA ARG B 235 4.87 -51.37 14.54
C ARG B 235 3.65 -51.16 15.42
N LEU B 236 3.54 -49.98 16.02
CA LEU B 236 2.36 -49.67 16.83
C LEU B 236 1.07 -49.79 16.04
N ILE B 237 1.13 -49.56 14.72
CA ILE B 237 -0.06 -49.66 13.87
C ILE B 237 -0.43 -51.13 13.67
N ASN B 238 0.56 -51.99 13.40
CA ASN B 238 0.28 -53.40 13.20
C ASN B 238 -0.32 -54.03 14.45
N GLN B 239 0.19 -53.66 15.64
CA GLN B 239 -0.37 -54.18 16.88
C GLN B 239 -1.83 -53.81 17.02
N LYS B 240 -2.21 -52.59 16.61
CA LYS B 240 -3.60 -52.17 16.68
C LYS B 240 -4.46 -52.93 15.67
N LEU B 241 -3.97 -53.06 14.44
CA LEU B 241 -4.71 -53.80 13.42
C LEU B 241 -4.80 -55.29 13.78
N ALA B 242 -3.75 -55.83 14.40
CA ALA B 242 -3.82 -57.22 14.84
C ALA B 242 -4.93 -57.43 15.87
N ALA B 243 -5.07 -56.49 16.80
CA ALA B 243 -6.12 -56.60 17.81
C ALA B 243 -7.50 -56.42 17.22
N LEU B 244 -7.63 -55.64 16.14
CA LEU B 244 -8.91 -55.39 15.52
C LEU B 244 -9.37 -56.52 14.60
N GLY B 245 -8.51 -57.47 14.29
CA GLY B 245 -8.85 -58.56 13.40
C GLY B 245 -8.48 -58.35 11.95
N ALA B 246 -7.48 -57.55 11.67
CA ALA B 246 -7.09 -57.26 10.30
C ALA B 246 -6.14 -58.32 9.77
N PRO B 247 -6.12 -58.53 8.45
CA PRO B 247 -5.08 -59.38 7.87
C PRO B 247 -3.69 -58.83 8.18
N GLU B 248 -2.77 -59.72 8.47
CA GLU B 248 -1.40 -59.33 8.82
C GLU B 248 -0.77 -58.54 7.68
N ASN B 249 0.04 -57.54 8.05
CA ASN B 249 0.93 -56.85 7.11
C ASN B 249 0.16 -55.99 6.11
N LEU B 250 -0.84 -55.25 6.58
CA LEU B 250 -1.49 -54.25 5.73
C LEU B 250 -0.64 -52.98 5.60
N VAL B 251 0.16 -52.68 6.62
CA VAL B 251 1.11 -51.56 6.59
C VAL B 251 2.46 -52.13 6.98
N VAL B 252 3.41 -52.14 6.05
CA VAL B 252 4.71 -52.75 6.26
C VAL B 252 5.81 -51.76 5.91
N THR B 253 7.03 -52.09 6.33
CA THR B 253 8.20 -51.27 6.10
C THR B 253 9.44 -52.16 6.23
N VAL B 254 10.60 -51.60 5.94
CA VAL B 254 11.87 -52.33 5.98
C VAL B 254 12.64 -51.92 7.24
N GLU B 255 13.37 -52.89 7.80
CA GLU B 255 14.13 -52.64 9.03
C GLU B 255 15.21 -51.59 8.81
N LYS B 256 15.80 -51.55 7.62
CA LYS B 256 16.89 -50.64 7.29
C LYS B 256 16.49 -49.76 6.11
N PRO B 257 15.72 -48.70 6.36
CA PRO B 257 15.40 -47.75 5.28
C PRO B 257 16.63 -47.10 4.70
N SER B 258 16.59 -46.87 3.40
CA SER B 258 17.65 -46.20 2.64
C SER B 258 17.05 -45.85 1.28
N ILE B 259 17.88 -45.34 0.37
CA ILE B 259 17.44 -45.12 -1.01
C ILE B 259 17.73 -46.33 -1.89
N GLU B 260 18.54 -47.27 -1.42
CA GLU B 260 18.83 -48.47 -2.21
C GLU B 260 17.59 -49.37 -2.29
N ASN B 261 16.89 -49.55 -1.17
CA ASN B 261 15.66 -50.33 -1.19
C ASN B 261 14.46 -49.52 -1.66
N THR B 262 14.56 -48.18 -1.65
CA THR B 262 13.60 -47.37 -2.36
C THR B 262 13.58 -47.73 -3.85
N ASN B 263 14.76 -47.88 -4.44
CA ASN B 263 14.85 -48.34 -5.83
C ASN B 263 14.34 -49.77 -5.95
N ALA B 264 14.63 -50.61 -4.95
CA ALA B 264 14.08 -51.97 -4.95
C ALA B 264 12.56 -51.94 -4.96
N MET B 265 11.97 -51.03 -4.18
CA MET B 265 10.51 -50.88 -4.18
C MET B 265 9.99 -50.50 -5.55
N MET B 266 10.62 -49.48 -6.17
CA MET B 266 10.13 -48.98 -7.45
C MET B 266 10.31 -49.99 -8.57
N ALA B 267 11.27 -50.90 -8.44
CA ALA B 267 11.54 -51.90 -9.47
C ALA B 267 10.88 -53.24 -9.17
N HIS B 268 10.01 -53.31 -8.16
CA HIS B 268 9.36 -54.57 -7.87
C HIS B 268 8.10 -54.72 -8.72
N PRO B 269 7.97 -55.80 -9.49
CA PRO B 269 6.77 -56.00 -10.33
C PRO B 269 5.46 -55.92 -9.57
N LYS B 270 5.42 -56.32 -8.30
CA LYS B 270 4.17 -56.46 -7.58
C LYS B 270 3.68 -55.17 -6.94
N VAL B 271 4.41 -54.07 -7.08
CA VAL B 271 3.90 -52.77 -6.64
C VAL B 271 3.17 -52.13 -7.81
N ARG B 272 2.08 -51.44 -7.50
CA ARG B 272 1.16 -50.96 -8.53
C ARG B 272 1.05 -49.45 -8.59
N MET B 273 1.45 -48.75 -7.52
CA MET B 273 1.54 -47.32 -7.57
C MET B 273 2.65 -46.89 -6.63
N LEU B 274 3.33 -45.81 -7.00
CA LEU B 274 4.32 -45.18 -6.17
C LEU B 274 3.80 -43.82 -5.73
N VAL B 275 4.02 -43.49 -4.46
CA VAL B 275 3.59 -42.21 -3.90
C VAL B 275 4.82 -41.56 -3.28
N ALA B 276 5.46 -40.66 -4.03
CA ALA B 276 6.68 -40.00 -3.60
C ALA B 276 6.34 -38.63 -3.02
N THR B 277 6.72 -38.42 -1.75
CA THR B 277 6.49 -37.17 -1.05
C THR B 277 7.87 -36.63 -0.64
N GLY B 278 8.44 -35.76 -1.47
CA GLY B 278 9.76 -35.22 -1.20
C GLY B 278 10.19 -34.13 -2.16
N GLY B 279 11.44 -34.23 -2.64
CA GLY B 279 12.00 -33.24 -3.52
C GLY B 279 11.80 -33.58 -4.99
N PRO B 280 12.25 -32.70 -5.88
CA PRO B 280 12.02 -32.92 -7.32
C PRO B 280 12.71 -34.15 -7.87
N ALA B 281 13.75 -34.65 -7.21
CA ALA B 281 14.47 -35.81 -7.72
C ALA B 281 13.64 -37.08 -7.59
N ILE B 282 13.16 -37.36 -6.37
CA ILE B 282 12.39 -38.58 -6.13
C ILE B 282 11.06 -38.56 -6.87
N VAL B 283 10.54 -37.39 -7.21
CA VAL B 283 9.28 -37.31 -7.95
C VAL B 283 9.49 -37.79 -9.38
N LYS B 284 10.51 -37.27 -10.06
CA LYS B 284 10.81 -37.75 -11.40
C LYS B 284 11.25 -39.20 -11.38
N ALA B 285 11.86 -39.64 -10.27
CA ALA B 285 12.31 -41.02 -10.16
C ALA B 285 11.13 -41.99 -10.18
N VAL B 286 10.05 -41.68 -9.46
CA VAL B 286 8.91 -42.59 -9.42
C VAL B 286 8.12 -42.52 -10.71
N LEU B 287 8.19 -41.40 -11.42
CA LEU B 287 7.50 -41.26 -12.71
C LEU B 287 8.28 -41.87 -13.87
N SER B 288 9.45 -42.44 -13.61
CA SER B 288 10.25 -43.09 -14.64
C SER B 288 10.31 -44.61 -14.45
N THR B 289 9.35 -45.16 -13.71
CA THR B 289 9.38 -46.57 -13.32
C THR B 289 8.45 -47.45 -14.15
N GLY B 290 7.80 -46.91 -15.17
CA GLY B 290 6.82 -47.67 -15.90
C GLY B 290 5.57 -48.01 -15.12
N LYS B 291 5.35 -47.37 -13.98
CA LYS B 291 4.22 -47.64 -13.12
C LYS B 291 3.48 -46.34 -12.81
N LYS B 292 2.19 -46.47 -12.56
CA LYS B 292 1.40 -45.37 -12.01
C LYS B 292 2.09 -44.83 -10.76
N ALA B 293 2.19 -43.51 -10.67
CA ALA B 293 2.89 -42.89 -9.55
C ALA B 293 2.26 -41.56 -9.21
N ILE B 294 2.21 -41.25 -7.91
CA ILE B 294 1.78 -39.95 -7.41
C ILE B 294 3.01 -39.23 -6.87
N GLY B 295 3.34 -38.08 -7.44
CA GLY B 295 4.51 -37.33 -7.04
C GLY B 295 4.18 -35.98 -6.42
N ALA B 296 4.47 -35.84 -5.13
CA ALA B 296 4.18 -34.62 -4.39
C ALA B 296 5.49 -33.85 -4.23
N GLY B 297 5.76 -32.96 -5.17
CA GLY B 297 7.03 -32.25 -5.21
C GLY B 297 7.18 -31.15 -4.18
N ALA B 298 8.13 -30.26 -4.40
CA ALA B 298 8.43 -29.16 -3.49
C ALA B 298 7.89 -27.85 -4.05
N GLY B 299 8.18 -26.77 -3.33
CA GLY B 299 7.75 -25.45 -3.76
C GLY B 299 8.45 -24.39 -2.95
N ASN B 300 8.18 -23.13 -3.32
CA ASN B 300 8.78 -21.97 -2.67
C ASN B 300 7.67 -20.95 -2.41
N PRO B 301 6.79 -21.23 -1.46
CA PRO B 301 5.53 -20.48 -1.35
C PRO B 301 5.76 -19.04 -0.93
N PRO B 302 5.33 -18.08 -1.75
CA PRO B 302 5.38 -16.67 -1.35
C PRO B 302 4.06 -16.20 -0.74
N VAL B 303 4.11 -15.18 0.12
CA VAL B 303 2.92 -14.58 0.68
C VAL B 303 2.91 -13.10 0.31
N VAL B 304 1.83 -12.65 -0.32
CA VAL B 304 1.70 -11.29 -0.81
C VAL B 304 0.81 -10.51 0.15
N VAL B 305 1.27 -9.33 0.57
CA VAL B 305 0.49 -8.41 1.39
C VAL B 305 0.27 -7.13 0.59
N ASP B 306 -0.97 -6.65 0.58
CA ASP B 306 -1.32 -5.44 -0.15
C ASP B 306 -1.99 -4.44 0.79
N GLU B 307 -2.17 -3.22 0.29
CA GLU B 307 -2.60 -2.10 1.12
C GLU B 307 -3.98 -2.32 1.75
N THR B 308 -4.76 -3.27 1.26
CA THR B 308 -6.07 -3.56 1.82
C THR B 308 -6.01 -4.56 2.96
N ALA B 309 -4.86 -5.17 3.20
CA ALA B 309 -4.77 -6.26 4.17
C ALA B 309 -4.88 -5.73 5.60
N ASN B 310 -5.55 -6.50 6.45
CA ASN B 310 -5.48 -6.32 7.89
C ASN B 310 -4.03 -6.55 8.32
N ILE B 311 -3.28 -5.47 8.52
CA ILE B 311 -1.84 -5.60 8.72
C ILE B 311 -1.54 -6.28 10.05
N GLU B 312 -2.27 -5.90 11.11
CA GLU B 312 -2.06 -6.55 12.40
C GLU B 312 -2.35 -8.04 12.33
N LYS B 313 -3.35 -8.42 11.54
CA LYS B 313 -3.69 -9.84 11.40
C LYS B 313 -2.78 -10.53 10.40
N ALA B 314 -2.37 -9.83 9.34
CA ALA B 314 -1.46 -10.42 8.37
C ALA B 314 -0.11 -10.73 9.02
N ALA B 315 0.50 -9.73 9.65
CA ALA B 315 1.80 -9.92 10.29
C ALA B 315 1.76 -11.02 11.33
N CYS B 316 0.61 -11.21 12.00
CA CYS B 316 0.49 -12.28 12.98
C CYS B 316 0.49 -13.65 12.30
N ASP B 317 -0.32 -13.80 11.25
CA ASP B 317 -0.45 -15.10 10.58
C ASP B 317 0.83 -15.51 9.88
N ILE B 318 1.60 -14.55 9.37
CA ILE B 318 2.82 -14.90 8.64
C ILE B 318 3.87 -15.47 9.59
N VAL B 319 3.88 -15.00 10.85
CA VAL B 319 4.82 -15.53 11.82
C VAL B 319 4.39 -16.89 12.32
N ASN B 320 3.09 -17.05 12.64
CA ASN B 320 2.59 -18.36 13.02
C ASN B 320 2.76 -19.38 11.90
N GLY B 321 2.66 -18.94 10.65
CA GLY B 321 2.74 -19.84 9.52
C GLY B 321 4.15 -20.14 9.06
N CYS B 322 5.04 -19.16 9.15
CA CYS B 322 6.42 -19.37 8.72
C CYS B 322 7.22 -20.14 9.78
N SER B 323 6.99 -19.85 11.06
CA SER B 323 7.68 -20.53 12.14
C SER B 323 7.00 -21.84 12.53
N PHE B 324 5.92 -22.21 11.85
CA PHE B 324 5.21 -23.45 12.18
C PHE B 324 6.09 -24.64 11.83
N ASP B 325 6.44 -25.43 12.86
CA ASP B 325 7.39 -26.54 12.72
C ASP B 325 8.71 -26.05 12.16
N ASN B 326 9.09 -24.82 12.50
CA ASN B 326 10.34 -24.21 12.06
C ASN B 326 10.46 -24.21 10.54
N ASN B 327 9.37 -23.83 9.87
CA ASN B 327 9.28 -23.66 8.42
C ASN B 327 9.44 -24.98 7.68
N LEU B 328 9.41 -26.12 8.38
CA LEU B 328 9.51 -27.40 7.71
C LEU B 328 8.36 -27.67 6.73
N PRO B 329 7.08 -27.43 7.07
CA PRO B 329 6.01 -27.76 6.13
C PRO B 329 6.23 -27.16 4.74
N CYS B 330 5.99 -27.99 3.72
CA CYS B 330 6.07 -27.53 2.34
C CYS B 330 5.14 -26.37 2.06
N VAL B 331 4.14 -26.16 2.94
CA VAL B 331 3.21 -25.06 2.78
C VAL B 331 3.68 -23.77 3.43
N ALA B 332 4.60 -23.84 4.39
CA ALA B 332 4.93 -22.70 5.23
C ALA B 332 5.54 -21.56 4.40
N GLU B 333 5.11 -20.33 4.71
CA GLU B 333 5.59 -19.15 4.01
C GLU B 333 7.11 -19.08 4.05
N LYS B 334 7.71 -18.63 2.94
CA LYS B 334 9.16 -18.55 2.85
C LYS B 334 9.69 -17.21 2.37
N GLU B 335 8.85 -16.33 1.84
CA GLU B 335 9.26 -14.97 1.54
C GLU B 335 8.02 -14.09 1.46
N ILE B 336 8.18 -12.84 1.88
CA ILE B 336 7.12 -11.84 1.86
C ILE B 336 7.33 -10.94 0.65
N ILE B 337 6.23 -10.56 0.01
CA ILE B 337 6.23 -9.52 -1.03
C ILE B 337 5.15 -8.53 -0.63
N ALA B 338 5.56 -7.38 -0.09
CA ALA B 338 4.65 -6.37 0.40
C ALA B 338 4.71 -5.13 -0.48
N VAL B 339 3.55 -4.51 -0.71
CA VAL B 339 3.54 -3.26 -1.45
C VAL B 339 4.17 -2.16 -0.60
N ALA B 340 4.69 -1.13 -1.28
CA ALA B 340 5.44 -0.09 -0.58
C ALA B 340 4.57 0.67 0.41
N GLN B 341 3.26 0.73 0.17
CA GLN B 341 2.39 1.55 1.00
C GLN B 341 2.36 1.07 2.45
N ILE B 342 2.46 -0.25 2.67
CA ILE B 342 2.26 -0.79 4.01
C ILE B 342 3.41 -1.70 4.43
N ALA B 343 4.57 -1.56 3.78
CA ALA B 343 5.66 -2.49 4.05
C ALA B 343 6.32 -2.21 5.41
N ASP B 344 6.45 -0.94 5.78
CA ASP B 344 7.11 -0.62 7.04
C ASP B 344 6.22 -0.94 8.24
N TYR B 345 4.92 -0.69 8.13
CA TYR B 345 3.99 -1.03 9.19
C TYR B 345 3.76 -2.54 9.27
N LEU B 346 3.97 -3.26 8.17
CA LEU B 346 3.96 -4.72 8.23
C LEU B 346 5.13 -5.24 9.05
N ILE B 347 6.33 -4.74 8.76
CA ILE B 347 7.51 -5.13 9.54
C ILE B 347 7.38 -4.67 10.98
N PHE B 348 6.79 -3.49 11.19
CA PHE B 348 6.53 -3.02 12.55
C PHE B 348 5.71 -4.03 13.34
N ASN B 349 4.63 -4.53 12.74
CA ASN B 349 3.76 -5.48 13.42
C ASN B 349 4.31 -6.91 13.40
N LEU B 350 5.19 -7.24 12.45
CA LEU B 350 5.81 -8.56 12.46
C LEU B 350 6.72 -8.74 13.67
N LYS B 351 7.36 -7.68 14.13
CA LYS B 351 8.22 -7.79 15.30
C LYS B 351 7.43 -7.94 16.59
N LYS B 352 6.23 -7.36 16.64
CA LYS B 352 5.37 -7.60 17.79
C LYS B 352 5.04 -9.08 17.95
N ASN B 353 5.13 -9.85 16.87
CA ASN B 353 4.81 -11.27 16.90
C ASN B 353 6.05 -12.16 16.98
N GLY B 354 7.23 -11.59 17.20
CA GLY B 354 8.41 -12.39 17.41
C GLY B 354 9.37 -12.44 16.23
N ALA B 355 9.51 -11.33 15.51
CA ALA B 355 10.44 -11.24 14.40
C ALA B 355 11.70 -10.49 14.83
N TYR B 356 12.81 -10.82 14.18
CA TYR B 356 14.10 -10.18 14.44
C TYR B 356 14.61 -9.60 13.13
N GLU B 357 14.62 -8.27 13.02
CA GLU B 357 15.07 -7.60 11.80
C GLU B 357 16.59 -7.48 11.84
N ILE B 358 17.24 -8.02 10.82
CA ILE B 358 18.67 -7.83 10.61
C ILE B 358 18.82 -6.70 9.61
N LYS B 359 19.35 -5.58 10.07
CA LYS B 359 19.56 -4.43 9.20
C LYS B 359 21.00 -4.23 8.79
N ASP B 360 21.95 -4.87 9.48
CA ASP B 360 23.37 -4.71 9.16
C ASP B 360 23.80 -5.82 8.21
N PRO B 361 24.21 -5.49 6.98
CA PRO B 361 24.62 -6.54 6.03
C PRO B 361 25.71 -7.46 6.56
N ALA B 362 26.53 -6.99 7.51
CA ALA B 362 27.55 -7.84 8.09
C ALA B 362 26.93 -8.98 8.88
N VAL B 363 25.98 -8.67 9.77
CA VAL B 363 25.27 -9.70 10.51
C VAL B 363 24.52 -10.62 9.56
N LEU B 364 23.91 -10.05 8.52
CA LEU B 364 23.11 -10.85 7.59
C LEU B 364 23.99 -11.83 6.82
N GLN B 365 25.13 -11.38 6.31
CA GLN B 365 26.04 -12.27 5.59
C GLN B 365 26.51 -13.41 6.50
N GLN B 366 26.57 -13.18 7.80
CA GLN B 366 26.93 -14.26 8.72
C GLN B 366 25.90 -15.38 8.67
N LEU B 367 24.61 -15.03 8.58
CA LEU B 367 23.59 -16.04 8.33
C LEU B 367 23.85 -16.75 7.00
N GLN B 368 24.15 -15.98 5.96
CA GLN B 368 24.34 -16.54 4.63
C GLN B 368 25.43 -17.60 4.62
N ASP B 369 26.61 -17.26 5.16
CA ASP B 369 27.69 -18.23 5.22
C ASP B 369 27.35 -19.41 6.11
N LEU B 370 26.47 -19.20 7.10
CA LEU B 370 26.08 -20.29 7.98
C LEU B 370 25.09 -21.25 7.30
N VAL B 371 24.06 -20.71 6.66
CA VAL B 371 22.92 -21.54 6.27
C VAL B 371 23.00 -22.01 4.82
N LEU B 372 23.64 -21.25 3.95
CA LEU B 372 23.74 -21.71 2.57
C LEU B 372 25.01 -22.52 2.37
N THR B 373 25.23 -22.97 1.13
CA THR B 373 26.32 -23.85 0.77
C THR B 373 27.17 -23.17 -0.30
N ALA B 374 28.29 -23.81 -0.65
CA ALA B 374 29.21 -23.25 -1.64
C ALA B 374 28.49 -22.92 -2.95
N LYS B 375 27.55 -23.78 -3.36
CA LYS B 375 26.73 -23.52 -4.53
C LYS B 375 25.36 -22.96 -4.17
N GLY B 376 25.18 -22.51 -2.92
CA GLY B 376 24.02 -21.74 -2.55
C GLY B 376 22.80 -22.51 -2.09
N GLY B 377 22.91 -23.83 -1.93
CA GLY B 377 21.79 -24.60 -1.43
C GLY B 377 21.65 -24.49 0.07
N PRO B 378 20.47 -24.81 0.60
CA PRO B 378 20.30 -24.83 2.05
C PRO B 378 21.19 -25.89 2.68
N GLN B 379 21.63 -25.62 3.91
CA GLN B 379 22.48 -26.53 4.66
C GLN B 379 21.63 -27.41 5.56
N THR B 380 21.82 -28.73 5.44
CA THR B 380 21.00 -29.68 6.18
C THR B 380 21.09 -29.47 7.69
N LYS B 381 22.22 -28.94 8.17
CA LYS B 381 22.38 -28.68 9.60
C LYS B 381 21.46 -27.58 10.11
N CYS B 382 21.01 -26.69 9.22
CA CYS B 382 20.16 -25.57 9.62
C CYS B 382 18.68 -25.79 9.31
N VAL B 383 18.36 -26.77 8.45
CA VAL B 383 16.97 -27.05 8.12
C VAL B 383 16.21 -27.43 9.38
N GLY B 384 15.09 -26.76 9.63
CA GLY B 384 14.24 -27.07 10.75
C GLY B 384 14.70 -26.54 12.09
N LYS B 385 15.82 -25.80 12.13
CA LYS B 385 16.32 -25.27 13.39
C LYS B 385 15.55 -24.01 13.77
N SER B 386 15.34 -23.83 15.07
CA SER B 386 14.60 -22.67 15.56
C SER B 386 15.36 -21.38 15.25
N ALA B 387 14.63 -20.27 15.28
CA ALA B 387 15.26 -18.97 15.05
C ALA B 387 16.19 -18.60 16.20
N VAL B 388 15.85 -19.00 17.43
CA VAL B 388 16.74 -18.80 18.56
C VAL B 388 18.07 -19.51 18.33
N TRP B 389 18.02 -20.73 17.80
CA TRP B 389 19.24 -21.49 17.58
C TRP B 389 20.04 -20.95 16.40
N LEU B 390 19.35 -20.51 15.34
CA LEU B 390 20.06 -19.96 14.19
C LEU B 390 20.79 -18.67 14.54
N LEU B 391 20.23 -17.87 15.46
CA LEU B 391 20.92 -16.67 15.90
C LEU B 391 22.07 -16.98 16.84
N SER B 392 22.00 -18.12 17.55
CA SER B 392 23.10 -18.49 18.44
C SER B 392 24.35 -18.88 17.66
N GLN B 393 24.16 -19.48 16.47
CA GLN B 393 25.30 -19.82 15.62
C GLN B 393 25.98 -18.60 15.03
N ILE B 394 25.41 -17.41 15.21
CA ILE B 394 26.04 -16.15 14.82
C ILE B 394 26.21 -15.22 16.02
N GLY B 395 26.21 -15.79 17.23
CA GLY B 395 26.49 -15.06 18.45
C GLY B 395 25.28 -14.39 19.08
N ILE B 396 24.29 -13.98 18.29
CA ILE B 396 23.18 -13.19 18.80
C ILE B 396 22.34 -14.04 19.75
N SER B 397 22.23 -13.59 20.99
CA SER B 397 21.44 -14.28 22.01
C SER B 397 20.13 -13.56 22.22
N VAL B 398 19.01 -14.28 22.08
CA VAL B 398 17.70 -13.75 22.44
C VAL B 398 16.82 -14.89 22.95
N ASP B 399 15.72 -14.51 23.61
CA ASP B 399 14.75 -15.42 24.23
C ASP B 399 13.87 -16.10 23.18
N ALA B 400 12.99 -16.96 23.67
CA ALA B 400 12.06 -17.72 22.82
C ALA B 400 10.86 -16.91 22.37
N SER B 401 10.80 -15.62 22.71
CA SER B 401 9.78 -14.75 22.13
C SER B 401 9.96 -14.63 20.62
N ILE B 402 11.20 -14.80 20.15
CA ILE B 402 11.48 -14.73 18.72
C ILE B 402 11.11 -16.05 18.05
N LYS B 403 10.42 -15.95 16.92
CA LYS B 403 9.99 -17.09 16.15
C LYS B 403 10.57 -17.13 14.74
N ILE B 404 10.91 -15.98 14.15
CA ILE B 404 11.48 -15.93 12.81
C ILE B 404 12.60 -14.90 12.79
N ILE B 405 13.37 -14.94 11.70
CA ILE B 405 14.43 -13.96 11.42
C ILE B 405 14.01 -13.19 10.17
N LEU B 406 13.61 -11.93 10.35
CA LEU B 406 13.05 -11.12 9.29
C LEU B 406 14.13 -10.24 8.69
N MET B 407 14.16 -10.17 7.35
CA MET B 407 15.13 -9.33 6.66
C MET B 407 14.46 -8.72 5.43
N GLU B 408 14.65 -7.43 5.22
CA GLU B 408 14.29 -6.82 3.95
C GLU B 408 15.50 -6.83 3.02
N VAL B 409 15.26 -7.24 1.78
CA VAL B 409 16.30 -7.80 0.94
C VAL B 409 15.84 -7.74 -0.52
N PRO B 410 16.74 -7.60 -1.50
CA PRO B 410 16.31 -7.61 -2.91
C PRO B 410 15.76 -8.97 -3.34
N ARG B 411 15.21 -8.98 -4.56
CA ARG B 411 14.46 -10.15 -5.03
C ARG B 411 15.39 -11.30 -5.42
N GLU B 412 16.56 -11.00 -5.98
CA GLU B 412 17.47 -12.06 -6.45
C GLU B 412 18.19 -12.76 -5.32
N HIS B 413 18.06 -12.29 -4.08
CA HIS B 413 18.80 -12.83 -2.96
C HIS B 413 18.46 -14.30 -2.75
N PRO B 414 19.45 -15.12 -2.33
CA PRO B 414 19.18 -16.56 -2.23
C PRO B 414 18.12 -16.93 -1.22
N PHE B 415 18.03 -16.22 -0.09
CA PHE B 415 16.96 -16.48 0.88
C PHE B 415 15.59 -16.47 0.22
N VAL B 416 15.39 -15.54 -0.72
CA VAL B 416 14.13 -15.51 -1.47
C VAL B 416 14.03 -16.71 -2.40
N GLN B 417 15.12 -17.07 -3.07
CA GLN B 417 15.09 -18.02 -4.16
C GLN B 417 15.17 -19.49 -3.71
N GLU B 418 15.52 -19.76 -2.46
CA GLU B 418 15.72 -21.13 -1.99
C GLU B 418 14.66 -21.53 -0.97
N GLU B 419 14.16 -22.75 -1.11
CA GLU B 419 13.24 -23.35 -0.15
C GLU B 419 14.07 -23.74 1.09
N LEU B 420 14.31 -22.74 1.94
CA LEU B 420 15.23 -22.94 3.06
C LEU B 420 14.66 -23.91 4.09
N MET B 421 13.36 -23.85 4.34
CA MET B 421 12.74 -24.57 5.46
C MET B 421 13.41 -24.20 6.78
N MET B 422 13.65 -22.90 6.96
CA MET B 422 14.16 -22.28 8.17
C MET B 422 13.31 -21.06 8.48
N PRO B 423 13.23 -20.65 9.75
CA PRO B 423 12.40 -19.48 10.10
C PRO B 423 12.97 -18.16 9.58
N ILE B 424 13.84 -18.25 8.58
CA ILE B 424 14.39 -17.07 7.92
C ILE B 424 13.39 -16.59 6.87
N LEU B 425 12.95 -15.33 6.99
CA LEU B 425 11.86 -14.80 6.17
C LEU B 425 12.26 -13.48 5.52
N PRO B 426 12.74 -13.52 4.28
CA PRO B 426 13.06 -12.27 3.58
C PRO B 426 11.82 -11.50 3.17
N LEU B 427 12.01 -10.21 2.95
CA LEU B 427 10.93 -9.32 2.54
C LEU B 427 11.38 -8.53 1.32
N VAL B 428 10.52 -8.52 0.30
CA VAL B 428 10.80 -7.84 -0.96
C VAL B 428 9.72 -6.80 -1.16
N ARG B 429 10.07 -5.52 -0.99
CA ARG B 429 9.12 -4.43 -1.16
C ARG B 429 8.93 -4.13 -2.65
N VAL B 430 7.68 -4.10 -3.07
CA VAL B 430 7.31 -3.70 -4.42
C VAL B 430 6.35 -2.51 -4.32
N GLU B 431 6.06 -1.89 -5.47
CA GLU B 431 5.31 -0.64 -5.45
C GLU B 431 3.81 -0.88 -5.50
N THR B 432 3.33 -1.67 -6.45
CA THR B 432 1.90 -1.91 -6.59
C THR B 432 1.59 -3.40 -6.44
N VAL B 433 0.31 -3.67 -6.14
CA VAL B 433 -0.14 -5.04 -5.92
C VAL B 433 0.09 -5.90 -7.16
N ASP B 434 0.07 -5.28 -8.34
CA ASP B 434 0.34 -6.03 -9.57
C ASP B 434 1.82 -6.35 -9.72
N ASP B 435 2.71 -5.54 -9.14
CA ASP B 435 4.11 -5.93 -9.06
C ASP B 435 4.29 -7.11 -8.11
N ALA B 436 3.56 -7.10 -7.00
CA ALA B 436 3.63 -8.21 -6.04
C ALA B 436 3.09 -9.50 -6.65
N ILE B 437 1.99 -9.38 -7.41
CA ILE B 437 1.40 -10.57 -8.04
C ILE B 437 2.36 -11.18 -9.04
N ASP B 438 2.90 -10.36 -9.93
CA ASP B 438 3.83 -10.88 -10.95
C ASP B 438 5.12 -11.39 -10.33
N LEU B 439 5.57 -10.78 -9.23
CA LEU B 439 6.81 -11.21 -8.60
C LEU B 439 6.62 -12.55 -7.88
N ALA B 440 5.52 -12.68 -7.13
CA ALA B 440 5.21 -13.97 -6.50
C ALA B 440 5.10 -15.08 -7.53
N ILE B 441 4.64 -14.76 -8.74
CA ILE B 441 4.65 -15.73 -9.83
C ILE B 441 6.09 -16.08 -10.20
N GLU B 442 6.98 -15.09 -10.18
CA GLU B 442 8.37 -15.32 -10.58
C GLU B 442 9.11 -16.18 -9.56
N VAL B 443 8.98 -15.86 -8.28
CA VAL B 443 9.70 -16.61 -7.24
C VAL B 443 9.09 -17.98 -6.97
N GLU B 444 7.88 -18.24 -7.46
CA GLU B 444 7.29 -19.57 -7.25
C GLU B 444 7.95 -20.63 -8.13
N HIS B 445 8.69 -20.21 -9.16
CA HIS B 445 9.51 -21.11 -9.98
C HIS B 445 8.66 -22.17 -10.68
N ASP B 446 7.41 -21.82 -10.99
CA ASP B 446 6.47 -22.73 -11.65
C ASP B 446 6.39 -24.07 -10.93
N ASN B 447 6.50 -24.04 -9.60
CA ASN B 447 6.20 -25.23 -8.83
C ASN B 447 4.70 -25.44 -8.72
N ARG B 448 3.91 -24.37 -8.82
CA ARG B 448 2.46 -24.41 -8.71
C ARG B 448 2.04 -25.20 -7.47
N HIS B 449 2.71 -24.91 -6.36
CA HIS B 449 2.50 -25.65 -5.12
C HIS B 449 1.60 -24.87 -4.17
N THR B 450 2.16 -23.87 -3.49
CA THR B 450 1.43 -23.10 -2.49
C THR B 450 1.73 -21.62 -2.65
N ALA B 451 0.71 -20.79 -2.43
CA ALA B 451 0.87 -19.35 -2.37
C ALA B 451 -0.15 -18.78 -1.38
N ILE B 452 0.19 -17.65 -0.78
CA ILE B 452 -0.68 -16.98 0.19
C ILE B 452 -0.79 -15.53 -0.23
N MET B 453 -1.92 -14.91 0.13
CA MET B 453 -2.11 -13.49 -0.10
C MET B 453 -2.95 -12.90 1.03
N HIS B 454 -2.51 -11.75 1.52
CA HIS B 454 -3.28 -10.98 2.50
C HIS B 454 -3.80 -9.73 1.80
N SER B 455 -5.12 -9.59 1.77
CA SER B 455 -5.80 -8.56 1.00
C SER B 455 -7.28 -8.62 1.32
N THR B 456 -7.95 -7.48 1.12
CA THR B 456 -9.38 -7.39 1.32
C THR B 456 -10.14 -7.19 0.01
N ASP B 457 -9.47 -6.70 -1.02
CA ASP B 457 -10.08 -6.49 -2.33
C ASP B 457 -10.36 -7.85 -2.98
N VAL B 458 -11.64 -8.18 -3.14
CA VAL B 458 -12.03 -9.45 -3.76
C VAL B 458 -11.54 -9.56 -5.20
N ARG B 459 -11.12 -8.43 -5.80
CA ARG B 459 -10.58 -8.47 -7.15
C ARG B 459 -9.11 -8.87 -7.16
N LYS B 460 -8.34 -8.41 -6.17
CA LYS B 460 -6.92 -8.75 -6.11
C LYS B 460 -6.71 -10.18 -5.62
N LEU B 461 -7.52 -10.62 -4.65
CA LEU B 461 -7.48 -12.02 -4.23
C LEU B 461 -7.75 -12.95 -5.41
N THR B 462 -8.73 -12.60 -6.24
CA THR B 462 -9.05 -13.42 -7.40
C THR B 462 -7.95 -13.36 -8.45
N LYS B 463 -7.35 -12.18 -8.64
CA LYS B 463 -6.36 -12.02 -9.69
C LYS B 463 -5.11 -12.85 -9.42
N MET B 464 -4.63 -12.87 -8.17
CA MET B 464 -3.44 -13.65 -7.87
C MET B 464 -3.74 -15.14 -7.87
N ALA B 465 -4.91 -15.52 -7.35
CA ALA B 465 -5.30 -16.94 -7.34
C ALA B 465 -5.40 -17.48 -8.76
N LYS B 466 -6.05 -16.73 -9.66
CA LYS B 466 -6.26 -17.19 -11.02
C LYS B 466 -4.97 -17.21 -11.84
N LEU B 467 -3.95 -16.46 -11.43
CA LEU B 467 -2.72 -16.36 -12.20
C LEU B 467 -1.61 -17.27 -11.70
N ILE B 468 -1.42 -17.37 -10.38
CA ILE B 468 -0.30 -18.16 -9.87
C ILE B 468 -0.56 -19.66 -9.97
N GLN B 469 -1.83 -20.08 -10.01
CA GLN B 469 -2.20 -21.46 -10.34
C GLN B 469 -1.49 -22.48 -9.47
N THR B 470 -1.45 -22.21 -8.16
CA THR B 470 -0.91 -23.16 -7.21
C THR B 470 -2.01 -24.11 -6.74
N THR B 471 -1.61 -25.30 -6.29
CA THR B 471 -2.62 -26.26 -5.84
C THR B 471 -3.23 -25.87 -4.50
N ILE B 472 -2.49 -25.14 -3.67
CA ILE B 472 -3.05 -24.52 -2.46
C ILE B 472 -2.86 -23.02 -2.59
N PHE B 473 -3.92 -22.26 -2.32
CA PHE B 473 -3.86 -20.80 -2.30
C PHE B 473 -4.67 -20.32 -1.10
N VAL B 474 -3.99 -19.82 -0.08
CA VAL B 474 -4.62 -19.41 1.17
C VAL B 474 -4.76 -17.89 1.18
N LYS B 475 -5.93 -17.41 1.58
CA LYS B 475 -6.24 -15.98 1.56
C LYS B 475 -6.57 -15.52 2.96
N ASN B 476 -5.78 -14.57 3.48
CA ASN B 476 -6.04 -13.89 4.75
C ASN B 476 -6.00 -14.87 5.93
N GLY B 477 -4.99 -15.74 5.94
CA GLY B 477 -4.82 -16.68 7.01
C GLY B 477 -3.44 -17.31 6.99
N PRO B 478 -3.14 -18.11 8.01
CA PRO B 478 -1.85 -18.79 8.06
C PRO B 478 -1.74 -19.83 6.95
N SER B 479 -0.48 -20.15 6.62
CA SER B 479 -0.19 -21.15 5.60
C SER B 479 -0.94 -22.45 5.87
N TYR B 480 -0.79 -22.98 7.09
CA TYR B 480 -1.39 -24.26 7.46
C TYR B 480 -2.91 -24.24 7.46
N ALA B 481 -3.55 -23.09 7.23
CA ALA B 481 -5.00 -23.09 6.98
C ALA B 481 -5.33 -23.76 5.65
N GLY B 482 -4.35 -23.92 4.77
CA GLY B 482 -4.51 -24.69 3.56
C GLY B 482 -4.49 -26.18 3.74
N LEU B 483 -4.30 -26.64 4.98
CA LEU B 483 -4.28 -28.05 5.32
C LEU B 483 -5.31 -28.37 6.40
N GLY B 484 -6.46 -27.70 6.38
CA GLY B 484 -7.53 -27.96 7.31
C GLY B 484 -7.32 -27.43 8.71
N ALA B 485 -6.18 -26.81 9.00
CA ALA B 485 -5.89 -26.25 10.32
C ALA B 485 -6.16 -24.74 10.26
N GLY B 486 -7.42 -24.37 10.47
CA GLY B 486 -7.83 -22.99 10.37
C GLY B 486 -8.55 -22.63 9.09
N GLY B 487 -8.78 -23.60 8.21
CA GLY B 487 -9.56 -23.37 7.02
C GLY B 487 -10.54 -24.51 6.80
N GLU B 488 -11.41 -24.34 5.82
CA GLU B 488 -12.35 -25.39 5.47
C GLU B 488 -11.67 -26.45 4.61
N GLY B 489 -12.16 -27.67 4.70
CA GLY B 489 -11.62 -28.78 3.94
C GLY B 489 -10.91 -29.78 4.85
N TYR B 490 -10.43 -30.84 4.21
CA TYR B 490 -9.70 -31.90 4.89
C TYR B 490 -8.20 -31.66 4.84
N SER B 491 -7.48 -32.33 5.71
CA SER B 491 -6.03 -32.20 5.77
C SER B 491 -5.36 -33.29 4.95
N THR B 492 -4.15 -32.99 4.50
CA THR B 492 -3.28 -33.98 3.88
C THR B 492 -1.84 -33.58 4.13
N PHE B 493 -0.92 -34.51 3.90
CA PHE B 493 0.51 -34.24 3.99
C PHE B 493 1.24 -34.75 2.75
N THR B 494 0.50 -35.05 1.69
CA THR B 494 1.05 -35.40 0.38
C THR B 494 0.28 -34.57 -0.63
N ILE B 495 0.90 -33.50 -1.13
CA ILE B 495 0.24 -32.54 -2.00
C ILE B 495 0.81 -32.69 -3.40
N ALA B 496 -0.01 -33.23 -4.32
CA ALA B 496 0.43 -33.53 -5.67
C ALA B 496 0.33 -32.27 -6.53
N GLY B 497 1.48 -31.71 -6.89
CA GLY B 497 1.53 -30.57 -7.77
C GLY B 497 1.73 -30.97 -9.23
N PRO B 498 2.81 -31.71 -9.53
CA PRO B 498 3.05 -32.14 -10.91
C PRO B 498 2.00 -33.13 -11.42
N THR B 499 1.71 -34.17 -10.64
CA THR B 499 0.77 -35.19 -11.07
C THR B 499 -0.69 -34.72 -11.02
N GLY B 500 -0.97 -33.62 -10.32
CA GLY B 500 -2.24 -32.96 -10.44
C GLY B 500 -3.38 -33.46 -9.57
N GLU B 501 -3.16 -34.48 -8.74
CA GLU B 501 -4.23 -34.94 -7.86
C GLU B 501 -4.58 -33.91 -6.79
N GLY B 502 -3.71 -32.95 -6.53
CA GLY B 502 -3.97 -32.00 -5.48
C GLY B 502 -3.77 -32.63 -4.12
N LEU B 503 -4.69 -32.34 -3.20
CA LEU B 503 -4.62 -32.84 -1.84
C LEU B 503 -5.05 -34.30 -1.85
N THR B 504 -4.08 -35.20 -1.98
CA THR B 504 -4.37 -36.62 -2.07
C THR B 504 -5.14 -37.08 -0.83
N SER B 505 -6.20 -37.83 -1.06
CA SER B 505 -6.98 -38.45 0.02
C SER B 505 -7.14 -39.91 -0.35
N ALA B 506 -8.10 -40.58 0.30
CA ALA B 506 -8.38 -41.98 -0.03
C ALA B 506 -8.75 -42.15 -1.48
N LYS B 507 -9.54 -41.20 -2.03
CA LYS B 507 -9.96 -41.27 -3.43
C LYS B 507 -8.76 -41.27 -4.38
N SER B 508 -7.67 -40.61 -4.00
CA SER B 508 -6.50 -40.55 -4.88
C SER B 508 -5.87 -41.92 -5.10
N PHE B 509 -6.01 -42.82 -4.13
CA PHE B 509 -5.38 -44.15 -4.19
C PHE B 509 -6.39 -45.21 -4.60
N ALA B 510 -7.28 -44.88 -5.54
CA ALA B 510 -8.35 -45.77 -5.95
C ALA B 510 -8.54 -45.67 -7.45
N ARG B 511 -9.01 -46.76 -8.04
CA ARG B 511 -9.30 -46.81 -9.47
C ARG B 511 -10.79 -46.56 -9.69
N ARG B 512 -11.11 -45.71 -10.66
CA ARG B 512 -12.49 -45.46 -11.03
C ARG B 512 -12.98 -46.58 -11.95
N ARG B 513 -14.05 -47.24 -11.54
CA ARG B 513 -14.69 -48.28 -12.33
C ARG B 513 -16.11 -47.86 -12.66
N LYS B 514 -16.57 -48.25 -13.85
CA LYS B 514 -17.93 -47.99 -14.27
C LYS B 514 -18.66 -49.31 -14.46
N CYS B 515 -19.91 -49.34 -14.00
CA CYS B 515 -20.70 -50.56 -13.94
C CYS B 515 -22.08 -50.25 -14.52
N VAL B 516 -22.40 -50.90 -15.64
CA VAL B 516 -23.53 -50.52 -16.49
C VAL B 516 -24.59 -51.61 -16.41
N MET B 517 -25.74 -51.29 -15.83
CA MET B 517 -26.89 -52.18 -15.79
C MET B 517 -27.83 -51.78 -16.91
N VAL B 518 -27.72 -52.47 -18.05
CA VAL B 518 -28.47 -52.09 -19.25
C VAL B 518 -29.95 -52.36 -19.02
N GLU B 519 -30.77 -51.31 -19.18
CA GLU B 519 -32.22 -51.43 -19.24
C GLU B 519 -32.82 -51.97 -17.93
N ALA B 520 -32.18 -51.70 -16.80
CA ALA B 520 -32.70 -52.18 -15.53
C ALA B 520 -32.28 -51.24 -14.42
N LEU B 521 -33.05 -51.27 -13.33
CA LEU B 521 -32.80 -50.48 -12.13
C LEU B 521 -32.87 -48.98 -12.42
N ASN B 522 -33.72 -48.60 -13.38
CA ASN B 522 -34.03 -47.20 -13.66
C ASN B 522 -35.44 -46.94 -13.14
N ILE B 523 -35.51 -46.68 -11.83
CA ILE B 523 -36.78 -46.71 -11.11
C ILE B 523 -37.31 -45.29 -10.88
N ARG B 524 -36.94 -44.36 -11.75
CA ARG B 524 -37.46 -42.99 -11.66
C ARG B 524 -38.87 -42.92 -12.22
N VAL C 86 -32.64 -20.85 34.83
CA VAL C 86 -32.54 -21.53 33.55
C VAL C 86 -33.84 -22.28 33.25
N SER C 87 -34.46 -21.96 32.12
CA SER C 87 -35.71 -22.61 31.72
C SER C 87 -35.47 -24.10 31.45
N ASP C 88 -36.54 -24.87 31.55
CA ASP C 88 -36.49 -26.31 31.32
C ASP C 88 -37.03 -26.71 29.95
N GLY C 89 -37.39 -25.74 29.10
CA GLY C 89 -37.93 -26.05 27.80
C GLY C 89 -39.36 -26.51 27.80
N VAL C 90 -40.05 -26.46 28.94
CA VAL C 90 -41.45 -26.86 29.04
C VAL C 90 -42.22 -25.69 29.63
N PHE C 91 -43.19 -25.17 28.88
CA PHE C 91 -43.90 -23.96 29.24
C PHE C 91 -45.35 -24.26 29.59
N GLU C 92 -45.96 -23.32 30.32
CA GLU C 92 -47.33 -23.53 30.81
C GLU C 92 -48.34 -23.46 29.67
N THR C 93 -48.19 -22.50 28.76
CA THR C 93 -49.08 -22.35 27.61
C THR C 93 -48.30 -22.46 26.31
N MET C 94 -49.03 -22.43 25.20
CA MET C 94 -48.42 -22.57 23.89
C MET C 94 -47.70 -21.29 23.48
N ASP C 95 -48.33 -20.14 23.67
CA ASP C 95 -47.71 -18.87 23.25
C ASP C 95 -46.40 -18.61 24.00
N ALA C 96 -46.26 -19.15 25.22
CA ALA C 96 -45.01 -18.96 25.94
C ALA C 96 -43.86 -19.71 25.29
N ALA C 97 -44.10 -20.96 24.86
CA ALA C 97 -43.04 -21.74 24.24
C ALA C 97 -42.66 -21.18 22.88
N VAL C 98 -43.64 -20.70 22.12
CA VAL C 98 -43.35 -20.14 20.80
C VAL C 98 -42.50 -18.88 20.94
N GLU C 99 -42.91 -17.96 21.82
CA GLU C 99 -42.19 -16.71 22.00
C GLU C 99 -40.77 -16.93 22.53
N ALA C 100 -40.54 -18.06 23.21
CA ALA C 100 -39.21 -18.33 23.75
C ALA C 100 -38.30 -18.97 22.72
N ALA C 101 -38.86 -19.85 21.86
CA ALA C 101 -38.07 -20.39 20.76
C ALA C 101 -37.74 -19.32 19.73
N ALA C 102 -38.64 -18.35 19.55
CA ALA C 102 -38.38 -17.24 18.64
C ALA C 102 -37.18 -16.43 19.13
N LEU C 103 -37.18 -16.07 20.41
CA LEU C 103 -36.01 -15.39 20.98
C LEU C 103 -34.79 -16.30 20.96
N ALA C 104 -34.98 -17.62 21.08
CA ALA C 104 -33.87 -18.55 21.04
C ALA C 104 -33.21 -18.56 19.67
N GLN C 105 -34.00 -18.73 18.60
CA GLN C 105 -33.43 -18.83 17.26
C GLN C 105 -32.78 -17.51 16.85
N GLN C 106 -33.39 -16.37 17.22
CA GLN C 106 -32.76 -15.09 16.97
C GLN C 106 -31.41 -14.99 17.67
N GLN C 107 -31.26 -15.68 18.80
CA GLN C 107 -29.98 -15.81 19.47
C GLN C 107 -29.15 -16.97 18.91
N TYR C 108 -29.82 -18.01 18.41
CA TYR C 108 -29.12 -19.13 17.79
C TYR C 108 -28.42 -18.71 16.51
N LEU C 109 -28.93 -17.68 15.84
CA LEU C 109 -28.30 -17.20 14.61
C LEU C 109 -26.88 -16.73 14.87
N LEU C 110 -26.62 -16.13 16.03
CA LEU C 110 -25.33 -15.60 16.39
C LEU C 110 -24.33 -16.68 16.83
N CYS C 111 -24.62 -17.95 16.59
CA CYS C 111 -23.73 -19.03 16.96
C CYS C 111 -22.94 -19.50 15.74
N SER C 112 -21.89 -20.27 16.01
CA SER C 112 -21.05 -20.82 14.95
C SER C 112 -21.58 -22.20 14.55
N MET C 113 -20.97 -22.76 13.49
CA MET C 113 -21.33 -24.11 13.08
C MET C 113 -20.81 -25.15 14.06
N SER C 114 -19.69 -24.85 14.74
CA SER C 114 -19.17 -25.77 15.74
C SER C 114 -20.08 -25.82 16.96
N ASP C 115 -20.64 -24.67 17.36
CA ASP C 115 -21.68 -24.68 18.39
C ASP C 115 -22.83 -25.59 17.98
N ARG C 116 -23.32 -25.44 16.74
CA ARG C 116 -24.35 -26.34 16.23
C ARG C 116 -23.89 -27.79 16.30
N ALA C 117 -22.62 -28.05 15.98
CA ALA C 117 -22.10 -29.41 16.05
C ALA C 117 -21.98 -29.90 17.48
N ARG C 118 -21.71 -28.99 18.43
CA ARG C 118 -21.64 -29.39 19.83
C ARG C 118 -23.03 -29.66 20.39
N PHE C 119 -24.03 -28.89 19.97
CA PHE C 119 -25.39 -29.13 20.43
C PHE C 119 -25.96 -30.39 19.78
N VAL C 120 -25.62 -30.61 18.51
CA VAL C 120 -26.03 -31.85 17.83
C VAL C 120 -25.54 -33.06 18.59
N GLN C 121 -24.24 -33.06 18.93
CA GLN C 121 -23.67 -34.19 19.66
C GLN C 121 -24.26 -34.31 21.06
N GLY C 122 -24.64 -33.19 21.67
CA GLY C 122 -25.32 -33.25 22.96
C GLY C 122 -26.63 -34.01 22.87
N ILE C 123 -27.43 -33.71 21.84
CA ILE C 123 -28.69 -34.42 21.64
C ILE C 123 -28.45 -35.90 21.44
N ARG C 124 -27.45 -36.26 20.63
CA ARG C 124 -27.07 -37.66 20.48
C ARG C 124 -26.68 -38.27 21.82
N ASP C 125 -25.88 -37.54 22.61
CA ASP C 125 -25.40 -38.07 23.88
C ASP C 125 -26.55 -38.37 24.83
N VAL C 126 -27.58 -37.53 24.84
CA VAL C 126 -28.67 -37.70 25.80
C VAL C 126 -29.39 -39.02 25.56
N ILE C 127 -29.66 -39.36 24.30
CA ILE C 127 -30.39 -40.58 23.99
C ILE C 127 -29.48 -41.80 23.93
N LEU C 128 -28.25 -41.64 23.42
CA LEU C 128 -27.34 -42.78 23.30
C LEU C 128 -26.76 -43.20 24.64
N ASN C 129 -26.98 -42.43 25.71
CA ASN C 129 -26.59 -42.86 27.04
C ASN C 129 -27.47 -44.02 27.49
N GLN C 130 -26.82 -45.13 27.86
CA GLN C 130 -27.55 -46.36 28.17
C GLN C 130 -28.58 -46.15 29.28
N ASP C 131 -28.23 -45.35 30.29
CA ASP C 131 -29.16 -45.09 31.38
C ASP C 131 -30.43 -44.42 30.87
N THR C 132 -30.29 -43.43 29.99
CA THR C 132 -31.45 -42.74 29.45
C THR C 132 -32.09 -43.52 28.31
N LEU C 133 -31.28 -44.21 27.50
CA LEU C 133 -31.80 -44.99 26.39
C LEU C 133 -32.85 -45.98 26.86
N GLU C 134 -32.54 -46.73 27.91
CA GLU C 134 -33.45 -47.74 28.42
C GLU C 134 -34.63 -47.10 29.16
N LYS C 135 -34.41 -45.93 29.77
CA LYS C 135 -35.52 -45.20 30.38
C LYS C 135 -36.51 -44.73 29.32
N MET C 136 -36.01 -44.24 28.19
CA MET C 136 -36.92 -43.79 27.13
C MET C 136 -37.63 -44.95 26.46
N SER C 137 -37.01 -46.13 26.43
CA SER C 137 -37.61 -47.27 25.75
C SER C 137 -38.75 -47.91 26.53
N ARG C 138 -38.67 -47.92 27.88
CA ARG C 138 -39.75 -48.48 28.70
C ARG C 138 -40.91 -47.52 28.86
N MET C 139 -40.62 -46.25 29.09
CA MET C 139 -41.68 -45.29 29.35
C MET C 139 -42.60 -45.13 28.15
N ALA C 140 -42.05 -45.23 26.95
CA ALA C 140 -42.89 -45.17 25.75
C ALA C 140 -43.81 -46.39 25.66
N VAL C 141 -43.25 -47.58 25.90
CA VAL C 141 -44.08 -48.78 25.92
C VAL C 141 -45.05 -48.75 27.09
N GLU C 142 -44.59 -48.26 28.25
CA GLU C 142 -45.45 -48.24 29.43
C GLU C 142 -46.61 -47.28 29.26
N GLU C 143 -46.32 -46.02 28.90
CA GLU C 143 -47.36 -45.00 28.90
C GLU C 143 -48.29 -45.13 27.71
N THR C 144 -47.72 -45.25 26.50
CA THR C 144 -48.56 -45.38 25.32
C THR C 144 -49.20 -46.76 25.24
N GLY C 145 -48.52 -47.79 25.74
CA GLY C 145 -49.03 -49.14 25.63
C GLY C 145 -48.84 -49.76 24.27
N MET C 146 -47.73 -49.43 23.58
CA MET C 146 -47.53 -49.85 22.21
C MET C 146 -46.06 -50.26 22.01
N GLY C 147 -45.86 -51.33 21.25
CA GLY C 147 -44.53 -51.82 20.97
C GLY C 147 -43.93 -52.58 22.14
N ASN C 148 -42.66 -52.96 21.97
CA ASN C 148 -41.89 -53.57 23.04
C ASN C 148 -40.64 -52.75 23.28
N TYR C 149 -39.99 -53.01 24.42
CA TYR C 149 -38.89 -52.16 24.87
C TYR C 149 -37.60 -52.44 24.12
N GLU C 150 -37.32 -53.71 23.81
CA GLU C 150 -36.03 -54.04 23.21
C GLU C 150 -35.96 -53.58 21.76
N HIS C 151 -37.10 -53.43 21.10
CA HIS C 151 -37.11 -52.92 19.74
C HIS C 151 -37.05 -51.40 19.71
N LYS C 152 -37.72 -50.74 20.65
CA LYS C 152 -37.54 -49.29 20.79
C LYS C 152 -36.13 -48.94 21.22
N LEU C 153 -35.45 -49.88 21.88
CA LEU C 153 -34.03 -49.69 22.20
C LEU C 153 -33.22 -49.51 20.92
N ILE C 154 -33.57 -50.24 19.87
CA ILE C 154 -32.89 -50.11 18.59
C ILE C 154 -33.37 -48.87 17.83
N LYS C 155 -34.66 -48.53 17.95
CA LYS C 155 -35.19 -47.39 17.21
C LYS C 155 -34.67 -46.07 17.77
N ASN C 156 -34.64 -45.93 19.10
CA ASN C 156 -34.06 -44.73 19.70
C ASN C 156 -32.58 -44.63 19.39
N ARG C 157 -31.88 -45.76 19.33
CA ARG C 157 -30.46 -45.73 19.00
C ARG C 157 -30.23 -45.35 17.54
N LEU C 158 -31.04 -45.91 16.63
CA LEU C 158 -30.91 -45.58 15.22
C LEU C 158 -31.12 -44.09 14.96
N ALA C 159 -31.95 -43.44 15.76
CA ALA C 159 -32.21 -42.01 15.58
C ALA C 159 -31.00 -41.18 15.98
N GLY C 160 -30.54 -41.32 17.22
CA GLY C 160 -29.41 -40.55 17.67
C GLY C 160 -28.07 -40.93 17.07
N GLU C 161 -28.02 -41.99 16.26
CA GLU C 161 -26.78 -42.49 15.70
C GLU C 161 -26.62 -42.20 14.22
N LYS C 162 -27.64 -42.49 13.42
CA LYS C 162 -27.56 -42.34 11.97
C LYS C 162 -28.41 -41.19 11.44
N THR C 163 -28.76 -40.24 12.31
CA THR C 163 -29.39 -39.00 11.84
C THR C 163 -28.30 -38.05 11.36
N PRO C 164 -28.45 -37.45 10.18
CA PRO C 164 -27.45 -36.49 9.70
C PRO C 164 -27.36 -35.28 10.61
N GLY C 165 -26.15 -34.76 10.75
CA GLY C 165 -25.88 -33.54 11.50
C GLY C 165 -25.65 -32.36 10.60
N ILE C 166 -24.71 -31.50 11.00
CA ILE C 166 -24.37 -30.34 10.18
C ILE C 166 -23.60 -30.73 8.92
N GLU C 167 -23.12 -31.97 8.83
CA GLU C 167 -22.51 -32.43 7.59
C GLU C 167 -23.54 -32.64 6.48
N ASP C 168 -24.83 -32.60 6.82
CA ASP C 168 -25.88 -32.71 5.81
C ASP C 168 -26.00 -31.41 5.00
N LEU C 169 -25.62 -30.29 5.59
CA LEU C 169 -25.76 -28.98 4.95
C LEU C 169 -24.56 -28.75 4.04
N THR C 170 -24.69 -29.22 2.80
CA THR C 170 -23.63 -29.09 1.81
C THR C 170 -23.73 -27.74 1.08
N THR C 171 -22.77 -27.50 0.19
CA THR C 171 -22.70 -26.24 -0.55
C THR C 171 -22.48 -26.53 -2.02
N ASP C 172 -23.26 -25.87 -2.87
CA ASP C 172 -23.11 -25.96 -4.32
C ASP C 172 -22.38 -24.73 -4.84
N ALA C 173 -21.51 -24.94 -5.83
CA ALA C 173 -20.74 -23.84 -6.38
C ALA C 173 -20.70 -23.97 -7.91
N PHE C 174 -20.78 -22.82 -8.58
CA PHE C 174 -20.66 -22.75 -10.04
C PHE C 174 -19.84 -21.52 -10.37
N SER C 175 -18.67 -21.71 -10.97
CA SER C 175 -17.76 -20.61 -11.27
C SER C 175 -17.51 -20.52 -12.78
N GLY C 176 -17.31 -19.30 -13.25
CA GLY C 176 -17.05 -19.06 -14.66
C GLY C 176 -16.77 -17.60 -14.98
N ASP C 177 -17.05 -17.18 -16.21
CA ASP C 177 -16.78 -15.80 -16.62
C ASP C 177 -17.60 -14.82 -15.81
N ASN C 178 -18.79 -15.20 -15.38
CA ASN C 178 -19.69 -14.32 -14.64
C ASN C 178 -19.43 -14.33 -13.14
N GLY C 179 -18.40 -15.04 -12.68
CA GLY C 179 -18.05 -15.03 -11.27
C GLY C 179 -18.18 -16.37 -10.57
N LEU C 180 -18.74 -16.32 -9.35
CA LEU C 180 -18.92 -17.51 -8.53
C LEU C 180 -20.32 -17.50 -7.95
N THR C 181 -20.98 -18.64 -7.96
CA THR C 181 -22.30 -18.80 -7.37
C THR C 181 -22.24 -19.81 -6.25
N LEU C 182 -22.87 -19.48 -5.12
CA LEU C 182 -22.92 -20.35 -3.96
C LEU C 182 -24.37 -20.61 -3.60
N VAL C 183 -24.68 -21.86 -3.27
CA VAL C 183 -26.01 -22.26 -2.84
C VAL C 183 -25.88 -22.95 -1.49
N GLU C 184 -26.55 -22.42 -0.48
CA GLU C 184 -26.40 -22.86 0.90
C GLU C 184 -27.77 -23.21 1.49
N TYR C 185 -27.74 -23.91 2.62
CA TYR C 185 -28.94 -24.27 3.37
C TYR C 185 -28.96 -23.47 4.67
N SER C 186 -29.80 -22.44 4.71
CA SER C 186 -29.90 -21.52 5.82
C SER C 186 -31.09 -21.85 6.71
N PRO C 187 -31.16 -21.27 7.91
CA PRO C 187 -32.31 -21.54 8.78
C PRO C 187 -33.63 -21.09 8.18
N PHE C 188 -34.70 -21.77 8.59
CA PHE C 188 -36.06 -21.31 8.38
C PHE C 188 -36.51 -20.34 9.45
N GLY C 189 -36.10 -20.61 10.70
CA GLY C 189 -36.61 -19.90 11.85
C GLY C 189 -37.13 -20.91 12.86
N VAL C 190 -38.22 -20.59 13.53
CA VAL C 190 -38.82 -21.52 14.47
C VAL C 190 -39.69 -22.51 13.71
N ILE C 191 -39.55 -23.79 14.04
CA ILE C 191 -40.29 -24.88 13.41
C ILE C 191 -41.23 -25.48 14.44
N GLY C 192 -42.49 -25.64 14.05
CA GLY C 192 -43.45 -26.36 14.87
C GLY C 192 -43.47 -27.82 14.44
N ALA C 193 -43.32 -28.71 15.41
CA ALA C 193 -43.20 -30.14 15.14
C ALA C 193 -44.29 -30.90 15.88
N ILE C 194 -45.00 -31.75 15.17
CA ILE C 194 -46.06 -32.60 15.72
C ILE C 194 -45.60 -34.05 15.58
N THR C 195 -45.69 -34.81 16.67
CA THR C 195 -45.14 -36.14 16.75
C THR C 195 -46.23 -37.17 17.01
N PRO C 196 -45.99 -38.44 16.67
CA PRO C 196 -47.00 -39.47 16.87
C PRO C 196 -46.84 -40.20 18.21
N THR C 197 -47.90 -40.91 18.58
CA THR C 197 -47.83 -41.87 19.68
C THR C 197 -47.10 -43.15 19.29
N THR C 198 -46.81 -43.32 18.00
CA THR C 198 -46.09 -44.51 17.54
C THR C 198 -44.62 -44.46 17.95
N ASN C 199 -43.93 -43.38 17.59
CA ASN C 199 -42.52 -43.18 17.94
C ASN C 199 -42.37 -41.83 18.63
N PRO C 200 -42.75 -41.72 19.91
CA PRO C 200 -42.64 -40.45 20.61
C PRO C 200 -41.20 -39.93 20.68
N THR C 201 -40.30 -40.74 21.24
CA THR C 201 -38.93 -40.28 21.47
C THR C 201 -38.10 -40.29 20.19
N GLU C 202 -38.24 -41.34 19.37
CA GLU C 202 -37.46 -41.43 18.14
C GLU C 202 -37.66 -40.22 17.25
N THR C 203 -38.90 -39.71 17.18
CA THR C 203 -39.18 -38.56 16.34
C THR C 203 -38.66 -37.27 16.95
N ILE C 204 -38.67 -37.16 18.29
CA ILE C 204 -38.10 -35.99 18.95
C ILE C 204 -36.60 -35.93 18.73
N VAL C 205 -35.91 -37.07 18.90
CA VAL C 205 -34.48 -37.13 18.62
C VAL C 205 -34.21 -36.79 17.17
N CYS C 206 -35.08 -37.25 16.26
CA CYS C 206 -34.85 -37.04 14.83
C CYS C 206 -35.00 -35.57 14.46
N ASN C 207 -36.11 -34.94 14.89
CA ASN C 207 -36.38 -33.56 14.47
C ASN C 207 -35.43 -32.57 15.14
N SER C 208 -35.04 -32.84 16.40
CA SER C 208 -34.13 -31.94 17.10
C SER C 208 -32.81 -31.80 16.36
N ILE C 209 -32.16 -32.93 16.07
CA ILE C 209 -30.86 -32.90 15.40
C ILE C 209 -30.97 -32.19 14.06
N GLY C 210 -31.96 -32.55 13.25
CA GLY C 210 -32.04 -32.00 11.91
C GLY C 210 -32.39 -30.52 11.88
N MET C 211 -33.32 -30.10 12.73
CA MET C 211 -33.73 -28.70 12.74
C MET C 211 -32.68 -27.81 13.40
N LEU C 212 -32.08 -28.28 14.50
CA LEU C 212 -31.08 -27.48 15.19
C LEU C 212 -29.78 -27.40 14.38
N ALA C 213 -29.42 -28.48 13.67
CA ALA C 213 -28.23 -28.43 12.82
C ALA C 213 -28.41 -27.40 11.71
N ALA C 214 -29.62 -27.28 11.18
CA ALA C 214 -29.92 -26.26 10.18
C ALA C 214 -30.03 -24.86 10.77
N GLY C 215 -29.81 -24.70 12.07
CA GLY C 215 -29.88 -23.41 12.70
C GLY C 215 -31.26 -22.98 13.13
N ASN C 216 -32.20 -23.91 13.26
CA ASN C 216 -33.55 -23.60 13.68
C ASN C 216 -33.74 -23.89 15.17
N SER C 217 -34.89 -23.49 15.68
CA SER C 217 -35.40 -23.97 16.95
C SER C 217 -36.70 -24.71 16.71
N VAL C 218 -36.99 -25.71 17.54
CA VAL C 218 -38.12 -26.60 17.32
C VAL C 218 -39.08 -26.50 18.50
N VAL C 219 -40.35 -26.25 18.20
CA VAL C 219 -41.42 -26.27 19.20
C VAL C 219 -42.18 -27.58 18.99
N PHE C 220 -41.99 -28.54 19.89
CA PHE C 220 -42.68 -29.81 19.77
C PHE C 220 -44.09 -29.72 20.35
N SER C 221 -45.01 -30.47 19.76
CA SER C 221 -46.38 -30.60 20.24
C SER C 221 -46.72 -32.08 20.26
N PRO C 222 -46.24 -32.81 21.27
CA PRO C 222 -46.40 -34.27 21.28
C PRO C 222 -47.83 -34.70 21.53
N HIS C 223 -48.10 -35.95 21.17
CA HIS C 223 -49.41 -36.54 21.42
C HIS C 223 -49.62 -36.67 22.93
N PRO C 224 -50.84 -36.41 23.42
CA PRO C 224 -51.09 -36.54 24.87
C PRO C 224 -50.77 -37.90 25.44
N ARG C 225 -50.87 -38.98 24.65
CA ARG C 225 -50.61 -40.32 25.17
C ARG C 225 -49.13 -40.62 25.31
N ALA C 226 -48.25 -39.71 24.90
CA ALA C 226 -46.81 -39.83 25.12
C ALA C 226 -46.26 -38.61 25.85
N ARG C 227 -47.10 -38.04 26.71
CA ARG C 227 -46.81 -36.74 27.29
C ARG C 227 -45.60 -36.80 28.23
N GLN C 228 -45.67 -37.64 29.25
CA GLN C 228 -44.66 -37.61 30.32
C GLN C 228 -43.28 -38.02 29.81
N VAL C 229 -43.21 -38.93 28.84
CA VAL C 229 -41.89 -39.30 28.31
C VAL C 229 -41.36 -38.19 27.39
N SER C 230 -42.25 -37.52 26.66
CA SER C 230 -41.80 -36.43 25.79
C SER C 230 -41.29 -35.25 26.59
N LEU C 231 -42.00 -34.88 27.66
CA LEU C 231 -41.56 -33.78 28.50
C LEU C 231 -40.24 -34.11 29.19
N LEU C 232 -40.06 -35.37 29.60
CA LEU C 232 -38.79 -35.77 30.22
C LEU C 232 -37.63 -35.64 29.25
N LEU C 233 -37.84 -36.04 27.99
CA LEU C 233 -36.77 -35.98 27.00
C LEU C 233 -36.44 -34.53 26.63
N VAL C 234 -37.46 -33.67 26.56
CA VAL C 234 -37.22 -32.26 26.23
C VAL C 234 -36.39 -31.59 27.33
N ARG C 235 -36.67 -31.91 28.60
CA ARG C 235 -35.94 -31.29 29.69
C ARG C 235 -34.50 -31.80 29.74
N LEU C 236 -34.29 -33.09 29.50
CA LEU C 236 -32.92 -33.63 29.47
C LEU C 236 -32.09 -32.96 28.39
N ILE C 237 -32.70 -32.70 27.22
CA ILE C 237 -32.00 -31.99 26.16
C ILE C 237 -31.71 -30.55 26.59
N ASN C 238 -32.75 -29.85 27.07
CA ASN C 238 -32.56 -28.47 27.52
C ASN C 238 -31.52 -28.38 28.63
N GLN C 239 -31.49 -29.37 29.52
CA GLN C 239 -30.46 -29.40 30.55
C GLN C 239 -29.09 -29.61 29.93
N LYS C 240 -28.96 -30.56 29.02
CA LYS C 240 -27.69 -30.86 28.38
C LYS C 240 -27.16 -29.64 27.63
N LEU C 241 -28.01 -29.01 26.81
CA LEU C 241 -27.57 -27.89 25.98
C LEU C 241 -27.15 -26.70 26.82
N ALA C 242 -27.77 -26.49 27.97
CA ALA C 242 -27.37 -25.38 28.84
C ALA C 242 -25.96 -25.57 29.36
N ALA C 243 -25.58 -26.83 29.64
CA ALA C 243 -24.21 -27.12 30.07
C ALA C 243 -23.21 -27.03 28.94
N LEU C 244 -23.66 -26.90 27.69
CA LEU C 244 -22.79 -26.71 26.55
C LEU C 244 -22.69 -25.25 26.11
N GLY C 245 -23.47 -24.36 26.70
CA GLY C 245 -23.46 -22.97 26.32
C GLY C 245 -24.48 -22.59 25.28
N ALA C 246 -25.43 -23.46 24.97
CA ALA C 246 -26.45 -23.13 23.98
C ALA C 246 -27.43 -22.10 24.55
N PRO C 247 -27.95 -21.22 23.71
CA PRO C 247 -29.07 -20.38 24.15
C PRO C 247 -30.24 -21.25 24.58
N GLU C 248 -30.92 -20.82 25.63
CA GLU C 248 -32.03 -21.59 26.17
C GLU C 248 -33.17 -21.68 25.16
N ASN C 249 -33.99 -22.72 25.32
CA ASN C 249 -35.25 -22.87 24.59
C ASN C 249 -35.04 -23.14 23.11
N LEU C 250 -34.00 -23.90 22.77
CA LEU C 250 -33.85 -24.38 21.40
C LEU C 250 -34.86 -25.49 21.09
N VAL C 251 -35.13 -26.34 22.08
CA VAL C 251 -36.11 -27.41 21.96
C VAL C 251 -37.12 -27.21 23.08
N VAL C 252 -38.35 -26.85 22.70
CA VAL C 252 -39.37 -26.51 23.69
C VAL C 252 -40.63 -27.35 23.44
N THR C 253 -41.49 -27.37 24.45
CA THR C 253 -42.76 -28.08 24.40
C THR C 253 -43.69 -27.46 25.43
N VAL C 254 -44.90 -28.03 25.54
CA VAL C 254 -45.93 -27.50 26.43
C VAL C 254 -46.10 -28.45 27.61
N GLU C 255 -46.41 -27.87 28.77
CA GLU C 255 -46.63 -28.69 29.97
C GLU C 255 -47.87 -29.57 29.82
N LYS C 256 -48.91 -29.06 29.15
CA LYS C 256 -50.17 -29.79 28.96
C LYS C 256 -50.42 -29.94 27.47
N PRO C 257 -49.73 -30.87 26.81
CA PRO C 257 -49.98 -31.10 25.38
C PRO C 257 -51.38 -31.63 25.16
N SER C 258 -52.02 -31.17 24.09
CA SER C 258 -53.36 -31.63 23.74
C SER C 258 -53.63 -31.24 22.28
N ILE C 259 -54.87 -31.51 21.85
CA ILE C 259 -55.24 -31.23 20.46
C ILE C 259 -55.26 -29.72 20.21
N GLU C 260 -55.75 -28.94 21.17
CA GLU C 260 -55.87 -27.50 20.96
C GLU C 260 -54.52 -26.78 21.02
N ASN C 261 -53.54 -27.32 21.77
CA ASN C 261 -52.21 -26.74 21.73
C ASN C 261 -51.55 -26.96 20.37
N THR C 262 -51.83 -28.10 19.74
CA THR C 262 -51.41 -28.29 18.36
C THR C 262 -51.99 -27.23 17.45
N ASN C 263 -53.29 -26.92 17.63
CA ASN C 263 -53.95 -25.94 16.77
C ASN C 263 -53.50 -24.52 17.08
N ALA C 264 -53.07 -24.26 18.32
CA ALA C 264 -52.52 -22.94 18.65
C ALA C 264 -51.13 -22.77 18.09
N MET C 265 -50.35 -23.86 18.00
CA MET C 265 -49.06 -23.79 17.33
C MET C 265 -49.21 -23.61 15.82
N MET C 266 -50.36 -24.04 15.26
CA MET C 266 -50.59 -23.88 13.84
C MET C 266 -50.94 -22.44 13.49
N ALA C 267 -51.71 -21.78 14.34
CA ALA C 267 -52.16 -20.42 14.06
C ALA C 267 -51.16 -19.35 14.50
N HIS C 268 -50.15 -19.71 15.27
CA HIS C 268 -49.22 -18.72 15.79
C HIS C 268 -48.43 -18.11 14.64
N PRO C 269 -48.53 -16.80 14.41
CA PRO C 269 -47.83 -16.19 13.26
C PRO C 269 -46.34 -16.34 13.33
N LYS C 270 -45.78 -16.61 14.50
CA LYS C 270 -44.34 -16.69 14.66
C LYS C 270 -43.78 -18.06 14.38
N VAL C 271 -44.57 -19.01 13.88
CA VAL C 271 -44.07 -20.31 13.46
C VAL C 271 -43.86 -20.27 11.96
N ARG C 272 -42.64 -20.55 11.51
CA ARG C 272 -42.32 -20.46 10.08
C ARG C 272 -42.58 -21.75 9.33
N MET C 273 -42.21 -22.90 9.89
CA MET C 273 -42.41 -24.19 9.24
C MET C 273 -43.14 -25.13 10.20
N LEU C 274 -44.04 -25.93 9.65
CA LEU C 274 -44.70 -26.99 10.38
C LEU C 274 -44.27 -28.33 9.82
N VAL C 275 -43.95 -29.27 10.69
CA VAL C 275 -43.66 -30.66 10.33
C VAL C 275 -44.58 -31.55 11.14
N ALA C 276 -45.32 -32.41 10.45
CA ALA C 276 -46.31 -33.27 11.10
C ALA C 276 -46.04 -34.72 10.73
N THR C 277 -45.88 -35.56 11.75
CA THR C 277 -45.61 -36.99 11.58
C THR C 277 -46.77 -37.74 12.23
N GLY C 278 -47.81 -38.02 11.45
CA GLY C 278 -48.99 -38.66 11.99
C GLY C 278 -49.98 -39.14 10.95
N GLY C 279 -51.27 -38.99 11.26
CA GLY C 279 -52.32 -39.46 10.39
C GLY C 279 -52.58 -38.52 9.24
N PRO C 280 -53.46 -38.95 8.33
CA PRO C 280 -53.76 -38.12 7.15
C PRO C 280 -54.54 -36.86 7.46
N ALA C 281 -55.11 -36.73 8.65
CA ALA C 281 -55.89 -35.54 8.99
C ALA C 281 -55.04 -34.42 9.57
N ILE C 282 -54.01 -34.76 10.34
CA ILE C 282 -53.11 -33.72 10.85
C ILE C 282 -52.22 -33.18 9.74
N VAL C 283 -51.90 -34.01 8.74
CA VAL C 283 -51.06 -33.57 7.64
C VAL C 283 -51.77 -32.52 6.81
N LYS C 284 -53.01 -32.79 6.43
CA LYS C 284 -53.78 -31.81 5.67
C LYS C 284 -54.12 -30.58 6.50
N ALA C 285 -54.06 -30.69 7.83
CA ALA C 285 -54.34 -29.54 8.69
C ALA C 285 -53.17 -28.57 8.69
N VAL C 286 -51.93 -29.07 8.77
CA VAL C 286 -50.78 -28.19 8.67
C VAL C 286 -50.64 -27.66 7.25
N LEU C 287 -51.17 -28.40 6.27
CA LEU C 287 -51.20 -27.96 4.88
C LEU C 287 -52.30 -26.95 4.60
N SER C 288 -53.13 -26.64 5.59
CA SER C 288 -54.25 -25.71 5.42
C SER C 288 -54.10 -24.46 6.30
N THR C 289 -52.91 -24.22 6.84
CA THR C 289 -52.70 -23.15 7.80
C THR C 289 -52.03 -21.93 7.20
N GLY C 290 -51.83 -21.90 5.88
CA GLY C 290 -51.14 -20.79 5.27
C GLY C 290 -49.64 -20.75 5.51
N LYS C 291 -49.06 -21.86 5.98
CA LYS C 291 -47.65 -21.91 6.35
C LYS C 291 -46.93 -22.98 5.55
N LYS C 292 -45.61 -22.85 5.48
CA LYS C 292 -44.76 -23.91 4.92
C LYS C 292 -44.88 -25.15 5.79
N ALA C 293 -45.32 -26.25 5.19
CA ALA C 293 -45.65 -27.45 5.96
C ALA C 293 -45.06 -28.69 5.29
N ILE C 294 -44.53 -29.58 6.13
CA ILE C 294 -44.03 -30.89 5.69
C ILE C 294 -44.87 -31.95 6.37
N GLY C 295 -45.49 -32.82 5.57
CA GLY C 295 -46.37 -33.84 6.12
C GLY C 295 -45.91 -35.25 5.85
N ALA C 296 -45.67 -36.02 6.92
CA ALA C 296 -45.25 -37.41 6.83
C ALA C 296 -46.48 -38.29 7.02
N GLY C 297 -47.03 -38.80 5.91
CA GLY C 297 -48.29 -39.50 5.93
C GLY C 297 -48.15 -40.96 6.33
N ALA C 298 -49.27 -41.68 6.19
CA ALA C 298 -49.35 -43.09 6.52
C ALA C 298 -49.22 -43.93 5.24
N GLY C 299 -49.34 -45.24 5.40
CA GLY C 299 -49.23 -46.13 4.28
C GLY C 299 -49.92 -47.45 4.54
N ASN C 300 -49.51 -48.46 3.78
CA ASN C 300 -50.06 -49.81 3.88
C ASN C 300 -49.12 -50.77 3.16
N PRO C 301 -47.92 -51.01 3.71
CA PRO C 301 -46.82 -51.56 2.91
C PRO C 301 -47.05 -53.00 2.52
N PRO C 302 -47.15 -53.29 1.23
CA PRO C 302 -47.16 -54.68 0.77
C PRO C 302 -45.75 -55.19 0.49
N VAL C 303 -45.60 -56.50 0.65
CA VAL C 303 -44.37 -57.19 0.30
C VAL C 303 -44.72 -58.29 -0.70
N VAL C 304 -44.04 -58.28 -1.84
CA VAL C 304 -44.28 -59.24 -2.91
C VAL C 304 -43.16 -60.27 -2.90
N VAL C 305 -43.53 -61.55 -2.97
CA VAL C 305 -42.58 -62.65 -3.08
C VAL C 305 -42.91 -63.42 -4.36
N ASP C 306 -41.86 -63.91 -5.03
CA ASP C 306 -42.03 -64.66 -6.27
C ASP C 306 -41.12 -65.87 -6.27
N GLU C 307 -41.30 -66.72 -7.29
CA GLU C 307 -40.59 -67.99 -7.41
C GLU C 307 -39.08 -67.82 -7.49
N THR C 308 -38.61 -66.60 -7.69
CA THR C 308 -37.19 -66.33 -7.83
C THR C 308 -36.54 -65.97 -6.48
N ALA C 309 -37.33 -65.66 -5.45
CA ALA C 309 -36.79 -65.22 -4.18
C ALA C 309 -36.05 -66.34 -3.47
N ASN C 310 -35.22 -65.95 -2.50
CA ASN C 310 -34.73 -66.88 -1.49
C ASN C 310 -35.80 -66.98 -0.42
N ILE C 311 -36.54 -68.10 -0.41
CA ILE C 311 -37.74 -68.20 0.42
C ILE C 311 -37.39 -68.24 1.89
N GLU C 312 -36.30 -68.95 2.24
CA GLU C 312 -35.90 -69.03 3.63
C GLU C 312 -35.55 -67.65 4.19
N LYS C 313 -34.73 -66.89 3.46
CA LYS C 313 -34.37 -65.55 3.92
C LYS C 313 -35.53 -64.59 3.82
N ALA C 314 -36.44 -64.80 2.85
CA ALA C 314 -37.58 -63.90 2.71
C ALA C 314 -38.54 -64.05 3.89
N ALA C 315 -38.82 -65.28 4.31
CA ALA C 315 -39.73 -65.48 5.43
C ALA C 315 -39.11 -65.05 6.74
N CYS C 316 -37.78 -65.05 6.84
CA CYS C 316 -37.13 -64.47 8.01
C CYS C 316 -37.19 -62.95 7.99
N ASP C 317 -36.97 -62.35 6.83
CA ASP C 317 -37.03 -60.89 6.72
C ASP C 317 -38.44 -60.37 6.91
N ILE C 318 -39.45 -61.14 6.49
CA ILE C 318 -40.83 -60.67 6.58
C ILE C 318 -41.30 -60.68 8.04
N VAL C 319 -41.04 -61.78 8.75
CA VAL C 319 -41.43 -61.86 10.16
C VAL C 319 -40.69 -60.80 10.97
N ASN C 320 -39.40 -60.60 10.69
CA ASN C 320 -38.63 -59.58 11.40
C ASN C 320 -39.16 -58.18 11.13
N GLY C 321 -39.49 -57.89 9.87
CA GLY C 321 -40.00 -56.57 9.55
C GLY C 321 -41.39 -56.33 10.12
N CYS C 322 -42.30 -57.28 9.90
CA CYS C 322 -43.68 -57.11 10.35
C CYS C 322 -43.77 -56.96 11.86
N SER C 323 -42.97 -57.73 12.60
CA SER C 323 -43.01 -57.74 14.05
C SER C 323 -42.03 -56.77 14.69
N PHE C 324 -41.41 -55.90 13.91
CA PHE C 324 -40.50 -54.91 14.47
C PHE C 324 -41.31 -53.85 15.21
N ASP C 325 -41.07 -53.73 16.52
CA ASP C 325 -41.81 -52.81 17.39
C ASP C 325 -43.32 -53.01 17.24
N ASN C 326 -43.73 -54.28 17.14
CA ASN C 326 -45.15 -54.66 17.10
C ASN C 326 -45.88 -53.99 15.93
N ASN C 327 -45.22 -53.91 14.78
CA ASN C 327 -45.79 -53.40 13.54
C ASN C 327 -46.15 -51.93 13.62
N LEU C 328 -45.59 -51.20 14.57
CA LEU C 328 -45.77 -49.76 14.71
C LEU C 328 -45.08 -48.95 13.61
N PRO C 329 -43.83 -49.27 13.22
CA PRO C 329 -43.14 -48.43 12.24
C PRO C 329 -43.93 -48.23 10.96
N CYS C 330 -43.79 -47.04 10.37
CA CYS C 330 -44.47 -46.72 9.13
C CYS C 330 -43.99 -47.58 7.97
N VAL C 331 -42.84 -48.25 8.12
CA VAL C 331 -42.29 -49.04 7.04
C VAL C 331 -42.66 -50.52 7.11
N ALA C 332 -43.05 -51.01 8.29
CA ALA C 332 -43.21 -52.45 8.51
C ALA C 332 -44.23 -53.06 7.57
N GLU C 333 -43.93 -54.27 7.09
CA GLU C 333 -44.84 -54.98 6.20
C GLU C 333 -46.21 -55.14 6.85
N LYS C 334 -47.24 -55.21 6.02
CA LYS C 334 -48.61 -55.21 6.51
C LYS C 334 -49.45 -56.28 5.81
N GLU C 335 -49.10 -56.61 4.56
CA GLU C 335 -49.71 -57.74 3.88
C GLU C 335 -48.69 -58.38 2.95
N ILE C 336 -48.85 -59.68 2.72
CA ILE C 336 -48.01 -60.42 1.80
C ILE C 336 -48.79 -60.72 0.54
N ILE C 337 -48.09 -60.76 -0.59
CA ILE C 337 -48.65 -61.15 -1.87
C ILE C 337 -47.70 -62.19 -2.46
N ALA C 338 -48.13 -63.45 -2.45
CA ALA C 338 -47.25 -64.57 -2.76
C ALA C 338 -47.61 -65.17 -4.11
N VAL C 339 -46.60 -65.38 -4.95
CA VAL C 339 -46.79 -66.16 -6.17
C VAL C 339 -47.13 -67.58 -5.78
N ALA C 340 -48.17 -68.13 -6.42
CA ALA C 340 -48.68 -69.45 -6.03
C ALA C 340 -47.61 -70.53 -6.15
N GLN C 341 -46.61 -70.32 -7.01
CA GLN C 341 -45.58 -71.34 -7.21
C GLN C 341 -44.75 -71.58 -5.95
N ILE C 342 -44.63 -70.58 -5.08
CA ILE C 342 -43.80 -70.71 -3.89
C ILE C 342 -44.58 -70.35 -2.63
N ALA C 343 -45.91 -70.22 -2.76
CA ALA C 343 -46.71 -69.73 -1.64
C ALA C 343 -46.70 -70.69 -0.46
N ASP C 344 -46.77 -72.00 -0.72
CA ASP C 344 -46.79 -72.96 0.38
C ASP C 344 -45.44 -73.03 1.08
N TYR C 345 -44.35 -73.12 0.32
CA TYR C 345 -43.03 -73.17 0.93
C TYR C 345 -42.69 -71.87 1.65
N LEU C 346 -43.33 -70.76 1.27
CA LEU C 346 -43.17 -69.52 2.02
C LEU C 346 -43.90 -69.57 3.35
N ILE C 347 -45.08 -70.18 3.37
CA ILE C 347 -45.84 -70.28 4.61
C ILE C 347 -45.14 -71.20 5.60
N PHE C 348 -44.42 -72.21 5.12
CA PHE C 348 -43.68 -73.08 6.02
C PHE C 348 -42.54 -72.32 6.70
N ASN C 349 -41.76 -71.56 5.92
CA ASN C 349 -40.62 -70.86 6.48
C ASN C 349 -41.03 -69.65 7.31
N LEU C 350 -42.22 -69.09 7.07
CA LEU C 350 -42.75 -68.09 7.99
C LEU C 350 -43.01 -68.72 9.36
N LYS C 351 -43.62 -69.91 9.37
CA LYS C 351 -43.83 -70.63 10.63
C LYS C 351 -42.51 -70.91 11.34
N LYS C 352 -41.55 -71.49 10.61
CA LYS C 352 -40.27 -71.82 11.21
C LYS C 352 -39.59 -70.61 11.84
N ASN C 353 -39.90 -69.41 11.37
CA ASN C 353 -39.33 -68.18 11.90
C ASN C 353 -40.30 -67.43 12.81
N GLY C 354 -41.26 -68.13 13.40
CA GLY C 354 -42.09 -67.56 14.44
C GLY C 354 -43.45 -67.05 14.03
N ALA C 355 -43.96 -67.43 12.86
CA ALA C 355 -45.30 -67.05 12.46
C ALA C 355 -46.29 -68.11 12.91
N TYR C 356 -47.41 -67.67 13.48
CA TYR C 356 -48.47 -68.56 13.92
C TYR C 356 -49.62 -68.46 12.90
N GLU C 357 -49.80 -69.51 12.10
CA GLU C 357 -50.87 -69.50 11.11
C GLU C 357 -52.21 -69.82 11.76
N ILE C 358 -53.25 -69.15 11.27
CA ILE C 358 -54.62 -69.41 11.68
C ILE C 358 -55.37 -69.98 10.49
N LYS C 359 -55.87 -71.21 10.64
CA LYS C 359 -56.55 -71.92 9.56
C LYS C 359 -58.05 -72.05 9.78
N ASP C 360 -58.51 -72.19 11.01
CA ASP C 360 -59.94 -72.30 11.28
C ASP C 360 -60.61 -70.97 10.98
N PRO C 361 -61.61 -70.92 10.10
CA PRO C 361 -62.29 -69.64 9.83
C PRO C 361 -62.96 -69.04 11.05
N ALA C 362 -63.33 -69.85 12.04
CA ALA C 362 -63.99 -69.30 13.22
C ALA C 362 -63.00 -68.55 14.11
N VAL C 363 -61.80 -69.11 14.32
CA VAL C 363 -60.80 -68.41 15.11
C VAL C 363 -60.34 -67.16 14.38
N LEU C 364 -60.41 -67.14 13.05
CA LEU C 364 -60.10 -65.92 12.31
C LEU C 364 -61.25 -64.91 12.36
N GLN C 365 -62.48 -65.34 12.60
CA GLN C 365 -63.51 -64.39 12.97
C GLN C 365 -63.13 -63.68 14.27
N GLN C 366 -62.80 -64.47 15.31
CA GLN C 366 -62.61 -63.93 16.65
C GLN C 366 -61.58 -62.80 16.69
N LEU C 367 -60.50 -62.90 15.92
CA LEU C 367 -59.56 -61.78 15.94
C LEU C 367 -60.06 -60.58 15.14
N GLN C 368 -60.95 -60.80 14.17
CA GLN C 368 -61.61 -59.66 13.54
C GLN C 368 -62.48 -58.92 14.55
N ASP C 369 -63.12 -59.65 15.46
CA ASP C 369 -63.93 -59.03 16.50
C ASP C 369 -63.09 -58.15 17.42
N LEU C 370 -61.84 -58.54 17.67
CA LEU C 370 -60.99 -57.85 18.63
C LEU C 370 -60.27 -56.66 18.02
N VAL C 371 -59.57 -56.87 16.91
CA VAL C 371 -58.67 -55.84 16.40
C VAL C 371 -59.44 -54.84 15.53
N LEU C 372 -60.39 -55.32 14.72
CA LEU C 372 -61.26 -54.45 13.95
C LEU C 372 -62.45 -54.08 14.82
N THR C 373 -62.84 -52.81 14.80
CA THR C 373 -63.86 -52.34 15.72
C THR C 373 -65.00 -51.66 14.96
N ALA C 374 -66.08 -51.45 15.70
CA ALA C 374 -67.46 -51.28 15.26
C ALA C 374 -67.67 -50.94 13.79
N LYS C 375 -66.89 -50.02 13.23
CA LYS C 375 -67.17 -49.59 11.86
C LYS C 375 -65.97 -49.69 10.94
N GLY C 376 -65.00 -50.57 11.25
CA GLY C 376 -64.02 -51.00 10.28
C GLY C 376 -62.59 -50.54 10.51
N GLY C 377 -62.31 -49.79 11.57
CA GLY C 377 -60.97 -49.31 11.82
C GLY C 377 -60.31 -50.04 12.97
N PRO C 378 -58.99 -50.25 12.88
CA PRO C 378 -58.27 -50.92 13.98
C PRO C 378 -58.55 -50.22 15.31
N GLN C 379 -58.54 -51.00 16.40
CA GLN C 379 -58.78 -50.42 17.72
C GLN C 379 -57.47 -50.07 18.39
N THR C 380 -57.38 -48.82 18.84
CA THR C 380 -56.18 -48.28 19.46
C THR C 380 -55.66 -49.12 20.63
N LYS C 381 -56.51 -49.93 21.26
CA LYS C 381 -56.04 -50.77 22.36
C LYS C 381 -55.29 -52.00 21.88
N CYS C 382 -55.49 -52.41 20.62
CA CYS C 382 -54.71 -53.51 20.05
C CYS C 382 -53.48 -53.03 19.29
N VAL C 383 -53.50 -51.78 18.81
CA VAL C 383 -52.39 -51.26 18.01
C VAL C 383 -51.12 -51.25 18.84
N GLY C 384 -50.07 -51.90 18.33
CA GLY C 384 -48.80 -51.96 19.01
C GLY C 384 -48.65 -53.08 20.02
N LYS C 385 -49.63 -53.96 20.14
CA LYS C 385 -49.53 -55.11 21.02
C LYS C 385 -48.85 -56.28 20.31
N SER C 386 -48.23 -57.15 21.08
CA SER C 386 -47.52 -58.28 20.51
C SER C 386 -48.49 -59.34 20.00
N ALA C 387 -47.98 -60.24 19.17
CA ALA C 387 -48.80 -61.33 18.66
C ALA C 387 -49.26 -62.25 19.78
N VAL C 388 -48.39 -62.50 20.76
CA VAL C 388 -48.75 -63.31 21.92
C VAL C 388 -49.90 -62.65 22.68
N TRP C 389 -49.82 -61.33 22.86
CA TRP C 389 -50.88 -60.62 23.57
C TRP C 389 -52.20 -60.71 22.80
N LEU C 390 -52.13 -60.68 21.47
CA LEU C 390 -53.34 -60.77 20.66
C LEU C 390 -53.94 -62.17 20.69
N LEU C 391 -53.09 -63.20 20.58
CA LEU C 391 -53.58 -64.57 20.63
C LEU C 391 -54.17 -64.89 21.99
N SER C 392 -53.69 -64.24 23.06
CA SER C 392 -54.26 -64.47 24.38
C SER C 392 -55.66 -63.89 24.51
N GLN C 393 -55.93 -62.75 23.85
CA GLN C 393 -57.24 -62.13 23.93
C GLN C 393 -58.32 -62.98 23.27
N ILE C 394 -57.95 -63.90 22.40
CA ILE C 394 -58.89 -64.87 21.84
C ILE C 394 -58.66 -66.26 22.43
N GLY C 395 -57.97 -66.34 23.56
CA GLY C 395 -57.78 -67.59 24.26
C GLY C 395 -56.84 -68.56 23.61
N ILE C 396 -55.68 -68.09 23.14
CA ILE C 396 -54.64 -68.95 22.56
C ILE C 396 -53.34 -68.61 23.29
N SER C 397 -53.03 -69.38 24.33
CA SER C 397 -51.79 -69.16 25.07
C SER C 397 -50.61 -69.62 24.23
N VAL C 398 -49.60 -68.75 24.10
CA VAL C 398 -48.54 -68.91 23.11
C VAL C 398 -47.22 -68.46 23.72
N ASP C 399 -46.15 -69.20 23.40
CA ASP C 399 -44.81 -68.86 23.83
C ASP C 399 -44.30 -67.63 23.08
N ALA C 400 -43.29 -66.98 23.66
CA ALA C 400 -42.69 -65.80 23.05
C ALA C 400 -41.98 -66.09 21.73
N SER C 401 -41.99 -67.34 21.27
CA SER C 401 -41.41 -67.65 19.96
C SER C 401 -42.20 -66.99 18.84
N ILE C 402 -43.52 -66.94 18.97
CA ILE C 402 -44.37 -66.39 17.93
C ILE C 402 -44.23 -64.88 17.90
N LYS C 403 -43.96 -64.33 16.70
CA LYS C 403 -43.79 -62.90 16.52
C LYS C 403 -44.90 -62.25 15.72
N ILE C 404 -45.57 -63.01 14.83
CA ILE C 404 -46.66 -62.49 14.03
C ILE C 404 -47.78 -63.53 13.99
N ILE C 405 -48.95 -63.07 13.57
CA ILE C 405 -50.12 -63.94 13.33
C ILE C 405 -50.36 -63.95 11.83
N LEU C 406 -50.26 -65.15 11.23
CA LEU C 406 -50.33 -65.32 9.80
C LEU C 406 -51.64 -65.97 9.40
N MET C 407 -52.12 -65.65 8.19
CA MET C 407 -53.31 -66.27 7.65
C MET C 407 -53.35 -66.06 6.13
N GLU C 408 -53.72 -67.12 5.40
CA GLU C 408 -54.00 -67.00 3.99
C GLU C 408 -55.44 -66.54 3.81
N VAL C 409 -55.64 -65.49 3.01
CA VAL C 409 -56.84 -64.67 3.09
C VAL C 409 -57.06 -63.96 1.75
N PRO C 410 -58.30 -63.66 1.35
CA PRO C 410 -58.52 -62.94 0.10
C PRO C 410 -58.13 -61.46 0.21
N ARG C 411 -58.12 -60.81 -0.95
CA ARG C 411 -57.60 -59.45 -1.09
C ARG C 411 -58.55 -58.37 -0.58
N GLU C 412 -59.82 -58.68 -0.34
CA GLU C 412 -60.78 -57.70 0.13
C GLU C 412 -60.92 -57.67 1.65
N HIS C 413 -60.36 -58.65 2.34
CA HIS C 413 -60.45 -58.71 3.79
C HIS C 413 -59.81 -57.49 4.41
N PRO C 414 -60.47 -56.82 5.36
CA PRO C 414 -59.91 -55.62 5.99
C PRO C 414 -58.49 -55.79 6.55
N PHE C 415 -58.08 -57.03 6.84
CA PHE C 415 -56.70 -57.27 7.26
C PHE C 415 -55.71 -56.86 6.17
N VAL C 416 -56.14 -56.81 4.92
CA VAL C 416 -55.26 -56.47 3.80
C VAL C 416 -55.40 -54.99 3.47
N GLN C 417 -56.60 -54.44 3.70
CA GLN C 417 -56.86 -53.05 3.32
C GLN C 417 -56.53 -52.06 4.43
N GLU C 418 -57.04 -52.29 5.64
CA GLU C 418 -56.94 -51.32 6.72
C GLU C 418 -55.59 -51.42 7.43
N GLU C 419 -54.84 -50.32 7.43
CA GLU C 419 -53.53 -50.28 8.10
C GLU C 419 -53.66 -50.67 9.57
N LEU C 420 -53.43 -51.96 9.86
CA LEU C 420 -53.64 -52.45 11.22
C LEU C 420 -52.60 -51.91 12.19
N MET C 421 -51.32 -51.88 11.77
CA MET C 421 -50.21 -51.61 12.67
C MET C 421 -50.16 -52.61 13.81
N MET C 422 -50.40 -53.88 13.49
CA MET C 422 -50.35 -55.00 14.42
C MET C 422 -49.61 -56.15 13.77
N PRO C 423 -48.98 -57.01 14.57
CA PRO C 423 -48.31 -58.19 14.01
C PRO C 423 -49.29 -59.21 13.43
N ILE C 424 -50.29 -58.72 12.70
CA ILE C 424 -51.25 -59.55 11.98
C ILE C 424 -50.96 -59.39 10.50
N LEU C 425 -50.64 -60.50 9.82
CA LEU C 425 -50.04 -60.45 8.49
C LEU C 425 -50.79 -61.39 7.55
N PRO C 426 -51.83 -60.90 6.87
CA PRO C 426 -52.53 -61.73 5.89
C PRO C 426 -51.66 -61.96 4.66
N LEU C 427 -52.00 -63.00 3.92
CA LEU C 427 -51.29 -63.36 2.70
C LEU C 427 -52.29 -63.58 1.58
N VAL C 428 -52.05 -62.95 0.44
CA VAL C 428 -52.88 -63.13 -0.76
C VAL C 428 -52.06 -63.88 -1.79
N ARG C 429 -52.61 -64.99 -2.28
CA ARG C 429 -51.94 -65.83 -3.26
C ARG C 429 -52.39 -65.43 -4.66
N VAL C 430 -51.43 -65.27 -5.57
CA VAL C 430 -51.71 -64.95 -6.96
C VAL C 430 -50.96 -65.92 -7.85
N GLU C 431 -51.39 -65.99 -9.11
CA GLU C 431 -50.81 -66.94 -10.05
C GLU C 431 -49.50 -66.45 -10.62
N THR C 432 -49.39 -65.15 -10.85
CA THR C 432 -48.32 -64.54 -11.61
C THR C 432 -47.56 -63.57 -10.72
N VAL C 433 -46.32 -63.29 -11.09
CA VAL C 433 -45.59 -62.22 -10.42
C VAL C 433 -46.00 -60.87 -11.00
N ASP C 434 -46.50 -60.86 -12.25
CA ASP C 434 -46.73 -59.60 -12.94
C ASP C 434 -47.97 -58.87 -12.42
N ASP C 435 -48.96 -59.57 -11.88
CA ASP C 435 -50.02 -58.88 -11.15
C ASP C 435 -49.97 -59.15 -9.66
N ALA C 436 -49.01 -59.95 -9.18
CA ALA C 436 -48.57 -59.76 -7.80
C ALA C 436 -48.10 -58.33 -7.62
N ILE C 437 -47.41 -57.79 -8.62
CA ILE C 437 -47.02 -56.38 -8.62
C ILE C 437 -48.26 -55.50 -8.70
N ASP C 438 -49.14 -55.78 -9.67
CA ASP C 438 -50.32 -54.93 -9.88
C ASP C 438 -51.24 -54.95 -8.66
N LEU C 439 -51.35 -56.11 -8.00
CA LEU C 439 -52.14 -56.17 -6.77
C LEU C 439 -51.49 -55.36 -5.65
N ALA C 440 -50.17 -55.37 -5.59
CA ALA C 440 -49.47 -54.60 -4.56
C ALA C 440 -49.68 -53.10 -4.76
N ILE C 441 -49.67 -52.64 -6.01
CA ILE C 441 -49.94 -51.23 -6.29
C ILE C 441 -51.37 -50.87 -5.89
N GLU C 442 -52.30 -51.81 -6.03
CA GLU C 442 -53.69 -51.54 -5.70
C GLU C 442 -53.90 -51.45 -4.19
N VAL C 443 -53.35 -52.42 -3.45
CA VAL C 443 -53.51 -52.44 -2.00
C VAL C 443 -52.73 -51.31 -1.34
N GLU C 444 -51.71 -50.78 -2.00
CA GLU C 444 -50.97 -49.64 -1.44
C GLU C 444 -51.85 -48.40 -1.32
N HIS C 445 -52.92 -48.31 -2.11
CA HIS C 445 -53.94 -47.26 -2.01
C HIS C 445 -53.38 -45.87 -2.32
N ASP C 446 -52.53 -45.79 -3.35
CA ASP C 446 -51.90 -44.55 -3.81
C ASP C 446 -51.36 -43.73 -2.65
N ASN C 447 -50.87 -44.39 -1.60
CA ASN C 447 -50.12 -43.68 -0.58
C ASN C 447 -48.71 -43.39 -1.06
N ARG C 448 -48.18 -44.23 -1.95
CA ARG C 448 -46.82 -44.11 -2.47
C ARG C 448 -45.83 -43.90 -1.34
N HIS C 449 -45.99 -44.74 -0.31
CA HIS C 449 -45.18 -44.66 0.89
C HIS C 449 -44.11 -45.76 0.86
N THR C 450 -44.51 -47.00 1.13
CA THR C 450 -43.55 -48.09 1.25
C THR C 450 -44.05 -49.33 0.52
N ALA C 451 -43.12 -50.02 -0.15
CA ALA C 451 -43.38 -51.32 -0.74
C ALA C 451 -42.09 -52.12 -0.70
N ILE C 452 -42.23 -53.44 -0.54
CA ILE C 452 -41.09 -54.34 -0.42
C ILE C 452 -41.27 -55.46 -1.44
N MET C 453 -40.16 -56.02 -1.90
CA MET C 453 -40.18 -57.13 -2.84
C MET C 453 -38.97 -58.01 -2.61
N HIS C 454 -39.18 -59.32 -2.68
CA HIS C 454 -38.12 -60.30 -2.56
C HIS C 454 -37.92 -61.03 -3.88
N SER C 455 -36.67 -61.08 -4.37
CA SER C 455 -36.33 -61.88 -5.55
C SER C 455 -34.85 -61.89 -5.97
N THR C 456 -34.61 -62.52 -7.14
CA THR C 456 -33.32 -62.52 -7.81
C THR C 456 -33.35 -61.89 -9.20
N ASP C 457 -34.52 -61.72 -9.81
CA ASP C 457 -34.58 -61.17 -11.15
C ASP C 457 -34.53 -59.64 -11.10
N VAL C 458 -33.54 -59.06 -11.80
CA VAL C 458 -33.35 -57.61 -11.79
C VAL C 458 -34.50 -56.90 -12.48
N ARG C 459 -35.02 -57.46 -13.55
CA ARG C 459 -36.08 -56.81 -14.31
C ARG C 459 -37.37 -56.74 -13.53
N LYS C 460 -37.60 -57.70 -12.63
CA LYS C 460 -38.84 -57.76 -11.87
C LYS C 460 -38.82 -56.81 -10.70
N LEU C 461 -37.70 -56.78 -9.98
CA LEU C 461 -37.48 -55.74 -8.99
C LEU C 461 -37.55 -54.35 -9.63
N THR C 462 -37.02 -54.21 -10.85
CA THR C 462 -37.13 -52.93 -11.56
C THR C 462 -38.58 -52.61 -11.87
N LYS C 463 -39.34 -53.61 -12.33
CA LYS C 463 -40.71 -53.38 -12.77
C LYS C 463 -41.60 -52.91 -11.62
N MET C 464 -41.50 -53.56 -10.45
CA MET C 464 -42.37 -53.18 -9.35
C MET C 464 -41.92 -51.89 -8.69
N ALA C 465 -40.61 -51.71 -8.53
CA ALA C 465 -40.10 -50.50 -7.89
C ALA C 465 -40.44 -49.25 -8.69
N LYS C 466 -40.55 -49.37 -10.01
CA LYS C 466 -40.83 -48.21 -10.84
C LYS C 466 -42.32 -47.90 -10.91
N LEU C 467 -43.16 -48.93 -10.97
CA LEU C 467 -44.59 -48.72 -11.15
C LEU C 467 -45.29 -48.31 -9.86
N ILE C 468 -44.87 -48.84 -8.71
CA ILE C 468 -45.58 -48.55 -7.48
C ILE C 468 -45.25 -47.16 -6.96
N GLN C 469 -44.07 -46.63 -7.28
CA GLN C 469 -43.71 -45.23 -7.03
C GLN C 469 -43.76 -44.88 -5.55
N THR C 470 -43.34 -45.80 -4.69
CA THR C 470 -43.34 -45.53 -3.27
C THR C 470 -42.11 -44.71 -2.88
N THR C 471 -42.23 -44.00 -1.76
CA THR C 471 -41.12 -43.21 -1.24
C THR C 471 -39.96 -44.12 -0.84
N ILE C 472 -40.26 -45.27 -0.25
CA ILE C 472 -39.26 -46.26 0.12
C ILE C 472 -39.63 -47.58 -0.54
N PHE C 473 -38.68 -48.20 -1.23
CA PHE C 473 -38.85 -49.52 -1.79
C PHE C 473 -37.65 -50.38 -1.39
N VAL C 474 -37.92 -51.47 -0.66
CA VAL C 474 -36.87 -52.32 -0.10
C VAL C 474 -36.83 -53.62 -0.89
N LYS C 475 -35.63 -54.02 -1.31
CA LYS C 475 -35.45 -55.18 -2.16
C LYS C 475 -34.63 -56.23 -1.41
N ASN C 476 -35.23 -57.40 -1.17
CA ASN C 476 -34.55 -58.57 -0.63
C ASN C 476 -34.06 -58.34 0.80
N GLY C 477 -34.91 -57.75 1.64
CA GLY C 477 -34.59 -57.52 3.02
C GLY C 477 -35.81 -57.08 3.81
N PRO C 478 -35.68 -57.00 5.13
CA PRO C 478 -36.79 -56.51 5.95
C PRO C 478 -37.10 -55.05 5.66
N SER C 479 -38.27 -54.61 6.12
CA SER C 479 -38.74 -53.27 5.79
C SER C 479 -37.84 -52.19 6.40
N TYR C 480 -37.41 -52.39 7.65
CA TYR C 480 -36.61 -51.38 8.33
C TYR C 480 -35.24 -51.18 7.68
N ALA C 481 -34.87 -51.99 6.69
CA ALA C 481 -33.66 -51.73 5.93
C ALA C 481 -33.73 -50.40 5.19
N GLY C 482 -34.94 -49.91 4.91
CA GLY C 482 -35.12 -48.58 4.36
C GLY C 482 -34.98 -47.46 5.36
N LEU C 483 -34.68 -47.78 6.63
CA LEU C 483 -34.48 -46.77 7.66
C LEU C 483 -33.03 -46.67 8.09
N GLY C 484 -32.10 -47.20 7.29
CA GLY C 484 -30.71 -47.24 7.68
C GLY C 484 -30.34 -48.38 8.60
N ALA C 485 -31.25 -49.32 8.83
CA ALA C 485 -31.03 -50.47 9.70
C ALA C 485 -31.00 -51.72 8.81
N GLY C 486 -29.81 -52.08 8.35
CA GLY C 486 -29.67 -53.14 7.37
C GLY C 486 -29.66 -52.67 5.94
N GLY C 487 -29.63 -51.35 5.70
CA GLY C 487 -29.53 -50.81 4.37
C GLY C 487 -28.68 -49.56 4.37
N GLU C 488 -28.28 -49.14 3.18
CA GLU C 488 -27.45 -47.97 3.04
C GLU C 488 -28.30 -46.71 3.07
N GLY C 489 -27.68 -45.61 3.51
CA GLY C 489 -28.38 -44.35 3.69
C GLY C 489 -28.45 -43.97 5.16
N TYR C 490 -29.13 -42.85 5.40
CA TYR C 490 -29.25 -42.31 6.75
C TYR C 490 -30.63 -42.66 7.33
N SER C 491 -30.82 -42.28 8.59
CA SER C 491 -31.99 -42.66 9.36
C SER C 491 -32.94 -41.48 9.52
N THR C 492 -34.24 -41.75 9.43
CA THR C 492 -35.25 -40.74 9.69
C THR C 492 -36.52 -41.41 10.21
N PHE C 493 -37.30 -40.64 10.96
CA PHE C 493 -38.62 -41.06 11.42
C PHE C 493 -39.69 -40.09 10.95
N THR C 494 -39.36 -39.18 10.05
CA THR C 494 -40.29 -38.25 9.41
C THR C 494 -40.13 -38.46 7.92
N ILE C 495 -40.92 -39.37 7.36
CA ILE C 495 -40.84 -39.72 5.94
C ILE C 495 -42.00 -39.04 5.23
N ALA C 496 -41.69 -38.04 4.42
CA ALA C 496 -42.70 -37.18 3.80
C ALA C 496 -43.18 -37.83 2.50
N GLY C 497 -44.45 -38.24 2.48
CA GLY C 497 -45.08 -38.74 1.29
C GLY C 497 -45.80 -37.66 0.51
N PRO C 498 -46.84 -37.08 1.11
CA PRO C 498 -47.65 -36.08 0.37
C PRO C 498 -46.86 -34.87 -0.08
N THR C 499 -45.85 -34.46 0.69
CA THR C 499 -45.14 -33.21 0.42
C THR C 499 -43.81 -33.41 -0.30
N GLY C 500 -43.34 -34.64 -0.46
CA GLY C 500 -42.32 -34.97 -1.43
C GLY C 500 -40.88 -34.85 -0.99
N GLU C 501 -40.61 -34.63 0.29
CA GLU C 501 -39.21 -34.50 0.75
C GLU C 501 -38.52 -35.84 0.92
N GLY C 502 -39.28 -36.92 1.08
CA GLY C 502 -38.65 -38.22 1.27
C GLY C 502 -38.21 -38.40 2.69
N LEU C 503 -37.00 -38.94 2.87
CA LEU C 503 -36.43 -39.13 4.21
C LEU C 503 -35.86 -37.80 4.66
N THR C 504 -36.66 -37.07 5.44
CA THR C 504 -36.26 -35.73 5.87
C THR C 504 -34.98 -35.77 6.68
N SER C 505 -34.15 -34.75 6.50
CA SER C 505 -32.92 -34.59 7.26
C SER C 505 -32.74 -33.09 7.50
N ALA C 506 -31.52 -32.68 7.85
CA ALA C 506 -31.27 -31.27 8.14
C ALA C 506 -31.60 -30.38 6.94
N LYS C 507 -31.22 -30.81 5.73
CA LYS C 507 -31.52 -30.03 4.54
C LYS C 507 -33.01 -29.78 4.39
N SER C 508 -33.83 -30.79 4.72
CA SER C 508 -35.27 -30.65 4.61
C SER C 508 -35.81 -29.51 5.47
N PHE C 509 -35.08 -29.12 6.50
CA PHE C 509 -35.51 -28.05 7.41
C PHE C 509 -34.65 -26.80 7.24
N ALA C 510 -34.35 -26.45 5.98
CA ALA C 510 -33.48 -25.32 5.71
C ALA C 510 -33.94 -24.60 4.45
N ARG C 511 -33.61 -23.32 4.37
CA ARG C 511 -33.95 -22.50 3.21
C ARG C 511 -32.78 -22.48 2.23
N ARG C 512 -33.07 -22.71 0.96
CA ARG C 512 -32.05 -22.72 -0.07
C ARG C 512 -31.79 -21.29 -0.54
N ARG C 513 -30.58 -20.79 -0.33
CA ARG C 513 -30.22 -19.42 -0.62
C ARG C 513 -29.06 -19.37 -1.61
N LYS C 514 -29.12 -18.40 -2.51
CA LYS C 514 -28.14 -18.20 -3.56
C LYS C 514 -27.32 -16.94 -3.30
N CYS C 515 -26.05 -16.97 -3.68
CA CYS C 515 -25.14 -15.84 -3.46
C CYS C 515 -24.23 -15.72 -4.67
N VAL C 516 -24.35 -14.61 -5.39
CA VAL C 516 -23.69 -14.42 -6.68
C VAL C 516 -22.61 -13.36 -6.52
N MET C 517 -21.35 -13.78 -6.64
CA MET C 517 -20.22 -12.85 -6.69
C MET C 517 -19.91 -12.60 -8.17
N VAL C 518 -20.44 -11.51 -8.71
CA VAL C 518 -20.37 -11.27 -10.15
C VAL C 518 -18.95 -10.88 -10.54
N GLU C 519 -18.40 -11.60 -11.53
CA GLU C 519 -17.10 -11.28 -12.13
C GLU C 519 -15.98 -11.27 -11.09
N ALA C 520 -16.02 -12.23 -10.18
CA ALA C 520 -14.96 -12.38 -9.19
C ALA C 520 -14.99 -13.80 -8.66
N LEU C 521 -13.89 -14.19 -8.00
CA LEU C 521 -13.73 -15.51 -7.41
C LEU C 521 -13.81 -16.63 -8.45
N ASN C 522 -13.50 -16.31 -9.70
CA ASN C 522 -13.41 -17.31 -10.77
C ASN C 522 -11.94 -17.65 -10.95
N ILE C 523 -11.47 -18.59 -10.11
CA ILE C 523 -10.04 -18.84 -9.97
C ILE C 523 -9.56 -20.02 -10.79
N ARG C 524 -10.43 -20.69 -11.54
CA ARG C 524 -10.00 -21.78 -12.40
C ARG C 524 -9.02 -21.28 -13.45
N SER D 44 -32.49 -73.76 -15.97
CA SER D 44 -33.19 -73.93 -17.24
C SER D 44 -32.23 -73.92 -18.42
N PRO D 45 -32.40 -74.85 -19.35
CA PRO D 45 -31.65 -74.80 -20.61
C PRO D 45 -32.20 -73.77 -21.59
N ASP D 46 -33.31 -73.13 -21.22
CA ASP D 46 -34.02 -72.17 -22.04
C ASP D 46 -33.61 -70.73 -21.77
N GLY D 47 -33.12 -70.45 -20.58
CA GLY D 47 -32.94 -69.08 -20.14
C GLY D 47 -34.22 -68.53 -19.54
N LYS D 48 -34.34 -67.21 -19.56
CA LYS D 48 -35.53 -66.52 -19.12
C LYS D 48 -36.14 -65.76 -20.29
N SER D 49 -37.36 -65.26 -20.07
CA SER D 49 -38.08 -64.53 -21.10
C SER D 49 -38.09 -63.03 -20.80
N VAL D 86 -1.36 -17.87 -41.06
CA VAL D 86 -2.05 -18.63 -40.04
C VAL D 86 -1.66 -20.11 -40.16
N SER D 87 -1.41 -20.74 -39.02
CA SER D 87 -0.95 -22.13 -39.02
C SER D 87 -2.11 -23.08 -39.31
N ASP D 88 -1.79 -24.16 -40.02
CA ASP D 88 -2.76 -25.24 -40.25
C ASP D 88 -2.73 -26.29 -39.15
N GLY D 89 -1.77 -26.22 -38.24
CA GLY D 89 -1.67 -27.12 -37.12
C GLY D 89 -0.62 -28.21 -37.26
N VAL D 90 -0.14 -28.47 -38.46
CA VAL D 90 0.76 -29.58 -38.72
C VAL D 90 2.17 -29.05 -38.94
N PHE D 91 3.12 -29.64 -38.23
CA PHE D 91 4.52 -29.21 -38.26
C PHE D 91 5.40 -30.35 -38.76
N GLU D 92 6.48 -29.98 -39.47
CA GLU D 92 7.36 -31.01 -40.02
C GLU D 92 8.20 -31.65 -38.93
N THR D 93 8.56 -30.91 -37.89
CA THR D 93 9.34 -31.41 -36.78
C THR D 93 8.47 -31.53 -35.54
N MET D 94 8.84 -32.46 -34.66
CA MET D 94 8.08 -32.65 -33.43
C MET D 94 8.27 -31.49 -32.48
N ASP D 95 9.50 -31.01 -32.34
CA ASP D 95 9.80 -29.97 -31.35
C ASP D 95 9.02 -28.70 -31.63
N ALA D 96 8.99 -28.25 -32.89
CA ALA D 96 8.23 -27.04 -33.22
C ALA D 96 6.75 -27.20 -32.91
N ALA D 97 6.21 -28.42 -33.07
CA ALA D 97 4.82 -28.65 -32.69
C ALA D 97 4.62 -28.44 -31.20
N VAL D 98 5.61 -28.83 -30.39
CA VAL D 98 5.51 -28.61 -28.95
C VAL D 98 5.69 -27.13 -28.61
N GLU D 99 6.69 -26.49 -29.22
CA GLU D 99 6.93 -25.07 -28.97
C GLU D 99 5.74 -24.23 -29.40
N ALA D 100 5.09 -24.62 -30.49
CA ALA D 100 3.88 -23.92 -30.92
C ALA D 100 2.72 -24.22 -29.97
N ALA D 101 2.66 -25.45 -29.47
CA ALA D 101 1.59 -25.80 -28.54
C ALA D 101 1.80 -25.14 -27.18
N ALA D 102 3.05 -24.89 -26.80
CA ALA D 102 3.32 -24.18 -25.55
C ALA D 102 2.93 -22.71 -25.67
N LEU D 103 3.28 -22.08 -26.79
CA LEU D 103 2.83 -20.71 -27.04
C LEU D 103 1.31 -20.63 -27.05
N ALA D 104 0.66 -21.66 -27.59
CA ALA D 104 -0.80 -21.70 -27.59
C ALA D 104 -1.36 -21.80 -26.18
N GLN D 105 -0.60 -22.42 -25.26
CA GLN D 105 -1.05 -22.50 -23.88
C GLN D 105 -1.00 -21.13 -23.21
N GLN D 106 0.09 -20.39 -23.44
CA GLN D 106 0.21 -19.03 -22.91
C GLN D 106 -1.01 -18.20 -23.27
N GLN D 107 -1.41 -18.22 -24.55
CA GLN D 107 -2.52 -17.39 -25.00
C GLN D 107 -3.87 -17.95 -24.59
N TYR D 108 -3.99 -19.28 -24.50
CA TYR D 108 -5.25 -19.89 -24.10
C TYR D 108 -5.63 -19.51 -22.68
N LEU D 109 -4.65 -19.30 -21.81
CA LEU D 109 -4.92 -18.88 -20.43
C LEU D 109 -5.60 -17.52 -20.36
N LEU D 110 -5.48 -16.70 -21.41
CA LEU D 110 -6.12 -15.41 -21.46
C LEU D 110 -7.52 -15.46 -22.06
N CYS D 111 -8.00 -16.63 -22.44
CA CYS D 111 -9.31 -16.79 -23.05
C CYS D 111 -10.33 -17.21 -21.99
N SER D 112 -11.57 -16.77 -22.19
CA SER D 112 -12.63 -16.99 -21.23
C SER D 112 -13.16 -18.42 -21.32
N MET D 113 -14.02 -18.78 -20.37
CA MET D 113 -14.73 -20.05 -20.46
C MET D 113 -15.67 -20.09 -21.65
N SER D 114 -16.21 -18.93 -22.04
CA SER D 114 -17.08 -18.87 -23.22
C SER D 114 -16.28 -19.10 -24.48
N ASP D 115 -15.05 -18.58 -24.55
CA ASP D 115 -14.17 -18.92 -25.66
C ASP D 115 -13.90 -20.41 -25.71
N ARG D 116 -13.56 -21.01 -24.57
CA ARG D 116 -13.41 -22.46 -24.51
C ARG D 116 -14.67 -23.17 -24.99
N ALA D 117 -15.83 -22.69 -24.55
CA ALA D 117 -17.09 -23.31 -24.96
C ALA D 117 -17.31 -23.19 -26.45
N ARG D 118 -16.95 -22.04 -27.04
CA ARG D 118 -17.10 -21.87 -28.48
C ARG D 118 -16.09 -22.69 -29.25
N PHE D 119 -14.91 -22.95 -28.67
CA PHE D 119 -13.91 -23.76 -29.35
C PHE D 119 -14.24 -25.25 -29.25
N VAL D 120 -14.73 -25.70 -28.09
CA VAL D 120 -15.24 -27.05 -27.97
C VAL D 120 -16.42 -27.25 -28.91
N GLN D 121 -17.35 -26.28 -28.94
CA GLN D 121 -18.46 -26.35 -29.88
C GLN D 121 -17.97 -26.29 -31.32
N GLY D 122 -16.81 -25.68 -31.55
CA GLY D 122 -16.24 -25.70 -32.89
C GLY D 122 -15.85 -27.10 -33.33
N ILE D 123 -15.12 -27.82 -32.47
CA ILE D 123 -14.73 -29.20 -32.77
C ILE D 123 -15.96 -30.05 -33.03
N ARG D 124 -17.01 -29.88 -32.22
CA ARG D 124 -18.20 -30.70 -32.38
C ARG D 124 -18.82 -30.54 -33.76
N ASP D 125 -18.86 -29.31 -34.27
CA ASP D 125 -19.38 -29.08 -35.62
C ASP D 125 -18.47 -29.71 -36.66
N VAL D 126 -17.16 -29.79 -36.38
CA VAL D 126 -16.22 -30.34 -37.36
C VAL D 126 -16.58 -31.78 -37.69
N ILE D 127 -16.92 -32.58 -36.68
CA ILE D 127 -17.18 -33.99 -36.93
C ILE D 127 -18.66 -34.27 -37.17
N LEU D 128 -19.56 -33.49 -36.57
CA LEU D 128 -20.99 -33.73 -36.73
C LEU D 128 -21.57 -33.10 -37.99
N ASN D 129 -20.78 -32.33 -38.73
CA ASN D 129 -21.18 -31.89 -40.06
C ASN D 129 -21.26 -33.12 -40.97
N GLN D 130 -22.44 -33.34 -41.56
CA GLN D 130 -22.73 -34.65 -42.16
C GLN D 130 -21.75 -34.99 -43.26
N ASP D 131 -21.33 -34.00 -44.06
CA ASP D 131 -20.46 -34.29 -45.19
C ASP D 131 -19.10 -34.79 -44.72
N THR D 132 -18.44 -34.04 -43.83
CA THR D 132 -17.17 -34.50 -43.28
C THR D 132 -17.36 -35.74 -42.41
N LEU D 133 -18.54 -35.90 -41.82
CA LEU D 133 -18.80 -37.09 -41.01
C LEU D 133 -18.74 -38.36 -41.86
N GLU D 134 -19.44 -38.35 -43.00
CA GLU D 134 -19.28 -39.45 -43.96
C GLU D 134 -17.84 -39.52 -44.44
N LYS D 135 -17.26 -38.36 -44.69
CA LYS D 135 -15.93 -38.27 -45.26
C LYS D 135 -14.89 -38.88 -44.34
N MET D 136 -14.92 -38.49 -43.05
CA MET D 136 -13.98 -39.03 -42.09
C MET D 136 -14.13 -40.54 -41.87
N SER D 137 -15.30 -41.10 -42.17
CA SER D 137 -15.53 -42.51 -41.90
C SER D 137 -14.95 -43.40 -42.98
N ARG D 138 -14.98 -42.97 -44.25
CA ARG D 138 -14.45 -43.80 -45.33
C ARG D 138 -12.93 -43.79 -45.35
N MET D 139 -12.36 -42.62 -45.08
CA MET D 139 -10.92 -42.49 -44.87
C MET D 139 -10.35 -43.61 -44.02
N ALA D 140 -10.77 -43.66 -42.75
CA ALA D 140 -10.19 -44.58 -41.78
C ALA D 140 -10.24 -46.01 -42.29
N VAL D 141 -11.32 -46.37 -42.99
CA VAL D 141 -11.40 -47.69 -43.59
C VAL D 141 -10.41 -47.81 -44.75
N GLU D 142 -10.29 -46.76 -45.56
CA GLU D 142 -9.41 -46.83 -46.73
C GLU D 142 -7.94 -46.80 -46.31
N GLU D 143 -7.58 -45.94 -45.36
CA GLU D 143 -6.18 -45.79 -44.98
C GLU D 143 -5.71 -46.91 -44.07
N THR D 144 -6.54 -47.31 -43.10
CA THR D 144 -6.15 -48.35 -42.16
C THR D 144 -6.49 -49.75 -42.65
N GLY D 145 -7.51 -49.88 -43.50
CA GLY D 145 -8.03 -51.18 -43.85
C GLY D 145 -8.83 -51.84 -42.76
N MET D 146 -9.23 -51.09 -41.73
CA MET D 146 -9.84 -51.64 -40.54
C MET D 146 -11.21 -51.02 -40.30
N GLY D 147 -12.11 -51.83 -39.76
CA GLY D 147 -13.45 -51.38 -39.43
C GLY D 147 -14.38 -51.36 -40.63
N ASN D 148 -15.59 -50.88 -40.37
CA ASN D 148 -16.58 -50.66 -41.43
C ASN D 148 -17.08 -49.22 -41.35
N TYR D 149 -17.67 -48.78 -42.45
CA TYR D 149 -17.99 -47.36 -42.62
C TYR D 149 -19.19 -46.93 -41.79
N GLU D 150 -20.27 -47.73 -41.81
CA GLU D 150 -21.49 -47.33 -41.13
C GLU D 150 -21.32 -47.27 -39.61
N HIS D 151 -20.53 -48.18 -39.06
CA HIS D 151 -20.34 -48.18 -37.61
C HIS D 151 -19.41 -47.05 -37.18
N LYS D 152 -18.40 -46.73 -38.01
CA LYS D 152 -17.56 -45.57 -37.72
C LYS D 152 -18.37 -44.29 -37.83
N LEU D 153 -19.38 -44.27 -38.71
CA LEU D 153 -20.34 -43.16 -38.74
C LEU D 153 -21.03 -43.00 -37.39
N ILE D 154 -21.16 -44.10 -36.64
CA ILE D 154 -21.79 -44.07 -35.32
C ILE D 154 -20.78 -43.68 -34.24
N LYS D 155 -19.53 -44.10 -34.38
CA LYS D 155 -18.52 -43.79 -33.38
C LYS D 155 -18.08 -42.32 -33.47
N ASN D 156 -17.97 -41.79 -34.68
CA ASN D 156 -17.60 -40.39 -34.85
C ASN D 156 -18.70 -39.47 -34.33
N ARG D 157 -19.96 -39.83 -34.55
CA ARG D 157 -21.06 -39.05 -34.00
C ARG D 157 -21.12 -39.18 -32.49
N LEU D 158 -20.82 -40.37 -31.96
CA LEU D 158 -20.86 -40.59 -30.52
C LEU D 158 -19.79 -39.78 -29.79
N ALA D 159 -18.63 -39.57 -30.42
CA ALA D 159 -17.60 -38.73 -29.81
C ALA D 159 -17.97 -37.25 -29.94
N GLY D 160 -18.59 -36.87 -31.05
CA GLY D 160 -18.95 -35.47 -31.24
C GLY D 160 -20.10 -35.03 -30.36
N GLU D 161 -20.97 -35.96 -29.98
CA GLU D 161 -22.17 -35.66 -29.19
C GLU D 161 -21.99 -35.92 -27.70
N LYS D 162 -21.44 -37.07 -27.33
CA LYS D 162 -21.45 -37.54 -25.95
C LYS D 162 -20.14 -37.34 -25.21
N THR D 163 -19.20 -36.61 -25.79
CA THR D 163 -17.97 -36.28 -25.06
C THR D 163 -18.24 -35.05 -24.18
N PRO D 164 -17.88 -35.07 -22.90
CA PRO D 164 -18.17 -33.93 -22.03
C PRO D 164 -17.38 -32.69 -22.44
N GLY D 165 -18.03 -31.53 -22.31
CA GLY D 165 -17.43 -30.25 -22.57
C GLY D 165 -16.97 -29.56 -21.30
N ILE D 166 -17.06 -28.22 -21.30
CA ILE D 166 -16.63 -27.46 -20.13
C ILE D 166 -17.55 -27.65 -18.94
N GLU D 167 -18.74 -28.24 -19.13
CA GLU D 167 -19.58 -28.58 -18.00
C GLU D 167 -19.00 -29.71 -17.17
N ASP D 168 -17.99 -30.41 -17.68
CA ASP D 168 -17.29 -31.42 -16.90
C ASP D 168 -16.45 -30.80 -15.79
N LEU D 169 -16.08 -29.52 -15.93
CA LEU D 169 -15.30 -28.81 -14.92
C LEU D 169 -16.24 -28.28 -13.85
N THR D 170 -16.55 -29.14 -12.88
CA THR D 170 -17.39 -28.75 -11.75
C THR D 170 -16.53 -28.19 -10.61
N THR D 171 -17.21 -27.69 -9.58
CA THR D 171 -16.57 -27.02 -8.45
C THR D 171 -17.08 -27.58 -7.14
N ASP D 172 -16.15 -27.92 -6.24
CA ASP D 172 -16.49 -28.29 -4.87
C ASP D 172 -16.33 -27.07 -3.97
N ALA D 173 -17.18 -26.99 -2.95
CA ALA D 173 -17.20 -25.85 -2.04
C ALA D 173 -17.43 -26.34 -0.61
N PHE D 174 -16.70 -25.74 0.33
CA PHE D 174 -16.82 -26.09 1.74
C PHE D 174 -16.87 -24.81 2.56
N SER D 175 -17.94 -24.64 3.33
CA SER D 175 -18.24 -23.40 4.03
C SER D 175 -18.54 -23.70 5.48
N GLY D 176 -17.91 -22.95 6.38
CA GLY D 176 -18.11 -23.13 7.81
C GLY D 176 -17.64 -21.96 8.64
N ASP D 177 -17.02 -22.24 9.79
CA ASP D 177 -16.54 -21.17 10.66
C ASP D 177 -15.23 -20.58 10.15
N ASN D 178 -14.42 -21.37 9.46
CA ASN D 178 -13.13 -20.93 8.96
C ASN D 178 -13.22 -20.29 7.58
N GLY D 179 -14.42 -20.08 7.06
CA GLY D 179 -14.59 -19.39 5.80
C GLY D 179 -15.09 -20.26 4.67
N LEU D 180 -14.42 -20.17 3.53
CA LEU D 180 -14.83 -20.86 2.30
C LEU D 180 -13.60 -21.46 1.64
N THR D 181 -13.72 -22.71 1.20
CA THR D 181 -12.68 -23.36 0.42
C THR D 181 -13.31 -23.90 -0.85
N LEU D 182 -12.71 -23.55 -2.00
CA LEU D 182 -13.12 -24.04 -3.30
C LEU D 182 -12.05 -24.97 -3.83
N VAL D 183 -12.46 -26.02 -4.56
CA VAL D 183 -11.52 -26.87 -5.27
C VAL D 183 -11.95 -26.94 -6.73
N GLU D 184 -10.97 -26.70 -7.61
CA GLU D 184 -11.20 -26.43 -9.02
C GLU D 184 -10.34 -27.33 -9.87
N TYR D 185 -10.83 -27.64 -11.07
CA TYR D 185 -10.03 -28.31 -12.08
C TYR D 185 -9.36 -27.26 -12.97
N SER D 186 -8.04 -27.21 -12.96
CA SER D 186 -7.29 -26.22 -13.71
C SER D 186 -6.42 -26.88 -14.77
N PRO D 187 -6.03 -26.14 -15.82
CA PRO D 187 -5.29 -26.76 -16.92
C PRO D 187 -3.95 -27.33 -16.48
N PHE D 188 -3.43 -28.24 -17.29
CA PHE D 188 -2.11 -28.82 -17.07
C PHE D 188 -1.02 -28.09 -17.84
N GLY D 189 -1.35 -27.60 -19.03
CA GLY D 189 -0.37 -27.03 -19.93
C GLY D 189 -0.44 -27.70 -21.29
N VAL D 190 0.71 -28.10 -21.82
CA VAL D 190 0.75 -28.83 -23.08
C VAL D 190 0.63 -30.32 -22.77
N ILE D 191 -0.28 -30.99 -23.47
CA ILE D 191 -0.49 -32.42 -23.33
C ILE D 191 -0.07 -33.09 -24.62
N GLY D 192 0.66 -34.21 -24.49
CA GLY D 192 0.99 -35.05 -25.62
C GLY D 192 0.08 -36.24 -25.66
N ALA D 193 -0.65 -36.37 -26.77
CA ALA D 193 -1.64 -37.44 -26.94
C ALA D 193 -1.20 -38.37 -28.05
N ILE D 194 -1.17 -39.66 -27.74
CA ILE D 194 -0.80 -40.70 -28.70
C ILE D 194 -2.05 -41.52 -28.99
N THR D 195 -2.49 -41.50 -30.25
CA THR D 195 -3.75 -42.10 -30.68
C THR D 195 -3.50 -43.42 -31.40
N PRO D 196 -4.51 -44.30 -31.46
CA PRO D 196 -4.32 -45.58 -32.15
C PRO D 196 -4.85 -45.55 -33.58
N THR D 197 -4.61 -46.63 -34.33
CA THR D 197 -5.14 -46.75 -35.68
C THR D 197 -6.56 -47.30 -35.70
N THR D 198 -7.03 -47.89 -34.59
CA THR D 198 -8.36 -48.46 -34.56
C THR D 198 -9.44 -47.40 -34.37
N ASN D 199 -9.12 -46.30 -33.69
CA ASN D 199 -10.05 -45.19 -33.48
C ASN D 199 -9.32 -43.88 -33.73
N PRO D 200 -8.94 -43.61 -34.98
CA PRO D 200 -8.03 -42.50 -35.26
C PRO D 200 -8.69 -41.14 -35.09
N THR D 201 -9.87 -40.96 -35.68
CA THR D 201 -10.57 -39.69 -35.61
C THR D 201 -11.45 -39.57 -34.38
N GLU D 202 -11.93 -40.70 -33.84
CA GLU D 202 -12.74 -40.63 -32.62
C GLU D 202 -11.91 -40.17 -31.43
N THR D 203 -10.65 -40.58 -31.38
CA THR D 203 -9.80 -40.18 -30.26
C THR D 203 -9.33 -38.74 -30.40
N ILE D 204 -9.14 -38.26 -31.63
CA ILE D 204 -8.79 -36.85 -31.82
C ILE D 204 -9.95 -35.95 -31.40
N VAL D 205 -11.17 -36.31 -31.81
CA VAL D 205 -12.34 -35.57 -31.37
C VAL D 205 -12.45 -35.59 -29.85
N CYS D 206 -12.37 -36.78 -29.26
CA CYS D 206 -12.64 -36.94 -27.84
C CYS D 206 -11.52 -36.31 -27.00
N ASN D 207 -10.26 -36.56 -27.35
CA ASN D 207 -9.16 -35.93 -26.62
C ASN D 207 -9.25 -34.42 -26.66
N SER D 208 -9.42 -33.86 -27.87
CA SER D 208 -9.37 -32.41 -28.04
C SER D 208 -10.47 -31.73 -27.25
N ILE D 209 -11.70 -32.27 -27.32
CA ILE D 209 -12.83 -31.66 -26.63
C ILE D 209 -12.52 -31.50 -25.15
N GLY D 210 -12.18 -32.61 -24.48
CA GLY D 210 -11.94 -32.55 -23.05
C GLY D 210 -10.67 -31.81 -22.68
N MET D 211 -9.60 -32.03 -23.45
CA MET D 211 -8.33 -31.36 -23.16
C MET D 211 -8.45 -29.85 -23.35
N LEU D 212 -9.10 -29.41 -24.43
CA LEU D 212 -9.26 -27.98 -24.65
C LEU D 212 -10.28 -27.39 -23.67
N ALA D 213 -11.34 -28.14 -23.36
CA ALA D 213 -12.30 -27.67 -22.37
C ALA D 213 -11.62 -27.41 -21.03
N ALA D 214 -10.74 -28.33 -20.62
CA ALA D 214 -9.96 -28.13 -19.40
C ALA D 214 -8.93 -27.01 -19.52
N GLY D 215 -8.82 -26.37 -20.69
CA GLY D 215 -7.93 -25.25 -20.84
C GLY D 215 -6.54 -25.59 -21.28
N ASN D 216 -6.34 -26.73 -21.95
CA ASN D 216 -5.02 -27.16 -22.36
C ASN D 216 -4.87 -27.04 -23.87
N SER D 217 -3.64 -27.25 -24.33
CA SER D 217 -3.35 -27.52 -25.73
C SER D 217 -2.85 -28.94 -25.85
N VAL D 218 -3.08 -29.56 -27.00
CA VAL D 218 -2.79 -30.98 -27.19
C VAL D 218 -1.91 -31.14 -28.42
N VAL D 219 -0.85 -31.92 -28.28
CA VAL D 219 -0.03 -32.37 -29.39
C VAL D 219 -0.39 -33.81 -29.68
N PHE D 220 -0.70 -34.11 -30.94
CA PHE D 220 -1.11 -35.45 -31.34
C PHE D 220 0.02 -36.15 -32.08
N SER D 221 0.29 -37.40 -31.71
CA SER D 221 1.23 -38.27 -32.40
C SER D 221 0.44 -39.45 -32.94
N PRO D 222 -0.14 -39.32 -34.13
CA PRO D 222 -1.02 -40.38 -34.63
C PRO D 222 -0.25 -41.62 -35.05
N HIS D 223 -0.99 -42.70 -35.24
CA HIS D 223 -0.42 -43.92 -35.77
C HIS D 223 -0.16 -43.75 -37.27
N PRO D 224 1.00 -44.18 -37.76
CA PRO D 224 1.31 -43.98 -39.19
C PRO D 224 0.27 -44.55 -40.14
N ARG D 225 -0.39 -45.65 -39.76
CA ARG D 225 -1.36 -46.30 -40.65
C ARG D 225 -2.51 -45.37 -40.98
N ALA D 226 -2.95 -44.58 -40.01
CA ALA D 226 -4.04 -43.61 -40.20
C ALA D 226 -3.51 -42.19 -40.26
N ARG D 227 -2.43 -41.97 -41.02
CA ARG D 227 -1.78 -40.67 -41.05
C ARG D 227 -2.70 -39.61 -41.65
N GLN D 228 -3.16 -39.82 -42.88
CA GLN D 228 -3.81 -38.75 -43.63
C GLN D 228 -5.16 -38.39 -43.04
N VAL D 229 -5.91 -39.37 -42.54
CA VAL D 229 -7.21 -39.06 -41.95
C VAL D 229 -7.04 -38.25 -40.68
N SER D 230 -5.99 -38.54 -39.91
CA SER D 230 -5.72 -37.76 -38.71
C SER D 230 -5.20 -36.37 -39.06
N LEU D 231 -4.24 -36.29 -39.99
CA LEU D 231 -3.73 -35.01 -40.45
C LEU D 231 -4.86 -34.14 -41.00
N LEU D 232 -5.81 -34.74 -41.69
CA LEU D 232 -6.89 -33.98 -42.29
C LEU D 232 -7.80 -33.40 -41.22
N LEU D 233 -8.17 -34.20 -40.23
CA LEU D 233 -9.08 -33.74 -39.18
C LEU D 233 -8.47 -32.60 -38.39
N VAL D 234 -7.17 -32.66 -38.11
CA VAL D 234 -6.51 -31.61 -37.34
C VAL D 234 -6.48 -30.30 -38.12
N ARG D 235 -6.51 -30.37 -39.46
CA ARG D 235 -6.51 -29.14 -40.26
C ARG D 235 -7.87 -28.47 -40.24
N LEU D 236 -8.94 -29.24 -40.42
CA LEU D 236 -10.29 -28.67 -40.29
C LEU D 236 -10.51 -28.12 -38.89
N ILE D 237 -9.88 -28.73 -37.89
CA ILE D 237 -9.98 -28.23 -36.52
C ILE D 237 -9.28 -26.89 -36.39
N ASN D 238 -8.04 -26.80 -36.87
CA ASN D 238 -7.31 -25.53 -36.81
C ASN D 238 -7.96 -24.45 -37.66
N GLN D 239 -8.73 -24.83 -38.68
CA GLN D 239 -9.43 -23.85 -39.49
C GLN D 239 -10.67 -23.32 -38.76
N LYS D 240 -11.46 -24.20 -38.17
CA LYS D 240 -12.64 -23.75 -37.43
C LYS D 240 -12.23 -22.87 -36.25
N LEU D 241 -11.32 -23.35 -35.42
CA LEU D 241 -10.89 -22.59 -34.25
C LEU D 241 -10.34 -21.22 -34.64
N ALA D 242 -9.54 -21.17 -35.72
CA ALA D 242 -9.06 -19.88 -36.21
C ALA D 242 -10.22 -18.96 -36.58
N ALA D 243 -11.17 -19.47 -37.36
CA ALA D 243 -12.36 -18.71 -37.72
C ALA D 243 -13.12 -18.23 -36.49
N LEU D 244 -12.95 -18.90 -35.36
CA LEU D 244 -13.60 -18.53 -34.11
C LEU D 244 -12.73 -17.65 -33.22
N GLY D 245 -11.55 -17.25 -33.70
CA GLY D 245 -10.70 -16.37 -32.92
C GLY D 245 -9.88 -17.07 -31.85
N ALA D 246 -9.59 -18.34 -32.03
CA ALA D 246 -8.77 -19.07 -31.06
C ALA D 246 -7.29 -18.83 -31.32
N PRO D 247 -6.48 -18.85 -30.28
CA PRO D 247 -5.02 -18.81 -30.48
C PRO D 247 -4.59 -19.93 -31.41
N GLU D 248 -3.62 -19.64 -32.26
CA GLU D 248 -3.15 -20.63 -33.22
C GLU D 248 -2.50 -21.81 -32.49
N ASN D 249 -2.51 -22.95 -33.17
CA ASN D 249 -1.81 -24.15 -32.72
C ASN D 249 -2.38 -24.68 -31.40
N LEU D 250 -3.68 -24.45 -31.16
CA LEU D 250 -4.32 -25.01 -29.99
C LEU D 250 -4.35 -26.54 -30.05
N VAL D 251 -4.45 -27.09 -31.25
CA VAL D 251 -4.37 -28.53 -31.49
C VAL D 251 -3.39 -28.74 -32.62
N VAL D 252 -2.27 -29.42 -32.33
CA VAL D 252 -1.17 -29.56 -33.28
C VAL D 252 -0.83 -31.04 -33.47
N THR D 253 -0.01 -31.30 -34.49
CA THR D 253 0.49 -32.63 -34.79
C THR D 253 1.74 -32.48 -35.66
N VAL D 254 2.27 -33.61 -36.11
CA VAL D 254 3.45 -33.63 -36.95
C VAL D 254 3.04 -33.96 -38.39
N GLU D 255 3.95 -33.68 -39.32
CA GLU D 255 3.68 -33.95 -40.72
C GLU D 255 3.86 -35.43 -41.05
N LYS D 256 4.86 -36.07 -40.44
CA LYS D 256 5.08 -37.51 -40.60
C LYS D 256 5.02 -38.16 -39.22
N PRO D 257 3.91 -38.80 -38.87
CA PRO D 257 3.86 -39.53 -37.60
C PRO D 257 4.82 -40.71 -37.61
N SER D 258 5.49 -40.93 -36.48
CA SER D 258 6.43 -42.03 -36.34
C SER D 258 6.65 -42.32 -34.87
N ILE D 259 7.20 -43.51 -34.60
CA ILE D 259 7.57 -43.86 -33.23
C ILE D 259 8.68 -42.94 -32.73
N GLU D 260 9.55 -42.48 -33.61
CA GLU D 260 10.60 -41.55 -33.21
C GLU D 260 10.01 -40.22 -32.73
N ASN D 261 9.07 -39.68 -33.49
CA ASN D 261 8.39 -38.46 -33.06
C ASN D 261 7.59 -38.67 -31.78
N THR D 262 7.18 -39.90 -31.50
CA THR D 262 6.56 -40.19 -30.22
C THR D 262 7.56 -40.09 -29.08
N ASN D 263 8.73 -40.73 -29.23
CA ASN D 263 9.77 -40.61 -28.21
C ASN D 263 10.25 -39.18 -28.08
N ALA D 264 10.23 -38.42 -29.17
CA ALA D 264 10.62 -37.00 -29.10
C ALA D 264 9.63 -36.22 -28.25
N MET D 265 8.34 -36.50 -28.39
CA MET D 265 7.33 -35.84 -27.55
C MET D 265 7.46 -36.28 -26.10
N MET D 266 7.74 -37.56 -25.86
CA MET D 266 7.83 -38.06 -24.50
C MET D 266 8.98 -37.42 -23.73
N ALA D 267 10.01 -36.95 -24.43
CA ALA D 267 11.20 -36.42 -23.78
C ALA D 267 11.23 -34.89 -23.72
N HIS D 268 10.29 -34.23 -24.37
CA HIS D 268 10.31 -32.77 -24.41
C HIS D 268 9.88 -32.21 -23.06
N PRO D 269 10.67 -31.32 -22.45
CA PRO D 269 10.33 -30.82 -21.11
C PRO D 269 9.07 -29.97 -21.06
N LYS D 270 8.65 -29.37 -22.18
CA LYS D 270 7.47 -28.52 -22.18
C LYS D 270 6.18 -29.32 -22.14
N VAL D 271 6.21 -30.59 -22.51
CA VAL D 271 5.03 -31.44 -22.41
C VAL D 271 4.80 -31.78 -20.94
N ARG D 272 3.68 -31.32 -20.39
CA ARG D 272 3.42 -31.51 -18.97
C ARG D 272 2.72 -32.82 -18.66
N MET D 273 1.84 -33.31 -19.54
CA MET D 273 1.18 -34.59 -19.34
C MET D 273 1.22 -35.40 -20.63
N LEU D 274 1.19 -36.72 -20.48
CA LEU D 274 1.09 -37.65 -21.59
C LEU D 274 -0.21 -38.43 -21.47
N VAL D 275 -0.83 -38.71 -22.60
CA VAL D 275 -1.99 -39.59 -22.66
C VAL D 275 -1.74 -40.63 -23.75
N ALA D 276 -1.70 -41.90 -23.36
CA ALA D 276 -1.44 -42.99 -24.28
C ALA D 276 -2.69 -43.84 -24.41
N THR D 277 -3.11 -44.08 -25.66
CA THR D 277 -4.27 -44.91 -25.98
C THR D 277 -3.80 -45.96 -26.98
N GLY D 278 -3.34 -47.09 -26.48
CA GLY D 278 -2.80 -48.12 -27.35
C GLY D 278 -2.45 -49.36 -26.58
N GLY D 279 -1.52 -50.15 -27.14
CA GLY D 279 -1.19 -51.43 -26.60
C GLY D 279 -0.41 -51.33 -25.30
N PRO D 280 0.01 -52.47 -24.77
CA PRO D 280 0.72 -52.47 -23.48
C PRO D 280 2.10 -51.85 -23.56
N ALA D 281 2.75 -51.85 -24.73
CA ALA D 281 4.09 -51.30 -24.82
C ALA D 281 4.08 -49.78 -24.79
N ILE D 282 3.12 -49.15 -25.47
CA ILE D 282 3.06 -47.69 -25.48
C ILE D 282 2.66 -47.17 -24.11
N VAL D 283 1.79 -47.89 -23.40
CA VAL D 283 1.41 -47.48 -22.04
C VAL D 283 2.58 -47.68 -21.08
N LYS D 284 3.40 -48.71 -21.32
CA LYS D 284 4.59 -48.90 -20.50
C LYS D 284 5.60 -47.78 -20.69
N ALA D 285 5.63 -47.18 -21.88
CA ALA D 285 6.62 -46.15 -22.17
C ALA D 285 6.27 -44.83 -21.50
N VAL D 286 5.03 -44.36 -21.68
CA VAL D 286 4.62 -43.06 -21.14
C VAL D 286 4.76 -42.99 -19.63
N LEU D 287 4.71 -44.13 -18.95
CA LEU D 287 4.84 -44.18 -17.49
C LEU D 287 6.29 -44.26 -17.03
N SER D 288 7.25 -44.23 -17.95
CA SER D 288 8.66 -44.29 -17.62
C SER D 288 9.44 -43.08 -18.14
N THR D 289 8.75 -41.97 -18.38
CA THR D 289 9.37 -40.79 -18.99
C THR D 289 9.68 -39.69 -17.99
N GLY D 290 9.16 -39.77 -16.76
CA GLY D 290 9.29 -38.69 -15.81
C GLY D 290 8.19 -37.66 -15.86
N LYS D 291 7.08 -37.96 -16.53
CA LYS D 291 5.94 -37.07 -16.63
C LYS D 291 4.68 -37.77 -16.13
N LYS D 292 3.70 -36.97 -15.74
CA LYS D 292 2.36 -37.48 -15.50
C LYS D 292 1.81 -38.08 -16.79
N ALA D 293 1.23 -39.27 -16.69
CA ALA D 293 0.78 -39.99 -17.87
C ALA D 293 -0.53 -40.73 -17.59
N ILE D 294 -1.43 -40.68 -18.56
CA ILE D 294 -2.68 -41.44 -18.53
C ILE D 294 -2.53 -42.59 -19.51
N GLY D 295 -2.50 -43.81 -18.98
CA GLY D 295 -2.30 -44.99 -19.82
C GLY D 295 -3.56 -45.79 -20.08
N ALA D 296 -4.14 -45.63 -21.26
CA ALA D 296 -5.30 -46.41 -21.69
C ALA D 296 -4.79 -47.59 -22.49
N GLY D 297 -4.65 -48.73 -21.82
CA GLY D 297 -4.07 -49.93 -22.42
C GLY D 297 -5.08 -50.79 -23.14
N ALA D 298 -4.67 -52.03 -23.39
CA ALA D 298 -5.46 -52.97 -24.18
C ALA D 298 -6.46 -53.73 -23.31
N GLY D 299 -7.38 -54.43 -23.98
CA GLY D 299 -8.35 -55.24 -23.30
C GLY D 299 -8.45 -56.61 -23.94
N ASN D 300 -9.18 -57.49 -23.27
CA ASN D 300 -9.50 -58.81 -23.79
C ASN D 300 -10.81 -59.26 -23.13
N PRO D 301 -11.92 -58.58 -23.40
CA PRO D 301 -13.12 -58.74 -22.56
C PRO D 301 -13.85 -60.04 -22.84
N PRO D 302 -14.07 -60.84 -21.81
CA PRO D 302 -14.96 -61.99 -21.94
C PRO D 302 -16.41 -61.59 -21.70
N VAL D 303 -17.32 -62.41 -22.23
CA VAL D 303 -18.75 -62.21 -22.02
C VAL D 303 -19.32 -63.51 -21.46
N VAL D 304 -19.84 -63.43 -20.23
CA VAL D 304 -20.33 -64.59 -19.50
C VAL D 304 -21.84 -64.65 -19.64
N VAL D 305 -22.35 -65.83 -20.00
CA VAL D 305 -23.78 -66.07 -20.08
C VAL D 305 -24.08 -67.28 -19.20
N ASP D 306 -24.91 -67.09 -18.17
CA ASP D 306 -25.30 -68.17 -17.30
C ASP D 306 -26.74 -68.59 -17.60
N GLU D 307 -27.20 -69.64 -16.90
CA GLU D 307 -28.48 -70.26 -17.22
C GLU D 307 -29.67 -69.34 -16.94
N THR D 308 -29.47 -68.28 -16.16
CA THR D 308 -30.56 -67.35 -15.85
C THR D 308 -30.66 -66.19 -16.84
N ALA D 309 -29.78 -66.15 -17.84
CA ALA D 309 -29.79 -65.02 -18.77
C ALA D 309 -30.94 -65.13 -19.75
N ASN D 310 -31.29 -63.97 -20.32
CA ASN D 310 -32.20 -63.91 -21.48
C ASN D 310 -31.37 -64.28 -22.70
N ILE D 311 -31.43 -65.57 -23.06
CA ILE D 311 -30.52 -66.11 -24.09
C ILE D 311 -30.79 -65.46 -25.44
N GLU D 312 -32.06 -65.24 -25.78
CA GLU D 312 -32.38 -64.57 -27.03
C GLU D 312 -31.73 -63.20 -27.11
N LYS D 313 -31.99 -62.36 -26.10
CA LYS D 313 -31.36 -61.05 -26.05
C LYS D 313 -29.85 -61.16 -25.91
N ALA D 314 -29.38 -62.18 -25.18
CA ALA D 314 -27.94 -62.37 -25.00
C ALA D 314 -27.25 -62.53 -26.35
N ALA D 315 -27.76 -63.42 -27.19
CA ALA D 315 -27.10 -63.70 -28.47
C ALA D 315 -27.14 -62.48 -29.39
N CYS D 316 -28.23 -61.72 -29.37
CA CYS D 316 -28.30 -60.53 -30.22
C CYS D 316 -27.31 -59.47 -29.75
N ASP D 317 -27.20 -59.27 -28.44
CA ASP D 317 -26.25 -58.29 -27.92
C ASP D 317 -24.81 -58.71 -28.20
N ILE D 318 -24.52 -60.01 -28.07
CA ILE D 318 -23.14 -60.48 -28.24
C ILE D 318 -22.69 -60.34 -29.69
N VAL D 319 -23.59 -60.61 -30.64
CA VAL D 319 -23.23 -60.51 -32.05
C VAL D 319 -23.14 -59.05 -32.48
N ASN D 320 -24.06 -58.21 -31.99
CA ASN D 320 -23.99 -56.79 -32.28
C ASN D 320 -22.76 -56.14 -31.66
N GLY D 321 -22.45 -56.51 -30.42
CA GLY D 321 -21.31 -55.91 -29.74
C GLY D 321 -19.98 -56.37 -30.30
N CYS D 322 -19.87 -57.65 -30.65
CA CYS D 322 -18.62 -58.18 -31.18
C CYS D 322 -18.33 -57.61 -32.56
N SER D 323 -19.33 -57.61 -33.44
CA SER D 323 -19.14 -57.15 -34.81
C SER D 323 -19.10 -55.63 -34.94
N PHE D 324 -19.35 -54.90 -33.85
CA PHE D 324 -19.34 -53.44 -33.91
C PHE D 324 -17.99 -52.94 -34.38
N ASP D 325 -18.00 -52.18 -35.48
CA ASP D 325 -16.80 -51.73 -36.18
C ASP D 325 -15.80 -52.87 -36.35
N ASN D 326 -16.31 -54.05 -36.70
CA ASN D 326 -15.48 -55.22 -36.97
C ASN D 326 -14.52 -55.52 -35.82
N ASN D 327 -15.04 -55.39 -34.60
CA ASN D 327 -14.37 -55.81 -33.37
C ASN D 327 -13.17 -54.94 -33.03
N LEU D 328 -12.97 -53.84 -33.75
CA LEU D 328 -11.91 -52.89 -33.39
C LEU D 328 -12.01 -52.35 -31.97
N PRO D 329 -13.19 -51.97 -31.45
CA PRO D 329 -13.23 -51.36 -30.11
C PRO D 329 -12.58 -52.22 -29.05
N CYS D 330 -11.88 -51.55 -28.12
CA CYS D 330 -11.30 -52.23 -26.97
C CYS D 330 -12.36 -52.82 -26.05
N VAL D 331 -13.62 -52.47 -26.25
CA VAL D 331 -14.71 -52.91 -25.39
C VAL D 331 -15.42 -54.10 -26.01
N ALA D 332 -15.35 -54.20 -27.34
CA ALA D 332 -16.10 -55.22 -28.07
C ALA D 332 -15.77 -56.62 -27.58
N GLU D 333 -16.77 -57.50 -27.64
CA GLU D 333 -16.62 -58.87 -27.15
C GLU D 333 -15.50 -59.59 -27.89
N LYS D 334 -14.73 -60.40 -27.15
CA LYS D 334 -13.62 -61.14 -27.72
C LYS D 334 -13.71 -62.64 -27.49
N GLU D 335 -14.37 -63.09 -26.42
CA GLU D 335 -14.53 -64.52 -26.18
C GLU D 335 -15.72 -64.76 -25.26
N ILE D 336 -16.47 -65.83 -25.54
CA ILE D 336 -17.66 -66.18 -24.78
C ILE D 336 -17.31 -67.26 -23.77
N ILE D 337 -17.81 -67.11 -22.55
CA ILE D 337 -17.70 -68.14 -21.51
C ILE D 337 -19.12 -68.46 -21.07
N ALA D 338 -19.65 -69.59 -21.54
CA ALA D 338 -21.05 -69.93 -21.40
C ALA D 338 -21.21 -71.15 -20.50
N VAL D 339 -22.13 -71.05 -19.54
CA VAL D 339 -22.48 -72.21 -18.73
C VAL D 339 -22.99 -73.32 -19.63
N ALA D 340 -22.61 -74.56 -19.33
CA ALA D 340 -22.87 -75.69 -20.23
C ALA D 340 -24.35 -75.92 -20.45
N GLN D 341 -25.19 -75.56 -19.48
CA GLN D 341 -26.61 -75.89 -19.57
C GLN D 341 -27.28 -75.13 -20.71
N ILE D 342 -26.86 -73.89 -20.97
CA ILE D 342 -27.48 -73.05 -21.99
C ILE D 342 -26.57 -72.77 -23.17
N ALA D 343 -25.39 -73.39 -23.23
CA ALA D 343 -24.42 -73.02 -24.26
C ALA D 343 -24.91 -73.39 -25.66
N ASP D 344 -25.60 -74.52 -25.79
CA ASP D 344 -26.05 -74.96 -27.12
C ASP D 344 -27.19 -74.09 -27.63
N TYR D 345 -28.18 -73.82 -26.76
CA TYR D 345 -29.26 -72.92 -27.15
C TYR D 345 -28.72 -71.52 -27.47
N LEU D 346 -27.69 -71.09 -26.74
CA LEU D 346 -27.05 -69.81 -27.02
C LEU D 346 -26.47 -69.79 -28.43
N ILE D 347 -25.78 -70.87 -28.82
CA ILE D 347 -25.16 -70.94 -30.13
C ILE D 347 -26.22 -70.86 -31.23
N PHE D 348 -27.37 -71.51 -31.02
CA PHE D 348 -28.45 -71.44 -32.01
C PHE D 348 -28.90 -70.00 -32.22
N ASN D 349 -29.10 -69.26 -31.13
CA ASN D 349 -29.51 -67.87 -31.24
C ASN D 349 -28.37 -66.96 -31.71
N LEU D 350 -27.13 -67.40 -31.57
CA LEU D 350 -26.03 -66.67 -32.19
C LEU D 350 -26.05 -66.86 -33.70
N LYS D 351 -26.21 -68.10 -34.16
CA LYS D 351 -26.41 -68.36 -35.58
C LYS D 351 -27.65 -67.64 -36.10
N LYS D 352 -28.70 -67.61 -35.28
CA LYS D 352 -29.94 -66.95 -35.68
C LYS D 352 -29.73 -65.46 -35.95
N ASN D 353 -28.74 -64.86 -35.29
CA ASN D 353 -28.48 -63.42 -35.43
C ASN D 353 -27.26 -63.13 -36.29
N GLY D 354 -26.77 -64.10 -37.05
CA GLY D 354 -25.71 -63.85 -38.00
C GLY D 354 -24.33 -64.32 -37.62
N ALA D 355 -24.22 -65.37 -36.80
CA ALA D 355 -22.93 -65.96 -36.46
C ALA D 355 -22.68 -67.17 -37.35
N TYR D 356 -21.50 -67.21 -37.96
CA TYR D 356 -21.08 -68.36 -38.76
C TYR D 356 -20.36 -69.35 -37.85
N GLU D 357 -20.94 -70.53 -37.66
CA GLU D 357 -20.37 -71.52 -36.77
C GLU D 357 -19.43 -72.44 -37.54
N ILE D 358 -18.22 -72.61 -37.01
CA ILE D 358 -17.21 -73.48 -37.61
C ILE D 358 -17.13 -74.75 -36.77
N LYS D 359 -17.55 -75.87 -37.35
CA LYS D 359 -17.51 -77.17 -36.68
C LYS D 359 -16.36 -78.05 -37.18
N ASP D 360 -16.09 -78.05 -38.48
CA ASP D 360 -15.03 -78.86 -39.05
C ASP D 360 -13.69 -78.46 -38.44
N PRO D 361 -12.96 -79.40 -37.82
CA PRO D 361 -11.62 -79.07 -37.28
C PRO D 361 -10.67 -78.49 -38.30
N ALA D 362 -10.81 -78.85 -39.59
CA ALA D 362 -9.82 -78.46 -40.59
C ALA D 362 -9.98 -76.99 -40.98
N VAL D 363 -11.20 -76.57 -41.32
CA VAL D 363 -11.40 -75.20 -41.78
C VAL D 363 -11.10 -74.20 -40.67
N LEU D 364 -11.29 -74.61 -39.41
CA LEU D 364 -10.87 -73.77 -38.29
C LEU D 364 -9.36 -73.54 -38.32
N GLN D 365 -8.60 -74.54 -38.77
CA GLN D 365 -7.16 -74.35 -38.93
C GLN D 365 -6.84 -73.33 -40.01
N GLN D 366 -7.66 -73.25 -41.06
CA GLN D 366 -7.41 -72.28 -42.13
C GLN D 366 -7.50 -70.86 -41.60
N LEU D 367 -8.57 -70.56 -40.84
CA LEU D 367 -8.73 -69.23 -40.28
C LEU D 367 -7.60 -68.90 -39.33
N GLN D 368 -7.19 -69.86 -38.50
CA GLN D 368 -6.11 -69.62 -37.54
C GLN D 368 -4.77 -69.40 -38.23
N ASP D 369 -4.53 -70.12 -39.34
CA ASP D 369 -3.33 -69.87 -40.12
C ASP D 369 -3.37 -68.51 -40.80
N LEU D 370 -4.56 -68.05 -41.18
CA LEU D 370 -4.71 -66.74 -41.80
C LEU D 370 -4.63 -65.62 -40.78
N VAL D 371 -5.25 -65.80 -39.61
CA VAL D 371 -5.45 -64.71 -38.67
C VAL D 371 -4.23 -64.49 -37.77
N LEU D 372 -3.46 -65.53 -37.49
CA LEU D 372 -2.35 -65.44 -36.56
C LEU D 372 -1.02 -65.32 -37.30
N THR D 373 -0.10 -64.57 -36.70
CA THR D 373 1.24 -64.40 -37.24
C THR D 373 2.19 -65.41 -36.63
N ALA D 374 3.47 -65.31 -37.00
CA ALA D 374 4.48 -66.18 -36.41
C ALA D 374 4.60 -65.96 -34.91
N LYS D 375 4.41 -64.72 -34.45
CA LYS D 375 4.52 -64.37 -33.05
C LYS D 375 3.22 -64.58 -32.28
N GLY D 376 2.27 -65.31 -32.86
CA GLY D 376 1.02 -65.62 -32.20
C GLY D 376 0.02 -64.47 -32.10
N GLY D 377 0.36 -63.30 -32.61
CA GLY D 377 -0.52 -62.16 -32.54
C GLY D 377 -1.43 -62.04 -33.74
N PRO D 378 -2.37 -61.10 -33.69
CA PRO D 378 -3.31 -60.92 -34.80
C PRO D 378 -2.61 -60.46 -36.07
N GLN D 379 -3.24 -60.76 -37.21
CA GLN D 379 -2.73 -60.32 -38.49
C GLN D 379 -3.14 -58.88 -38.76
N THR D 380 -2.15 -58.03 -39.06
CA THR D 380 -2.43 -56.64 -39.35
C THR D 380 -3.36 -56.50 -40.55
N LYS D 381 -3.12 -57.29 -41.61
CA LYS D 381 -3.94 -57.21 -42.80
C LYS D 381 -5.36 -57.71 -42.58
N CYS D 382 -5.59 -58.45 -41.49
CA CYS D 382 -6.92 -58.98 -41.19
C CYS D 382 -7.65 -58.20 -40.09
N VAL D 383 -6.92 -57.45 -39.26
CA VAL D 383 -7.55 -56.71 -38.17
C VAL D 383 -8.59 -55.76 -38.73
N GLY D 384 -9.78 -55.77 -38.13
CA GLY D 384 -10.86 -54.91 -38.56
C GLY D 384 -11.51 -55.28 -39.88
N LYS D 385 -11.12 -56.39 -40.48
CA LYS D 385 -11.80 -56.86 -41.68
C LYS D 385 -13.11 -57.53 -41.31
N SER D 386 -14.06 -57.52 -42.24
CA SER D 386 -15.39 -58.05 -41.93
C SER D 386 -15.36 -59.57 -41.84
N ALA D 387 -16.40 -60.12 -41.21
CA ALA D 387 -16.54 -61.57 -41.14
C ALA D 387 -16.68 -62.17 -42.53
N VAL D 388 -17.34 -61.44 -43.43
CA VAL D 388 -17.48 -61.92 -44.81
C VAL D 388 -16.13 -61.87 -45.52
N TRP D 389 -15.31 -60.87 -45.22
CA TRP D 389 -13.98 -60.79 -45.83
C TRP D 389 -13.09 -61.91 -45.33
N LEU D 390 -13.15 -62.22 -44.03
CA LEU D 390 -12.31 -63.27 -43.48
C LEU D 390 -12.71 -64.64 -43.99
N LEU D 391 -14.02 -64.89 -44.11
CA LEU D 391 -14.49 -66.18 -44.60
C LEU D 391 -14.17 -66.38 -46.08
N SER D 392 -14.09 -65.29 -46.84
CA SER D 392 -13.75 -65.41 -48.26
C SER D 392 -12.32 -65.91 -48.45
N GLN D 393 -11.42 -65.50 -47.55
CA GLN D 393 -10.01 -65.86 -47.72
C GLN D 393 -9.74 -67.33 -47.44
N ILE D 394 -10.64 -68.00 -46.73
CA ILE D 394 -10.54 -69.45 -46.53
C ILE D 394 -11.47 -70.21 -47.48
N GLY D 395 -11.96 -69.54 -48.52
CA GLY D 395 -12.75 -70.21 -49.54
C GLY D 395 -14.21 -70.42 -49.22
N ILE D 396 -14.79 -69.59 -48.34
CA ILE D 396 -16.19 -69.72 -47.94
C ILE D 396 -16.89 -68.42 -48.29
N SER D 397 -17.83 -68.50 -49.24
CA SER D 397 -18.60 -67.34 -49.67
C SER D 397 -19.92 -67.29 -48.91
N VAL D 398 -20.17 -66.18 -48.23
CA VAL D 398 -21.40 -65.98 -47.48
C VAL D 398 -21.96 -64.61 -47.81
N ASP D 399 -23.25 -64.44 -47.55
CA ASP D 399 -23.92 -63.17 -47.79
C ASP D 399 -23.59 -62.19 -46.67
N ALA D 400 -24.19 -61.00 -46.74
CA ALA D 400 -23.88 -59.93 -45.80
C ALA D 400 -24.64 -60.03 -44.48
N SER D 401 -25.48 -61.05 -44.30
CA SER D 401 -26.18 -61.21 -43.02
C SER D 401 -25.28 -61.76 -41.93
N ILE D 402 -24.14 -62.34 -42.28
CA ILE D 402 -23.22 -62.91 -41.30
C ILE D 402 -22.31 -61.79 -40.79
N LYS D 403 -22.30 -61.61 -39.47
CA LYS D 403 -21.57 -60.52 -38.83
C LYS D 403 -20.32 -60.96 -38.09
N ILE D 404 -20.33 -62.14 -37.48
CA ILE D 404 -19.19 -62.66 -36.74
C ILE D 404 -18.91 -64.08 -37.21
N ILE D 405 -17.90 -64.69 -36.58
CA ILE D 405 -17.53 -66.09 -36.81
C ILE D 405 -17.46 -66.77 -35.46
N LEU D 406 -18.13 -67.92 -35.32
CA LEU D 406 -18.27 -68.59 -34.04
C LEU D 406 -17.63 -69.98 -34.09
N MET D 407 -16.82 -70.29 -33.08
CA MET D 407 -16.29 -71.62 -32.88
C MET D 407 -16.27 -71.92 -31.39
N GLU D 408 -16.60 -73.16 -31.03
CA GLU D 408 -16.50 -73.61 -29.65
C GLU D 408 -15.14 -74.30 -29.47
N VAL D 409 -14.29 -73.71 -28.63
CA VAL D 409 -12.90 -74.16 -28.50
C VAL D 409 -12.53 -74.21 -27.02
N PRO D 410 -11.47 -74.94 -26.69
CA PRO D 410 -10.95 -74.91 -25.32
C PRO D 410 -10.46 -73.51 -24.93
N ARG D 411 -10.22 -73.35 -23.63
CA ARG D 411 -9.88 -72.03 -23.09
C ARG D 411 -8.51 -71.57 -23.53
N GLU D 412 -7.57 -72.49 -23.77
CA GLU D 412 -6.21 -72.12 -24.12
C GLU D 412 -6.05 -71.82 -25.61
N HIS D 413 -7.12 -71.93 -26.40
CA HIS D 413 -7.06 -71.65 -27.82
C HIS D 413 -6.59 -70.20 -28.03
N PRO D 414 -5.74 -69.95 -29.04
CA PRO D 414 -5.20 -68.59 -29.20
C PRO D 414 -6.26 -67.52 -29.36
N PHE D 415 -7.36 -67.82 -30.08
CA PHE D 415 -8.40 -66.82 -30.29
C PHE D 415 -8.98 -66.33 -28.97
N VAL D 416 -8.91 -67.16 -27.92
CA VAL D 416 -9.31 -66.73 -26.59
C VAL D 416 -8.23 -65.89 -25.94
N GLN D 417 -6.97 -66.31 -26.08
CA GLN D 417 -5.86 -65.66 -25.38
C GLN D 417 -5.42 -64.37 -26.05
N GLU D 418 -5.74 -64.17 -27.32
CA GLU D 418 -5.29 -63.01 -28.07
C GLU D 418 -6.43 -62.02 -28.27
N GLU D 419 -6.08 -60.74 -28.38
CA GLU D 419 -7.03 -59.68 -28.73
C GLU D 419 -7.01 -59.53 -30.24
N LEU D 420 -7.81 -60.37 -30.90
CA LEU D 420 -7.77 -60.44 -32.36
C LEU D 420 -8.23 -59.13 -33.00
N MET D 421 -9.19 -58.46 -32.39
CA MET D 421 -9.83 -57.28 -32.98
C MET D 421 -10.43 -57.61 -34.34
N MET D 422 -11.00 -58.81 -34.45
CA MET D 422 -11.63 -59.31 -35.66
C MET D 422 -12.99 -59.89 -35.30
N PRO D 423 -13.92 -59.94 -36.25
CA PRO D 423 -15.26 -60.50 -35.96
C PRO D 423 -15.21 -62.01 -35.79
N ILE D 424 -14.27 -62.49 -34.99
CA ILE D 424 -14.09 -63.91 -34.72
C ILE D 424 -14.33 -64.10 -33.23
N LEU D 425 -15.27 -64.98 -32.90
CA LEU D 425 -15.76 -65.12 -31.53
C LEU D 425 -15.62 -66.56 -31.07
N PRO D 426 -14.65 -66.87 -30.22
CA PRO D 426 -14.61 -68.19 -29.60
C PRO D 426 -15.57 -68.29 -28.42
N LEU D 427 -16.03 -69.51 -28.18
CA LEU D 427 -16.90 -69.82 -27.05
C LEU D 427 -16.26 -70.94 -26.24
N VAL D 428 -16.14 -70.72 -24.93
CA VAL D 428 -15.66 -71.74 -24.01
C VAL D 428 -16.80 -72.11 -23.08
N ARG D 429 -17.10 -73.40 -22.99
CA ARG D 429 -18.20 -73.91 -22.20
C ARG D 429 -17.68 -74.34 -20.82
N VAL D 430 -18.38 -73.91 -19.77
CA VAL D 430 -17.99 -74.23 -18.40
C VAL D 430 -19.20 -74.83 -17.67
N GLU D 431 -18.89 -75.58 -16.61
CA GLU D 431 -19.92 -76.29 -15.85
C GLU D 431 -20.88 -75.32 -15.17
N THR D 432 -20.39 -74.58 -14.18
CA THR D 432 -21.22 -73.67 -13.40
C THR D 432 -20.87 -72.23 -13.72
N VAL D 433 -21.70 -71.31 -13.20
CA VAL D 433 -21.43 -69.90 -13.37
C VAL D 433 -20.24 -69.47 -12.52
N ASP D 434 -20.01 -70.16 -11.39
CA ASP D 434 -18.80 -69.91 -10.61
C ASP D 434 -17.56 -70.13 -11.46
N ASP D 435 -17.53 -71.23 -12.20
CA ASP D 435 -16.41 -71.49 -13.11
C ASP D 435 -16.31 -70.41 -14.18
N ALA D 436 -17.46 -69.89 -14.63
CA ALA D 436 -17.45 -68.85 -15.66
C ALA D 436 -16.83 -67.56 -15.15
N ILE D 437 -17.23 -67.13 -13.95
CA ILE D 437 -16.67 -65.91 -13.38
C ILE D 437 -15.17 -66.05 -13.17
N ASP D 438 -14.72 -67.24 -12.77
CA ASP D 438 -13.30 -67.44 -12.51
C ASP D 438 -12.49 -67.45 -13.80
N LEU D 439 -12.96 -68.16 -14.83
CA LEU D 439 -12.23 -68.19 -16.09
C LEU D 439 -12.20 -66.82 -16.74
N ALA D 440 -13.31 -66.07 -16.65
CA ALA D 440 -13.32 -64.70 -17.16
C ALA D 440 -12.26 -63.85 -16.46
N ILE D 441 -12.11 -64.01 -15.15
CA ILE D 441 -11.01 -63.37 -14.43
C ILE D 441 -9.67 -63.85 -15.00
N GLU D 442 -9.58 -65.15 -15.29
CA GLU D 442 -8.34 -65.71 -15.82
C GLU D 442 -8.09 -65.27 -17.25
N VAL D 443 -9.14 -65.10 -18.04
CA VAL D 443 -8.97 -64.70 -19.44
C VAL D 443 -8.69 -63.21 -19.55
N GLU D 444 -9.20 -62.41 -18.61
CA GLU D 444 -9.02 -60.95 -18.67
C GLU D 444 -7.55 -60.56 -18.77
N HIS D 445 -6.65 -61.41 -18.28
CA HIS D 445 -5.20 -61.18 -18.35
C HIS D 445 -4.78 -59.95 -17.55
N ASP D 446 -5.50 -59.65 -16.46
CA ASP D 446 -5.20 -58.52 -15.59
C ASP D 446 -5.22 -57.19 -16.34
N ASN D 447 -5.86 -57.14 -17.50
CA ASN D 447 -6.03 -55.86 -18.18
C ASN D 447 -6.91 -54.92 -17.38
N ARG D 448 -7.82 -55.48 -16.58
CA ARG D 448 -8.74 -54.70 -15.75
C ARG D 448 -9.52 -53.69 -16.59
N HIS D 449 -9.92 -54.11 -17.79
CA HIS D 449 -10.51 -53.18 -18.74
C HIS D 449 -12.02 -53.39 -18.87
N THR D 450 -12.45 -54.32 -19.72
CA THR D 450 -13.87 -54.56 -19.96
C THR D 450 -14.21 -56.01 -19.66
N ALA D 451 -15.40 -56.21 -19.10
CA ALA D 451 -16.00 -57.53 -18.95
C ALA D 451 -17.50 -57.39 -19.09
N ILE D 452 -18.13 -58.39 -19.70
CA ILE D 452 -19.58 -58.39 -19.90
C ILE D 452 -20.14 -59.68 -19.32
N MET D 453 -21.36 -59.60 -18.80
CA MET D 453 -22.07 -60.79 -18.36
C MET D 453 -23.56 -60.60 -18.58
N HIS D 454 -24.17 -61.54 -19.29
CA HIS D 454 -25.62 -61.60 -19.41
C HIS D 454 -26.13 -62.54 -18.32
N SER D 455 -26.90 -61.97 -17.39
CA SER D 455 -27.44 -62.72 -16.27
C SER D 455 -28.58 -61.93 -15.68
N THR D 456 -29.38 -62.64 -14.88
CA THR D 456 -30.59 -62.08 -14.29
C THR D 456 -30.55 -62.03 -12.78
N ASP D 457 -29.77 -62.91 -12.13
CA ASP D 457 -29.64 -62.93 -10.68
C ASP D 457 -28.75 -61.78 -10.21
N VAL D 458 -29.28 -60.97 -9.28
CA VAL D 458 -28.52 -59.84 -8.75
C VAL D 458 -27.25 -60.30 -8.06
N ARG D 459 -27.26 -61.49 -7.48
CA ARG D 459 -26.13 -61.97 -6.69
C ARG D 459 -24.97 -62.38 -7.59
N LYS D 460 -25.26 -62.98 -8.75
CA LYS D 460 -24.20 -63.36 -9.68
C LYS D 460 -23.68 -62.14 -10.44
N LEU D 461 -24.56 -61.21 -10.79
CA LEU D 461 -24.11 -59.94 -11.36
C LEU D 461 -23.19 -59.22 -10.40
N THR D 462 -23.57 -59.16 -9.11
CA THR D 462 -22.75 -58.52 -8.09
C THR D 462 -21.44 -59.26 -7.88
N LYS D 463 -21.45 -60.59 -7.99
CA LYS D 463 -20.27 -61.37 -7.71
C LYS D 463 -19.17 -61.12 -8.73
N MET D 464 -19.50 -61.21 -10.02
CA MET D 464 -18.49 -61.04 -11.06
C MET D 464 -18.10 -59.58 -11.25
N ALA D 465 -19.03 -58.65 -11.04
CA ALA D 465 -18.67 -57.23 -11.10
C ALA D 465 -17.62 -56.90 -10.04
N LYS D 466 -17.91 -57.25 -8.78
CA LYS D 466 -17.00 -56.94 -7.69
C LYS D 466 -15.67 -57.69 -7.82
N LEU D 467 -15.68 -58.87 -8.43
CA LEU D 467 -14.50 -59.72 -8.44
C LEU D 467 -13.54 -59.43 -9.60
N ILE D 468 -14.07 -59.15 -10.79
CA ILE D 468 -13.20 -59.01 -11.95
C ILE D 468 -12.53 -57.64 -12.00
N GLN D 469 -13.13 -56.63 -11.35
CA GLN D 469 -12.48 -55.34 -11.10
C GLN D 469 -12.12 -54.59 -12.38
N THR D 470 -12.88 -54.79 -13.44
CA THR D 470 -12.59 -54.14 -14.70
C THR D 470 -12.98 -52.66 -14.64
N THR D 471 -12.40 -51.87 -15.55
CA THR D 471 -12.75 -50.46 -15.64
C THR D 471 -14.21 -50.29 -16.04
N ILE D 472 -14.68 -51.14 -16.95
CA ILE D 472 -16.07 -51.12 -17.41
C ILE D 472 -16.62 -52.53 -17.28
N PHE D 473 -17.83 -52.65 -16.73
CA PHE D 473 -18.53 -53.93 -16.63
C PHE D 473 -19.95 -53.72 -17.11
N VAL D 474 -20.35 -54.47 -18.14
CA VAL D 474 -21.66 -54.32 -18.77
C VAL D 474 -22.52 -55.52 -18.42
N LYS D 475 -23.80 -55.25 -18.15
CA LYS D 475 -24.77 -56.28 -17.77
C LYS D 475 -25.93 -56.28 -18.76
N ASN D 476 -26.21 -57.45 -19.34
CA ASN D 476 -27.43 -57.66 -20.12
C ASN D 476 -27.56 -56.64 -21.27
N GLY D 477 -26.44 -56.39 -21.95
CA GLY D 477 -26.42 -55.48 -23.06
C GLY D 477 -25.21 -55.68 -23.94
N PRO D 478 -25.11 -54.90 -25.01
CA PRO D 478 -23.92 -54.97 -25.86
C PRO D 478 -22.76 -54.22 -25.24
N SER D 479 -21.55 -54.57 -25.69
CA SER D 479 -20.34 -54.00 -25.10
C SER D 479 -20.31 -52.49 -25.24
N TYR D 480 -20.82 -51.95 -26.34
CA TYR D 480 -20.77 -50.51 -26.55
C TYR D 480 -21.72 -49.74 -25.64
N ALA D 481 -22.42 -50.41 -24.71
CA ALA D 481 -23.14 -49.70 -23.68
C ALA D 481 -22.20 -49.07 -22.65
N GLY D 482 -20.98 -49.57 -22.54
CA GLY D 482 -19.94 -48.95 -21.75
C GLY D 482 -19.31 -47.74 -22.37
N LEU D 483 -19.73 -47.39 -23.59
CA LEU D 483 -19.28 -46.19 -24.27
C LEU D 483 -20.36 -45.12 -24.34
N GLY D 484 -21.53 -45.38 -23.77
CA GLY D 484 -22.66 -44.47 -23.90
C GLY D 484 -23.58 -44.77 -25.07
N ALA D 485 -23.29 -45.81 -25.85
CA ALA D 485 -24.17 -46.23 -26.94
C ALA D 485 -25.10 -47.31 -26.40
N GLY D 486 -26.33 -46.92 -26.08
CA GLY D 486 -27.24 -47.83 -25.42
C GLY D 486 -26.98 -47.98 -23.94
N GLY D 487 -26.10 -47.15 -23.37
CA GLY D 487 -25.86 -47.17 -21.94
C GLY D 487 -25.88 -45.75 -21.40
N GLU D 488 -25.91 -45.66 -20.08
CA GLU D 488 -26.01 -44.38 -19.39
C GLU D 488 -24.63 -43.79 -19.14
N GLY D 489 -24.43 -42.53 -19.51
CA GLY D 489 -23.22 -41.81 -19.25
C GLY D 489 -22.73 -41.08 -20.48
N TYR D 490 -21.47 -40.63 -20.40
CA TYR D 490 -20.80 -39.94 -21.49
C TYR D 490 -19.93 -40.93 -22.27
N SER D 491 -19.50 -40.49 -23.44
CA SER D 491 -18.63 -41.32 -24.28
C SER D 491 -17.17 -40.96 -24.04
N THR D 492 -16.30 -41.95 -24.28
CA THR D 492 -14.87 -41.72 -24.30
C THR D 492 -14.24 -42.79 -25.19
N PHE D 493 -13.04 -42.50 -25.67
CA PHE D 493 -12.25 -43.47 -26.41
C PHE D 493 -10.87 -43.64 -25.80
N THR D 494 -10.63 -43.05 -24.64
CA THR D 494 -9.42 -43.24 -23.84
C THR D 494 -9.89 -43.78 -22.50
N ILE D 495 -9.81 -45.10 -22.33
CA ILE D 495 -10.35 -45.79 -21.17
C ILE D 495 -9.17 -46.27 -20.34
N ALA D 496 -8.92 -45.59 -19.22
CA ALA D 496 -7.70 -45.77 -18.43
C ALA D 496 -7.95 -46.74 -17.28
N GLY D 497 -7.27 -47.88 -17.32
CA GLY D 497 -7.40 -48.90 -16.30
C GLY D 497 -6.21 -48.94 -15.35
N PRO D 498 -5.02 -49.24 -15.88
CA PRO D 498 -3.85 -49.34 -14.99
C PRO D 498 -3.47 -48.04 -14.33
N THR D 499 -3.89 -46.89 -14.86
CA THR D 499 -3.59 -45.60 -14.25
C THR D 499 -4.78 -45.00 -13.51
N GLY D 500 -5.94 -45.67 -13.54
CA GLY D 500 -7.00 -45.41 -12.59
C GLY D 500 -7.93 -44.25 -12.89
N GLU D 501 -7.83 -43.63 -14.07
CA GLU D 501 -8.71 -42.52 -14.38
C GLU D 501 -10.09 -42.96 -14.86
N GLY D 502 -10.24 -44.22 -15.26
CA GLY D 502 -11.53 -44.70 -15.70
C GLY D 502 -11.82 -44.22 -17.11
N LEU D 503 -13.03 -43.70 -17.32
CA LEU D 503 -13.45 -43.19 -18.62
C LEU D 503 -13.07 -41.72 -18.68
N THR D 504 -11.98 -41.42 -19.39
CA THR D 504 -11.37 -40.10 -19.32
C THR D 504 -12.27 -39.03 -19.92
N SER D 505 -12.26 -37.86 -19.28
CA SER D 505 -13.00 -36.70 -19.75
C SER D 505 -12.18 -35.45 -19.39
N ALA D 506 -12.83 -34.29 -19.42
CA ALA D 506 -12.12 -33.03 -19.18
C ALA D 506 -11.48 -33.02 -17.80
N LYS D 507 -12.15 -33.60 -16.80
CA LYS D 507 -11.57 -33.70 -15.46
C LYS D 507 -10.25 -34.46 -15.48
N SER D 508 -10.18 -35.52 -16.29
CA SER D 508 -8.97 -36.34 -16.35
C SER D 508 -7.78 -35.57 -16.90
N PHE D 509 -8.02 -34.43 -17.54
CA PHE D 509 -6.97 -33.66 -18.20
C PHE D 509 -6.67 -32.35 -17.48
N ALA D 510 -7.07 -32.23 -16.21
CA ALA D 510 -6.92 -30.99 -15.47
C ALA D 510 -6.30 -31.25 -14.11
N ARG D 511 -5.73 -30.19 -13.53
CA ARG D 511 -5.14 -30.24 -12.20
C ARG D 511 -6.12 -29.69 -11.18
N ARG D 512 -6.13 -30.31 -10.00
CA ARG D 512 -7.00 -29.85 -8.92
C ARG D 512 -6.28 -28.81 -8.07
N ARG D 513 -6.94 -27.68 -7.87
CA ARG D 513 -6.42 -26.58 -7.07
C ARG D 513 -7.37 -26.26 -5.94
N LYS D 514 -6.81 -25.92 -4.78
CA LYS D 514 -7.58 -25.62 -3.58
C LYS D 514 -7.39 -24.14 -3.24
N CYS D 515 -8.48 -23.40 -3.16
CA CYS D 515 -8.44 -21.97 -2.85
C CYS D 515 -9.16 -21.75 -1.52
N VAL D 516 -8.40 -21.42 -0.48
CA VAL D 516 -8.93 -21.28 0.87
C VAL D 516 -9.10 -19.79 1.17
N MET D 517 -10.35 -19.40 1.45
CA MET D 517 -10.67 -18.03 1.85
C MET D 517 -10.93 -18.04 3.35
N VAL D 518 -9.91 -17.68 4.13
CA VAL D 518 -9.97 -17.87 5.58
C VAL D 518 -10.94 -16.86 6.19
N GLU D 519 -11.94 -17.37 6.90
CA GLU D 519 -12.87 -16.55 7.69
C GLU D 519 -13.58 -15.50 6.84
N ALA D 520 -14.00 -15.90 5.64
CA ALA D 520 -14.80 -15.04 4.79
C ALA D 520 -15.58 -15.92 3.83
N LEU D 521 -16.67 -15.35 3.29
CA LEU D 521 -17.52 -16.00 2.28
C LEU D 521 -18.25 -17.21 2.84
N ASN D 522 -18.47 -17.25 4.15
CA ASN D 522 -19.33 -18.25 4.77
C ASN D 522 -20.67 -17.58 5.03
N ILE D 523 -21.58 -17.70 4.06
CA ILE D 523 -22.82 -16.93 4.07
C ILE D 523 -24.02 -17.72 4.57
N ARG D 524 -23.87 -19.02 4.80
CA ARG D 524 -24.97 -19.85 5.31
C ARG D 524 -25.49 -19.29 6.63
N VAL E 86 -2.19 0.17 19.08
CA VAL E 86 -1.63 1.51 18.87
C VAL E 86 -2.69 2.45 18.32
N SER E 87 -2.41 3.74 18.38
CA SER E 87 -3.37 4.78 18.00
C SER E 87 -3.28 5.08 16.51
N ASP E 88 -4.42 5.07 15.84
CA ASP E 88 -4.50 5.35 14.40
C ASP E 88 -4.52 6.84 14.10
N GLY E 89 -4.53 7.70 15.11
CA GLY E 89 -4.64 9.12 14.92
C GLY E 89 -6.03 9.68 15.14
N VAL E 90 -7.04 8.83 15.10
CA VAL E 90 -8.44 9.25 15.14
C VAL E 90 -8.97 9.09 16.55
N PHE E 91 -9.71 10.10 17.01
CA PHE E 91 -10.28 10.12 18.35
C PHE E 91 -11.75 10.49 18.29
N GLU E 92 -12.52 10.02 19.27
CA GLU E 92 -13.95 10.30 19.30
C GLU E 92 -14.22 11.76 19.62
N THR E 93 -13.61 12.28 20.69
CA THR E 93 -13.81 13.66 21.10
C THR E 93 -12.59 14.50 20.74
N MET E 94 -12.84 15.79 20.47
CA MET E 94 -11.75 16.71 20.19
C MET E 94 -10.90 16.95 21.44
N ASP E 95 -11.50 16.88 22.63
CA ASP E 95 -10.74 16.97 23.85
C ASP E 95 -9.69 15.86 23.92
N ALA E 96 -10.11 14.61 23.68
CA ALA E 96 -9.18 13.48 23.73
C ALA E 96 -8.08 13.61 22.68
N ALA E 97 -8.36 14.30 21.58
CA ALA E 97 -7.34 14.50 20.55
C ALA E 97 -6.28 15.50 21.03
N VAL E 98 -6.70 16.51 21.79
CA VAL E 98 -5.75 17.49 22.29
C VAL E 98 -4.91 16.92 23.43
N GLU E 99 -5.54 16.18 24.35
CA GLU E 99 -4.79 15.55 25.43
C GLU E 99 -3.81 14.51 24.91
N ALA E 100 -4.14 13.88 23.77
CA ALA E 100 -3.23 12.92 23.17
C ALA E 100 -2.04 13.61 22.53
N ALA E 101 -2.29 14.69 21.79
CA ALA E 101 -1.19 15.45 21.20
C ALA E 101 -0.31 16.06 22.27
N ALA E 102 -0.92 16.51 23.37
CA ALA E 102 -0.15 17.13 24.45
C ALA E 102 0.86 16.15 25.03
N LEU E 103 0.41 14.93 25.32
CA LEU E 103 1.34 13.90 25.80
C LEU E 103 2.33 13.51 24.73
N ALA E 104 1.93 13.57 23.45
CA ALA E 104 2.84 13.22 22.36
C ALA E 104 3.98 14.24 22.25
N GLN E 105 3.63 15.53 22.21
CA GLN E 105 4.66 16.57 22.10
C GLN E 105 5.62 16.52 23.29
N GLN E 106 5.10 16.21 24.48
CA GLN E 106 5.94 16.06 25.66
C GLN E 106 6.95 14.94 25.46
N GLN E 107 6.57 13.88 24.75
CA GLN E 107 7.50 12.81 24.43
C GLN E 107 8.38 13.18 23.23
N TYR E 108 7.81 13.88 22.25
CA TYR E 108 8.57 14.35 21.10
C TYR E 108 9.73 15.25 21.51
N LEU E 109 9.63 15.89 22.68
CA LEU E 109 10.67 16.80 23.13
C LEU E 109 12.01 16.10 23.33
N LEU E 110 11.98 14.85 23.77
CA LEU E 110 13.20 14.09 24.01
C LEU E 110 13.69 13.33 22.79
N CYS E 111 12.94 13.40 21.68
CA CYS E 111 13.42 12.83 20.43
C CYS E 111 14.56 13.68 19.88
N SER E 112 15.44 13.04 19.12
CA SER E 112 16.55 13.73 18.50
C SER E 112 16.09 14.46 17.23
N MET E 113 16.94 15.36 16.73
CA MET E 113 16.68 15.96 15.43
C MET E 113 16.69 14.91 14.33
N SER E 114 17.61 13.95 14.43
CA SER E 114 17.64 12.84 13.48
C SER E 114 16.34 12.05 13.52
N ASP E 115 15.79 11.85 14.73
CA ASP E 115 14.50 11.19 14.86
C ASP E 115 13.41 11.95 14.11
N ARG E 116 13.43 13.28 14.19
CA ARG E 116 12.44 14.07 13.45
C ARG E 116 12.69 14.01 11.96
N ALA E 117 13.96 13.99 11.55
CA ALA E 117 14.27 13.87 10.13
C ALA E 117 13.63 12.63 9.54
N ARG E 118 13.62 11.53 10.28
CA ARG E 118 13.01 10.30 9.78
C ARG E 118 11.50 10.42 9.74
N PHE E 119 10.90 11.09 10.73
CA PHE E 119 9.45 11.28 10.72
C PHE E 119 9.03 12.19 9.59
N VAL E 120 9.75 13.30 9.41
CA VAL E 120 9.50 14.20 8.29
C VAL E 120 9.61 13.44 6.97
N GLN E 121 10.71 12.72 6.78
CA GLN E 121 10.85 11.88 5.60
C GLN E 121 9.79 10.79 5.56
N GLY E 122 9.38 10.28 6.72
CA GLY E 122 8.30 9.30 6.76
C GLY E 122 7.01 9.83 6.16
N ILE E 123 6.67 11.09 6.47
CA ILE E 123 5.46 11.68 5.92
C ILE E 123 5.60 11.91 4.42
N ARG E 124 6.83 12.19 3.95
CA ARG E 124 7.05 12.32 2.52
C ARG E 124 6.78 11.01 1.80
N ASP E 125 7.28 9.90 2.36
CA ASP E 125 7.07 8.59 1.73
C ASP E 125 5.59 8.25 1.65
N VAL E 126 4.79 8.75 2.59
CA VAL E 126 3.35 8.48 2.59
C VAL E 126 2.72 8.99 1.30
N ILE E 127 2.87 10.29 1.04
CA ILE E 127 2.15 10.92 -0.08
C ILE E 127 2.89 10.77 -1.41
N LEU E 128 4.19 10.49 -1.40
CA LEU E 128 4.93 10.33 -2.64
C LEU E 128 4.93 8.89 -3.14
N ASN E 129 4.42 7.94 -2.38
CA ASN E 129 4.21 6.60 -2.89
C ASN E 129 3.13 6.65 -3.97
N GLN E 130 3.42 6.04 -5.12
CA GLN E 130 2.63 6.28 -6.32
C GLN E 130 1.15 5.97 -6.10
N ASP E 131 0.85 4.81 -5.53
CA ASP E 131 -0.55 4.43 -5.36
C ASP E 131 -1.25 5.31 -4.33
N THR E 132 -0.54 5.70 -3.26
CA THR E 132 -1.13 6.61 -2.29
C THR E 132 -1.33 7.99 -2.89
N LEU E 133 -0.45 8.41 -3.80
CA LEU E 133 -0.64 9.68 -4.50
C LEU E 133 -1.93 9.66 -5.31
N GLU E 134 -2.21 8.54 -5.99
CA GLU E 134 -3.40 8.45 -6.81
C GLU E 134 -4.66 8.24 -5.96
N LYS E 135 -4.53 7.52 -4.85
CA LYS E 135 -5.68 7.24 -4.00
C LYS E 135 -6.25 8.53 -3.41
N MET E 136 -5.39 9.36 -2.80
CA MET E 136 -5.86 10.58 -2.16
C MET E 136 -6.29 11.63 -3.17
N SER E 137 -5.71 11.59 -4.38
CA SER E 137 -6.17 12.47 -5.45
C SER E 137 -7.61 12.13 -5.82
N ARG E 138 -7.84 10.88 -6.25
CA ARG E 138 -9.18 10.46 -6.64
C ARG E 138 -10.19 10.68 -5.51
N MET E 139 -9.86 10.24 -4.30
CA MET E 139 -10.85 10.27 -3.22
C MET E 139 -11.29 11.69 -2.90
N ALA E 140 -10.35 12.62 -2.80
CA ALA E 140 -10.71 14.00 -2.54
C ALA E 140 -11.63 14.55 -3.63
N VAL E 141 -11.35 14.22 -4.89
CA VAL E 141 -12.17 14.73 -5.98
C VAL E 141 -13.57 14.13 -5.92
N GLU E 142 -13.67 12.82 -5.69
CA GLU E 142 -14.98 12.18 -5.68
C GLU E 142 -15.75 12.45 -4.39
N GLU E 143 -15.05 12.49 -3.26
CA GLU E 143 -15.73 12.77 -1.99
C GLU E 143 -16.22 14.22 -1.95
N THR E 144 -15.39 15.16 -2.37
CA THR E 144 -15.76 16.57 -2.30
C THR E 144 -16.41 17.08 -3.58
N GLY E 145 -16.24 16.39 -4.71
CA GLY E 145 -16.75 16.89 -5.97
C GLY E 145 -15.97 18.04 -6.56
N MET E 146 -14.85 18.42 -5.95
CA MET E 146 -14.07 19.58 -6.35
C MET E 146 -12.70 19.15 -6.84
N GLY E 147 -12.26 19.74 -7.95
CA GLY E 147 -10.95 19.50 -8.51
C GLY E 147 -10.96 18.42 -9.58
N ASN E 148 -9.77 18.11 -10.07
CA ASN E 148 -9.58 17.00 -10.98
C ASN E 148 -8.43 16.14 -10.49
N TYR E 149 -8.42 14.89 -10.97
CA TYR E 149 -7.48 13.90 -10.46
C TYR E 149 -6.04 14.22 -10.84
N GLU E 150 -5.81 14.67 -12.08
CA GLU E 150 -4.44 14.83 -12.55
C GLU E 150 -3.73 16.00 -11.89
N HIS E 151 -4.47 17.05 -11.54
CA HIS E 151 -3.83 18.22 -10.94
C HIS E 151 -3.62 18.07 -9.44
N LYS E 152 -4.39 17.22 -8.77
CA LYS E 152 -4.10 16.94 -7.37
C LYS E 152 -2.90 16.02 -7.23
N LEU E 153 -2.61 15.23 -8.26
CA LEU E 153 -1.36 14.48 -8.29
C LEU E 153 -0.16 15.42 -8.21
N ILE E 154 -0.20 16.50 -9.00
CA ILE E 154 0.88 17.48 -9.00
C ILE E 154 0.97 18.16 -7.63
N LYS E 155 -0.18 18.60 -7.10
CA LYS E 155 -0.19 19.38 -5.87
C LYS E 155 0.22 18.52 -4.67
N ASN E 156 -0.33 17.31 -4.58
CA ASN E 156 0.06 16.43 -3.48
C ASN E 156 1.55 16.11 -3.52
N ARG E 157 2.08 15.84 -4.71
CA ARG E 157 3.51 15.58 -4.84
C ARG E 157 4.32 16.82 -4.47
N LEU E 158 3.83 18.00 -4.86
CA LEU E 158 4.54 19.24 -4.57
C LEU E 158 4.73 19.43 -3.06
N ALA E 159 3.65 19.23 -2.29
CA ALA E 159 3.74 19.38 -0.85
C ALA E 159 4.64 18.33 -0.23
N GLY E 160 4.74 17.14 -0.83
CA GLY E 160 5.59 16.10 -0.29
C GLY E 160 7.06 16.27 -0.62
N GLU E 161 7.37 16.92 -1.74
CA GLU E 161 8.76 17.11 -2.13
C GLU E 161 9.33 18.43 -1.66
N LYS E 162 8.57 19.52 -1.78
CA LYS E 162 9.09 20.87 -1.61
C LYS E 162 8.64 21.54 -0.33
N THR E 163 8.05 20.81 0.62
CA THR E 163 7.77 21.38 1.94
C THR E 163 8.99 21.20 2.83
N PRO E 164 9.57 22.27 3.36
CA PRO E 164 10.85 22.14 4.08
C PRO E 164 10.74 21.28 5.33
N GLY E 165 11.80 20.54 5.61
CA GLY E 165 11.96 19.75 6.81
C GLY E 165 12.79 20.46 7.86
N ILE E 166 13.57 19.68 8.61
CA ILE E 166 14.30 20.24 9.75
C ILE E 166 15.45 21.16 9.35
N GLU E 167 15.84 21.18 8.07
CA GLU E 167 16.85 22.13 7.63
C GLU E 167 16.33 23.55 7.65
N ASP E 168 15.01 23.74 7.73
CA ASP E 168 14.45 25.08 7.84
C ASP E 168 14.81 25.73 9.17
N LEU E 169 15.07 24.93 10.21
CA LEU E 169 15.34 25.45 11.55
C LEU E 169 16.81 25.85 11.66
N THR E 170 17.12 26.99 11.05
CA THR E 170 18.49 27.50 11.02
C THR E 170 18.89 28.05 12.39
N THR E 171 20.18 28.38 12.49
CA THR E 171 20.76 29.01 13.68
C THR E 171 21.48 30.28 13.28
N ASP E 172 21.35 31.32 14.09
CA ASP E 172 22.03 32.59 13.87
C ASP E 172 22.98 32.84 15.04
N ALA E 173 24.26 32.99 14.75
CA ALA E 173 25.28 33.17 15.78
C ALA E 173 25.98 34.51 15.62
N PHE E 174 26.21 35.18 16.75
CA PHE E 174 26.92 36.45 16.81
C PHE E 174 27.92 36.40 17.96
N SER E 175 29.21 36.51 17.64
CA SER E 175 30.27 36.40 18.64
C SER E 175 31.11 37.66 18.67
N GLY E 176 31.67 37.94 19.84
CA GLY E 176 32.49 39.13 19.99
C GLY E 176 33.10 39.20 21.37
N ASP E 177 33.41 40.44 21.80
CA ASP E 177 34.01 40.64 23.10
C ASP E 177 33.13 40.10 24.23
N ASN E 178 31.82 40.19 24.07
CA ASN E 178 30.88 39.79 25.11
C ASN E 178 30.56 38.30 25.10
N GLY E 179 31.10 37.54 24.14
CA GLY E 179 30.89 36.11 24.07
C GLY E 179 30.16 35.72 22.78
N LEU E 180 29.27 34.74 22.91
CA LEU E 180 28.54 34.19 21.78
C LEU E 180 27.04 34.21 22.07
N THR E 181 26.25 34.52 21.04
CA THR E 181 24.80 34.48 21.14
C THR E 181 24.27 33.58 20.02
N LEU E 182 23.63 32.48 20.41
CA LEU E 182 22.92 31.61 19.50
C LEU E 182 21.42 31.84 19.66
N VAL E 183 20.72 32.04 18.56
CA VAL E 183 19.27 32.17 18.56
C VAL E 183 18.71 31.06 17.68
N GLU E 184 17.82 30.24 18.25
CA GLU E 184 17.35 29.01 17.64
C GLU E 184 15.84 29.06 17.42
N TYR E 185 15.34 28.05 16.70
CA TYR E 185 13.91 27.86 16.44
C TYR E 185 13.43 26.68 17.26
N SER E 186 12.56 26.94 18.25
CA SER E 186 12.11 25.93 19.20
C SER E 186 10.62 25.64 19.04
N PRO E 187 10.15 24.45 19.44
CA PRO E 187 8.76 24.08 19.21
C PRO E 187 7.78 24.92 20.02
N PHE E 188 6.55 24.98 19.51
CA PHE E 188 5.44 25.65 20.18
C PHE E 188 4.69 24.74 21.13
N GLY E 189 4.65 23.44 20.84
CA GLY E 189 3.87 22.52 21.64
C GLY E 189 2.77 21.85 20.83
N VAL E 190 1.52 22.02 21.26
CA VAL E 190 0.38 21.50 20.52
C VAL E 190 -0.13 22.58 19.58
N ILE E 191 -0.37 22.20 18.32
CA ILE E 191 -0.88 23.10 17.31
C ILE E 191 -2.23 22.57 16.84
N GLY E 192 -3.16 23.49 16.60
CA GLY E 192 -4.45 23.13 16.04
C GLY E 192 -4.59 23.62 14.61
N ALA E 193 -4.57 22.69 13.66
CA ALA E 193 -4.59 23.02 12.24
C ALA E 193 -6.01 22.90 11.70
N ILE E 194 -6.47 23.97 11.05
CA ILE E 194 -7.79 23.99 10.40
C ILE E 194 -7.55 23.97 8.90
N THR E 195 -8.10 22.96 8.22
CA THR E 195 -7.80 22.72 6.81
C THR E 195 -9.06 22.86 5.96
N PRO E 196 -8.90 23.24 4.68
CA PRO E 196 -10.08 23.48 3.83
C PRO E 196 -10.51 22.27 3.02
N THR E 197 -11.62 22.42 2.28
CA THR E 197 -12.12 21.36 1.40
C THR E 197 -11.53 21.42 -0.01
N THR E 198 -10.76 22.46 -0.32
CA THR E 198 -10.22 22.62 -1.67
C THR E 198 -8.90 21.86 -1.84
N ASN E 199 -7.99 22.01 -0.87
CA ASN E 199 -6.72 21.29 -0.85
C ASN E 199 -6.63 20.53 0.47
N PRO E 200 -7.41 19.45 0.63
CA PRO E 200 -7.52 18.81 1.93
C PRO E 200 -6.26 18.06 2.34
N THR E 201 -5.77 17.20 1.45
CA THR E 201 -4.60 16.41 1.78
C THR E 201 -3.32 17.25 1.75
N GLU E 202 -3.19 18.14 0.77
CA GLU E 202 -1.99 18.96 0.64
C GLU E 202 -1.73 19.76 1.90
N THR E 203 -2.79 20.28 2.53
CA THR E 203 -2.63 21.05 3.76
C THR E 203 -2.12 20.16 4.89
N ILE E 204 -2.67 18.95 5.01
CA ILE E 204 -2.19 18.00 6.01
C ILE E 204 -0.73 17.64 5.74
N VAL E 205 -0.43 17.26 4.49
CA VAL E 205 0.96 16.97 4.11
C VAL E 205 1.87 18.11 4.55
N CYS E 206 1.52 19.34 4.19
CA CYS E 206 2.43 20.47 4.31
C CYS E 206 2.51 21.00 5.75
N ASN E 207 1.37 21.03 6.44
CA ASN E 207 1.39 21.37 7.86
C ASN E 207 2.18 20.35 8.66
N SER E 208 1.87 19.06 8.48
CA SER E 208 2.48 18.02 9.30
C SER E 208 3.99 18.03 9.19
N ILE E 209 4.51 18.09 7.96
CA ILE E 209 5.96 18.08 7.77
C ILE E 209 6.59 19.29 8.45
N GLY E 210 6.05 20.48 8.19
CA GLY E 210 6.61 21.67 8.80
C GLY E 210 6.46 21.69 10.31
N MET E 211 5.26 21.33 10.80
CA MET E 211 5.01 21.42 12.24
C MET E 211 5.80 20.37 13.01
N LEU E 212 5.85 19.14 12.50
CA LEU E 212 6.62 18.10 13.19
C LEU E 212 8.12 18.35 13.11
N ALA E 213 8.58 18.96 12.01
CA ALA E 213 10.00 19.29 11.89
C ALA E 213 10.42 20.24 13.00
N ALA E 214 9.57 21.20 13.35
CA ALA E 214 9.86 22.14 14.41
C ALA E 214 9.69 21.54 15.80
N GLY E 215 9.31 20.27 15.91
CA GLY E 215 9.18 19.62 17.19
C GLY E 215 7.81 19.72 17.83
N ASN E 216 6.79 20.13 17.08
CA ASN E 216 5.45 20.28 17.61
C ASN E 216 4.68 18.97 17.47
N SER E 217 3.44 18.98 17.95
CA SER E 217 2.42 18.02 17.56
C SER E 217 1.21 18.82 17.06
N VAL E 218 0.44 18.21 16.18
CA VAL E 218 -0.61 18.91 15.46
C VAL E 218 -1.94 18.19 15.66
N VAL E 219 -3.00 18.97 15.88
CA VAL E 219 -4.37 18.46 15.96
C VAL E 219 -5.12 19.03 14.76
N PHE E 220 -5.50 18.17 13.82
CA PHE E 220 -6.21 18.61 12.63
C PHE E 220 -7.71 18.66 12.89
N SER E 221 -8.36 19.67 12.29
CA SER E 221 -9.82 19.78 12.27
C SER E 221 -10.22 20.02 10.82
N PRO E 222 -10.28 18.96 10.01
CA PRO E 222 -10.53 19.14 8.58
C PRO E 222 -11.98 19.51 8.28
N HIS E 223 -12.18 20.02 7.07
CA HIS E 223 -13.50 20.37 6.60
C HIS E 223 -14.37 19.11 6.52
N PRO E 224 -15.57 19.11 7.10
CA PRO E 224 -16.42 17.91 7.05
C PRO E 224 -16.66 17.37 5.65
N ARG E 225 -16.66 18.21 4.62
CA ARG E 225 -16.87 17.71 3.27
C ARG E 225 -15.74 16.80 2.80
N ALA E 226 -14.51 17.08 3.23
CA ALA E 226 -13.36 16.25 2.91
C ALA E 226 -12.97 15.33 4.06
N ARG E 227 -13.94 14.97 4.91
CA ARG E 227 -13.64 14.31 6.18
C ARG E 227 -12.90 12.99 5.98
N GLN E 228 -13.42 12.13 5.11
CA GLN E 228 -12.93 10.75 5.06
C GLN E 228 -11.54 10.66 4.44
N VAL E 229 -11.30 11.41 3.36
CA VAL E 229 -9.97 11.37 2.74
C VAL E 229 -8.93 11.92 3.70
N SER E 230 -9.32 12.82 4.59
CA SER E 230 -8.40 13.33 5.60
C SER E 230 -8.17 12.32 6.72
N LEU E 231 -9.24 11.65 7.16
CA LEU E 231 -9.10 10.57 8.14
C LEU E 231 -8.17 9.49 7.61
N LEU E 232 -8.33 9.11 6.35
CA LEU E 232 -7.41 8.19 5.70
C LEU E 232 -5.99 8.68 5.94
N LEU E 233 -5.67 9.86 5.39
CA LEU E 233 -4.31 10.40 5.45
C LEU E 233 -3.74 10.37 6.86
N VAL E 234 -4.54 10.76 7.86
CA VAL E 234 -4.03 10.78 9.24
C VAL E 234 -3.67 9.37 9.69
N ARG E 235 -4.45 8.37 9.28
CA ARG E 235 -4.19 7.00 9.71
C ARG E 235 -2.91 6.46 9.06
N LEU E 236 -2.71 6.68 7.76
CA LEU E 236 -1.47 6.23 7.14
C LEU E 236 -0.26 6.94 7.73
N ILE E 237 -0.42 8.21 8.15
CA ILE E 237 0.67 8.91 8.79
C ILE E 237 1.01 8.25 10.13
N ASN E 238 -0.01 7.99 10.94
CA ASN E 238 0.22 7.34 12.23
C ASN E 238 0.81 5.94 12.06
N GLN E 239 0.34 5.21 11.04
CA GLN E 239 0.92 3.90 10.76
C GLN E 239 2.39 4.02 10.38
N LYS E 240 2.73 5.04 9.58
CA LYS E 240 4.11 5.25 9.18
C LYS E 240 4.97 5.63 10.39
N LEU E 241 4.54 6.63 11.16
CA LEU E 241 5.32 7.10 12.29
C LEU E 241 5.54 6.01 13.34
N ALA E 242 4.60 5.07 13.45
CA ALA E 242 4.77 3.97 14.41
C ALA E 242 5.93 3.07 13.99
N ALA E 243 5.98 2.68 12.72
CA ALA E 243 7.06 1.85 12.21
C ALA E 243 8.42 2.55 12.29
N LEU E 244 8.44 3.85 12.54
CA LEU E 244 9.68 4.62 12.66
C LEU E 244 10.04 4.94 14.10
N GLY E 245 9.38 4.30 15.06
CA GLY E 245 9.67 4.56 16.46
C GLY E 245 9.27 5.94 16.94
N ALA E 246 8.18 6.48 16.42
CA ALA E 246 7.77 7.79 16.91
C ALA E 246 6.82 7.63 18.09
N PRO E 247 6.84 8.59 19.02
CA PRO E 247 5.79 8.62 20.04
C PRO E 247 4.42 8.68 19.39
N GLU E 248 3.47 7.96 19.97
CA GLU E 248 2.13 7.93 19.41
C GLU E 248 1.49 9.31 19.43
N ASN E 249 0.54 9.50 18.52
CA ASN E 249 -0.35 10.67 18.52
C ASN E 249 0.39 11.97 18.18
N LEU E 250 1.44 11.90 17.35
CA LEU E 250 2.05 13.13 16.87
C LEU E 250 1.11 13.86 15.92
N VAL E 251 0.28 13.12 15.19
CA VAL E 251 -0.70 13.69 14.26
C VAL E 251 -2.05 13.09 14.60
N VAL E 252 -2.96 13.92 15.13
CA VAL E 252 -4.25 13.46 15.59
C VAL E 252 -5.35 14.24 14.88
N THR E 253 -6.58 13.69 14.97
CA THR E 253 -7.78 14.34 14.46
C THR E 253 -8.97 13.61 15.04
N VAL E 254 -10.18 14.12 14.75
CA VAL E 254 -11.41 13.55 15.26
C VAL E 254 -12.07 12.71 14.18
N GLU E 255 -12.98 11.82 14.60
CA GLU E 255 -13.63 10.91 13.67
C GLU E 255 -14.68 11.63 12.83
N LYS E 256 -15.48 12.50 13.46
CA LYS E 256 -16.53 13.24 12.78
C LYS E 256 -16.19 14.72 12.83
N PRO E 257 -15.39 15.22 11.88
CA PRO E 257 -15.07 16.65 11.85
C PRO E 257 -16.34 17.49 11.82
N SER E 258 -16.29 18.60 12.55
CA SER E 258 -17.50 19.37 12.80
C SER E 258 -17.12 20.78 13.24
N ILE E 259 -18.01 21.73 12.95
CA ILE E 259 -17.79 23.11 13.37
C ILE E 259 -17.77 23.20 14.89
N GLU E 260 -18.62 22.41 15.56
CA GLU E 260 -18.60 22.39 17.01
C GLU E 260 -17.30 21.81 17.55
N ASN E 261 -16.67 20.90 16.80
CA ASN E 261 -15.37 20.37 17.22
C ASN E 261 -14.23 21.33 16.91
N THR E 262 -14.32 22.05 15.79
CA THR E 262 -13.33 23.07 15.48
C THR E 262 -13.36 24.19 16.51
N ASN E 263 -14.56 24.50 17.04
CA ASN E 263 -14.65 25.46 18.13
C ASN E 263 -14.11 24.87 19.43
N ALA E 264 -14.35 23.57 19.65
CA ALA E 264 -13.80 22.92 20.85
C ALA E 264 -12.27 22.95 20.84
N MET E 265 -11.67 22.68 19.68
CA MET E 265 -10.21 22.77 19.57
C MET E 265 -9.74 24.21 19.76
N MET E 266 -10.51 25.17 19.25
CA MET E 266 -10.11 26.57 19.33
C MET E 266 -10.06 27.07 20.78
N ALA E 267 -10.99 26.61 21.61
CA ALA E 267 -11.06 27.08 22.99
C ALA E 267 -10.29 26.22 23.97
N HIS E 268 -9.74 25.09 23.53
CA HIS E 268 -9.08 24.19 24.45
C HIS E 268 -7.81 24.84 25.00
N PRO E 269 -7.56 24.72 26.32
CA PRO E 269 -6.43 25.44 26.92
C PRO E 269 -5.07 24.88 26.55
N LYS E 270 -4.99 23.65 26.03
CA LYS E 270 -3.71 23.04 25.71
C LYS E 270 -3.27 23.28 24.27
N VAL E 271 -4.14 23.81 23.42
CA VAL E 271 -3.76 24.20 22.07
C VAL E 271 -2.92 25.47 22.15
N ARG E 272 -1.60 25.32 22.04
CA ARG E 272 -0.69 26.45 22.20
C ARG E 272 -0.60 27.33 20.96
N MET E 273 -1.17 26.91 19.84
CA MET E 273 -1.08 27.68 18.61
C MET E 273 -2.15 27.20 17.64
N LEU E 274 -2.81 28.15 16.97
CA LEU E 274 -3.82 27.85 15.98
C LEU E 274 -3.31 28.20 14.59
N VAL E 275 -3.46 27.30 13.65
CA VAL E 275 -3.10 27.52 12.26
C VAL E 275 -4.35 27.31 11.43
N ALA E 276 -4.96 28.40 10.96
CA ALA E 276 -6.16 28.35 10.16
C ALA E 276 -5.81 28.43 8.68
N THR E 277 -6.54 27.66 7.88
CA THR E 277 -6.40 27.69 6.43
C THR E 277 -7.81 27.54 5.85
N GLY E 278 -8.38 28.66 5.41
CA GLY E 278 -9.73 28.65 4.88
C GLY E 278 -10.23 30.03 4.50
N GLY E 279 -11.50 30.31 4.79
CA GLY E 279 -12.11 31.56 4.42
C GLY E 279 -11.96 32.63 5.48
N PRO E 280 -12.45 33.84 5.19
CA PRO E 280 -12.21 34.97 6.12
C PRO E 280 -12.83 34.78 7.49
N ALA E 281 -13.93 34.03 7.60
CA ALA E 281 -14.59 33.87 8.89
C ALA E 281 -13.68 33.15 9.89
N ILE E 282 -13.21 31.95 9.52
CA ILE E 282 -12.45 31.13 10.46
C ILE E 282 -11.12 31.79 10.81
N VAL E 283 -10.53 32.56 9.89
CA VAL E 283 -9.26 33.20 10.17
C VAL E 283 -9.45 34.37 11.15
N LYS E 284 -10.58 35.07 11.06
CA LYS E 284 -10.88 36.03 12.11
C LYS E 284 -11.20 35.31 13.41
N ALA E 285 -11.84 34.14 13.33
CA ALA E 285 -12.18 33.38 14.53
C ALA E 285 -10.93 32.96 15.29
N VAL E 286 -9.91 32.46 14.59
CA VAL E 286 -8.69 32.01 15.27
C VAL E 286 -7.99 33.20 15.94
N LEU E 287 -8.19 34.40 15.41
CA LEU E 287 -7.59 35.59 16.00
C LEU E 287 -8.40 36.15 17.16
N SER E 288 -9.53 35.51 17.50
CA SER E 288 -10.40 35.96 18.57
C SER E 288 -10.49 34.95 19.70
N THR E 289 -9.52 34.03 19.78
CA THR E 289 -9.55 32.94 20.75
C THR E 289 -8.65 33.17 21.95
N GLY E 290 -7.82 34.21 21.93
CA GLY E 290 -6.84 34.42 22.98
C GLY E 290 -5.54 33.68 22.80
N LYS E 291 -5.29 33.16 21.61
CA LYS E 291 -4.11 32.32 21.36
C LYS E 291 -3.33 32.87 20.17
N LYS E 292 -2.08 32.40 20.07
CA LYS E 292 -1.26 32.70 18.90
C LYS E 292 -1.86 32.01 17.67
N ALA E 293 -2.25 32.81 16.69
CA ALA E 293 -2.97 32.32 15.52
C ALA E 293 -2.26 32.70 14.24
N ILE E 294 -2.15 31.75 13.32
CA ILE E 294 -1.70 32.00 11.96
C ILE E 294 -2.91 31.90 11.04
N GLY E 295 -3.19 32.98 10.31
CA GLY E 295 -4.36 33.00 9.46
C GLY E 295 -4.03 33.04 7.98
N ALA E 296 -4.35 31.95 7.27
CA ALA E 296 -4.17 31.87 5.83
C ALA E 296 -5.52 32.08 5.18
N GLY E 297 -5.76 33.28 4.65
CA GLY E 297 -7.05 33.67 4.13
C GLY E 297 -7.14 33.53 2.62
N ALA E 298 -8.23 34.09 2.09
CA ALA E 298 -8.56 33.96 0.68
C ALA E 298 -7.98 35.12 -0.13
N GLY E 299 -8.46 35.26 -1.36
CA GLY E 299 -7.99 36.32 -2.23
C GLY E 299 -8.79 36.33 -3.51
N ASN E 300 -8.36 37.20 -4.43
CA ASN E 300 -8.98 37.34 -5.75
C ASN E 300 -7.89 37.64 -6.76
N PRO E 301 -7.05 36.66 -7.08
CA PRO E 301 -5.80 36.94 -7.81
C PRO E 301 -6.06 37.51 -9.20
N PRO E 302 -5.55 38.71 -9.49
CA PRO E 302 -5.64 39.25 -10.85
C PRO E 302 -4.36 39.04 -11.65
N VAL E 303 -4.49 38.83 -12.96
CA VAL E 303 -3.35 38.68 -13.85
C VAL E 303 -3.36 39.83 -14.84
N VAL E 304 -2.28 40.61 -14.86
CA VAL E 304 -2.17 41.79 -15.72
C VAL E 304 -1.26 41.45 -16.90
N VAL E 305 -1.71 41.79 -18.10
CA VAL E 305 -0.94 41.59 -19.32
C VAL E 305 -0.81 42.93 -20.01
N ASP E 306 0.40 43.28 -20.41
CA ASP E 306 0.66 44.53 -21.11
C ASP E 306 1.04 44.27 -22.56
N GLU E 307 1.46 45.34 -23.22
CA GLU E 307 1.94 45.21 -24.58
C GLU E 307 3.31 44.51 -24.66
N THR E 308 4.17 44.67 -23.65
CA THR E 308 5.50 44.07 -23.75
C THR E 308 5.51 42.59 -23.39
N ALA E 309 4.36 41.97 -23.17
CA ALA E 309 4.34 40.57 -22.76
C ALA E 309 4.51 39.63 -23.95
N ASN E 310 4.98 38.42 -23.64
CA ASN E 310 5.05 37.31 -24.60
C ASN E 310 3.66 36.68 -24.65
N ILE E 311 2.80 37.22 -25.52
CA ILE E 311 1.38 36.90 -25.51
C ILE E 311 1.13 35.42 -25.73
N GLU E 312 1.98 34.76 -26.54
CA GLU E 312 1.82 33.33 -26.78
C GLU E 312 2.02 32.54 -25.49
N LYS E 313 3.12 32.82 -24.77
CA LYS E 313 3.36 32.15 -23.50
C LYS E 313 2.40 32.64 -22.43
N ALA E 314 2.01 33.91 -22.47
CA ALA E 314 1.09 34.45 -21.47
C ALA E 314 -0.25 33.74 -21.52
N ALA E 315 -0.74 33.42 -22.73
CA ALA E 315 -2.01 32.73 -22.85
C ALA E 315 -1.92 31.31 -22.30
N CYS E 316 -0.83 30.61 -22.59
CA CYS E 316 -0.64 29.26 -22.05
C CYS E 316 -0.58 29.29 -20.52
N ASP E 317 0.20 30.21 -19.97
CA ASP E 317 0.37 30.27 -18.52
C ASP E 317 -0.93 30.67 -17.83
N ILE E 318 -1.71 31.55 -18.45
CA ILE E 318 -2.94 32.01 -17.80
C ILE E 318 -3.98 30.90 -17.77
N VAL E 319 -4.16 30.18 -18.88
CA VAL E 319 -5.21 29.16 -18.92
C VAL E 319 -4.79 27.94 -18.11
N ASN E 320 -3.49 27.61 -18.10
CA ASN E 320 -3.01 26.49 -17.29
C ASN E 320 -3.22 26.77 -15.81
N GLY E 321 -2.81 27.96 -15.35
CA GLY E 321 -2.92 28.30 -13.94
C GLY E 321 -4.34 28.54 -13.46
N CYS E 322 -5.23 28.97 -14.36
CA CYS E 322 -6.62 29.21 -13.97
C CYS E 322 -7.42 27.92 -13.88
N SER E 323 -7.11 26.95 -14.73
CA SER E 323 -7.76 25.64 -14.70
C SER E 323 -7.02 24.63 -13.83
N PHE E 324 -5.94 25.04 -13.18
CA PHE E 324 -5.18 24.16 -12.32
C PHE E 324 -6.04 23.75 -11.13
N ASP E 325 -6.33 22.45 -11.04
CA ASP E 325 -7.29 21.91 -10.05
C ASP E 325 -8.61 22.66 -10.12
N ASN E 326 -9.01 23.05 -11.34
CA ASN E 326 -10.29 23.73 -11.59
C ASN E 326 -10.44 24.98 -10.74
N ASN E 327 -9.38 25.77 -10.65
CA ASN E 327 -9.38 27.09 -10.00
C ASN E 327 -9.63 26.99 -8.50
N LEU E 328 -9.36 25.83 -7.90
CA LEU E 328 -9.46 25.66 -6.45
C LEU E 328 -8.34 26.37 -5.69
N PRO E 329 -7.08 26.35 -6.15
CA PRO E 329 -6.03 27.06 -5.42
C PRO E 329 -6.38 28.52 -5.21
N CYS E 330 -6.16 28.99 -3.97
CA CYS E 330 -6.28 30.41 -3.68
C CYS E 330 -5.30 31.25 -4.51
N VAL E 331 -4.36 30.60 -5.18
CA VAL E 331 -3.34 31.28 -5.98
C VAL E 331 -3.76 31.50 -7.42
N ALA E 332 -4.72 30.72 -7.93
CA ALA E 332 -5.04 30.68 -9.35
C ALA E 332 -5.61 32.00 -9.87
N GLU E 333 -5.37 32.25 -11.15
CA GLU E 333 -5.89 33.46 -11.82
C GLU E 333 -7.41 33.46 -11.80
N LYS E 334 -8.00 34.58 -11.36
CA LYS E 334 -9.45 34.69 -11.26
C LYS E 334 -9.97 35.96 -11.91
N GLU E 335 -9.15 36.63 -12.71
CA GLU E 335 -9.54 37.80 -13.49
C GLU E 335 -8.37 38.28 -14.34
N ILE E 336 -8.62 38.61 -15.60
CA ILE E 336 -7.58 39.13 -16.49
C ILE E 336 -7.76 40.63 -16.63
N ILE E 337 -6.66 41.37 -16.56
CA ILE E 337 -6.64 42.79 -16.86
C ILE E 337 -5.60 42.98 -17.95
N ALA E 338 -6.08 43.20 -19.17
CA ALA E 338 -5.22 43.31 -20.34
C ALA E 338 -5.30 44.72 -20.91
N VAL E 339 -4.18 45.22 -21.41
CA VAL E 339 -4.15 46.49 -22.10
C VAL E 339 -4.71 46.28 -23.52
N ALA E 340 -5.40 47.30 -24.03
CA ALA E 340 -6.13 47.14 -25.29
C ALA E 340 -5.20 46.83 -26.45
N GLN E 341 -3.93 47.20 -26.35
CA GLN E 341 -2.98 46.94 -27.44
C GLN E 341 -2.92 45.46 -27.83
N ILE E 342 -3.01 44.55 -26.86
CA ILE E 342 -2.85 43.13 -27.09
C ILE E 342 -4.05 42.34 -26.59
N ALA E 343 -5.13 43.01 -26.20
CA ALA E 343 -6.28 42.32 -25.61
C ALA E 343 -6.92 41.37 -26.61
N ASP E 344 -7.02 41.77 -27.87
CA ASP E 344 -7.66 40.92 -28.87
C ASP E 344 -6.79 39.72 -29.23
N TYR E 345 -5.47 39.93 -29.30
CA TYR E 345 -4.55 38.83 -29.61
C TYR E 345 -4.38 37.89 -28.43
N LEU E 346 -4.45 38.42 -27.21
CA LEU E 346 -4.44 37.56 -26.03
C LEU E 346 -5.66 36.65 -26.01
N ILE E 347 -6.85 37.21 -26.24
CA ILE E 347 -8.06 36.41 -26.34
C ILE E 347 -7.92 35.37 -27.44
N PHE E 348 -7.33 35.75 -28.56
CA PHE E 348 -7.09 34.82 -29.65
C PHE E 348 -6.25 33.64 -29.19
N ASN E 349 -5.08 33.91 -28.60
CA ASN E 349 -4.22 32.82 -28.13
C ASN E 349 -4.82 32.10 -26.93
N LEU E 350 -5.60 32.82 -26.10
CA LEU E 350 -6.32 32.16 -25.01
C LEU E 350 -7.25 31.08 -25.54
N LYS E 351 -8.08 31.43 -26.53
CA LYS E 351 -8.94 30.44 -27.17
C LYS E 351 -8.13 29.36 -27.88
N LYS E 352 -6.94 29.72 -28.37
CA LYS E 352 -6.08 28.74 -29.03
C LYS E 352 -5.37 27.82 -28.04
N ASN E 353 -5.53 28.05 -26.73
CA ASN E 353 -4.97 27.17 -25.70
C ASN E 353 -6.06 26.58 -24.81
N GLY E 354 -7.26 26.42 -25.35
CA GLY E 354 -8.32 25.74 -24.64
C GLY E 354 -9.31 26.61 -23.90
N ALA E 355 -9.42 27.89 -24.23
CA ALA E 355 -10.42 28.77 -23.62
C ALA E 355 -11.67 28.79 -24.47
N TYR E 356 -12.83 28.63 -23.83
CA TYR E 356 -14.12 28.78 -24.49
C TYR E 356 -14.62 30.18 -24.20
N GLU E 357 -14.68 31.02 -25.23
CA GLU E 357 -15.11 32.40 -25.05
C GLU E 357 -16.62 32.52 -25.26
N ILE E 358 -17.23 33.40 -24.46
CA ILE E 358 -18.66 33.70 -24.56
C ILE E 358 -18.78 35.16 -24.96
N LYS E 359 -19.25 35.40 -26.20
CA LYS E 359 -19.56 36.76 -26.63
C LYS E 359 -21.03 37.10 -26.46
N ASP E 360 -21.90 36.09 -26.46
CA ASP E 360 -23.34 36.32 -26.40
C ASP E 360 -23.74 36.86 -25.03
N PRO E 361 -24.40 38.02 -24.95
CA PRO E 361 -24.76 38.57 -23.63
C PRO E 361 -25.81 37.75 -22.90
N ALA E 362 -26.58 36.92 -23.61
CA ALA E 362 -27.58 36.08 -22.96
C ALA E 362 -26.99 34.77 -22.45
N VAL E 363 -26.10 34.15 -23.23
CA VAL E 363 -25.43 32.93 -22.79
C VAL E 363 -24.64 33.18 -21.52
N LEU E 364 -23.92 34.30 -21.47
CA LEU E 364 -23.21 34.65 -20.25
C LEU E 364 -24.17 34.92 -19.10
N GLN E 365 -25.38 35.39 -19.40
CA GLN E 365 -26.38 35.60 -18.35
C GLN E 365 -26.93 34.27 -17.85
N GLN E 366 -27.11 33.30 -18.74
CA GLN E 366 -27.54 31.97 -18.31
C GLN E 366 -26.40 31.18 -17.67
N LEU E 367 -25.23 31.79 -17.49
CA LEU E 367 -24.14 31.20 -16.72
C LEU E 367 -24.01 31.77 -15.32
N GLN E 368 -24.33 33.05 -15.11
CA GLN E 368 -24.22 33.63 -13.78
C GLN E 368 -25.30 33.11 -12.85
N ASP E 369 -26.54 33.00 -13.36
CA ASP E 369 -27.61 32.39 -12.56
C ASP E 369 -27.22 30.98 -12.12
N LEU E 370 -26.39 30.29 -12.90
CA LEU E 370 -25.97 28.95 -12.54
C LEU E 370 -24.96 28.97 -11.40
N VAL E 371 -24.00 29.90 -11.44
CA VAL E 371 -22.82 29.83 -10.56
C VAL E 371 -22.82 30.94 -9.51
N LEU E 372 -23.94 31.60 -9.27
CA LEU E 372 -23.97 32.66 -8.26
C LEU E 372 -25.17 32.48 -7.34
N THR E 373 -24.92 32.58 -6.04
CA THR E 373 -25.93 32.39 -5.00
C THR E 373 -26.86 33.60 -4.98
N ALA E 374 -27.77 33.64 -3.99
CA ALA E 374 -28.62 34.80 -3.82
C ALA E 374 -27.82 36.06 -3.53
N LYS E 375 -26.76 35.92 -2.73
CA LYS E 375 -25.89 37.03 -2.39
C LYS E 375 -24.68 37.13 -3.30
N GLY E 376 -24.75 36.56 -4.51
CA GLY E 376 -23.69 36.66 -5.48
C GLY E 376 -22.42 35.91 -5.16
N GLY E 377 -22.42 35.07 -4.12
CA GLY E 377 -21.25 34.30 -3.79
C GLY E 377 -21.09 33.10 -4.69
N PRO E 378 -19.96 32.41 -4.54
CA PRO E 378 -19.72 31.20 -5.35
C PRO E 378 -20.65 30.07 -4.91
N GLN E 379 -21.35 29.49 -5.87
CA GLN E 379 -22.26 28.38 -5.60
C GLN E 379 -21.43 27.13 -5.31
N THR E 380 -21.46 26.68 -4.06
CA THR E 380 -20.70 25.50 -3.65
C THR E 380 -20.98 24.32 -4.57
N LYS E 381 -22.17 24.27 -5.17
CA LYS E 381 -22.50 23.25 -6.17
C LYS E 381 -21.50 23.23 -7.32
N CYS E 382 -20.98 24.40 -7.70
CA CYS E 382 -20.18 24.53 -8.91
C CYS E 382 -18.70 24.78 -8.65
N VAL E 383 -18.31 24.98 -7.39
CA VAL E 383 -16.91 25.25 -7.08
C VAL E 383 -16.04 24.08 -7.50
N GLY E 384 -14.92 24.37 -8.15
CA GLY E 384 -13.97 23.35 -8.52
C GLY E 384 -14.43 22.37 -9.57
N LYS E 385 -15.56 22.62 -10.21
CA LYS E 385 -16.04 21.73 -11.25
C LYS E 385 -15.37 22.05 -12.58
N SER E 386 -15.48 21.12 -13.52
CA SER E 386 -14.86 21.29 -14.83
C SER E 386 -15.52 22.42 -15.60
N ALA E 387 -14.77 22.98 -16.55
CA ALA E 387 -15.37 23.91 -17.49
C ALA E 387 -16.26 23.18 -18.50
N VAL E 388 -15.83 21.97 -18.91
CA VAL E 388 -16.67 21.10 -19.72
C VAL E 388 -18.04 20.95 -19.08
N TRP E 389 -18.05 20.71 -17.78
CA TRP E 389 -19.29 20.41 -17.07
C TRP E 389 -20.09 21.69 -16.80
N LEU E 390 -19.42 22.80 -16.52
CA LEU E 390 -20.12 24.08 -16.35
C LEU E 390 -20.91 24.43 -17.59
N LEU E 391 -20.32 24.22 -18.77
CA LEU E 391 -21.04 24.46 -20.02
C LEU E 391 -22.19 23.48 -20.18
N SER E 392 -22.02 22.24 -19.71
CA SER E 392 -23.07 21.24 -19.81
C SER E 392 -24.36 21.73 -19.16
N GLN E 393 -24.24 22.44 -18.04
CA GLN E 393 -25.40 22.87 -17.26
C GLN E 393 -26.13 24.04 -17.88
N ILE E 394 -25.63 24.61 -18.99
CA ILE E 394 -26.29 25.70 -19.68
C ILE E 394 -26.59 25.35 -21.14
N GLY E 395 -26.36 24.09 -21.53
CA GLY E 395 -26.70 23.65 -22.87
C GLY E 395 -25.51 23.25 -23.72
N ILE E 396 -24.53 24.15 -23.83
CA ILE E 396 -23.40 23.93 -24.71
C ILE E 396 -22.55 22.77 -24.20
N SER E 397 -22.26 21.82 -25.09
CA SER E 397 -21.34 20.73 -24.80
C SER E 397 -20.19 20.80 -25.78
N VAL E 398 -18.96 20.71 -25.27
CA VAL E 398 -17.77 21.02 -26.03
C VAL E 398 -16.64 20.07 -25.63
N ASP E 399 -15.61 20.02 -26.48
CA ASP E 399 -14.50 19.10 -26.33
C ASP E 399 -13.84 19.23 -24.96
N ALA E 400 -13.06 18.20 -24.60
CA ALA E 400 -12.32 18.18 -23.34
C ALA E 400 -11.06 19.05 -23.37
N SER E 401 -10.64 19.52 -24.55
CA SER E 401 -9.54 20.48 -24.60
C SER E 401 -9.94 21.83 -24.02
N ILE E 402 -11.24 22.08 -23.88
CA ILE E 402 -11.73 23.31 -23.28
C ILE E 402 -11.41 23.30 -21.79
N LYS E 403 -10.58 24.24 -21.36
CA LYS E 403 -10.08 24.27 -19.98
C LYS E 403 -10.70 25.37 -19.13
N ILE E 404 -11.04 26.52 -19.71
CA ILE E 404 -11.67 27.61 -18.97
C ILE E 404 -12.80 28.20 -19.80
N ILE E 405 -13.68 28.93 -19.11
CA ILE E 405 -14.68 29.78 -19.75
C ILE E 405 -14.14 31.19 -19.73
N LEU E 406 -14.17 31.86 -20.88
CA LEU E 406 -13.56 33.17 -21.06
C LEU E 406 -14.60 34.19 -21.52
N MET E 407 -14.45 35.42 -21.06
CA MET E 407 -15.33 36.50 -21.50
C MET E 407 -14.72 37.84 -21.12
N GLU E 408 -15.04 38.85 -21.91
CA GLU E 408 -14.66 40.23 -21.63
C GLU E 408 -15.84 40.95 -21.02
N VAL E 409 -15.59 41.70 -19.94
CA VAL E 409 -16.68 42.22 -19.11
C VAL E 409 -16.13 43.39 -18.27
N PRO E 410 -16.96 44.38 -17.90
CA PRO E 410 -16.45 45.49 -17.08
C PRO E 410 -16.02 45.08 -15.68
N ARG E 411 -15.51 46.05 -14.91
CA ARG E 411 -15.09 45.78 -13.53
C ARG E 411 -16.23 45.26 -12.69
N GLU E 412 -17.35 45.97 -12.71
CA GLU E 412 -18.43 45.76 -11.75
C GLU E 412 -19.02 44.37 -11.82
N HIS E 413 -18.72 43.60 -12.87
CA HIS E 413 -19.37 42.32 -13.06
C HIS E 413 -19.09 41.40 -11.88
N PRO E 414 -20.09 40.63 -11.42
CA PRO E 414 -19.88 39.77 -10.25
C PRO E 414 -18.74 38.79 -10.41
N PHE E 415 -18.41 38.40 -11.63
CA PHE E 415 -17.34 37.42 -11.85
C PHE E 415 -15.96 38.01 -11.66
N VAL E 416 -15.81 39.33 -11.76
CA VAL E 416 -14.54 39.97 -11.44
C VAL E 416 -14.46 40.31 -9.95
N GLN E 417 -15.60 40.56 -9.31
CA GLN E 417 -15.61 41.03 -7.92
C GLN E 417 -15.60 39.91 -6.89
N GLU E 418 -16.01 38.70 -7.27
CA GLU E 418 -16.11 37.58 -6.33
C GLU E 418 -15.10 36.49 -6.68
N GLU E 419 -14.62 35.81 -5.65
CA GLU E 419 -13.74 34.66 -5.81
C GLU E 419 -14.61 33.43 -6.06
N LEU E 420 -14.70 33.01 -7.32
CA LEU E 420 -15.61 31.92 -7.68
C LEU E 420 -15.00 30.54 -7.44
N MET E 421 -13.68 30.42 -7.57
CA MET E 421 -13.00 29.13 -7.48
C MET E 421 -13.53 28.14 -8.52
N MET E 422 -13.82 28.65 -9.71
CA MET E 422 -14.28 27.89 -10.86
C MET E 422 -13.46 28.29 -12.07
N PRO E 423 -13.38 27.44 -13.11
CA PRO E 423 -12.57 27.80 -14.29
C PRO E 423 -13.21 28.88 -15.15
N ILE E 424 -13.98 29.76 -14.52
CA ILE E 424 -14.59 30.91 -15.18
C ILE E 424 -13.64 32.10 -15.01
N LEU E 425 -13.19 32.67 -16.12
CA LEU E 425 -12.14 33.69 -16.10
C LEU E 425 -12.60 34.93 -16.86
N PRO E 426 -12.96 36.00 -16.15
CA PRO E 426 -13.32 37.25 -16.83
C PRO E 426 -12.08 38.06 -17.20
N LEU E 427 -12.26 38.93 -18.19
CA LEU E 427 -11.18 39.74 -18.72
C LEU E 427 -11.65 41.18 -18.83
N VAL E 428 -10.86 42.10 -18.26
CA VAL E 428 -11.16 43.52 -18.29
C VAL E 428 -10.13 44.21 -19.16
N ARG E 429 -10.59 45.07 -20.07
CA ARG E 429 -9.72 45.79 -20.99
C ARG E 429 -9.48 47.20 -20.45
N VAL E 430 -8.21 47.63 -20.48
CA VAL E 430 -7.82 48.95 -20.02
C VAL E 430 -6.91 49.57 -21.09
N GLU E 431 -6.71 50.89 -20.98
CA GLU E 431 -5.97 51.62 -22.01
C GLU E 431 -4.48 51.39 -21.92
N THR E 432 -3.91 51.50 -20.72
CA THR E 432 -2.46 51.43 -20.54
C THR E 432 -2.12 50.52 -19.37
N VAL E 433 -0.84 50.15 -19.31
CA VAL E 433 -0.35 49.27 -18.25
C VAL E 433 -0.48 49.93 -16.88
N ASP E 434 -0.42 51.26 -16.85
CA ASP E 434 -0.66 51.98 -15.59
C ASP E 434 -2.09 51.79 -15.12
N ASP E 435 -3.05 51.78 -16.06
CA ASP E 435 -4.45 51.59 -15.70
C ASP E 435 -4.73 50.14 -15.31
N ALA E 436 -3.92 49.20 -15.79
CA ALA E 436 -4.08 47.81 -15.39
C ALA E 436 -3.60 47.59 -13.97
N ILE E 437 -2.51 48.25 -13.59
CA ILE E 437 -1.98 48.12 -12.23
C ILE E 437 -2.98 48.66 -11.22
N ASP E 438 -3.50 49.87 -11.48
CA ASP E 438 -4.46 50.49 -10.56
C ASP E 438 -5.67 49.61 -10.34
N LEU E 439 -6.21 49.03 -11.41
CA LEU E 439 -7.39 48.18 -11.28
C LEU E 439 -7.04 46.87 -10.59
N ALA E 440 -5.84 46.34 -10.85
CA ALA E 440 -5.40 45.12 -10.17
C ALA E 440 -5.38 45.32 -8.66
N ILE E 441 -4.89 46.48 -8.21
CA ILE E 441 -4.92 46.78 -6.78
C ILE E 441 -6.35 46.98 -6.29
N GLU E 442 -7.25 47.40 -7.18
CA GLU E 442 -8.64 47.63 -6.79
C GLU E 442 -9.39 46.31 -6.59
N VAL E 443 -9.27 45.39 -7.55
CA VAL E 443 -10.03 44.13 -7.49
C VAL E 443 -9.41 43.12 -6.55
N GLU E 444 -8.20 43.34 -6.08
CA GLU E 444 -7.58 42.41 -5.15
C GLU E 444 -8.20 42.50 -3.76
N HIS E 445 -8.86 43.63 -3.45
CA HIS E 445 -9.65 43.80 -2.24
C HIS E 445 -8.80 43.75 -0.98
N ASP E 446 -7.57 44.26 -1.06
CA ASP E 446 -6.67 44.38 0.09
C ASP E 446 -6.45 43.03 0.79
N ASN E 447 -6.77 41.92 0.12
CA ASN E 447 -6.35 40.62 0.63
C ASN E 447 -4.84 40.49 0.61
N ARG E 448 -4.15 41.31 -0.19
CA ARG E 448 -2.75 41.18 -0.56
C ARG E 448 -2.29 39.73 -0.49
N HIS E 449 -2.97 38.89 -1.26
CA HIS E 449 -2.73 37.45 -1.28
C HIS E 449 -1.81 37.07 -2.44
N THR E 450 -2.34 37.09 -3.66
CA THR E 450 -1.54 36.80 -4.84
C THR E 450 -1.94 37.73 -5.97
N ALA E 451 -0.99 38.00 -6.86
CA ALA E 451 -1.24 38.70 -8.11
C ALA E 451 -0.25 38.17 -9.14
N ILE E 452 -0.65 38.22 -10.40
CA ILE E 452 0.19 37.77 -11.50
C ILE E 452 0.38 38.93 -12.47
N MET E 453 1.56 38.99 -13.08
CA MET E 453 1.81 39.95 -14.15
C MET E 453 2.64 39.30 -15.24
N HIS E 454 2.12 39.34 -16.46
CA HIS E 454 2.89 38.96 -17.65
C HIS E 454 3.39 40.25 -18.28
N SER E 455 4.68 40.52 -18.09
CA SER E 455 5.29 41.73 -18.57
C SER E 455 6.78 41.53 -18.70
N THR E 456 7.36 42.16 -19.70
CA THR E 456 8.76 42.08 -20.02
C THR E 456 9.56 43.26 -19.50
N ASP E 457 8.92 44.41 -19.36
CA ASP E 457 9.55 45.64 -18.88
C ASP E 457 9.83 45.51 -17.38
N VAL E 458 11.11 45.47 -17.01
CA VAL E 458 11.51 45.38 -15.61
C VAL E 458 11.01 46.58 -14.82
N ARG E 459 10.87 47.73 -15.48
CA ARG E 459 10.36 48.92 -14.80
C ARG E 459 8.88 48.77 -14.45
N LYS E 460 8.12 48.04 -15.26
CA LYS E 460 6.70 47.83 -15.01
C LYS E 460 6.43 46.64 -14.10
N LEU E 461 7.23 45.57 -14.22
CA LEU E 461 7.14 44.49 -13.25
C LEU E 461 7.45 44.99 -11.84
N THR E 462 8.29 46.01 -11.72
CA THR E 462 8.66 46.53 -10.41
C THR E 462 7.55 47.37 -9.81
N LYS E 463 6.91 48.22 -10.62
CA LYS E 463 5.90 49.13 -10.11
C LYS E 463 4.69 48.36 -9.58
N MET E 464 4.18 47.41 -10.36
CA MET E 464 3.01 46.65 -9.94
C MET E 464 3.31 45.78 -8.74
N ALA E 465 4.47 45.10 -8.75
CA ALA E 465 4.82 44.23 -7.63
C ALA E 465 4.85 45.00 -6.32
N LYS E 466 5.49 46.18 -6.32
CA LYS E 466 5.61 46.95 -5.09
C LYS E 466 4.30 47.62 -4.69
N LEU E 467 3.51 48.06 -5.66
CA LEU E 467 2.32 48.82 -5.34
C LEU E 467 1.20 47.93 -4.79
N ILE E 468 1.02 46.75 -5.36
CA ILE E 468 -0.07 45.88 -4.90
C ILE E 468 0.26 45.20 -3.57
N GLN E 469 1.55 45.05 -3.26
CA GLN E 469 2.00 44.55 -1.94
C GLN E 469 1.38 43.20 -1.60
N THR E 470 1.54 42.24 -2.51
CA THR E 470 0.94 40.93 -2.33
C THR E 470 1.93 39.95 -1.70
N THR E 471 1.38 38.96 -0.98
CA THR E 471 2.22 37.94 -0.37
C THR E 471 2.96 37.13 -1.44
N ILE E 472 2.29 36.83 -2.54
CA ILE E 472 2.87 36.11 -3.66
C ILE E 472 2.70 36.95 -4.92
N PHE E 473 3.74 37.00 -5.74
CA PHE E 473 3.68 37.70 -7.02
C PHE E 473 4.47 36.90 -8.05
N VAL E 474 3.78 36.45 -9.10
CA VAL E 474 4.39 35.65 -10.16
C VAL E 474 4.54 36.54 -11.38
N LYS E 475 5.72 36.47 -12.01
CA LYS E 475 6.03 37.30 -13.18
C LYS E 475 6.36 36.39 -14.35
N ASN E 476 5.57 36.50 -15.43
CA ASN E 476 5.80 35.78 -16.68
C ASN E 476 5.77 34.26 -16.46
N GLY E 477 4.77 33.81 -15.72
CA GLY E 477 4.59 32.40 -15.48
C GLY E 477 3.21 32.09 -14.94
N PRO E 478 2.89 30.81 -14.85
CA PRO E 478 1.60 30.41 -14.29
C PRO E 478 1.55 30.64 -12.79
N SER E 479 0.32 30.84 -12.29
CA SER E 479 0.11 31.19 -10.89
C SER E 479 0.81 30.21 -9.95
N TYR E 480 0.71 28.91 -10.25
CA TYR E 480 1.32 27.89 -9.41
C TYR E 480 2.86 27.93 -9.41
N ALA E 481 3.50 28.92 -10.03
CA ALA E 481 4.94 29.10 -9.88
C ALA E 481 5.30 29.73 -8.55
N GLY E 482 4.36 30.42 -7.90
CA GLY E 482 4.57 30.86 -6.54
C GLY E 482 4.44 29.73 -5.54
N LEU E 483 3.65 28.71 -5.89
CA LEU E 483 3.59 27.51 -5.06
C LEU E 483 4.87 26.69 -5.13
N GLY E 484 5.70 26.90 -6.14
CA GLY E 484 6.94 26.17 -6.31
C GLY E 484 7.01 25.33 -7.56
N ALA E 485 5.91 25.18 -8.30
CA ALA E 485 5.90 24.41 -9.54
C ALA E 485 6.24 25.34 -10.69
N GLY E 486 7.46 25.22 -11.22
CA GLY E 486 7.92 26.15 -12.23
C GLY E 486 8.37 27.48 -11.68
N GLY E 487 8.69 27.54 -10.39
CA GLY E 487 9.18 28.76 -9.76
C GLY E 487 10.11 28.44 -8.62
N GLU E 488 11.17 29.23 -8.45
CA GLU E 488 12.15 28.96 -7.41
C GLU E 488 11.52 29.12 -6.03
N GLY E 489 12.00 28.32 -5.09
CA GLY E 489 11.55 28.37 -3.71
C GLY E 489 10.80 27.12 -3.32
N TYR E 490 10.65 26.94 -2.01
CA TYR E 490 9.91 25.81 -1.48
C TYR E 490 8.40 26.03 -1.65
N SER E 491 7.63 24.99 -1.34
CA SER E 491 6.19 25.03 -1.50
C SER E 491 5.49 25.19 -0.15
N THR E 492 4.26 25.68 -0.20
CA THR E 492 3.38 25.69 0.95
C THR E 492 1.94 25.70 0.47
N PHE E 493 1.04 25.32 1.38
CA PHE E 493 -0.39 25.38 1.12
C PHE E 493 -1.12 26.09 2.26
N THR E 494 -0.39 26.76 3.15
CA THR E 494 -0.94 27.63 4.19
C THR E 494 -0.24 28.97 4.00
N ILE E 495 -0.85 29.83 3.19
CA ILE E 495 -0.24 31.10 2.78
C ILE E 495 -0.84 32.19 3.63
N ALA E 496 -0.05 32.74 4.55
CA ALA E 496 -0.51 33.73 5.50
C ALA E 496 -0.38 35.13 4.93
N GLY E 497 -1.48 35.87 4.92
CA GLY E 497 -1.52 37.24 4.46
C GLY E 497 -1.75 38.24 5.58
N PRO E 498 -2.83 38.05 6.37
CA PRO E 498 -3.11 39.00 7.46
C PRO E 498 -2.05 38.96 8.55
N THR E 499 -1.76 37.76 9.06
CA THR E 499 -0.75 37.62 10.10
C THR E 499 0.66 37.78 9.56
N GLY E 500 0.83 37.88 8.24
CA GLY E 500 2.07 38.35 7.66
C GLY E 500 3.24 37.40 7.66
N GLU E 501 2.99 36.09 7.87
CA GLU E 501 4.09 35.13 7.84
C GLU E 501 4.49 34.73 6.42
N GLY E 502 3.66 35.06 5.42
CA GLY E 502 4.01 34.71 4.05
C GLY E 502 3.73 33.25 3.77
N LEU E 503 4.69 32.58 3.16
CA LEU E 503 4.58 31.15 2.86
C LEU E 503 5.10 30.38 4.07
N THR E 504 4.18 29.88 4.89
CA THR E 504 4.55 29.26 6.15
C THR E 504 5.45 28.05 5.93
N SER E 505 6.40 27.87 6.84
CA SER E 505 7.29 26.72 6.85
C SER E 505 7.54 26.35 8.32
N ALA E 506 8.51 25.46 8.55
CA ALA E 506 8.82 25.04 9.91
C ALA E 506 9.14 26.23 10.81
N LYS E 507 9.88 27.22 10.28
CA LYS E 507 10.18 28.43 11.04
C LYS E 507 8.92 29.13 11.51
N SER E 508 7.83 29.00 10.76
CA SER E 508 6.57 29.65 11.13
C SER E 508 5.89 28.97 12.29
N PHE E 509 6.19 27.69 12.53
CA PHE E 509 5.60 26.92 13.61
C PHE E 509 6.56 26.73 14.78
N ALA E 510 7.52 27.65 14.93
CA ALA E 510 8.52 27.55 15.96
C ALA E 510 8.69 28.91 16.62
N ARG E 511 9.20 28.88 17.85
CA ARG E 511 9.51 30.08 18.62
C ARG E 511 11.01 30.34 18.60
N ARG E 512 11.38 31.61 18.62
CA ARG E 512 12.78 32.01 18.60
C ARG E 512 13.28 32.18 20.03
N ARG E 513 14.26 31.37 20.41
CA ARG E 513 14.96 31.50 21.69
C ARG E 513 16.40 31.89 21.42
N LYS E 514 16.95 32.79 22.22
CA LYS E 514 18.36 33.16 22.08
C LYS E 514 19.12 32.77 23.33
N CYS E 515 20.33 32.26 23.12
CA CYS E 515 21.18 31.74 24.19
C CYS E 515 22.44 32.60 24.24
N VAL E 516 22.69 33.22 25.39
CA VAL E 516 23.76 34.20 25.53
C VAL E 516 24.86 33.60 26.40
N MET E 517 25.97 33.23 25.77
CA MET E 517 27.16 32.73 26.47
C MET E 517 28.06 33.93 26.76
N VAL E 518 28.05 34.41 28.00
CA VAL E 518 28.72 35.65 28.34
C VAL E 518 30.22 35.44 28.38
N GLU E 519 30.94 36.15 27.50
CA GLU E 519 32.40 36.20 27.49
C GLU E 519 33.01 34.80 27.42
N ALA E 520 32.50 34.00 26.49
CA ALA E 520 33.07 32.69 26.20
C ALA E 520 32.68 32.32 24.77
N LEU E 521 33.37 31.31 24.24
CA LEU E 521 33.10 30.79 22.90
C LEU E 521 33.19 31.88 21.84
N ASN E 522 34.00 32.90 22.10
CA ASN E 522 34.33 33.91 21.10
C ASN E 522 35.71 33.58 20.52
N ILE E 523 35.75 32.47 19.80
CA ILE E 523 37.01 31.84 19.40
C ILE E 523 37.50 32.39 18.05
N ARG E 524 37.07 33.60 17.71
CA ARG E 524 37.54 34.25 16.49
C ARG E 524 38.92 34.87 16.70
N ALA F 85 57.82 60.14 20.08
CA ALA F 85 58.70 59.38 19.19
C ALA F 85 57.97 58.20 18.59
N VAL F 86 56.66 58.34 18.41
CA VAL F 86 55.84 57.26 17.86
C VAL F 86 56.16 57.07 16.38
N SER F 87 56.11 55.83 15.92
CA SER F 87 56.33 55.53 14.52
C SER F 87 55.24 56.16 13.65
N ASP F 88 55.63 56.56 12.44
CA ASP F 88 54.70 57.12 11.48
C ASP F 88 54.37 56.17 10.34
N GLY F 89 54.88 54.94 10.40
CA GLY F 89 54.49 53.90 9.46
C GLY F 89 55.35 53.79 8.22
N VAL F 90 56.24 54.75 7.95
CA VAL F 90 57.02 54.75 6.72
C VAL F 90 58.47 54.43 7.08
N PHE F 91 58.97 53.33 6.52
CA PHE F 91 60.30 52.82 6.81
C PHE F 91 61.21 53.06 5.61
N GLU F 92 62.51 52.88 5.85
CA GLU F 92 63.50 53.11 4.79
C GLU F 92 63.73 51.86 3.95
N THR F 93 63.51 50.67 4.51
CA THR F 93 63.65 49.42 3.78
C THR F 93 62.36 48.61 3.94
N MET F 94 62.16 47.67 3.00
CA MET F 94 60.98 46.81 3.07
C MET F 94 61.10 45.82 4.23
N ASP F 95 62.31 45.33 4.49
CA ASP F 95 62.52 44.43 5.62
C ASP F 95 62.10 45.10 6.93
N ALA F 96 62.54 46.36 7.13
CA ALA F 96 62.14 47.10 8.32
C ALA F 96 60.65 47.36 8.37
N ALA F 97 59.97 47.38 7.22
CA ALA F 97 58.52 47.54 7.22
C ALA F 97 57.83 46.23 7.55
N VAL F 98 58.23 45.14 6.90
CA VAL F 98 57.60 43.84 7.16
C VAL F 98 57.85 43.40 8.60
N GLU F 99 59.09 43.56 9.08
CA GLU F 99 59.41 43.10 10.42
C GLU F 99 58.64 43.86 11.49
N ALA F 100 58.35 45.14 11.26
CA ALA F 100 57.59 45.91 12.24
C ALA F 100 56.09 45.60 12.17
N ALA F 101 55.56 45.32 10.98
CA ALA F 101 54.15 44.96 10.87
C ALA F 101 53.90 43.58 11.46
N ALA F 102 54.85 42.66 11.32
CA ALA F 102 54.71 41.34 11.94
C ALA F 102 54.57 41.47 13.45
N LEU F 103 55.35 42.36 14.07
CA LEU F 103 55.21 42.62 15.50
C LEU F 103 53.89 43.32 15.79
N ALA F 104 53.44 44.22 14.91
CA ALA F 104 52.18 44.90 15.11
C ALA F 104 51.01 43.92 15.11
N GLN F 105 51.03 42.96 14.20
CA GLN F 105 49.91 42.03 14.08
C GLN F 105 49.79 41.12 15.30
N GLN F 106 50.91 40.81 15.94
CA GLN F 106 50.84 40.02 17.17
C GLN F 106 50.38 40.85 18.35
N GLN F 107 50.78 42.13 18.40
CA GLN F 107 50.17 43.06 19.36
C GLN F 107 48.69 43.24 19.05
N TYR F 108 48.31 43.14 17.78
CA TYR F 108 46.91 43.23 17.40
C TYR F 108 46.12 42.03 17.90
N LEU F 109 46.75 40.85 17.91
CA LEU F 109 46.09 39.63 18.37
C LEU F 109 45.55 39.74 19.79
N LEU F 110 46.10 40.65 20.60
CA LEU F 110 45.64 40.84 21.97
C LEU F 110 44.48 41.81 22.09
N CYS F 111 44.20 42.60 21.06
CA CYS F 111 43.19 43.63 21.15
C CYS F 111 41.80 43.07 20.84
N SER F 112 40.79 43.74 21.39
CA SER F 112 39.42 43.29 21.29
C SER F 112 38.78 43.75 19.98
N MET F 113 37.61 43.17 19.68
CA MET F 113 36.82 43.64 18.55
C MET F 113 36.36 45.08 18.74
N SER F 114 36.24 45.54 19.99
CA SER F 114 35.93 46.95 20.23
C SER F 114 37.09 47.84 19.81
N ASP F 115 38.33 47.39 20.03
CA ASP F 115 39.48 48.13 19.54
C ASP F 115 39.52 48.12 18.02
N ARG F 116 39.28 46.95 17.41
CA ARG F 116 39.25 46.84 15.96
C ARG F 116 38.28 47.84 15.35
N ALA F 117 37.08 47.95 15.93
CA ALA F 117 36.09 48.88 15.41
C ALA F 117 36.51 50.33 15.63
N ARG F 118 37.17 50.63 16.74
CA ARG F 118 37.71 51.98 16.93
C ARG F 118 38.80 52.28 15.91
N PHE F 119 39.70 51.32 15.67
CA PHE F 119 40.76 51.53 14.69
C PHE F 119 40.17 51.70 13.29
N VAL F 120 39.08 50.98 12.99
CA VAL F 120 38.43 51.10 11.69
C VAL F 120 37.79 52.49 11.56
N GLN F 121 37.02 52.90 12.56
CA GLN F 121 36.39 54.22 12.51
C GLN F 121 37.43 55.33 12.45
N GLY F 122 38.61 55.09 13.01
CA GLY F 122 39.67 56.08 12.91
C GLY F 122 40.11 56.31 11.48
N ILE F 123 40.29 55.24 10.72
CA ILE F 123 40.66 55.37 9.31
C ILE F 123 39.54 56.07 8.53
N ARG F 124 38.29 55.84 8.92
CA ARG F 124 37.18 56.55 8.28
C ARG F 124 37.25 58.04 8.59
N ASP F 125 37.64 58.40 9.82
CA ASP F 125 37.72 59.80 10.19
C ASP F 125 38.82 60.52 9.41
N VAL F 126 39.92 59.82 9.14
CA VAL F 126 41.04 60.42 8.42
C VAL F 126 40.58 60.90 7.04
N ILE F 127 40.06 59.98 6.24
CA ILE F 127 39.74 60.29 4.85
C ILE F 127 38.44 61.08 4.71
N LEU F 128 37.50 60.96 5.66
CA LEU F 128 36.26 61.72 5.60
C LEU F 128 36.39 63.11 6.23
N ASN F 129 37.47 63.37 6.96
CA ASN F 129 37.75 64.74 7.40
C ASN F 129 37.86 65.64 6.18
N GLN F 130 36.99 66.65 6.11
CA GLN F 130 36.83 67.43 4.89
C GLN F 130 38.16 68.01 4.40
N ASP F 131 38.94 68.57 5.33
CA ASP F 131 40.24 69.12 4.96
C ASP F 131 41.16 68.03 4.40
N THR F 132 41.20 66.88 5.06
CA THR F 132 42.02 65.77 4.56
C THR F 132 41.41 65.16 3.30
N LEU F 133 40.07 65.08 3.25
CA LEU F 133 39.41 64.53 2.08
C LEU F 133 39.82 65.28 0.81
N GLU F 134 39.64 66.60 0.80
CA GLU F 134 39.97 67.31 -0.42
C GLU F 134 41.47 67.54 -0.59
N LYS F 135 42.31 67.23 0.40
CA LYS F 135 43.74 67.32 0.12
C LYS F 135 44.25 66.07 -0.58
N MET F 136 43.77 64.89 -0.16
CA MET F 136 44.12 63.66 -0.85
C MET F 136 43.71 63.73 -2.32
N SER F 137 42.49 64.19 -2.58
CA SER F 137 41.99 64.25 -3.96
C SER F 137 42.80 65.24 -4.80
N ARG F 138 43.31 66.32 -4.20
CA ARG F 138 44.16 67.24 -4.95
C ARG F 138 45.53 66.66 -5.21
N MET F 139 46.18 66.13 -4.17
CA MET F 139 47.54 65.61 -4.33
C MET F 139 47.59 64.50 -5.36
N ALA F 140 46.60 63.61 -5.35
CA ALA F 140 46.59 62.52 -6.32
C ALA F 140 46.51 63.03 -7.75
N VAL F 141 45.69 64.07 -7.98
CA VAL F 141 45.63 64.68 -9.30
C VAL F 141 46.94 65.38 -9.63
N GLU F 142 47.47 66.15 -8.67
CA GLU F 142 48.62 66.99 -8.94
C GLU F 142 49.92 66.21 -9.06
N GLU F 143 50.03 65.07 -8.37
CA GLU F 143 51.25 64.27 -8.43
C GLU F 143 51.23 63.29 -9.60
N THR F 144 50.14 62.54 -9.74
CA THR F 144 50.05 61.55 -10.81
C THR F 144 49.68 62.15 -12.16
N GLY F 145 49.06 63.33 -12.17
CA GLY F 145 48.59 63.93 -13.40
C GLY F 145 47.34 63.30 -13.98
N MET F 146 46.80 62.26 -13.34
CA MET F 146 45.62 61.57 -13.83
C MET F 146 44.43 61.88 -12.94
N GLY F 147 43.24 61.82 -13.54
CA GLY F 147 42.01 62.04 -12.80
C GLY F 147 41.66 63.51 -12.66
N ASN F 148 40.59 63.76 -11.90
CA ASN F 148 40.14 65.13 -11.64
C ASN F 148 39.77 65.27 -10.17
N TYR F 149 39.95 66.48 -9.66
CA TYR F 149 39.81 66.73 -8.22
C TYR F 149 38.42 66.39 -7.72
N GLU F 150 37.38 66.75 -8.48
CA GLU F 150 36.01 66.66 -7.98
C GLU F 150 35.47 65.24 -7.98
N HIS F 151 35.93 64.39 -8.91
CA HIS F 151 35.51 63.00 -8.89
C HIS F 151 36.33 62.18 -7.91
N LYS F 152 37.57 62.59 -7.63
CA LYS F 152 38.33 61.90 -6.60
C LYS F 152 37.78 62.19 -5.21
N LEU F 153 37.10 63.32 -5.03
CA LEU F 153 36.33 63.55 -3.81
C LEU F 153 35.30 62.45 -3.62
N ILE F 154 34.58 62.10 -4.69
CA ILE F 154 33.51 61.12 -4.59
C ILE F 154 34.06 59.73 -4.32
N LYS F 155 35.16 59.37 -4.99
CA LYS F 155 35.72 58.04 -4.82
C LYS F 155 36.37 57.88 -3.45
N ASN F 156 37.11 58.91 -3.00
CA ASN F 156 37.68 58.87 -1.66
C ASN F 156 36.59 58.78 -0.60
N ARG F 157 35.57 59.63 -0.70
CA ARG F 157 34.47 59.59 0.25
C ARG F 157 33.74 58.26 0.19
N LEU F 158 33.71 57.63 -0.99
CA LEU F 158 33.07 56.33 -1.14
C LEU F 158 33.84 55.23 -0.42
N ALA F 159 35.17 55.36 -0.33
CA ALA F 159 35.99 54.31 0.23
C ALA F 159 35.83 54.22 1.75
N GLY F 160 35.70 55.37 2.41
CA GLY F 160 35.55 55.40 3.86
C GLY F 160 34.14 55.28 4.37
N GLU F 161 33.15 55.32 3.49
CA GLU F 161 31.75 55.19 3.88
C GLU F 161 31.19 53.80 3.68
N LYS F 162 31.49 53.16 2.55
CA LYS F 162 30.85 51.90 2.18
C LYS F 162 31.76 50.68 2.30
N THR F 163 33.02 50.86 2.68
CA THR F 163 33.86 49.70 2.96
C THR F 163 33.36 49.02 4.22
N PRO F 164 33.11 47.70 4.18
CA PRO F 164 32.67 47.01 5.40
C PRO F 164 33.75 47.02 6.47
N GLY F 165 33.31 47.16 7.72
CA GLY F 165 34.16 47.07 8.89
C GLY F 165 34.17 45.68 9.49
N ILE F 166 34.17 45.62 10.82
CA ILE F 166 34.13 44.33 11.50
C ILE F 166 32.78 43.64 11.36
N GLU F 167 31.74 44.35 10.92
CA GLU F 167 30.45 43.72 10.71
C GLU F 167 30.49 42.69 9.59
N ASP F 168 31.46 42.79 8.69
CA ASP F 168 31.58 41.84 7.59
C ASP F 168 32.03 40.46 8.06
N LEU F 169 32.65 40.37 9.24
CA LEU F 169 33.15 39.11 9.77
C LEU F 169 31.99 38.38 10.46
N THR F 170 31.17 37.75 9.65
CA THR F 170 29.99 37.04 10.13
C THR F 170 30.37 35.64 10.62
N THR F 171 29.46 35.04 11.38
CA THR F 171 29.63 33.70 11.92
C THR F 171 28.50 32.81 11.43
N ASP F 172 28.84 31.59 11.02
CA ASP F 172 27.87 30.55 10.73
C ASP F 172 27.78 29.59 11.90
N ALA F 173 26.57 29.12 12.19
CA ALA F 173 26.35 28.17 13.27
C ALA F 173 25.50 27.02 12.77
N PHE F 174 25.84 25.82 13.21
CA PHE F 174 25.08 24.61 12.88
C PHE F 174 24.97 23.77 14.15
N SER F 175 23.73 23.58 14.62
CA SER F 175 23.48 22.80 15.82
C SER F 175 22.59 21.61 15.49
N GLY F 176 22.76 20.54 16.26
CA GLY F 176 22.00 19.32 16.06
C GLY F 176 22.36 18.25 17.07
N ASP F 177 22.21 16.98 16.72
CA ASP F 177 22.51 15.91 17.66
C ASP F 177 23.99 15.82 17.97
N ASN F 178 24.85 16.29 17.09
CA ASN F 178 26.29 16.20 17.28
C ASN F 178 26.87 17.42 18.02
N GLY F 179 26.01 18.33 18.48
CA GLY F 179 26.48 19.49 19.20
C GLY F 179 26.41 20.77 18.39
N LEU F 180 27.41 21.63 18.55
CA LEU F 180 27.47 22.93 17.90
C LEU F 180 28.75 23.06 17.08
N THR F 181 28.62 23.62 15.88
CA THR F 181 29.76 23.89 15.01
C THR F 181 29.76 25.36 14.65
N LEU F 182 30.91 26.01 14.80
CA LEU F 182 31.06 27.44 14.53
C LEU F 182 32.16 27.65 13.50
N VAL F 183 31.86 28.41 12.46
CA VAL F 183 32.85 28.78 11.44
C VAL F 183 33.09 30.29 11.57
N GLU F 184 34.34 30.66 11.82
CA GLU F 184 34.72 32.04 12.07
C GLU F 184 35.75 32.50 11.05
N TYR F 185 35.77 33.81 10.80
CA TYR F 185 36.79 34.43 9.97
C TYR F 185 37.91 34.97 10.87
N SER F 186 39.13 34.52 10.63
CA SER F 186 40.29 34.87 11.46
C SER F 186 41.36 35.55 10.63
N PRO F 187 42.25 36.33 11.26
CA PRO F 187 43.27 37.06 10.50
C PRO F 187 44.26 36.12 9.81
N PHE F 188 44.77 36.59 8.67
CA PHE F 188 45.87 35.90 8.00
C PHE F 188 47.22 36.23 8.63
N GLY F 189 47.39 37.45 9.13
CA GLY F 189 48.66 37.90 9.65
C GLY F 189 49.13 39.18 9.01
N VAL F 190 50.27 39.14 8.33
CA VAL F 190 50.82 40.29 7.63
C VAL F 190 50.47 40.16 6.15
N ILE F 191 49.71 41.12 5.63
CA ILE F 191 49.31 41.14 4.24
C ILE F 191 50.14 42.18 3.50
N GLY F 192 50.71 41.80 2.37
CA GLY F 192 51.39 42.74 1.51
C GLY F 192 50.44 43.25 0.44
N ALA F 193 50.21 44.56 0.41
CA ALA F 193 49.26 45.17 -0.50
C ALA F 193 50.01 45.95 -1.58
N ILE F 194 49.52 45.86 -2.81
CA ILE F 194 50.12 46.52 -3.96
C ILE F 194 49.05 47.38 -4.63
N THR F 195 49.26 48.70 -4.62
CA THR F 195 48.22 49.64 -5.01
C THR F 195 48.58 50.36 -6.31
N PRO F 196 47.59 50.83 -7.07
CA PRO F 196 47.86 51.43 -8.38
C PRO F 196 47.91 52.94 -8.37
N THR F 197 48.47 53.52 -9.44
CA THR F 197 48.53 54.98 -9.56
C THR F 197 47.18 55.60 -9.89
N THR F 198 46.23 54.80 -10.39
CA THR F 198 44.92 55.34 -10.76
C THR F 198 44.07 55.65 -9.54
N ASN F 199 44.08 54.75 -8.55
CA ASN F 199 43.31 54.92 -7.31
C ASN F 199 44.23 54.77 -6.11
N PRO F 200 45.25 55.63 -5.99
CA PRO F 200 46.28 55.38 -4.97
C PRO F 200 45.75 55.44 -3.54
N THR F 201 44.90 56.42 -3.24
CA THR F 201 44.43 56.62 -1.87
C THR F 201 43.17 55.82 -1.54
N GLU F 202 42.29 55.60 -2.51
CA GLU F 202 41.10 54.79 -2.25
C GLU F 202 41.48 53.35 -1.94
N THR F 203 42.46 52.81 -2.67
CA THR F 203 42.94 51.47 -2.38
C THR F 203 43.48 51.37 -0.96
N ILE F 204 44.26 52.37 -0.54
CA ILE F 204 44.86 52.34 0.79
C ILE F 204 43.77 52.33 1.86
N VAL F 205 42.84 53.28 1.80
CA VAL F 205 41.77 53.34 2.79
C VAL F 205 40.92 52.07 2.73
N CYS F 206 40.57 51.62 1.53
CA CYS F 206 39.72 50.45 1.39
C CYS F 206 40.42 49.19 1.90
N ASN F 207 41.68 49.00 1.49
CA ASN F 207 42.42 47.82 1.94
C ASN F 207 42.66 47.85 3.45
N SER F 208 43.11 49.00 3.97
CA SER F 208 43.45 49.09 5.38
C SER F 208 42.25 48.79 6.27
N ILE F 209 41.10 49.41 5.96
CA ILE F 209 39.90 49.18 6.75
C ILE F 209 39.53 47.71 6.76
N GLY F 210 39.57 47.07 5.59
CA GLY F 210 39.19 45.67 5.52
C GLY F 210 40.19 44.74 6.17
N MET F 211 41.48 44.99 5.94
CA MET F 211 42.52 44.12 6.49
C MET F 211 42.67 44.33 8.01
N LEU F 212 42.40 45.54 8.50
CA LEU F 212 42.44 45.76 9.94
C LEU F 212 41.15 45.30 10.62
N ALA F 213 40.02 45.37 9.93
CA ALA F 213 38.80 44.78 10.47
C ALA F 213 38.97 43.28 10.68
N ALA F 214 39.62 42.61 9.74
CA ALA F 214 39.87 41.18 9.84
C ALA F 214 40.96 40.83 10.84
N GLY F 215 41.65 41.82 11.42
CA GLY F 215 42.65 41.57 12.43
C GLY F 215 44.07 41.42 11.92
N ASN F 216 44.38 41.97 10.76
CA ASN F 216 45.71 41.86 10.16
C ASN F 216 46.47 43.17 10.29
N SER F 217 47.68 43.17 9.75
CA SER F 217 48.44 44.37 9.46
C SER F 217 48.79 44.36 7.98
N VAL F 218 49.07 45.54 7.42
CA VAL F 218 49.26 45.68 5.98
C VAL F 218 50.53 46.47 5.70
N VAL F 219 51.36 45.93 4.81
CA VAL F 219 52.49 46.66 4.24
C VAL F 219 52.09 47.07 2.83
N PHE F 220 52.06 48.38 2.57
CA PHE F 220 51.68 48.91 1.27
C PHE F 220 52.91 49.14 0.41
N SER F 221 52.85 48.67 -0.84
CA SER F 221 53.85 48.99 -1.85
C SER F 221 53.18 49.83 -2.93
N PRO F 222 53.06 51.14 -2.72
CA PRO F 222 52.31 51.98 -3.65
C PRO F 222 53.08 52.26 -4.93
N HIS F 223 52.32 52.67 -5.95
CA HIS F 223 52.91 53.01 -7.23
C HIS F 223 53.89 54.17 -7.06
N PRO F 224 55.09 54.09 -7.62
CA PRO F 224 56.05 55.19 -7.47
C PRO F 224 55.53 56.53 -7.99
N ARG F 225 54.68 56.52 -9.03
CA ARG F 225 54.08 57.76 -9.49
C ARG F 225 53.21 58.38 -8.41
N ALA F 226 52.65 57.57 -7.53
CA ALA F 226 51.92 58.05 -6.37
C ALA F 226 52.73 57.74 -5.12
N ARG F 227 53.84 58.46 -4.95
CA ARG F 227 54.68 58.27 -3.78
C ARG F 227 54.32 59.20 -2.63
N GLN F 228 53.91 60.42 -2.92
CA GLN F 228 53.71 61.40 -1.86
C GLN F 228 52.32 61.30 -1.20
N VAL F 229 51.25 61.16 -1.99
CA VAL F 229 49.93 61.10 -1.38
C VAL F 229 49.71 59.77 -0.66
N SER F 230 50.48 58.73 -0.99
CA SER F 230 50.37 57.46 -0.27
C SER F 230 51.10 57.52 1.07
N LEU F 231 52.37 57.95 1.04
CA LEU F 231 53.12 58.11 2.28
C LEU F 231 52.40 59.04 3.24
N LEU F 232 51.81 60.11 2.72
CA LEU F 232 51.04 61.03 3.55
C LEU F 232 49.85 60.31 4.19
N LEU F 233 49.08 59.56 3.40
CA LEU F 233 47.90 58.89 3.94
C LEU F 233 48.27 57.82 4.93
N VAL F 234 49.36 57.09 4.67
CA VAL F 234 49.84 56.10 5.63
C VAL F 234 50.24 56.78 6.94
N ARG F 235 50.92 57.93 6.85
CA ARG F 235 51.30 58.65 8.05
C ARG F 235 50.09 59.27 8.74
N LEU F 236 49.10 59.73 7.97
CA LEU F 236 47.88 60.27 8.58
C LEU F 236 47.07 59.19 9.26
N ILE F 237 47.15 57.95 8.76
CA ILE F 237 46.50 56.83 9.41
C ILE F 237 47.20 56.50 10.73
N ASN F 238 48.53 56.49 10.72
CA ASN F 238 49.27 56.20 11.94
C ASN F 238 49.08 57.29 12.98
N GLN F 239 48.99 58.55 12.55
CA GLN F 239 48.71 59.64 13.48
C GLN F 239 47.37 59.45 14.18
N LYS F 240 46.39 58.90 13.46
CA LYS F 240 45.07 58.65 14.05
C LYS F 240 45.05 57.39 14.89
N LEU F 241 45.64 56.30 14.38
CA LEU F 241 45.66 55.06 15.14
C LEU F 241 46.47 55.19 16.43
N ALA F 242 47.53 56.01 16.42
CA ALA F 242 48.32 56.22 17.62
C ALA F 242 47.48 56.86 18.72
N ALA F 243 46.68 57.88 18.37
CA ALA F 243 45.81 58.51 19.36
C ALA F 243 44.70 57.60 19.83
N LEU F 244 44.40 56.53 19.08
CA LEU F 244 43.39 55.56 19.46
C LEU F 244 43.96 54.42 20.30
N GLY F 245 45.22 54.51 20.71
CA GLY F 245 45.85 53.45 21.47
C GLY F 245 46.27 52.24 20.67
N ALA F 246 46.27 52.34 19.35
CA ALA F 246 46.60 51.18 18.52
C ALA F 246 48.09 50.85 18.65
N PRO F 247 48.43 49.56 18.58
CA PRO F 247 49.85 49.20 18.44
C PRO F 247 50.44 49.87 17.21
N GLU F 248 51.70 50.26 17.31
CA GLU F 248 52.35 50.95 16.22
C GLU F 248 52.48 50.03 15.01
N ASN F 249 52.52 50.64 13.83
CA ASN F 249 52.91 49.98 12.58
C ASN F 249 51.90 48.92 12.13
N LEU F 250 50.62 49.12 12.42
CA LEU F 250 49.61 48.26 11.80
C LEU F 250 49.49 48.53 10.31
N VAL F 251 49.74 49.77 9.89
CA VAL F 251 49.68 50.16 8.48
C VAL F 251 51.00 50.82 8.14
N VAL F 252 51.84 50.12 7.37
CA VAL F 252 53.20 50.56 7.08
C VAL F 252 53.45 50.60 5.58
N THR F 253 54.53 51.27 5.20
CA THR F 253 55.04 51.28 3.83
C THR F 253 56.49 51.72 3.87
N VAL F 254 57.05 52.02 2.70
CA VAL F 254 58.47 52.37 2.58
C VAL F 254 58.61 53.79 2.05
N GLU F 255 59.77 54.39 2.36
CA GLU F 255 60.01 55.78 2.00
C GLU F 255 60.14 55.97 0.50
N LYS F 256 60.75 55.01 -0.20
CA LYS F 256 60.99 55.09 -1.63
C LYS F 256 60.26 53.95 -2.32
N PRO F 257 58.99 54.13 -2.68
CA PRO F 257 58.26 53.07 -3.39
C PRO F 257 58.92 52.73 -4.71
N SER F 258 59.14 51.44 -4.93
CA SER F 258 59.81 50.98 -6.14
C SER F 258 59.32 49.58 -6.50
N ILE F 259 59.53 49.21 -7.76
CA ILE F 259 59.17 47.88 -8.21
C ILE F 259 59.98 46.82 -7.48
N GLU F 260 61.25 47.11 -7.19
CA GLU F 260 62.08 46.14 -6.48
C GLU F 260 61.60 45.94 -5.05
N ASN F 261 61.20 47.02 -4.37
CA ASN F 261 60.62 46.89 -3.04
C ASN F 261 59.38 46.03 -3.08
N THR F 262 58.60 46.13 -4.17
CA THR F 262 57.45 45.24 -4.33
C THR F 262 57.89 43.79 -4.43
N ASN F 263 58.94 43.53 -5.22
CA ASN F 263 59.50 42.18 -5.28
C ASN F 263 59.99 41.73 -3.91
N ALA F 264 60.73 42.60 -3.22
CA ALA F 264 61.24 42.28 -1.89
C ALA F 264 60.14 42.09 -0.85
N MET F 265 58.90 42.47 -1.17
CA MET F 265 57.78 42.18 -0.29
C MET F 265 57.09 40.87 -0.66
N MET F 266 56.98 40.59 -1.97
CA MET F 266 56.46 39.30 -2.41
C MET F 266 57.33 38.16 -1.94
N ALA F 267 58.61 38.43 -1.69
CA ALA F 267 59.56 37.39 -1.31
C ALA F 267 59.75 37.26 0.20
N HIS F 268 59.33 38.26 0.97
CA HIS F 268 59.61 38.25 2.41
C HIS F 268 58.87 37.09 3.08
N PRO F 269 59.53 36.32 3.94
CA PRO F 269 58.86 35.15 4.53
C PRO F 269 57.74 35.49 5.49
N LYS F 270 57.80 36.63 6.20
CA LYS F 270 56.78 36.94 7.18
C LYS F 270 55.45 37.33 6.55
N VAL F 271 55.45 37.78 5.29
CA VAL F 271 54.22 38.13 4.60
C VAL F 271 53.43 36.85 4.37
N ARG F 272 52.23 36.78 4.94
CA ARG F 272 51.37 35.61 4.86
C ARG F 272 50.40 35.65 3.69
N MET F 273 50.28 36.79 3.01
CA MET F 273 49.29 36.93 1.94
C MET F 273 49.59 38.21 1.17
N LEU F 274 49.41 38.15 -0.15
CA LEU F 274 49.61 39.29 -1.02
C LEU F 274 48.28 39.71 -1.65
N VAL F 275 48.13 41.01 -1.89
CA VAL F 275 46.95 41.58 -2.51
C VAL F 275 47.42 42.59 -3.55
N ALA F 276 47.28 42.25 -4.82
CA ALA F 276 47.77 43.08 -5.92
C ALA F 276 46.59 43.77 -6.61
N THR F 277 46.66 45.09 -6.72
CA THR F 277 45.67 45.90 -7.41
C THR F 277 46.39 46.63 -8.54
N GLY F 278 46.38 46.02 -9.73
CA GLY F 278 47.07 46.60 -10.87
C GLY F 278 46.76 45.94 -12.19
N GLY F 279 47.76 45.79 -13.05
CA GLY F 279 47.57 45.20 -14.35
C GLY F 279 47.80 43.70 -14.36
N PRO F 280 47.71 43.09 -15.54
CA PRO F 280 47.86 41.63 -15.61
C PRO F 280 49.23 41.13 -15.19
N ALA F 281 50.29 41.90 -15.45
CA ALA F 281 51.63 41.46 -15.12
C ALA F 281 51.84 41.37 -13.61
N ILE F 282 51.19 42.24 -12.84
CA ILE F 282 51.39 42.21 -11.40
C ILE F 282 50.57 41.10 -10.74
N VAL F 283 49.43 40.74 -11.34
CA VAL F 283 48.62 39.65 -10.81
C VAL F 283 49.37 38.33 -10.96
N LYS F 284 49.97 38.11 -12.14
CA LYS F 284 50.77 36.92 -12.37
C LYS F 284 52.02 36.88 -11.49
N ALA F 285 52.49 38.04 -11.02
CA ALA F 285 53.67 38.08 -10.17
C ALA F 285 53.36 37.52 -8.78
N VAL F 286 52.30 38.02 -8.14
CA VAL F 286 51.95 37.54 -6.81
C VAL F 286 51.48 36.10 -6.86
N LEU F 287 50.94 35.66 -7.99
CA LEU F 287 50.50 34.28 -8.16
C LEU F 287 51.63 33.34 -8.55
N SER F 288 52.88 33.80 -8.52
CA SER F 288 54.06 32.96 -8.73
C SER F 288 55.05 33.10 -7.58
N THR F 289 54.54 33.43 -6.39
CA THR F 289 55.38 33.72 -5.24
C THR F 289 55.44 32.59 -4.23
N GLY F 290 54.59 31.57 -4.35
CA GLY F 290 54.49 30.55 -3.33
C GLY F 290 53.63 30.93 -2.14
N LYS F 291 52.85 32.00 -2.25
CA LYS F 291 52.05 32.50 -1.15
C LYS F 291 50.59 32.64 -1.57
N LYS F 292 49.72 32.77 -0.58
CA LYS F 292 48.34 33.17 -0.84
C LYS F 292 48.32 34.56 -1.47
N ALA F 293 47.52 34.72 -2.52
CA ALA F 293 47.52 35.99 -3.25
C ALA F 293 46.17 36.22 -3.91
N ILE F 294 45.62 37.41 -3.68
CA ILE F 294 44.46 37.91 -4.42
C ILE F 294 44.96 38.81 -5.53
N GLY F 295 44.40 38.66 -6.73
CA GLY F 295 44.79 39.49 -7.85
C GLY F 295 43.64 40.21 -8.51
N ALA F 296 43.64 41.54 -8.45
CA ALA F 296 42.58 42.35 -9.06
C ALA F 296 43.01 42.72 -10.47
N GLY F 297 42.53 41.96 -11.45
CA GLY F 297 42.96 42.14 -12.82
C GLY F 297 42.41 43.39 -13.46
N ALA F 298 42.76 43.56 -14.73
CA ALA F 298 42.27 44.67 -15.53
C ALA F 298 40.96 44.30 -16.21
N GLY F 299 40.42 45.23 -17.00
CA GLY F 299 39.17 44.98 -17.69
C GLY F 299 38.97 45.96 -18.83
N ASN F 300 38.16 45.54 -19.79
CA ASN F 300 37.79 46.35 -20.95
C ASN F 300 36.27 46.40 -21.01
N PRO F 301 35.64 47.10 -20.07
CA PRO F 301 34.18 46.96 -19.87
C PRO F 301 33.39 47.53 -21.03
N PRO F 302 32.63 46.69 -21.72
CA PRO F 302 31.72 47.21 -22.76
C PRO F 302 30.33 47.46 -22.21
N VAL F 303 29.71 48.54 -22.69
CA VAL F 303 28.32 48.83 -22.39
C VAL F 303 27.50 48.52 -23.64
N VAL F 304 26.39 47.81 -23.45
CA VAL F 304 25.51 47.40 -24.54
C VAL F 304 24.19 48.14 -24.40
N VAL F 305 23.73 48.72 -25.51
CA VAL F 305 22.47 49.43 -25.57
C VAL F 305 21.56 48.71 -26.56
N ASP F 306 20.32 48.46 -26.17
CA ASP F 306 19.35 47.81 -27.03
C ASP F 306 18.13 48.72 -27.22
N GLU F 307 17.32 48.38 -28.22
CA GLU F 307 16.20 49.22 -28.63
C GLU F 307 15.15 49.43 -27.54
N THR F 308 15.24 48.70 -26.43
CA THR F 308 14.27 48.84 -25.36
C THR F 308 14.76 49.71 -24.20
N ALA F 309 16.01 50.16 -24.23
CA ALA F 309 16.57 50.94 -23.14
C ALA F 309 15.90 52.30 -23.04
N ASN F 310 16.18 52.99 -21.93
CA ASN F 310 15.81 54.40 -21.76
C ASN F 310 16.99 55.21 -22.27
N ILE F 311 16.85 55.77 -23.47
CA ILE F 311 18.02 56.32 -24.17
C ILE F 311 18.43 57.67 -23.61
N GLU F 312 17.48 58.56 -23.32
CA GLU F 312 17.84 59.84 -22.72
C GLU F 312 18.56 59.65 -21.40
N LYS F 313 18.27 58.56 -20.69
CA LYS F 313 19.00 58.23 -19.46
C LYS F 313 20.22 57.38 -19.71
N ALA F 314 20.20 56.54 -20.76
CA ALA F 314 21.37 55.73 -21.08
C ALA F 314 22.55 56.61 -21.47
N ALA F 315 22.33 57.57 -22.38
CA ALA F 315 23.40 58.47 -22.78
C ALA F 315 23.87 59.33 -21.61
N CYS F 316 22.96 59.68 -20.70
CA CYS F 316 23.37 60.44 -19.52
C CYS F 316 24.22 59.58 -18.59
N ASP F 317 23.84 58.32 -18.39
CA ASP F 317 24.64 57.42 -17.55
C ASP F 317 25.96 57.08 -18.22
N ILE F 318 25.93 56.80 -19.53
CA ILE F 318 27.15 56.38 -20.23
C ILE F 318 28.21 57.47 -20.16
N VAL F 319 27.81 58.73 -20.33
CA VAL F 319 28.76 59.83 -20.22
C VAL F 319 29.26 59.97 -18.79
N ASN F 320 28.34 59.93 -17.82
CA ASN F 320 28.72 60.14 -16.42
C ASN F 320 29.72 59.10 -15.95
N GLY F 321 29.54 57.85 -16.37
CA GLY F 321 30.44 56.79 -15.97
C GLY F 321 31.76 56.81 -16.72
N CYS F 322 31.70 57.04 -18.04
CA CYS F 322 32.92 57.05 -18.83
C CYS F 322 33.82 58.22 -18.44
N SER F 323 33.23 59.35 -18.10
CA SER F 323 33.99 60.52 -17.67
C SER F 323 34.24 60.55 -16.16
N PHE F 324 33.91 59.47 -15.46
CA PHE F 324 34.10 59.43 -14.01
C PHE F 324 35.59 59.31 -13.71
N ASP F 325 36.16 60.36 -13.12
CA ASP F 325 37.60 60.47 -12.86
C ASP F 325 38.40 60.16 -14.12
N ASN F 326 37.96 60.75 -15.23
CA ASN F 326 38.65 60.65 -16.52
C ASN F 326 38.92 59.20 -16.92
N ASN F 327 37.93 58.34 -16.69
CA ASN F 327 37.95 56.95 -17.13
C ASN F 327 39.06 56.14 -16.47
N LEU F 328 39.47 56.54 -15.27
CA LEU F 328 40.50 55.84 -14.52
C LEU F 328 40.00 54.58 -13.81
N PRO F 329 38.81 54.58 -13.19
CA PRO F 329 38.34 53.36 -12.53
C PRO F 329 38.28 52.18 -13.50
N CYS F 330 38.48 50.99 -12.93
CA CYS F 330 38.48 49.76 -13.72
C CYS F 330 37.11 49.39 -14.25
N VAL F 331 36.05 50.00 -13.72
CA VAL F 331 34.69 49.69 -14.17
C VAL F 331 34.17 50.67 -15.22
N ALA F 332 34.76 51.86 -15.33
CA ALA F 332 34.23 52.91 -16.20
C ALA F 332 34.15 52.42 -17.65
N GLU F 333 33.10 52.86 -18.35
CA GLU F 333 32.78 52.35 -19.67
C GLU F 333 33.93 52.56 -20.65
N LYS F 334 34.14 51.58 -21.53
CA LYS F 334 35.18 51.62 -22.54
C LYS F 334 34.64 51.62 -23.96
N GLU F 335 33.70 50.74 -24.28
CA GLU F 335 33.14 50.65 -25.62
C GLU F 335 31.62 50.60 -25.54
N ILE F 336 30.95 51.30 -26.47
CA ILE F 336 29.51 51.23 -26.62
C ILE F 336 29.18 50.32 -27.79
N ILE F 337 28.21 49.43 -27.59
CA ILE F 337 27.72 48.55 -28.65
C ILE F 337 26.22 48.81 -28.74
N ALA F 338 25.83 49.72 -29.62
CA ALA F 338 24.43 50.10 -29.78
C ALA F 338 23.84 49.43 -31.01
N VAL F 339 22.57 49.06 -30.92
CA VAL F 339 21.88 48.49 -32.07
C VAL F 339 21.46 49.61 -33.01
N ALA F 340 21.57 49.34 -34.31
CA ALA F 340 21.40 50.39 -35.32
C ALA F 340 20.06 51.10 -35.20
N GLN F 341 19.06 50.42 -34.66
CA GLN F 341 17.71 50.98 -34.56
C GLN F 341 17.69 52.29 -33.78
N ILE F 342 18.55 52.41 -32.77
CA ILE F 342 18.55 53.58 -31.89
C ILE F 342 19.97 54.13 -31.79
N ALA F 343 20.86 53.65 -32.67
CA ALA F 343 22.26 54.05 -32.58
C ALA F 343 22.44 55.53 -32.88
N ASP F 344 21.72 56.06 -33.88
CA ASP F 344 21.81 57.48 -34.18
C ASP F 344 21.16 58.32 -33.10
N TYR F 345 19.96 57.93 -32.65
CA TYR F 345 19.27 58.69 -31.61
C TYR F 345 20.06 58.68 -30.31
N LEU F 346 20.78 57.61 -30.02
CA LEU F 346 21.69 57.61 -28.88
C LEU F 346 22.81 58.62 -29.09
N ILE F 347 23.38 58.66 -30.30
CA ILE F 347 24.45 59.62 -30.59
C ILE F 347 23.94 61.05 -30.42
N PHE F 348 22.70 61.30 -30.84
CA PHE F 348 22.08 62.61 -30.59
C PHE F 348 22.04 62.91 -29.11
N ASN F 349 21.58 61.95 -28.30
CA ASN F 349 21.49 62.15 -26.86
C ASN F 349 22.84 61.97 -26.15
N LEU F 350 23.78 61.26 -26.76
CA LEU F 350 25.15 61.27 -26.25
C LEU F 350 25.76 62.66 -26.40
N LYS F 351 25.50 63.31 -27.54
CA LYS F 351 25.95 64.68 -27.73
C LYS F 351 25.30 65.63 -26.73
N LYS F 352 24.00 65.47 -26.50
CA LYS F 352 23.26 66.39 -25.63
C LYS F 352 23.76 66.37 -24.19
N ASN F 353 24.62 65.41 -23.82
CA ASN F 353 25.09 65.30 -22.45
C ASN F 353 26.54 65.71 -22.27
N GLY F 354 27.40 65.57 -23.28
CA GLY F 354 28.77 65.98 -23.15
C GLY F 354 29.75 65.24 -24.03
N ALA F 355 29.24 64.53 -25.03
CA ALA F 355 30.08 63.82 -25.98
C ALA F 355 30.46 64.77 -27.12
N TYR F 356 31.75 64.77 -27.47
CA TYR F 356 32.23 65.44 -28.67
C TYR F 356 32.43 64.36 -29.73
N GLU F 357 31.63 64.40 -30.79
CA GLU F 357 31.71 63.40 -31.84
C GLU F 357 32.73 63.82 -32.89
N ILE F 358 33.64 62.90 -33.20
CA ILE F 358 34.64 63.10 -34.24
C ILE F 358 34.14 62.37 -35.47
N LYS F 359 33.64 63.14 -36.44
CA LYS F 359 33.24 62.59 -37.73
C LYS F 359 34.35 62.70 -38.76
N ASP F 360 35.17 63.77 -38.68
CA ASP F 360 36.24 64.00 -39.64
C ASP F 360 37.27 62.87 -39.55
N PRO F 361 37.71 62.31 -40.68
CA PRO F 361 38.64 61.18 -40.61
C PRO F 361 40.05 61.55 -40.19
N ALA F 362 40.49 62.79 -40.45
CA ALA F 362 41.84 63.21 -40.15
C ALA F 362 42.04 63.67 -38.72
N VAL F 363 40.97 64.11 -38.05
CA VAL F 363 41.07 64.43 -36.63
C VAL F 363 41.30 63.16 -35.82
N LEU F 364 40.43 62.17 -36.02
CA LEU F 364 40.61 60.86 -35.40
C LEU F 364 41.91 60.21 -35.87
N GLN F 365 42.32 60.49 -37.11
CA GLN F 365 43.39 59.72 -37.77
C GLN F 365 44.58 59.51 -36.86
N GLN F 366 45.10 60.62 -36.29
CA GLN F 366 46.21 60.59 -35.36
C GLN F 366 45.89 61.37 -34.09
N LEU F 367 44.63 61.30 -33.65
CA LEU F 367 44.43 61.34 -32.22
C LEU F 367 44.93 60.04 -31.59
N GLN F 368 45.38 59.09 -32.42
CA GLN F 368 45.69 57.73 -31.96
C GLN F 368 47.05 57.67 -31.26
N ASP F 369 48.15 57.76 -32.02
CA ASP F 369 49.50 57.74 -31.46
C ASP F 369 49.73 58.90 -30.50
N LEU F 370 49.03 60.01 -30.68
CA LEU F 370 49.00 61.03 -29.63
C LEU F 370 48.66 60.35 -28.31
N VAL F 371 47.84 59.32 -28.38
CA VAL F 371 47.39 58.57 -27.21
C VAL F 371 48.06 57.21 -27.14
N LEU F 372 48.24 56.54 -28.27
CA LEU F 372 48.76 55.18 -28.30
C LEU F 372 50.27 55.17 -28.43
N THR F 373 50.89 54.13 -27.88
CA THR F 373 52.31 53.86 -28.03
C THR F 373 52.53 52.96 -29.24
N ALA F 374 53.72 53.07 -29.84
CA ALA F 374 54.08 52.24 -30.98
C ALA F 374 53.85 50.76 -30.72
N LYS F 375 53.92 50.34 -29.46
CA LYS F 375 53.60 48.96 -29.10
C LYS F 375 52.14 48.61 -29.35
N GLY F 376 51.26 49.60 -29.43
CA GLY F 376 49.84 49.38 -29.57
C GLY F 376 49.04 49.77 -28.33
N GLY F 377 49.69 50.11 -27.23
CA GLY F 377 49.01 50.48 -26.02
C GLY F 377 48.95 51.99 -25.83
N PRO F 378 48.20 52.44 -24.82
CA PRO F 378 48.03 53.88 -24.62
C PRO F 378 49.19 54.51 -23.85
N GLN F 379 49.55 55.72 -24.28
CA GLN F 379 50.63 56.45 -23.63
C GLN F 379 50.22 56.93 -22.25
N THR F 380 51.17 56.91 -21.31
CA THR F 380 50.89 57.35 -19.95
C THR F 380 50.75 58.85 -19.85
N LYS F 381 51.27 59.62 -20.81
CA LYS F 381 51.11 61.06 -20.80
C LYS F 381 49.67 61.50 -21.03
N CYS F 382 48.82 60.60 -21.53
CA CYS F 382 47.42 60.92 -21.79
C CYS F 382 46.45 60.16 -20.89
N VAL F 383 46.91 59.15 -20.15
CA VAL F 383 46.03 58.42 -19.25
C VAL F 383 45.43 59.38 -18.23
N GLY F 384 44.11 59.29 -18.03
CA GLY F 384 43.45 60.10 -17.04
C GLY F 384 43.34 61.58 -17.37
N LYS F 385 43.58 61.97 -18.61
CA LYS F 385 43.44 63.36 -19.03
C LYS F 385 42.04 63.58 -19.57
N SER F 386 41.41 64.68 -19.18
CA SER F 386 40.04 64.95 -19.57
C SER F 386 39.97 65.19 -21.08
N ALA F 387 38.72 65.27 -21.58
CA ALA F 387 38.53 65.48 -23.02
C ALA F 387 38.95 66.87 -23.44
N VAL F 388 38.70 67.88 -22.59
CA VAL F 388 39.15 69.23 -22.89
C VAL F 388 40.65 69.26 -23.10
N TRP F 389 41.39 68.48 -22.31
CA TRP F 389 42.84 68.38 -22.50
C TRP F 389 43.17 67.67 -23.80
N LEU F 390 42.59 66.50 -24.03
CA LEU F 390 42.94 65.71 -25.20
C LEU F 390 42.49 66.37 -26.49
N LEU F 391 41.40 67.13 -26.44
CA LEU F 391 40.98 67.88 -27.64
C LEU F 391 41.83 69.12 -27.85
N SER F 392 42.37 69.70 -26.78
CA SER F 392 43.24 70.86 -26.94
C SER F 392 44.60 70.46 -27.50
N GLN F 393 45.12 69.30 -27.09
CA GLN F 393 46.41 68.85 -27.59
C GLN F 393 46.39 68.42 -29.05
N ILE F 394 45.20 68.27 -29.64
CA ILE F 394 45.10 67.88 -31.04
C ILE F 394 44.79 69.11 -31.89
N GLY F 395 44.15 70.11 -31.28
CA GLY F 395 43.92 71.37 -31.96
C GLY F 395 42.50 71.88 -31.94
N ILE F 396 41.71 71.44 -30.96
CA ILE F 396 40.30 71.80 -30.84
C ILE F 396 40.05 72.27 -29.41
N SER F 397 39.73 73.55 -29.25
CA SER F 397 39.45 74.11 -27.93
C SER F 397 37.95 74.09 -27.68
N VAL F 398 37.54 73.36 -26.64
CA VAL F 398 36.13 73.11 -26.35
C VAL F 398 35.83 73.53 -24.93
N ASP F 399 34.56 73.86 -24.67
CA ASP F 399 34.12 74.24 -23.34
C ASP F 399 34.16 73.03 -22.41
N ALA F 400 34.14 73.31 -21.09
CA ALA F 400 34.06 72.29 -20.05
C ALA F 400 32.74 71.53 -20.04
N SER F 401 31.86 71.77 -21.02
CA SER F 401 30.64 70.97 -21.16
C SER F 401 30.92 69.65 -21.87
N ILE F 402 31.90 69.62 -22.77
CA ILE F 402 32.31 68.37 -23.39
C ILE F 402 33.02 67.53 -22.34
N LYS F 403 32.52 66.30 -22.12
CA LYS F 403 33.06 65.43 -21.10
C LYS F 403 33.83 64.25 -21.65
N ILE F 404 33.44 63.72 -22.81
CA ILE F 404 34.11 62.58 -23.43
C ILE F 404 34.32 62.87 -24.91
N ILE F 405 35.04 61.96 -25.57
CA ILE F 405 35.29 62.03 -27.00
C ILE F 405 34.66 60.81 -27.64
N LEU F 406 33.74 61.04 -28.59
CA LEU F 406 32.92 59.99 -29.15
C LEU F 406 33.22 59.82 -30.64
N MET F 407 33.26 58.56 -31.08
CA MET F 407 33.44 58.24 -32.48
C MET F 407 32.93 56.82 -32.72
N GLU F 408 32.47 56.58 -33.95
CA GLU F 408 31.94 55.27 -34.34
C GLU F 408 32.93 54.58 -35.26
N VAL F 409 33.45 53.44 -34.82
CA VAL F 409 34.54 52.76 -35.51
C VAL F 409 34.30 51.27 -35.61
N PRO F 410 35.08 50.55 -36.43
CA PRO F 410 35.10 49.08 -36.39
C PRO F 410 35.22 48.45 -35.00
N ARG F 411 35.21 47.11 -34.96
CA ARG F 411 35.30 46.37 -33.71
C ARG F 411 36.71 45.94 -33.35
N GLU F 412 37.65 46.03 -34.29
CA GLU F 412 39.05 45.77 -34.02
C GLU F 412 39.89 47.05 -34.08
N HIS F 413 39.23 48.20 -34.08
CA HIS F 413 39.91 49.48 -33.93
C HIS F 413 40.73 49.48 -32.64
N PRO F 414 41.87 50.17 -32.63
CA PRO F 414 42.70 50.18 -31.41
C PRO F 414 41.99 50.74 -30.19
N PHE F 415 41.14 51.77 -30.36
CA PHE F 415 40.39 52.29 -29.24
C PHE F 415 39.46 51.24 -28.64
N VAL F 416 38.93 50.35 -29.48
CA VAL F 416 38.03 49.31 -29.01
C VAL F 416 38.81 48.24 -28.24
N GLN F 417 39.92 47.77 -28.82
CA GLN F 417 40.61 46.62 -28.25
C GLN F 417 41.41 46.98 -27.00
N GLU F 418 41.88 48.22 -26.88
CA GLU F 418 42.73 48.62 -25.78
C GLU F 418 41.92 49.18 -24.62
N GLU F 419 42.53 49.15 -23.43
CA GLU F 419 41.99 49.80 -22.24
C GLU F 419 42.67 51.15 -22.14
N LEU F 420 42.10 52.16 -22.81
CA LEU F 420 42.75 53.46 -22.91
C LEU F 420 42.78 54.18 -21.57
N MET F 421 41.79 53.93 -20.70
CA MET F 421 41.64 54.64 -19.44
C MET F 421 41.56 56.16 -19.66
N MET F 422 40.78 56.56 -20.66
CA MET F 422 40.67 57.95 -21.05
C MET F 422 39.26 58.21 -21.55
N PRO F 423 38.81 59.47 -21.53
CA PRO F 423 37.44 59.77 -21.97
C PRO F 423 37.22 59.57 -23.46
N ILE F 424 37.83 58.53 -24.02
CA ILE F 424 37.67 58.17 -25.42
C ILE F 424 36.76 56.95 -25.48
N LEU F 425 35.64 57.08 -26.17
CA LEU F 425 34.55 56.11 -26.12
C LEU F 425 34.12 55.75 -27.53
N PRO F 426 34.74 54.74 -28.14
CA PRO F 426 34.31 54.31 -29.46
C PRO F 426 32.95 53.64 -29.42
N LEU F 427 32.34 53.48 -30.60
CA LEU F 427 31.04 52.85 -30.72
C LEU F 427 31.04 51.93 -31.94
N VAL F 428 30.55 50.71 -31.75
CA VAL F 428 30.37 49.75 -32.82
C VAL F 428 28.88 49.56 -33.02
N ARG F 429 28.39 49.79 -34.24
CA ARG F 429 26.98 49.71 -34.55
C ARG F 429 26.63 48.28 -34.98
N VAL F 430 25.75 47.63 -34.22
CA VAL F 430 25.21 46.33 -34.57
C VAL F 430 23.75 46.50 -34.93
N GLU F 431 23.13 45.44 -35.46
CA GLU F 431 21.74 45.57 -35.88
C GLU F 431 20.77 45.12 -34.77
N THR F 432 20.90 43.89 -34.30
CA THR F 432 20.00 43.38 -33.26
C THR F 432 20.74 43.21 -31.94
N VAL F 433 19.94 43.07 -30.87
CA VAL F 433 20.48 43.00 -29.52
C VAL F 433 21.36 41.77 -29.33
N ASP F 434 21.04 40.68 -30.04
CA ASP F 434 21.81 39.45 -29.88
C ASP F 434 23.23 39.62 -30.44
N ASP F 435 23.40 40.48 -31.44
CA ASP F 435 24.75 40.77 -31.94
C ASP F 435 25.55 41.57 -30.92
N ALA F 436 24.90 42.46 -30.17
CA ALA F 436 25.59 43.25 -29.17
C ALA F 436 26.14 42.38 -28.04
N ILE F 437 25.44 41.29 -27.72
CA ILE F 437 25.91 40.39 -26.66
C ILE F 437 27.22 39.74 -27.06
N ASP F 438 27.21 39.01 -28.18
CA ASP F 438 28.39 38.26 -28.61
C ASP F 438 29.61 39.17 -28.75
N LEU F 439 29.41 40.40 -29.23
CA LEU F 439 30.53 41.33 -29.33
C LEU F 439 31.03 41.76 -27.96
N ALA F 440 30.10 41.94 -27.00
CA ALA F 440 30.50 42.36 -25.67
C ALA F 440 31.41 41.32 -25.01
N ILE F 441 31.09 40.03 -25.18
CA ILE F 441 31.97 38.98 -24.69
C ILE F 441 33.27 38.97 -25.49
N GLU F 442 33.18 39.28 -26.78
CA GLU F 442 34.35 39.28 -27.66
C GLU F 442 35.37 40.32 -27.20
N VAL F 443 34.91 41.55 -26.97
CA VAL F 443 35.81 42.67 -26.65
C VAL F 443 36.15 42.75 -25.18
N GLU F 444 35.58 41.88 -24.34
CA GLU F 444 35.93 41.86 -22.93
C GLU F 444 37.22 41.11 -22.64
N HIS F 445 37.73 40.35 -23.61
CA HIS F 445 39.05 39.72 -23.54
C HIS F 445 39.18 38.76 -22.37
N ASP F 446 38.08 38.10 -22.00
CA ASP F 446 38.06 37.10 -20.92
C ASP F 446 38.58 37.65 -19.60
N ASN F 447 38.73 38.97 -19.47
CA ASN F 447 39.02 39.55 -18.17
C ASN F 447 37.88 39.28 -17.20
N ARG F 448 36.64 39.27 -17.71
CA ARG F 448 35.45 38.99 -16.90
C ARG F 448 35.40 39.92 -15.70
N HIS F 449 35.70 41.20 -15.96
CA HIS F 449 35.81 42.23 -14.94
C HIS F 449 34.47 42.95 -14.79
N THR F 450 34.13 43.78 -15.77
CA THR F 450 32.94 44.62 -15.70
C THR F 450 32.27 44.66 -17.06
N ALA F 451 30.96 44.85 -17.04
CA ALA F 451 30.18 45.11 -18.25
C ALA F 451 28.85 45.72 -17.85
N ILE F 452 28.32 46.57 -18.72
CA ILE F 452 27.08 47.29 -18.47
C ILE F 452 26.12 46.99 -19.61
N MET F 453 24.83 47.00 -19.30
CA MET F 453 23.80 46.86 -20.33
C MET F 453 22.63 47.78 -20.00
N HIS F 454 22.18 48.52 -21.00
CA HIS F 454 20.95 49.30 -20.90
C HIS F 454 19.86 48.55 -21.64
N SER F 455 18.86 48.06 -20.90
CA SER F 455 17.76 47.34 -21.54
C SER F 455 16.54 47.40 -20.63
N THR F 456 15.40 47.11 -21.24
CA THR F 456 14.12 47.02 -20.57
C THR F 456 13.62 45.58 -20.45
N ASP F 457 14.12 44.69 -21.30
CA ASP F 457 13.65 43.30 -21.40
C ASP F 457 14.45 42.41 -20.46
N VAL F 458 13.77 41.83 -19.48
CA VAL F 458 14.44 41.02 -18.45
C VAL F 458 15.16 39.83 -19.07
N ARG F 459 14.72 39.37 -20.24
CA ARG F 459 15.35 38.19 -20.84
C ARG F 459 16.67 38.55 -21.51
N LYS F 460 16.76 39.72 -22.15
CA LYS F 460 18.04 40.17 -22.68
C LYS F 460 18.98 40.58 -21.55
N LEU F 461 18.43 41.20 -20.49
CA LEU F 461 19.22 41.48 -19.29
C LEU F 461 19.79 40.20 -18.71
N THR F 462 18.94 39.16 -18.57
CA THR F 462 19.41 37.89 -18.05
C THR F 462 20.33 37.18 -19.03
N LYS F 463 20.18 37.44 -20.33
CA LYS F 463 21.02 36.73 -21.30
C LYS F 463 22.44 37.27 -21.33
N MET F 464 22.60 38.59 -21.49
CA MET F 464 23.95 39.16 -21.45
C MET F 464 24.63 38.83 -20.13
N ALA F 465 23.91 39.02 -19.02
CA ALA F 465 24.48 38.78 -17.70
C ALA F 465 24.96 37.34 -17.55
N LYS F 466 24.11 36.38 -17.87
CA LYS F 466 24.48 34.98 -17.70
C LYS F 466 25.65 34.59 -18.58
N LEU F 467 25.77 35.18 -19.77
CA LEU F 467 26.80 34.78 -20.72
C LEU F 467 28.13 35.47 -20.45
N ILE F 468 28.12 36.79 -20.21
CA ILE F 468 29.36 37.54 -20.14
C ILE F 468 30.18 37.13 -18.92
N GLN F 469 29.53 36.76 -17.82
CA GLN F 469 30.20 36.19 -16.65
C GLN F 469 31.28 37.12 -16.10
N THR F 470 31.01 38.42 -16.11
CA THR F 470 31.91 39.40 -15.52
C THR F 470 31.75 39.44 -14.01
N THR F 471 32.81 39.88 -13.33
CA THR F 471 32.76 40.02 -11.88
C THR F 471 31.72 41.06 -11.46
N ILE F 472 31.52 42.09 -12.28
CA ILE F 472 30.52 43.12 -12.04
C ILE F 472 29.67 43.25 -13.29
N PHE F 473 28.35 43.31 -13.12
CA PHE F 473 27.44 43.57 -14.22
C PHE F 473 26.42 44.61 -13.78
N VAL F 474 26.37 45.73 -14.48
CA VAL F 474 25.49 46.85 -14.16
C VAL F 474 24.41 46.93 -15.22
N LYS F 475 23.19 47.27 -14.81
CA LYS F 475 22.05 47.33 -15.71
C LYS F 475 21.29 48.62 -15.50
N ASN F 476 21.21 49.44 -16.56
CA ASN F 476 20.33 50.60 -16.61
C ASN F 476 20.77 51.70 -15.65
N GLY F 477 22.07 51.95 -15.59
CA GLY F 477 22.61 53.03 -14.80
C GLY F 477 24.05 53.33 -15.14
N PRO F 478 24.70 54.18 -14.37
CA PRO F 478 26.13 54.42 -14.55
C PRO F 478 26.95 53.22 -14.12
N SER F 479 28.20 53.18 -14.60
CA SER F 479 29.08 52.08 -14.25
C SER F 479 29.48 52.14 -12.78
N TYR F 480 29.71 53.34 -12.25
CA TYR F 480 30.11 53.46 -10.85
C TYR F 480 28.99 53.09 -9.89
N ALA F 481 27.78 52.82 -10.38
CA ALA F 481 26.76 52.20 -9.55
C ALA F 481 27.20 50.83 -9.06
N GLY F 482 28.13 50.19 -9.77
CA GLY F 482 28.68 48.93 -9.31
C GLY F 482 29.65 49.07 -8.15
N LEU F 483 30.22 50.26 -7.96
CA LEU F 483 31.13 50.50 -6.84
C LEU F 483 30.41 51.09 -5.63
N GLY F 484 29.08 50.91 -5.54
CA GLY F 484 28.31 51.40 -4.42
C GLY F 484 27.80 52.81 -4.55
N ALA F 485 28.18 53.53 -5.61
CA ALA F 485 27.76 54.92 -5.83
C ALA F 485 26.69 54.91 -6.91
N GLY F 486 25.43 54.82 -6.49
CA GLY F 486 24.30 54.70 -7.40
C GLY F 486 23.70 53.32 -7.45
N GLY F 487 24.34 52.33 -6.84
CA GLY F 487 23.77 51.00 -6.72
C GLY F 487 23.89 50.51 -5.29
N GLU F 488 23.11 49.48 -4.99
CA GLU F 488 23.13 48.89 -3.66
C GLU F 488 24.30 47.91 -3.53
N GLY F 489 24.80 47.80 -2.31
CA GLY F 489 25.93 46.94 -2.02
C GLY F 489 27.13 47.74 -1.55
N TYR F 490 27.97 47.11 -0.73
CA TYR F 490 29.16 47.75 -0.22
C TYR F 490 30.13 48.04 -1.36
N SER F 491 31.08 48.92 -1.09
CA SER F 491 32.05 49.36 -2.08
C SER F 491 33.40 48.68 -1.89
N THR F 492 34.21 48.73 -2.94
CA THR F 492 35.57 48.22 -2.93
C THR F 492 36.31 48.87 -4.08
N PHE F 493 37.64 48.76 -4.02
CA PHE F 493 38.49 49.20 -5.13
C PHE F 493 39.51 48.12 -5.48
N THR F 494 39.33 46.92 -4.94
CA THR F 494 40.12 45.74 -5.29
C THR F 494 39.11 44.68 -5.72
N ILE F 495 38.89 44.55 -7.03
CA ILE F 495 37.93 43.61 -7.58
C ILE F 495 38.70 42.42 -8.14
N ALA F 496 38.52 41.25 -7.52
CA ALA F 496 39.31 40.06 -7.83
C ALA F 496 38.53 39.16 -8.79
N GLY F 497 38.84 39.27 -10.08
CA GLY F 497 38.33 38.39 -11.09
C GLY F 497 39.19 37.17 -11.34
N PRO F 498 40.50 37.36 -11.56
CA PRO F 498 41.37 36.19 -11.79
C PRO F 498 41.43 35.22 -10.61
N THR F 499 41.19 35.69 -9.38
CA THR F 499 41.34 34.85 -8.21
C THR F 499 40.02 34.52 -7.54
N GLY F 500 38.91 35.07 -8.04
CA GLY F 500 37.59 34.59 -7.68
C GLY F 500 36.90 35.31 -6.54
N GLU F 501 37.64 36.03 -5.70
CA GLU F 501 37.05 36.61 -4.50
C GLU F 501 36.00 37.67 -4.81
N GLY F 502 36.07 38.31 -5.97
CA GLY F 502 35.07 39.30 -6.34
C GLY F 502 35.39 40.65 -5.71
N LEU F 503 34.40 41.26 -5.08
CA LEU F 503 34.53 42.58 -4.47
C LEU F 503 35.10 42.39 -3.07
N THR F 504 36.41 42.62 -2.94
CA THR F 504 37.11 42.31 -1.69
C THR F 504 36.63 43.19 -0.54
N SER F 505 36.40 42.55 0.60
CA SER F 505 36.08 43.24 1.84
C SER F 505 36.88 42.56 2.95
N ALA F 506 36.49 42.79 4.20
CA ALA F 506 37.22 42.19 5.32
C ALA F 506 37.18 40.67 5.25
N LYS F 507 36.06 40.09 4.80
CA LYS F 507 35.95 38.64 4.64
C LYS F 507 37.11 38.07 3.83
N SER F 508 37.47 38.74 2.74
CA SER F 508 38.46 38.20 1.82
C SER F 508 39.81 38.02 2.51
N PHE F 509 40.16 38.94 3.40
CA PHE F 509 41.47 38.96 4.05
C PHE F 509 41.48 38.17 5.36
N ALA F 510 40.69 37.10 5.44
CA ALA F 510 40.55 36.33 6.67
C ALA F 510 40.50 34.85 6.36
N ARG F 511 40.98 34.04 7.30
CA ARG F 511 40.93 32.58 7.21
C ARG F 511 39.63 32.05 7.80
N ARG F 512 39.13 30.97 7.23
CA ARG F 512 37.98 30.27 7.79
C ARG F 512 38.47 29.22 8.79
N ARG F 513 37.85 29.19 9.97
CA ARG F 513 38.21 28.27 11.03
C ARG F 513 36.96 27.62 11.60
N LYS F 514 37.00 26.30 11.77
CA LYS F 514 35.85 25.50 12.19
C LYS F 514 36.06 25.00 13.61
N CYS F 515 35.07 25.22 14.46
CA CYS F 515 35.14 24.85 15.88
C CYS F 515 33.93 23.98 16.21
N VAL F 516 34.18 22.74 16.59
CA VAL F 516 33.13 21.74 16.78
C VAL F 516 33.00 21.48 18.27
N MET F 517 31.93 22.01 18.87
CA MET F 517 31.53 21.61 20.21
C MET F 517 30.73 20.32 20.10
N VAL F 518 31.30 19.22 20.56
CA VAL F 518 30.70 17.90 20.35
C VAL F 518 29.62 17.66 21.40
N GLU F 519 28.39 17.42 20.93
CA GLU F 519 27.27 16.99 21.76
C GLU F 519 26.97 17.96 22.90
N ALA F 520 27.30 19.23 22.71
CA ALA F 520 26.92 20.27 23.66
C ALA F 520 26.60 21.54 22.89
N LEU F 521 25.88 22.44 23.55
CA LEU F 521 25.45 23.73 23.01
C LEU F 521 24.45 23.62 21.87
N ASN F 522 23.72 22.51 21.81
CA ASN F 522 22.63 22.35 20.85
C ASN F 522 21.30 22.57 21.57
N ILE F 523 21.09 23.81 21.99
CA ILE F 523 20.08 24.16 22.98
C ILE F 523 18.71 24.36 22.35
N ARG F 524 18.55 23.93 21.10
CA ARG F 524 17.26 24.03 20.43
C ARG F 524 16.31 22.94 20.91
N SER G 44 33.07 21.32 44.58
CA SER G 44 33.97 22.25 45.25
C SER G 44 33.21 23.39 45.89
N PRO G 45 33.31 23.53 47.22
CA PRO G 45 32.61 24.62 47.92
C PRO G 45 33.11 26.00 47.54
N ASP G 46 34.23 26.09 46.83
CA ASP G 46 34.73 27.35 46.31
C ASP G 46 34.14 27.71 44.95
N GLY G 47 33.55 26.75 44.26
CA GLY G 47 33.22 26.96 42.85
C GLY G 47 34.44 26.68 42.02
N LYS G 48 34.72 27.56 41.05
CA LYS G 48 35.92 27.45 40.22
C LYS G 48 36.42 28.87 39.95
N SER G 49 37.51 29.25 40.60
CA SER G 49 38.08 30.59 40.47
C SER G 49 38.55 30.88 39.04
N VAL G 86 0.65 72.18 12.39
CA VAL G 86 1.64 71.13 12.56
C VAL G 86 1.35 70.36 13.86
N SER G 87 1.13 69.06 13.73
CA SER G 87 0.76 68.26 14.89
C SER G 87 1.99 67.85 15.69
N ASP G 88 1.75 67.48 16.94
CA ASP G 88 2.78 67.01 17.84
C ASP G 88 2.62 65.53 18.19
N GLY G 89 1.57 64.89 17.71
CA GLY G 89 1.36 63.47 17.97
C GLY G 89 0.54 63.14 19.18
N VAL G 90 -0.29 64.07 19.67
CA VAL G 90 -1.13 63.85 20.83
C VAL G 90 -2.55 64.28 20.50
N PHE G 91 -3.52 63.40 20.72
CA PHE G 91 -4.91 63.63 20.36
C PHE G 91 -5.80 63.43 21.57
N GLU G 92 -6.99 64.03 21.51
CA GLU G 92 -7.94 63.96 22.62
C GLU G 92 -8.68 62.63 22.67
N THR G 93 -8.84 61.96 21.53
CA THR G 93 -9.49 60.66 21.48
C THR G 93 -8.59 59.68 20.76
N MET G 94 -8.73 58.39 21.11
CA MET G 94 -7.94 57.37 20.44
C MET G 94 -8.38 57.19 18.99
N ASP G 95 -9.70 57.21 18.75
CA ASP G 95 -10.21 57.04 17.39
C ASP G 95 -9.74 58.14 16.45
N ALA G 96 -9.37 59.31 16.99
CA ALA G 96 -8.77 60.36 16.16
C ALA G 96 -7.29 60.10 15.94
N ALA G 97 -6.61 59.57 16.95
CA ALA G 97 -5.18 59.27 16.80
C ALA G 97 -4.94 58.13 15.83
N VAL G 98 -5.89 57.20 15.72
CA VAL G 98 -5.72 56.08 14.78
C VAL G 98 -5.88 56.57 13.35
N GLU G 99 -6.89 57.43 13.11
CA GLU G 99 -7.11 57.97 11.77
C GLU G 99 -5.92 58.81 11.31
N ALA G 100 -5.29 59.53 12.24
CA ALA G 100 -4.10 60.30 11.91
C ALA G 100 -2.96 59.41 11.45
N ALA G 101 -2.81 58.25 12.09
CA ALA G 101 -1.76 57.31 11.70
C ALA G 101 -2.16 56.49 10.49
N ALA G 102 -3.46 56.31 10.25
CA ALA G 102 -3.91 55.64 9.04
C ALA G 102 -3.58 56.50 7.81
N LEU G 103 -3.76 57.81 7.93
CA LEU G 103 -3.40 58.71 6.84
C LEU G 103 -1.88 58.82 6.69
N ALA G 104 -1.17 58.88 7.82
CA ALA G 104 0.28 59.12 7.78
C ALA G 104 1.02 57.95 7.14
N GLN G 105 0.59 56.72 7.42
CA GLN G 105 1.31 55.57 6.88
C GLN G 105 0.99 55.35 5.41
N GLN G 106 -0.21 55.73 4.96
CA GLN G 106 -0.48 55.78 3.53
C GLN G 106 0.47 56.73 2.83
N GLN G 107 0.77 57.88 3.45
CA GLN G 107 1.77 58.79 2.92
C GLN G 107 3.17 58.23 3.11
N TYR G 108 3.41 57.53 4.22
CA TYR G 108 4.71 56.95 4.49
C TYR G 108 5.11 55.94 3.41
N LEU G 109 4.12 55.29 2.79
CA LEU G 109 4.41 54.27 1.78
C LEU G 109 5.13 54.86 0.57
N LEU G 110 4.95 56.15 0.31
CA LEU G 110 5.60 56.80 -0.83
C LEU G 110 7.04 57.22 -0.51
N CYS G 111 7.45 57.17 0.76
CA CYS G 111 8.80 57.55 1.13
C CYS G 111 9.79 56.45 0.77
N SER G 112 11.02 56.85 0.50
CA SER G 112 12.07 55.91 0.13
C SER G 112 12.73 55.32 1.40
N MET G 113 13.62 54.36 1.18
CA MET G 113 14.35 53.78 2.30
C MET G 113 15.31 54.76 2.93
N SER G 114 15.85 55.70 2.14
CA SER G 114 16.71 56.73 2.69
C SER G 114 15.96 57.63 3.65
N ASP G 115 14.69 57.92 3.35
CA ASP G 115 13.87 58.70 4.28
C ASP G 115 13.60 57.91 5.56
N ARG G 116 13.38 56.60 5.43
CA ARG G 116 13.23 55.76 6.62
C ARG G 116 14.43 55.87 7.54
N ALA G 117 15.64 55.72 6.98
CA ALA G 117 16.86 55.82 7.77
C ALA G 117 16.94 57.16 8.48
N ARG G 118 16.67 58.25 7.76
CA ARG G 118 16.75 59.58 8.37
C ARG G 118 15.76 59.72 9.52
N PHE G 119 14.55 59.20 9.36
CA PHE G 119 13.56 59.29 10.42
C PHE G 119 13.93 58.39 11.60
N VAL G 120 14.57 57.25 11.33
CA VAL G 120 15.06 56.40 12.41
C VAL G 120 16.21 57.09 13.14
N GLN G 121 17.15 57.67 12.39
CA GLN G 121 18.25 58.39 13.01
C GLN G 121 17.79 59.59 13.81
N GLY G 122 16.63 60.15 13.47
CA GLY G 122 16.07 61.22 14.29
C GLY G 122 15.59 60.71 15.64
N ILE G 123 14.88 59.58 15.65
CA ILE G 123 14.38 59.01 16.90
C ILE G 123 15.54 58.63 17.81
N ARG G 124 16.70 58.30 17.24
CA ARG G 124 17.86 57.99 18.06
C ARG G 124 18.43 59.25 18.69
N ASP G 125 18.60 60.31 17.89
CA ASP G 125 19.22 61.54 18.40
C ASP G 125 18.37 62.19 19.49
N VAL G 126 17.05 62.03 19.41
CA VAL G 126 16.17 62.62 20.42
C VAL G 126 16.46 62.03 21.80
N ILE G 127 16.42 60.71 21.90
CA ILE G 127 16.59 60.06 23.20
C ILE G 127 18.06 60.09 23.65
N LEU G 128 19.00 60.09 22.70
CA LEU G 128 20.42 60.13 23.07
C LEU G 128 20.91 61.54 23.36
N ASN G 129 20.16 62.56 22.98
CA ASN G 129 20.48 63.93 23.38
C ASN G 129 20.56 64.02 24.89
N GLN G 130 21.67 64.57 25.39
CA GLN G 130 21.97 64.47 26.81
C GLN G 130 20.91 65.17 27.67
N ASP G 131 20.49 66.37 27.26
CA ASP G 131 19.46 67.08 28.03
C ASP G 131 18.15 66.31 28.05
N THR G 132 17.78 65.71 26.92
CA THR G 132 16.54 64.94 26.84
C THR G 132 16.68 63.60 27.54
N LEU G 133 17.82 62.92 27.36
CA LEU G 133 18.05 61.61 27.96
C LEU G 133 17.77 61.61 29.45
N GLU G 134 18.49 62.46 30.20
CA GLU G 134 18.30 62.52 31.64
C GLU G 134 16.95 63.10 32.02
N LYS G 135 16.29 63.82 31.12
CA LYS G 135 14.96 64.34 31.43
C LYS G 135 13.90 63.26 31.34
N MET G 136 13.93 62.46 30.27
CA MET G 136 13.05 61.30 30.20
C MET G 136 13.35 60.32 31.33
N SER G 137 14.61 60.23 31.74
CA SER G 137 14.98 59.34 32.82
C SER G 137 14.61 59.90 34.19
N ARG G 138 14.67 61.22 34.35
CA ARG G 138 14.25 61.82 35.62
C ARG G 138 12.73 61.75 35.76
N MET G 139 12.00 62.22 34.75
CA MET G 139 10.54 62.27 34.82
C MET G 139 9.94 60.88 35.04
N ALA G 140 10.45 59.87 34.32
CA ALA G 140 9.89 58.54 34.45
C ALA G 140 9.95 58.04 35.88
N VAL G 141 11.06 58.32 36.59
CA VAL G 141 11.18 57.89 37.97
C VAL G 141 10.26 58.71 38.86
N GLU G 142 10.25 60.03 38.68
CA GLU G 142 9.45 60.89 39.55
C GLU G 142 7.96 60.71 39.32
N GLU G 143 7.56 60.40 38.09
CA GLU G 143 6.13 60.23 37.80
C GLU G 143 5.64 58.84 38.23
N THR G 144 6.42 57.80 37.96
CA THR G 144 6.03 56.45 38.32
C THR G 144 6.49 56.04 39.72
N GLY G 145 7.43 56.75 40.31
CA GLY G 145 7.95 56.32 41.59
C GLY G 145 8.57 54.95 41.59
N MET G 146 9.05 54.49 40.44
CA MET G 146 9.60 53.15 40.29
C MET G 146 10.85 53.21 39.43
N GLY G 147 11.88 52.47 39.86
CA GLY G 147 13.15 52.50 39.18
C GLY G 147 14.07 53.55 39.75
N ASN G 148 15.28 53.59 39.21
CA ASN G 148 16.27 54.58 39.63
C ASN G 148 16.82 55.30 38.39
N TYR G 149 17.09 56.59 38.58
CA TYR G 149 17.49 57.46 37.46
C TYR G 149 18.77 56.97 36.79
N GLU G 150 19.70 56.40 37.56
CA GLU G 150 20.98 55.98 37.00
C GLU G 150 20.81 54.87 35.97
N HIS G 151 19.98 53.87 36.29
CA HIS G 151 19.76 52.76 35.37
C HIS G 151 18.78 53.11 34.25
N LYS G 152 17.92 54.11 34.46
CA LYS G 152 17.10 54.60 33.37
C LYS G 152 17.97 55.24 32.28
N LEU G 153 19.05 55.92 32.69
CA LEU G 153 20.00 56.49 31.74
C LEU G 153 20.53 55.44 30.77
N ILE G 154 20.87 54.26 31.30
CA ILE G 154 21.44 53.21 30.46
C ILE G 154 20.38 52.55 29.60
N LYS G 155 19.14 52.44 30.10
CA LYS G 155 18.09 51.76 29.35
C LYS G 155 17.59 52.63 28.20
N ASN G 156 17.52 53.94 28.40
CA ASN G 156 17.15 54.83 27.30
C ASN G 156 18.24 54.92 26.26
N ARG G 157 19.50 54.74 26.66
CA ARG G 157 20.60 54.71 25.70
C ARG G 157 20.68 53.37 24.98
N LEU G 158 20.46 52.27 25.70
CA LEU G 158 20.44 50.96 25.08
C LEU G 158 19.33 50.85 24.05
N ALA G 159 18.19 51.50 24.30
CA ALA G 159 17.12 51.53 23.31
C ALA G 159 17.51 52.42 22.12
N GLY G 160 18.11 53.58 22.39
CA GLY G 160 18.48 54.47 21.31
C GLY G 160 19.64 53.96 20.47
N GLU G 161 20.62 53.34 21.12
CA GLU G 161 21.85 52.98 20.41
C GLU G 161 21.73 51.65 19.68
N LYS G 162 21.08 50.66 20.30
CA LYS G 162 21.17 49.29 19.82
C LYS G 162 19.92 48.77 19.12
N THR G 163 18.81 49.49 19.16
CA THR G 163 17.63 49.07 18.41
C THR G 163 18.00 49.00 16.93
N PRO G 164 17.75 47.89 16.26
CA PRO G 164 18.07 47.80 14.83
C PRO G 164 17.27 48.81 14.01
N GLY G 165 17.82 49.16 12.85
CA GLY G 165 17.17 50.09 11.95
C GLY G 165 16.61 49.42 10.72
N ILE G 166 16.78 50.05 9.55
CA ILE G 166 16.31 49.41 8.32
C ILE G 166 17.24 48.30 7.86
N GLU G 167 18.47 48.25 8.39
CA GLU G 167 19.39 47.15 8.10
C GLU G 167 18.83 45.81 8.55
N ASP G 168 17.83 45.81 9.43
CA ASP G 168 17.25 44.58 9.93
C ASP G 168 16.41 43.86 8.89
N LEU G 169 15.93 44.59 7.88
CA LEU G 169 15.02 44.03 6.87
C LEU G 169 15.83 43.54 5.68
N THR G 170 16.41 42.35 5.85
CA THR G 170 17.24 41.75 4.82
C THR G 170 16.37 41.16 3.70
N THR G 171 17.04 40.55 2.72
CA THR G 171 16.37 39.93 1.57
C THR G 171 16.89 38.52 1.39
N ASP G 172 16.00 37.61 1.01
CA ASP G 172 16.36 36.25 0.65
C ASP G 172 16.10 36.04 -0.84
N ALA G 173 17.11 35.58 -1.57
CA ALA G 173 16.99 35.29 -2.99
C ALA G 173 17.34 33.85 -3.26
N PHE G 174 16.56 33.21 -4.13
CA PHE G 174 16.81 31.85 -4.58
C PHE G 174 16.77 31.84 -6.09
N SER G 175 17.81 31.29 -6.71
CA SER G 175 17.94 31.30 -8.15
C SER G 175 18.32 29.91 -8.65
N GLY G 176 17.91 29.62 -9.89
CA GLY G 176 18.17 28.33 -10.49
C GLY G 176 17.54 28.22 -11.87
N ASP G 177 16.95 27.07 -12.16
CA ASP G 177 16.37 26.86 -13.49
C ASP G 177 15.04 27.57 -13.66
N ASN G 178 14.30 27.79 -12.58
CA ASN G 178 13.00 28.45 -12.63
C ASN G 178 13.08 29.96 -12.48
N GLY G 179 14.29 30.53 -12.45
CA GLY G 179 14.43 31.96 -12.38
C GLY G 179 14.96 32.47 -11.06
N LEU G 180 14.26 33.43 -10.47
CA LEU G 180 14.70 34.10 -9.25
C LEU G 180 13.49 34.37 -8.36
N THR G 181 13.62 34.02 -7.08
CA THR G 181 12.60 34.30 -6.07
C THR G 181 13.20 35.26 -5.05
N LEU G 182 12.40 36.23 -4.61
CA LEU G 182 12.85 37.20 -3.63
C LEU G 182 11.86 37.28 -2.49
N VAL G 183 12.37 37.29 -1.26
CA VAL G 183 11.54 37.44 -0.08
C VAL G 183 11.87 38.78 0.57
N GLU G 184 10.84 39.56 0.86
CA GLU G 184 11.01 40.92 1.35
C GLU G 184 10.08 41.19 2.52
N TYR G 185 10.55 42.01 3.45
CA TYR G 185 9.76 42.48 4.57
C TYR G 185 9.03 43.76 4.18
N SER G 186 7.73 43.79 4.39
CA SER G 186 6.89 44.90 3.98
C SER G 186 5.98 45.31 5.14
N PRO G 187 5.52 46.57 5.15
CA PRO G 187 4.75 47.05 6.30
C PRO G 187 3.41 46.35 6.45
N PHE G 188 2.89 46.42 7.68
CA PHE G 188 1.54 45.98 8.00
C PHE G 188 0.53 47.11 7.82
N GLY G 189 0.87 48.31 8.25
CA GLY G 189 -0.04 49.43 8.24
C GLY G 189 0.03 50.19 9.55
N VAL G 190 -1.10 50.42 10.19
CA VAL G 190 -1.13 51.05 11.50
C VAL G 190 -0.88 49.99 12.55
N ILE G 191 0.10 50.24 13.42
CA ILE G 191 0.49 49.30 14.46
C ILE G 191 0.05 49.86 15.80
N GLY G 192 -0.74 49.09 16.54
CA GLY G 192 -1.13 49.46 17.88
C GLY G 192 -0.11 48.95 18.87
N ALA G 193 0.35 49.85 19.75
CA ALA G 193 1.44 49.54 20.68
C ALA G 193 1.00 49.90 22.09
N ILE G 194 0.83 48.90 22.94
CA ILE G 194 0.54 49.09 24.35
C ILE G 194 1.85 48.90 25.12
N THR G 195 2.22 49.90 25.91
CA THR G 195 3.48 49.91 26.63
C THR G 195 3.27 49.82 28.14
N PRO G 196 4.27 49.38 28.90
CA PRO G 196 4.09 49.22 30.35
C PRO G 196 4.57 50.42 31.15
N THR G 197 4.27 50.43 32.45
CA THR G 197 4.73 51.48 33.36
C THR G 197 6.16 51.29 33.82
N THR G 198 6.77 50.15 33.52
CA THR G 198 8.13 49.89 34.00
C THR G 198 9.17 50.51 33.07
N ASN G 199 8.93 50.49 31.77
CA ASN G 199 9.84 51.06 30.77
C ASN G 199 9.05 51.96 29.84
N PRO G 200 8.56 53.11 30.34
CA PRO G 200 7.69 53.97 29.54
C PRO G 200 8.37 54.56 28.31
N THR G 201 9.55 55.15 28.49
CA THR G 201 10.23 55.78 27.37
C THR G 201 10.99 54.78 26.52
N GLU G 202 11.52 53.72 27.13
CA GLU G 202 12.33 52.76 26.38
C GLU G 202 11.49 51.94 25.41
N THR G 203 10.25 51.61 25.80
CA THR G 203 9.37 50.85 24.91
C THR G 203 8.79 51.72 23.81
N ILE G 204 8.75 53.04 24.01
CA ILE G 204 8.37 53.94 22.93
C ILE G 204 9.52 54.10 21.93
N VAL G 205 10.74 54.23 22.44
CA VAL G 205 11.90 54.40 21.55
C VAL G 205 12.16 53.12 20.77
N CYS G 206 12.15 51.98 21.46
CA CYS G 206 12.44 50.71 20.80
C CYS G 206 11.38 50.35 19.76
N ASN G 207 10.10 50.52 20.10
CA ASN G 207 9.03 50.21 19.16
C ASN G 207 9.04 51.20 17.99
N SER G 208 9.29 52.48 18.26
CA SER G 208 9.19 53.48 17.21
C SER G 208 10.25 53.27 16.13
N ILE G 209 11.47 52.88 16.53
CA ILE G 209 12.53 52.69 15.55
C ILE G 209 12.24 51.52 14.64
N GLY G 210 11.81 50.40 15.22
CA GLY G 210 11.55 49.19 14.46
C GLY G 210 10.29 49.24 13.62
N MET G 211 9.23 49.85 14.15
CA MET G 211 7.97 49.92 13.42
C MET G 211 8.06 50.92 12.27
N LEU G 212 8.77 52.04 12.48
CA LEU G 212 8.92 53.01 11.40
C LEU G 212 9.93 52.56 10.36
N ALA G 213 10.97 51.83 10.77
CA ALA G 213 11.90 51.27 9.80
C ALA G 213 11.20 50.25 8.88
N ALA G 214 10.11 49.65 9.35
CA ALA G 214 9.33 48.71 8.55
C ALA G 214 8.30 49.39 7.66
N GLY G 215 8.22 50.72 7.70
CA GLY G 215 7.25 51.45 6.90
C GLY G 215 5.89 51.62 7.55
N ASN G 216 5.76 51.31 8.84
CA ASN G 216 4.50 51.46 9.55
C ASN G 216 4.47 52.79 10.31
N SER G 217 3.27 53.13 10.78
CA SER G 217 3.08 54.24 11.71
C SER G 217 2.53 53.68 13.01
N VAL G 218 2.84 54.36 14.11
CA VAL G 218 2.60 53.81 15.46
C VAL G 218 1.58 54.67 16.19
N VAL G 219 0.61 54.01 16.81
CA VAL G 219 -0.29 54.62 17.79
C VAL G 219 0.03 54.01 19.14
N PHE G 220 0.47 54.83 20.08
CA PHE G 220 0.83 54.36 21.42
C PHE G 220 -0.33 54.57 22.38
N SER G 221 -0.66 53.52 23.14
CA SER G 221 -1.60 53.61 24.26
C SER G 221 -0.83 53.24 25.52
N PRO G 222 -0.10 54.18 26.10
CA PRO G 222 0.77 53.85 27.24
C PRO G 222 0.02 53.56 28.53
N HIS G 223 0.78 53.31 29.58
CA HIS G 223 0.21 53.08 30.91
C HIS G 223 -0.15 54.41 31.55
N PRO G 224 -1.38 54.59 32.03
CA PRO G 224 -1.82 55.91 32.54
C PRO G 224 -0.90 56.52 33.59
N ARG G 225 -0.22 55.69 34.38
CA ARG G 225 0.66 56.20 35.42
C ARG G 225 1.89 56.90 34.83
N ALA G 226 2.29 56.57 33.61
CA ALA G 226 3.40 57.22 32.93
C ALA G 226 2.91 58.12 31.80
N ARG G 227 1.83 58.86 32.07
CA ARG G 227 1.22 59.68 31.02
C ARG G 227 2.15 60.79 30.56
N GLN G 228 2.63 61.62 31.50
CA GLN G 228 3.33 62.84 31.13
C GLN G 228 4.71 62.56 30.53
N VAL G 229 5.40 61.52 31.00
CA VAL G 229 6.73 61.24 30.46
C VAL G 229 6.64 60.61 29.07
N SER G 230 5.55 59.91 28.76
CA SER G 230 5.44 59.29 27.46
C SER G 230 4.95 60.28 26.39
N LEU G 231 4.04 61.19 26.77
CA LEU G 231 3.48 62.10 25.79
C LEU G 231 4.51 63.12 25.32
N LEU G 232 5.33 63.64 26.23
CA LEU G 232 6.40 64.54 25.84
C LEU G 232 7.36 63.88 24.87
N LEU G 233 7.61 62.57 25.04
CA LEU G 233 8.47 61.86 24.11
C LEU G 233 7.84 61.77 22.73
N VAL G 234 6.51 61.60 22.67
CA VAL G 234 5.83 61.60 21.38
C VAL G 234 5.80 63.00 20.79
N ARG G 235 5.71 64.03 21.64
CA ARG G 235 5.77 65.40 21.14
C ARG G 235 7.17 65.74 20.64
N LEU G 236 8.21 65.25 21.32
CA LEU G 236 9.57 65.49 20.86
C LEU G 236 9.90 64.68 19.62
N ILE G 237 9.28 63.51 19.46
CA ILE G 237 9.51 62.71 18.28
C ILE G 237 8.87 63.34 17.05
N ASN G 238 7.67 63.91 17.21
CA ASN G 238 7.01 64.57 16.09
C ASN G 238 7.74 65.85 15.69
N GLN G 239 8.32 66.56 16.65
CA GLN G 239 9.01 67.81 16.33
C GLN G 239 10.31 67.57 15.57
N LYS G 240 11.01 66.48 15.90
CA LYS G 240 12.22 66.11 15.15
C LYS G 240 11.86 65.55 13.78
N LEU G 241 10.81 64.73 13.71
CA LEU G 241 10.37 64.20 12.42
C LEU G 241 9.85 65.31 11.51
N ALA G 242 9.08 66.25 12.07
CA ALA G 242 8.63 67.40 11.29
C ALA G 242 9.82 68.17 10.74
N ALA G 243 10.81 68.44 11.60
CA ALA G 243 11.99 69.18 11.16
C ALA G 243 12.76 68.41 10.09
N LEU G 244 12.69 67.07 10.11
CA LEU G 244 13.33 66.26 9.10
C LEU G 244 12.44 66.00 7.89
N GLY G 245 11.26 66.63 7.85
CA GLY G 245 10.38 66.50 6.69
C GLY G 245 9.65 65.19 6.60
N ALA G 246 9.34 64.57 7.73
CA ALA G 246 8.59 63.32 7.73
C ALA G 246 7.10 63.58 7.53
N PRO G 247 6.35 62.58 7.08
CA PRO G 247 4.89 62.70 7.09
C PRO G 247 4.38 62.96 8.50
N GLU G 248 3.38 63.81 8.60
CA GLU G 248 2.84 64.20 9.89
C GLU G 248 2.03 63.07 10.52
N ASN G 249 2.13 62.94 11.84
CA ASN G 249 1.41 61.94 12.63
C ASN G 249 1.95 60.53 12.40
N LEU G 250 3.26 60.41 12.26
CA LEU G 250 3.87 59.09 12.07
C LEU G 250 3.88 58.30 13.37
N VAL G 251 4.28 58.93 14.47
CA VAL G 251 4.15 58.38 15.81
C VAL G 251 3.15 59.23 16.57
N VAL G 252 2.08 58.61 17.05
CA VAL G 252 0.99 59.33 17.70
C VAL G 252 0.72 58.70 19.06
N THR G 253 -0.18 59.34 19.82
CA THR G 253 -0.70 58.81 21.08
C THR G 253 -1.90 59.63 21.52
N VAL G 254 -2.21 59.63 22.81
CA VAL G 254 -3.52 60.03 23.32
C VAL G 254 -3.35 61.01 24.47
N GLU G 255 -4.31 61.92 24.62
CA GLU G 255 -4.27 62.97 25.63
C GLU G 255 -4.12 62.40 27.03
N LYS G 256 -4.86 61.34 27.31
CA LYS G 256 -5.07 60.86 28.66
C LYS G 256 -5.08 59.36 28.50
N PRO G 257 -3.90 58.73 28.53
CA PRO G 257 -3.86 57.26 28.52
C PRO G 257 -4.87 56.67 29.48
N SER G 258 -5.31 55.45 29.17
CA SER G 258 -6.16 54.68 30.05
C SER G 258 -6.33 53.27 29.48
N ILE G 259 -6.58 52.32 30.38
CA ILE G 259 -6.99 50.98 29.97
C ILE G 259 -8.22 51.06 29.10
N GLU G 260 -9.05 52.08 29.30
CA GLU G 260 -10.25 52.27 28.49
C GLU G 260 -9.91 52.55 27.04
N ASN G 261 -8.88 53.38 26.80
CA ASN G 261 -8.50 53.67 25.42
C ASN G 261 -7.67 52.54 24.82
N THR G 262 -7.05 51.72 25.65
CA THR G 262 -6.45 50.48 25.14
C THR G 262 -7.52 49.57 24.57
N ASN G 263 -8.56 49.28 25.35
CA ASN G 263 -9.70 48.53 24.82
C ASN G 263 -10.34 49.25 23.65
N ALA G 264 -10.40 50.58 23.71
CA ALA G 264 -10.93 51.36 22.59
C ALA G 264 -10.00 51.28 21.37
N MET G 265 -8.71 51.04 21.59
CA MET G 265 -7.77 50.90 20.47
C MET G 265 -7.77 49.49 19.91
N MET G 266 -7.82 48.47 20.79
CA MET G 266 -7.86 47.09 20.33
C MET G 266 -9.16 46.74 19.60
N ALA G 267 -10.18 47.59 19.71
CA ALA G 267 -11.44 47.41 19.01
C ALA G 267 -11.56 48.29 17.77
N HIS G 268 -10.46 48.88 17.32
CA HIS G 268 -10.51 49.78 16.17
C HIS G 268 -10.27 48.99 14.89
N PRO G 269 -11.08 49.18 13.84
CA PRO G 269 -10.92 48.38 12.63
C PRO G 269 -9.80 48.82 11.70
N LYS G 270 -9.14 49.95 11.99
CA LYS G 270 -8.05 50.43 11.15
C LYS G 270 -6.67 50.03 11.66
N VAL G 271 -6.56 49.60 12.92
CA VAL G 271 -5.30 49.07 13.42
C VAL G 271 -5.06 47.70 12.79
N ARG G 272 -3.98 47.58 12.03
CA ARG G 272 -3.68 46.33 11.34
C ARG G 272 -2.93 45.33 12.21
N MET G 273 -2.36 45.78 13.32
CA MET G 273 -1.48 44.93 14.11
C MET G 273 -1.42 45.44 15.53
N LEU G 274 -1.50 44.53 16.49
CA LEU G 274 -1.40 44.85 17.91
C LEU G 274 -0.06 44.36 18.45
N VAL G 275 0.57 45.19 19.27
CA VAL G 275 1.82 44.84 19.96
C VAL G 275 1.66 45.23 21.42
N ALA G 276 1.49 44.24 22.29
CA ALA G 276 1.21 44.47 23.71
C ALA G 276 2.45 44.12 24.53
N THR G 277 2.92 45.07 25.32
CA THR G 277 4.07 44.89 26.19
C THR G 277 3.62 45.13 27.63
N GLY G 278 3.36 44.05 28.38
CA GLY G 278 2.91 44.16 29.74
C GLY G 278 2.71 42.85 30.45
N GLY G 279 1.67 42.76 31.28
CA GLY G 279 1.38 41.55 32.02
C GLY G 279 0.58 40.56 31.21
N PRO G 280 0.23 39.45 31.85
CA PRO G 280 -0.47 38.38 31.12
C PRO G 280 -1.87 38.76 30.66
N ALA G 281 -2.59 39.58 31.43
CA ALA G 281 -3.97 39.90 31.08
C ALA G 281 -4.05 40.63 29.75
N ILE G 282 -3.23 41.66 29.56
CA ILE G 282 -3.25 42.36 28.28
C ILE G 282 -2.80 41.45 27.15
N VAL G 283 -1.91 40.50 27.45
CA VAL G 283 -1.50 39.52 26.44
C VAL G 283 -2.66 38.61 26.06
N LYS G 284 -3.40 38.12 27.05
CA LYS G 284 -4.63 37.38 26.74
C LYS G 284 -5.65 38.28 26.06
N ALA G 285 -5.68 39.57 26.45
CA ALA G 285 -6.66 40.50 25.92
C ALA G 285 -6.30 41.01 24.53
N VAL G 286 -5.01 41.01 24.18
CA VAL G 286 -4.58 41.45 22.86
C VAL G 286 -4.81 40.36 21.81
N LEU G 287 -4.97 39.10 22.23
CA LEU G 287 -5.09 37.97 21.33
C LEU G 287 -6.53 37.51 21.12
N SER G 288 -7.50 38.31 21.54
CA SER G 288 -8.92 37.99 21.39
C SER G 288 -9.65 39.09 20.63
N THR G 289 -8.96 39.71 19.68
CA THR G 289 -9.46 40.91 19.03
C THR G 289 -9.71 40.78 17.52
N GLY G 290 -9.36 39.66 16.91
CA GLY G 290 -9.58 39.47 15.50
C GLY G 290 -8.44 39.94 14.61
N LYS G 291 -7.29 40.30 15.19
CA LYS G 291 -6.17 40.88 14.46
C LYS G 291 -4.90 40.12 14.80
N LYS G 292 -3.82 40.46 14.09
CA LYS G 292 -2.51 39.99 14.52
C LYS G 292 -2.10 40.69 15.80
N ALA G 293 -1.47 39.94 16.71
CA ALA G 293 -1.12 40.49 18.01
C ALA G 293 0.18 39.87 18.50
N ILE G 294 1.12 40.72 18.88
CA ILE G 294 2.36 40.30 19.53
C ILE G 294 2.19 40.51 21.03
N GLY G 295 2.36 39.45 21.80
CA GLY G 295 2.22 39.53 23.24
C GLY G 295 3.52 39.33 23.99
N ALA G 296 4.04 40.40 24.59
CA ALA G 296 5.26 40.35 25.39
C ALA G 296 4.86 40.32 26.85
N GLY G 297 4.66 39.11 27.37
CA GLY G 297 4.10 38.91 28.69
C GLY G 297 5.13 38.98 29.80
N ALA G 298 4.72 38.53 30.98
CA ALA G 298 5.52 38.62 32.19
C ALA G 298 6.49 37.45 32.27
N GLY G 299 7.09 37.28 33.44
CA GLY G 299 7.99 36.18 33.67
C GLY G 299 8.24 35.97 35.14
N ASN G 300 9.28 35.19 35.43
CA ASN G 300 9.75 34.94 36.79
C ASN G 300 11.16 34.38 36.71
N PRO G 301 12.13 35.20 36.33
CA PRO G 301 13.43 34.68 35.89
C PRO G 301 14.22 34.06 37.03
N PRO G 302 14.51 32.76 36.95
CA PRO G 302 15.38 32.13 37.94
C PRO G 302 16.83 32.15 37.48
N VAL G 303 17.72 32.36 38.45
CA VAL G 303 19.16 32.25 38.22
C VAL G 303 19.67 31.05 39.00
N VAL G 304 20.24 30.09 38.28
CA VAL G 304 20.77 28.87 38.88
C VAL G 304 22.29 28.99 38.97
N VAL G 305 22.84 28.70 40.15
CA VAL G 305 24.27 28.72 40.38
C VAL G 305 24.68 27.34 40.87
N ASP G 306 25.64 26.72 40.20
CA ASP G 306 26.11 25.39 40.57
C ASP G 306 27.52 25.47 41.14
N GLU G 307 28.07 24.30 41.44
CA GLU G 307 29.38 24.20 42.09
C GLU G 307 30.56 24.38 41.14
N THR G 308 30.31 24.54 39.84
CA THR G 308 31.38 24.77 38.88
C THR G 308 31.48 26.22 38.43
N ALA G 309 30.61 27.10 38.93
CA ALA G 309 30.59 28.48 38.50
C ALA G 309 31.66 29.30 39.21
N ASN G 310 32.02 30.43 38.60
CA ASN G 310 32.82 31.44 39.27
C ASN G 310 31.92 32.17 40.26
N ILE G 311 32.01 31.77 41.53
CA ILE G 311 31.04 32.23 42.52
C ILE G 311 31.21 33.71 42.84
N GLU G 312 32.44 34.21 42.84
CA GLU G 312 32.67 35.63 43.10
C GLU G 312 32.08 36.48 41.99
N LYS G 313 32.28 36.08 40.73
CA LYS G 313 31.68 36.80 39.62
C LYS G 313 30.18 36.56 39.56
N ALA G 314 29.73 35.34 39.84
CA ALA G 314 28.31 35.02 39.78
C ALA G 314 27.51 35.88 40.75
N ALA G 315 27.91 35.89 42.03
CA ALA G 315 27.22 36.72 43.00
C ALA G 315 27.28 38.20 42.63
N CYS G 316 28.39 38.63 42.02
CA CYS G 316 28.50 40.02 41.60
C CYS G 316 27.50 40.35 40.50
N ASP G 317 27.41 39.50 39.48
CA ASP G 317 26.44 39.71 38.41
C ASP G 317 25.01 39.57 38.92
N ILE G 318 24.79 38.71 39.91
CA ILE G 318 23.43 38.45 40.40
C ILE G 318 22.83 39.70 41.02
N VAL G 319 23.61 40.42 41.84
CA VAL G 319 23.07 41.62 42.46
C VAL G 319 22.95 42.75 41.45
N ASN G 320 23.87 42.83 40.49
CA ASN G 320 23.78 43.86 39.45
C ASN G 320 22.58 43.63 38.53
N GLY G 321 22.25 42.36 38.25
CA GLY G 321 21.11 42.08 37.41
C GLY G 321 19.79 42.18 38.14
N CYS G 322 19.80 41.93 39.46
CA CYS G 322 18.59 41.99 40.27
C CYS G 322 18.29 43.38 40.77
N SER G 323 19.29 44.26 40.85
CA SER G 323 19.07 45.64 41.26
C SER G 323 19.07 46.60 40.08
N PHE G 324 19.22 46.10 38.86
CA PHE G 324 19.22 46.98 37.69
C PHE G 324 17.82 47.56 37.48
N ASP G 325 17.74 48.89 37.39
CA ASP G 325 16.47 49.61 37.39
C ASP G 325 15.61 49.20 38.59
N ASN G 326 16.28 48.78 39.66
CA ASN G 326 15.63 48.24 40.85
C ASN G 326 14.67 47.11 40.50
N ASN G 327 15.14 46.21 39.63
CA ASN G 327 14.48 44.97 39.25
C ASN G 327 13.20 45.18 38.46
N LEU G 328 13.03 46.35 37.86
CA LEU G 328 11.93 46.60 36.94
C LEU G 328 12.01 45.80 35.65
N PRO G 329 13.18 45.64 35.02
CA PRO G 329 13.22 44.94 33.72
C PRO G 329 12.72 43.51 33.83
N CYS G 330 12.00 43.08 32.79
CA CYS G 330 11.38 41.77 32.79
C CYS G 330 12.39 40.62 32.68
N VAL G 331 13.66 40.91 32.40
CA VAL G 331 14.69 39.87 32.42
C VAL G 331 15.35 39.73 33.79
N ALA G 332 15.09 40.66 34.72
CA ALA G 332 15.85 40.73 35.95
C ALA G 332 15.69 39.48 36.80
N GLU G 333 16.78 39.09 37.47
CA GLU G 333 16.74 37.93 38.36
C GLU G 333 15.73 38.17 39.48
N LYS G 334 14.98 37.12 39.81
CA LYS G 334 13.98 37.23 40.86
C LYS G 334 13.96 36.05 41.83
N GLU G 335 14.85 35.07 41.67
CA GLU G 335 15.04 34.01 42.66
C GLU G 335 16.30 33.24 42.30
N ILE G 336 17.10 32.94 43.32
CA ILE G 336 18.30 32.12 43.16
C ILE G 336 17.95 30.68 43.47
N ILE G 337 18.53 29.75 42.72
CA ILE G 337 18.45 28.33 43.00
C ILE G 337 19.89 27.82 43.03
N ALA G 338 20.48 27.75 44.22
CA ALA G 338 21.88 27.41 44.39
C ALA G 338 22.03 25.99 44.90
N VAL G 339 23.08 25.30 44.43
CA VAL G 339 23.39 23.97 44.90
C VAL G 339 23.96 24.06 46.31
N ALA G 340 23.62 23.07 47.16
CA ALA G 340 23.94 23.12 48.58
C ALA G 340 25.44 23.15 48.84
N GLN G 341 26.27 22.85 47.85
CA GLN G 341 27.71 22.80 48.06
C GLN G 341 28.32 24.19 48.15
N ILE G 342 27.84 25.12 47.33
CA ILE G 342 28.41 26.47 47.26
C ILE G 342 27.44 27.52 47.80
N ALA G 343 26.32 27.09 48.39
CA ALA G 343 25.27 28.04 48.75
C ALA G 343 25.77 29.06 49.76
N ASP G 344 26.45 28.61 50.80
CA ASP G 344 26.94 29.53 51.83
C ASP G 344 28.06 30.42 51.28
N TYR G 345 28.98 29.85 50.51
CA TYR G 345 30.04 30.65 49.91
C TYR G 345 29.45 31.68 48.95
N LEU G 346 28.39 31.32 48.24
CA LEU G 346 27.73 32.28 47.35
C LEU G 346 27.07 33.40 48.13
N ILE G 347 26.41 33.07 49.24
CA ILE G 347 25.75 34.10 50.04
C ILE G 347 26.77 35.10 50.58
N PHE G 348 27.93 34.60 51.02
CA PHE G 348 28.98 35.50 51.50
C PHE G 348 29.39 36.49 50.41
N ASN G 349 29.54 36.02 49.17
CA ASN G 349 29.89 36.93 48.09
C ASN G 349 28.71 37.82 47.71
N LEU G 350 27.48 37.33 47.87
CA LEU G 350 26.31 38.18 47.62
C LEU G 350 26.29 39.35 48.60
N LYS G 351 26.48 39.08 49.89
CA LYS G 351 26.51 40.16 50.88
C LYS G 351 27.70 41.08 50.66
N LYS G 352 28.80 40.57 50.11
CA LYS G 352 29.94 41.43 49.81
C LYS G 352 29.59 42.44 48.73
N ASN G 353 28.81 42.03 47.73
CA ASN G 353 28.44 42.88 46.62
C ASN G 353 27.13 43.65 46.86
N GLY G 354 26.70 43.76 48.11
CA GLY G 354 25.60 44.64 48.43
C GLY G 354 24.27 43.98 48.71
N ALA G 355 24.28 42.82 49.37
CA ALA G 355 23.06 42.10 49.71
C ALA G 355 22.90 42.10 51.23
N TYR G 356 21.84 42.75 51.70
CA TYR G 356 21.45 42.66 53.11
C TYR G 356 20.56 41.43 53.27
N GLU G 357 21.02 40.48 54.08
CA GLU G 357 20.34 39.19 54.22
C GLU G 357 19.49 39.17 55.47
N ILE G 358 18.24 38.76 55.32
CA ILE G 358 17.30 38.62 56.42
C ILE G 358 17.29 37.16 56.85
N LYS G 359 17.82 36.89 58.05
CA LYS G 359 17.81 35.54 58.60
C LYS G 359 16.67 35.30 59.57
N ASP G 360 16.11 36.36 60.17
CA ASP G 360 15.10 36.23 61.20
C ASP G 360 13.71 36.08 60.56
N PRO G 361 12.93 35.08 60.95
CA PRO G 361 11.60 34.91 60.35
C PRO G 361 10.65 36.05 60.62
N ALA G 362 10.75 36.70 61.79
CA ALA G 362 9.85 37.80 62.08
C ALA G 362 10.15 39.01 61.21
N VAL G 363 11.43 39.29 60.99
CA VAL G 363 11.81 40.37 60.06
C VAL G 363 11.36 40.02 58.65
N LEU G 364 11.46 38.74 58.29
CA LEU G 364 11.00 38.30 56.98
C LEU G 364 9.49 38.40 56.87
N GLN G 365 8.76 38.17 57.97
CA GLN G 365 7.33 38.43 57.98
C GLN G 365 7.06 39.90 57.69
N GLN G 366 7.61 40.79 58.53
CA GLN G 366 7.47 42.24 58.38
C GLN G 366 7.68 42.69 56.92
N LEU G 367 8.70 42.15 56.27
CA LEU G 367 8.91 42.45 54.86
C LEU G 367 7.77 41.92 54.00
N GLN G 368 7.23 40.75 54.35
CA GLN G 368 6.17 40.13 53.56
C GLN G 368 4.89 40.96 53.63
N ASP G 369 4.50 41.39 54.83
CA ASP G 369 3.28 42.19 54.95
C ASP G 369 3.44 43.55 54.30
N LEU G 370 4.68 44.05 54.20
CA LEU G 370 4.92 45.34 53.54
C LEU G 370 4.79 45.22 52.03
N VAL G 371 5.31 44.13 51.46
CA VAL G 371 5.46 44.02 50.02
C VAL G 371 4.27 43.34 49.34
N LEU G 372 3.57 42.46 50.05
CA LEU G 372 2.47 41.71 49.47
C LEU G 372 1.13 42.36 49.79
N THR G 373 0.16 42.16 48.89
CA THR G 373 -1.21 42.58 49.10
C THR G 373 -1.99 41.49 49.83
N ALA G 374 -3.22 41.83 50.22
CA ALA G 374 -4.07 40.87 50.92
C ALA G 374 -4.42 39.67 50.06
N LYS G 375 -4.32 39.81 48.73
CA LYS G 375 -4.60 38.70 47.82
C LYS G 375 -3.34 38.00 47.35
N GLY G 376 -2.17 38.38 47.88
CA GLY G 376 -0.93 37.69 47.60
C GLY G 376 -0.05 38.37 46.56
N GLY G 377 -0.59 39.29 45.78
CA GLY G 377 0.18 39.98 44.77
C GLY G 377 1.09 41.03 45.37
N PRO G 378 2.08 41.47 44.60
CA PRO G 378 3.01 42.49 45.11
C PRO G 378 2.34 43.86 45.20
N GLN G 379 2.77 44.62 46.20
CA GLN G 379 2.24 45.97 46.40
C GLN G 379 2.78 46.91 45.33
N THR G 380 1.86 47.54 44.59
CA THR G 380 2.27 48.56 43.62
C THR G 380 3.02 49.69 44.30
N LYS G 381 2.77 49.91 45.59
CA LYS G 381 3.47 50.95 46.33
C LYS G 381 4.93 50.60 46.57
N CYS G 382 5.29 49.32 46.51
CA CYS G 382 6.65 48.87 46.74
C CYS G 382 7.38 48.46 45.47
N VAL G 383 6.67 48.35 44.34
CA VAL G 383 7.31 47.95 43.10
C VAL G 383 8.44 48.91 42.75
N GLY G 384 9.52 48.37 42.19
CA GLY G 384 10.60 49.18 41.66
C GLY G 384 11.25 50.14 42.64
N LYS G 385 11.08 49.92 43.95
CA LYS G 385 11.70 50.75 44.95
C LYS G 385 13.10 50.24 45.28
N SER G 386 13.96 51.14 45.72
CA SER G 386 15.32 50.75 46.09
C SER G 386 15.29 49.83 47.31
N ALA G 387 16.35 49.04 47.47
CA ALA G 387 16.42 48.10 48.58
C ALA G 387 16.51 48.83 49.91
N VAL G 388 17.23 49.95 49.95
CA VAL G 388 17.37 50.71 51.19
C VAL G 388 16.05 51.33 51.61
N TRP G 389 15.12 51.54 50.66
CA TRP G 389 13.81 52.07 51.02
C TRP G 389 12.95 51.00 51.68
N LEU G 390 12.91 49.81 51.10
CA LEU G 390 12.12 48.72 51.68
C LEU G 390 12.64 48.33 53.06
N LEU G 391 13.97 48.32 53.22
CA LEU G 391 14.54 48.00 54.53
C LEU G 391 14.20 49.06 55.57
N SER G 392 14.10 50.32 55.15
CA SER G 392 13.71 51.38 56.08
C SER G 392 12.27 51.24 56.53
N GLN G 393 11.42 50.57 55.74
CA GLN G 393 10.02 50.41 56.13
C GLN G 393 9.87 49.43 57.28
N ILE G 394 10.75 48.42 57.36
CA ILE G 394 10.73 47.46 58.46
C ILE G 394 11.67 47.87 59.58
N GLY G 395 12.29 49.04 59.51
CA GLY G 395 13.14 49.51 60.58
C GLY G 395 14.61 49.18 60.46
N ILE G 396 15.06 48.74 59.29
CA ILE G 396 16.47 48.45 59.05
C ILE G 396 17.09 49.63 58.32
N SER G 397 18.11 50.23 58.92
CA SER G 397 18.79 51.39 58.35
C SER G 397 20.11 50.92 57.76
N VAL G 398 20.22 51.00 56.43
CA VAL G 398 21.43 50.60 55.73
C VAL G 398 21.87 51.73 54.80
N ASP G 399 23.17 51.73 54.51
CA ASP G 399 23.77 52.76 53.66
C ASP G 399 23.50 52.45 52.18
N ALA G 400 24.11 53.24 51.30
CA ALA G 400 23.96 53.02 49.87
C ALA G 400 24.69 51.79 49.36
N SER G 401 25.46 51.12 50.22
CA SER G 401 26.13 49.89 49.82
C SER G 401 25.13 48.77 49.54
N ILE G 402 24.03 48.73 50.27
CA ILE G 402 23.02 47.69 50.09
C ILE G 402 22.22 47.99 48.83
N LYS G 403 22.13 47.01 47.94
CA LYS G 403 21.44 47.18 46.67
C LYS G 403 20.26 46.24 46.47
N ILE G 404 20.25 45.07 47.09
CA ILE G 404 19.14 44.14 47.03
C ILE G 404 18.79 43.69 48.45
N ILE G 405 17.77 42.85 48.54
CA ILE G 405 17.34 42.24 49.79
C ILE G 405 17.35 40.72 49.59
N LEU G 406 18.18 40.03 50.37
CA LEU G 406 18.40 38.60 50.21
C LEU G 406 17.82 37.82 51.38
N MET G 407 17.34 36.62 51.11
CA MET G 407 16.85 35.73 52.14
C MET G 407 16.82 34.30 51.59
N GLU G 408 17.18 33.34 52.44
CA GLU G 408 17.02 31.93 52.13
C GLU G 408 15.64 31.47 52.60
N VAL G 409 14.94 30.73 51.75
CA VAL G 409 13.51 30.50 51.96
C VAL G 409 13.11 29.22 51.22
N PRO G 410 12.03 28.55 51.60
CA PRO G 410 11.59 27.38 50.83
C PRO G 410 11.02 27.77 49.47
N ARG G 411 10.72 26.73 48.69
CA ARG G 411 10.31 26.93 47.30
C ARG G 411 8.89 27.46 47.18
N GLU G 412 8.01 27.08 48.10
CA GLU G 412 6.61 27.50 48.05
C GLU G 412 6.39 28.86 48.69
N HIS G 413 7.43 29.70 48.76
CA HIS G 413 7.31 31.01 49.38
C HIS G 413 6.86 32.05 48.35
N PRO G 414 6.00 32.98 48.77
CA PRO G 414 5.49 34.00 47.84
C PRO G 414 6.58 34.78 47.11
N PHE G 415 7.72 35.06 47.74
CA PHE G 415 8.80 35.74 47.04
C PHE G 415 9.35 34.90 45.89
N VAL G 416 9.17 33.58 45.93
CA VAL G 416 9.62 32.72 44.84
C VAL G 416 8.63 32.74 43.69
N GLN G 417 7.34 32.56 43.99
CA GLN G 417 6.35 32.40 42.95
C GLN G 417 5.91 33.73 42.33
N GLU G 418 6.00 34.82 43.07
CA GLU G 418 5.55 36.11 42.56
C GLU G 418 6.61 36.77 41.71
N GLU G 419 6.17 37.61 40.77
CA GLU G 419 7.04 38.54 40.07
C GLU G 419 6.97 39.85 40.82
N LEU G 420 7.86 40.01 41.81
CA LEU G 420 7.80 41.17 42.69
C LEU G 420 8.20 42.45 41.98
N MET G 421 9.16 42.36 41.05
CA MET G 421 9.76 43.53 40.41
C MET G 421 10.32 44.49 41.46
N MET G 422 10.96 43.92 42.46
CA MET G 422 11.65 44.63 43.53
C MET G 422 12.95 43.88 43.78
N PRO G 423 13.97 44.56 44.35
CA PRO G 423 15.26 43.91 44.65
C PRO G 423 15.17 42.96 45.84
N ILE G 424 14.14 42.11 45.84
CA ILE G 424 13.93 41.09 46.86
C ILE G 424 14.26 39.75 46.22
N LEU G 425 15.33 39.13 46.69
CA LEU G 425 15.89 37.95 46.04
C LEU G 425 15.80 36.75 46.97
N PRO G 426 14.78 35.92 46.84
CA PRO G 426 14.72 34.68 47.63
C PRO G 426 15.69 33.64 47.08
N LEU G 427 16.24 32.84 47.99
CA LEU G 427 17.19 31.79 47.63
C LEU G 427 16.64 30.46 48.11
N VAL G 428 16.67 29.48 47.21
CA VAL G 428 16.27 28.11 47.53
C VAL G 428 17.49 27.21 47.32
N ARG G 429 17.74 26.32 48.27
CA ARG G 429 18.90 25.46 48.24
C ARG G 429 18.49 24.05 47.81
N VAL G 430 19.19 23.51 46.82
CA VAL G 430 18.92 22.17 46.31
C VAL G 430 20.23 21.39 46.33
N GLU G 431 20.10 20.07 46.15
CA GLU G 431 21.24 19.19 46.33
C GLU G 431 22.06 18.96 45.06
N THR G 432 21.45 19.05 43.88
CA THR G 432 22.17 18.85 42.64
C THR G 432 21.72 19.86 41.60
N VAL G 433 22.49 19.94 40.52
CA VAL G 433 22.17 20.85 39.43
C VAL G 433 20.89 20.40 38.72
N ASP G 434 20.74 19.09 38.54
CA ASP G 434 19.54 18.56 37.88
C ASP G 434 18.27 18.97 38.63
N ASP G 435 18.30 18.85 39.96
CA ASP G 435 17.17 19.33 40.75
C ASP G 435 17.04 20.85 40.67
N ALA G 436 18.17 21.55 40.56
CA ALA G 436 18.12 23.00 40.36
C ALA G 436 17.45 23.34 39.05
N ILE G 437 17.80 22.62 37.97
CA ILE G 437 17.12 22.81 36.70
C ILE G 437 15.63 22.49 36.85
N ASP G 438 15.32 21.38 37.51
CA ASP G 438 13.93 20.97 37.68
C ASP G 438 13.13 22.03 38.43
N LEU G 439 13.74 22.68 39.41
CA LEU G 439 13.07 23.75 40.15
C LEU G 439 13.12 25.09 39.40
N ALA G 440 14.11 25.28 38.54
CA ALA G 440 14.12 26.46 37.68
C ALA G 440 13.00 26.38 36.64
N ILE G 441 12.71 25.17 36.15
CA ILE G 441 11.64 25.00 35.18
C ILE G 441 10.29 25.26 35.83
N GLU G 442 10.12 24.82 37.08
CA GLU G 442 8.85 25.02 37.78
C GLU G 442 8.56 26.50 37.99
N VAL G 443 9.52 27.23 38.57
CA VAL G 443 9.28 28.62 38.93
C VAL G 443 9.11 29.51 37.71
N GLU G 444 9.64 29.10 36.55
CA GLU G 444 9.42 29.85 35.32
C GLU G 444 7.94 29.97 35.01
N HIS G 445 7.13 29.00 35.44
CA HIS G 445 5.68 28.99 35.24
C HIS G 445 5.32 28.94 33.76
N ASP G 446 6.15 28.28 32.96
CA ASP G 446 5.98 28.15 31.50
C ASP G 446 5.70 29.49 30.84
N ASN G 447 6.07 30.60 31.48
CA ASN G 447 6.07 31.88 30.80
C ASN G 447 7.14 31.94 29.74
N ARG G 448 8.20 31.13 29.89
CA ARG G 448 9.28 30.99 28.92
C ARG G 448 9.76 32.36 28.44
N HIS G 449 10.19 33.15 29.42
CA HIS G 449 10.64 34.51 29.18
C HIS G 449 12.16 34.58 29.27
N THR G 450 12.69 34.60 30.49
CA THR G 450 14.12 34.70 30.71
C THR G 450 14.53 33.75 31.83
N ALA G 451 15.70 33.14 31.67
CA ALA G 451 16.33 32.34 32.71
C ALA G 451 17.83 32.55 32.66
N ILE G 452 18.48 32.43 33.82
CA ILE G 452 19.91 32.63 33.93
C ILE G 452 20.52 31.42 34.62
N MET G 453 21.75 31.10 34.24
CA MET G 453 22.49 30.02 34.89
C MET G 453 23.94 30.44 35.06
N HIS G 454 24.54 29.99 36.17
CA HIS G 454 25.97 30.17 36.41
C HIS G 454 26.60 28.80 36.57
N SER G 455 27.54 28.48 35.68
CA SER G 455 28.32 27.25 35.72
C SER G 455 29.35 27.28 34.59
N THR G 456 30.51 26.66 34.82
CA THR G 456 31.52 26.52 33.78
C THR G 456 31.40 25.21 33.01
N ASP G 457 30.51 24.32 33.43
CA ASP G 457 30.35 23.02 32.77
C ASP G 457 29.46 23.21 31.55
N VAL G 458 30.05 23.05 30.37
CA VAL G 458 29.35 23.16 29.10
C VAL G 458 28.09 22.31 29.04
N ARG G 459 28.07 21.15 29.69
CA ARG G 459 26.97 20.21 29.54
C ARG G 459 25.81 20.53 30.47
N LYS G 460 26.10 21.14 31.62
CA LYS G 460 25.05 21.64 32.50
C LYS G 460 24.41 22.91 31.95
N LEU G 461 25.21 23.75 31.28
CA LEU G 461 24.66 24.94 30.63
C LEU G 461 23.73 24.55 29.47
N THR G 462 24.11 23.52 28.70
CA THR G 462 23.31 23.10 27.56
C THR G 462 21.99 22.49 28.00
N LYS G 463 22.01 21.68 29.07
CA LYS G 463 20.82 20.95 29.48
C LYS G 463 19.74 21.90 29.99
N MET G 464 20.11 22.84 30.86
CA MET G 464 19.12 23.76 31.41
C MET G 464 18.53 24.66 30.33
N ALA G 465 19.37 25.15 29.42
CA ALA G 465 18.87 25.96 28.31
C ALA G 465 17.93 25.17 27.44
N LYS G 466 18.27 23.92 27.14
CA LYS G 466 17.40 23.08 26.31
C LYS G 466 16.07 22.82 27.00
N LEU G 467 16.08 22.66 28.33
CA LEU G 467 14.91 22.23 29.08
C LEU G 467 13.96 23.38 29.41
N ILE G 468 14.50 24.53 29.84
CA ILE G 468 13.63 25.61 30.31
C ILE G 468 12.94 26.33 29.15
N GLN G 469 13.48 26.26 27.94
CA GLN G 469 12.83 26.75 26.73
C GLN G 469 12.45 28.23 26.84
N THR G 470 13.33 29.02 27.44
CA THR G 470 13.06 30.43 27.65
C THR G 470 13.38 31.24 26.41
N THR G 471 12.65 32.35 26.25
CA THR G 471 12.95 33.27 25.14
C THR G 471 14.36 33.83 25.25
N ILE G 472 14.84 34.04 26.48
CA ILE G 472 16.18 34.53 26.73
C ILE G 472 16.84 33.61 27.76
N PHE G 473 18.09 33.24 27.49
CA PHE G 473 18.88 32.46 28.45
C PHE G 473 20.27 33.05 28.50
N VAL G 474 20.66 33.58 29.66
CA VAL G 474 21.95 34.24 29.86
C VAL G 474 22.83 33.31 30.68
N LYS G 475 24.02 33.04 30.17
CA LYS G 475 24.93 32.07 30.76
C LYS G 475 26.16 32.79 31.32
N ASN G 476 26.37 32.67 32.64
CA ASN G 476 27.55 33.22 33.31
C ASN G 476 27.63 34.73 33.17
N GLY G 477 26.48 35.40 33.24
CA GLY G 477 26.42 36.84 33.21
C GLY G 477 25.17 37.36 33.86
N PRO G 478 25.08 38.68 34.04
CA PRO G 478 23.85 39.26 34.56
C PRO G 478 22.74 39.21 33.53
N SER G 479 21.52 39.38 34.00
CA SER G 479 20.37 39.19 33.12
C SER G 479 20.26 40.29 32.07
N TYR G 480 20.70 41.52 32.38
CA TYR G 480 20.62 42.56 31.37
C TYR G 480 21.55 42.31 30.20
N ALA G 481 22.55 41.43 30.36
CA ALA G 481 23.36 41.01 29.23
C ALA G 481 22.53 40.31 28.16
N GLY G 482 21.34 39.80 28.51
CA GLY G 482 20.42 39.27 27.54
C GLY G 482 19.71 40.31 26.71
N LEU G 483 19.88 41.59 27.05
CA LEU G 483 19.38 42.70 26.25
C LEU G 483 20.49 43.34 25.42
N GLY G 484 21.64 42.70 25.31
CA GLY G 484 22.77 43.27 24.62
C GLY G 484 23.71 44.09 25.49
N ALA G 485 23.28 44.47 26.70
CA ALA G 485 24.12 45.24 27.61
C ALA G 485 25.09 44.29 28.30
N GLY G 486 26.14 43.91 27.56
CA GLY G 486 27.11 42.94 28.03
C GLY G 486 27.02 41.60 27.35
N GLY G 487 26.12 41.44 26.39
CA GLY G 487 26.05 40.23 25.60
C GLY G 487 25.88 40.56 24.14
N GLU G 488 26.23 39.61 23.28
CA GLU G 488 26.13 39.83 21.86
C GLU G 488 24.67 39.90 21.42
N GLY G 489 24.46 40.49 20.26
CA GLY G 489 23.13 40.68 19.71
C GLY G 489 22.59 42.07 20.01
N TYR G 490 21.53 42.43 19.28
CA TYR G 490 20.89 43.72 19.45
C TYR G 490 20.01 43.70 20.71
N SER G 491 19.29 44.80 20.93
CA SER G 491 18.47 44.98 22.11
C SER G 491 17.00 45.13 21.74
N THR G 492 16.14 44.89 22.73
CA THR G 492 14.72 45.16 22.58
C THR G 492 14.13 45.30 23.98
N PHE G 493 12.95 45.90 24.04
CA PHE G 493 12.18 45.97 25.27
C PHE G 493 10.80 45.35 25.09
N THR G 494 10.56 44.71 23.95
CA THR G 494 9.36 43.92 23.70
C THR G 494 9.83 42.50 23.43
N ILE G 495 9.83 41.67 24.47
CA ILE G 495 10.37 40.31 24.41
C ILE G 495 9.19 39.37 24.21
N ALA G 496 8.93 39.00 22.96
CA ALA G 496 7.75 38.23 22.60
C ALA G 496 7.97 36.76 22.96
N GLY G 497 7.42 36.35 24.10
CA GLY G 497 7.50 34.98 24.55
C GLY G 497 6.29 34.16 24.16
N PRO G 498 5.10 34.56 24.63
CA PRO G 498 3.87 33.84 24.25
C PRO G 498 3.70 33.67 22.75
N THR G 499 3.73 34.78 21.99
CA THR G 499 3.49 34.71 20.56
C THR G 499 4.69 34.17 19.78
N GLY G 500 5.85 34.04 20.42
CA GLY G 500 6.96 33.30 19.84
C GLY G 500 7.87 34.09 18.92
N GLU G 501 7.69 35.40 18.79
CA GLU G 501 8.56 36.18 17.91
C GLU G 501 9.93 36.45 18.50
N GLY G 502 10.14 36.16 19.78
CA GLY G 502 11.44 36.36 20.40
C GLY G 502 11.76 37.82 20.68
N LEU G 503 12.99 38.23 20.40
CA LEU G 503 13.39 39.62 20.59
C LEU G 503 12.94 40.43 19.40
N THR G 504 11.95 41.29 19.59
CA THR G 504 11.34 42.00 18.48
C THR G 504 12.26 43.09 17.96
N SER G 505 12.49 43.07 16.64
CA SER G 505 13.16 44.17 15.96
C SER G 505 12.26 44.65 14.82
N ALA G 506 12.85 45.23 13.78
CA ALA G 506 12.04 45.77 12.68
C ALA G 506 11.31 44.65 11.93
N LYS G 507 12.03 43.59 11.57
CA LYS G 507 11.43 42.49 10.81
C LYS G 507 10.27 41.85 11.55
N SER G 508 10.18 42.02 12.87
CA SER G 508 9.02 41.53 13.61
C SER G 508 7.75 42.25 13.19
N PHE G 509 7.86 43.53 12.84
CA PHE G 509 6.72 44.37 12.47
C PHE G 509 6.58 44.51 10.97
N ALA G 510 6.88 43.45 10.22
CA ALA G 510 6.87 43.51 8.77
C ALA G 510 6.26 42.24 8.19
N ARG G 511 5.70 42.36 7.00
CA ARG G 511 5.06 41.25 6.30
C ARG G 511 6.03 40.68 5.28
N ARG G 512 6.16 39.37 5.27
CA ARG G 512 6.96 38.69 4.27
C ARG G 512 6.21 38.60 2.95
N ARG G 513 6.97 38.61 1.85
CA ARG G 513 6.38 38.59 0.52
C ARG G 513 7.30 37.86 -0.45
N LYS G 514 6.69 37.08 -1.33
CA LYS G 514 7.40 36.33 -2.37
C LYS G 514 7.26 37.04 -3.70
N CYS G 515 8.35 37.07 -4.47
CA CYS G 515 8.35 37.66 -5.80
C CYS G 515 9.06 36.69 -6.73
N VAL G 516 8.29 35.99 -7.56
CA VAL G 516 8.80 34.92 -8.41
C VAL G 516 8.98 35.45 -9.82
N MET G 517 10.23 35.52 -10.26
CA MET G 517 10.58 35.93 -11.62
C MET G 517 10.79 34.66 -12.44
N VAL G 518 9.75 34.23 -13.15
CA VAL G 518 9.79 32.95 -13.83
C VAL G 518 10.74 33.02 -15.02
N GLU G 519 11.80 32.20 -14.98
CA GLU G 519 12.71 32.00 -16.10
C GLU G 519 13.46 33.30 -16.47
N ALA G 520 13.86 34.05 -15.46
CA ALA G 520 14.61 35.28 -15.69
C ALA G 520 15.35 35.64 -14.41
N LEU G 521 16.47 36.37 -14.57
CA LEU G 521 17.35 36.77 -13.49
C LEU G 521 18.03 35.57 -12.83
N ASN G 522 18.34 34.54 -13.61
CA ASN G 522 19.17 33.42 -13.15
C ASN G 522 20.52 33.57 -13.84
N ILE G 523 21.34 34.49 -13.31
CA ILE G 523 22.58 34.89 -13.95
C ILE G 523 23.79 34.11 -13.43
N ARG G 524 23.57 33.11 -12.59
CA ARG G 524 24.64 32.24 -12.11
C ARG G 524 25.31 31.52 -13.27
N VAL H 86 32.29 7.24 -27.08
CA VAL H 86 32.46 8.13 -25.92
C VAL H 86 33.76 7.84 -25.21
N SER H 87 34.27 8.85 -24.50
CA SER H 87 35.51 8.73 -23.75
C SER H 87 35.23 8.25 -22.33
N ASP H 88 36.17 7.50 -21.78
CA ASP H 88 36.10 7.07 -20.39
C ASP H 88 36.86 7.99 -19.45
N GLY H 89 37.38 9.11 -19.96
CA GLY H 89 38.06 10.07 -19.12
C GLY H 89 39.48 9.71 -18.74
N VAL H 90 40.15 8.89 -19.55
CA VAL H 90 41.51 8.43 -19.28
C VAL H 90 42.35 8.69 -20.52
N PHE H 91 43.43 9.46 -20.36
CA PHE H 91 44.19 9.98 -21.49
C PHE H 91 45.65 9.57 -21.43
N GLU H 92 46.25 9.44 -22.63
CA GLU H 92 47.66 9.10 -22.75
C GLU H 92 48.57 10.26 -22.38
N THR H 93 48.03 11.48 -22.33
CA THR H 93 48.84 12.67 -22.09
C THR H 93 48.06 13.63 -21.20
N MET H 94 48.79 14.55 -20.57
CA MET H 94 48.16 15.53 -19.70
C MET H 94 47.44 16.61 -20.51
N ASP H 95 48.04 17.03 -21.63
CA ASP H 95 47.43 18.09 -22.43
C ASP H 95 46.14 17.61 -23.09
N ALA H 96 46.17 16.43 -23.71
CA ALA H 96 44.96 15.89 -24.31
C ALA H 96 43.84 15.74 -23.29
N ALA H 97 44.19 15.43 -22.05
CA ALA H 97 43.19 15.40 -20.99
C ALA H 97 42.69 16.80 -20.66
N VAL H 98 43.60 17.78 -20.63
CA VAL H 98 43.18 19.15 -20.34
C VAL H 98 42.38 19.74 -21.50
N GLU H 99 42.83 19.49 -22.74
CA GLU H 99 42.06 19.96 -23.89
C GLU H 99 40.66 19.38 -23.92
N ALA H 100 40.49 18.17 -23.39
CA ALA H 100 39.16 17.57 -23.32
C ALA H 100 38.35 18.13 -22.16
N ALA H 101 39.01 18.51 -21.06
CA ALA H 101 38.30 19.16 -19.97
C ALA H 101 37.97 20.61 -20.31
N ALA H 102 38.74 21.22 -21.21
CA ALA H 102 38.41 22.57 -21.65
C ALA H 102 37.15 22.57 -22.51
N LEU H 103 37.01 21.59 -23.40
CA LEU H 103 35.78 21.45 -24.15
C LEU H 103 34.63 21.00 -23.26
N ALA H 104 34.92 20.12 -22.30
CA ALA H 104 33.88 19.64 -21.39
C ALA H 104 33.26 20.79 -20.59
N GLN H 105 34.06 21.80 -20.25
CA GLN H 105 33.56 22.94 -19.50
C GLN H 105 32.72 23.87 -20.37
N GLN H 106 33.12 24.06 -21.63
CA GLN H 106 32.30 24.85 -22.56
C GLN H 106 30.93 24.21 -22.76
N GLN H 107 30.89 22.88 -22.92
CA GLN H 107 29.61 22.19 -23.05
C GLN H 107 28.80 22.25 -21.77
N TYR H 108 29.48 22.27 -20.61
CA TYR H 108 28.78 22.28 -19.34
C TYR H 108 27.99 23.57 -19.13
N LEU H 109 28.49 24.69 -19.65
CA LEU H 109 27.84 25.99 -19.50
C LEU H 109 26.49 26.07 -20.19
N LEU H 110 26.14 25.09 -21.02
CA LEU H 110 24.83 25.02 -21.61
C LEU H 110 23.83 24.23 -20.76
N CYS H 111 24.34 23.40 -19.85
CA CYS H 111 23.49 22.57 -19.02
C CYS H 111 22.89 23.38 -17.88
N SER H 112 21.75 22.91 -17.38
CA SER H 112 21.02 23.58 -16.33
C SER H 112 21.46 23.09 -14.96
N MET H 113 20.93 23.75 -13.92
CA MET H 113 21.26 23.33 -12.55
C MET H 113 20.70 21.95 -12.24
N SER H 114 19.62 21.55 -12.94
CA SER H 114 19.10 20.20 -12.78
C SER H 114 20.07 19.17 -13.32
N ASP H 115 20.62 19.42 -14.52
CA ASP H 115 21.66 18.56 -15.08
C ASP H 115 22.79 18.37 -14.08
N ARG H 116 23.29 19.47 -13.51
CA ARG H 116 24.31 19.38 -12.48
C ARG H 116 23.84 18.56 -11.30
N ALA H 117 22.58 18.74 -10.90
CA ALA H 117 22.06 18.01 -9.74
C ALA H 117 21.94 16.51 -10.02
N ARG H 118 21.79 16.13 -11.29
CA ARG H 118 21.76 14.71 -11.63
C ARG H 118 23.17 14.12 -11.69
N PHE H 119 24.14 14.91 -12.17
CA PHE H 119 25.52 14.43 -12.21
C PHE H 119 26.14 14.40 -10.83
N VAL H 120 25.58 15.14 -9.87
CA VAL H 120 26.02 15.04 -8.48
C VAL H 120 25.39 13.84 -7.81
N GLN H 121 24.16 13.50 -8.17
CA GLN H 121 23.61 12.26 -7.61
C GLN H 121 24.28 11.04 -8.21
N GLY H 122 24.65 11.11 -9.49
CA GLY H 122 25.35 10.00 -10.11
C GLY H 122 26.68 9.69 -9.44
N ILE H 123 27.49 10.73 -9.23
CA ILE H 123 28.77 10.55 -8.54
C ILE H 123 28.55 9.96 -7.15
N ARG H 124 27.46 10.33 -6.48
CA ARG H 124 27.19 9.78 -5.15
C ARG H 124 26.82 8.30 -5.23
N ASP H 125 26.07 7.91 -6.26
CA ASP H 125 25.66 6.52 -6.39
C ASP H 125 26.83 5.62 -6.78
N VAL H 126 27.82 6.16 -7.48
CA VAL H 126 28.97 5.36 -7.90
C VAL H 126 29.76 4.87 -6.68
N ILE H 127 30.01 5.78 -5.75
CA ILE H 127 30.83 5.43 -4.59
C ILE H 127 30.03 4.77 -3.48
N LEU H 128 28.72 5.03 -3.41
CA LEU H 128 27.88 4.42 -2.38
C LEU H 128 27.33 3.06 -2.78
N ASN H 129 27.44 2.68 -4.06
CA ASN H 129 27.06 1.34 -4.47
C ASN H 129 27.93 0.33 -3.73
N GLN H 130 27.29 -0.56 -2.96
CA GLN H 130 28.00 -1.34 -1.94
C GLN H 130 29.11 -2.19 -2.53
N ASP H 131 28.89 -2.75 -3.72
CA ASP H 131 29.93 -3.54 -4.36
C ASP H 131 31.09 -2.66 -4.81
N THR H 132 30.78 -1.58 -5.53
CA THR H 132 31.83 -0.64 -5.92
C THR H 132 32.46 0.02 -4.70
N LEU H 133 31.68 0.23 -3.64
CA LEU H 133 32.24 0.80 -2.42
C LEU H 133 33.28 -0.14 -1.82
N GLU H 134 32.89 -1.39 -1.55
CA GLU H 134 33.83 -2.36 -1.00
C GLU H 134 34.94 -2.72 -1.96
N LYS H 135 34.72 -2.56 -3.27
CA LYS H 135 35.78 -2.91 -4.23
C LYS H 135 36.85 -1.83 -4.27
N MET H 136 36.45 -0.59 -4.45
CA MET H 136 37.43 0.48 -4.56
C MET H 136 38.05 0.80 -3.22
N SER H 137 37.34 0.49 -2.14
CA SER H 137 38.01 0.40 -0.85
C SER H 137 39.27 -0.43 -0.99
N ARG H 138 39.14 -1.69 -1.40
CA ARG H 138 40.25 -2.60 -1.21
C ARG H 138 41.38 -2.39 -2.21
N MET H 139 41.20 -1.55 -3.22
CA MET H 139 42.29 -1.28 -4.16
C MET H 139 43.36 -0.35 -3.59
N ALA H 140 43.10 0.36 -2.50
CA ALA H 140 44.01 1.39 -2.02
C ALA H 140 45.23 0.85 -1.28
N VAL H 141 45.05 0.39 -0.02
CA VAL H 141 46.12 -0.24 0.76
C VAL H 141 46.82 -1.31 -0.06
N GLU H 142 46.09 -1.99 -0.93
CA GLU H 142 46.74 -2.94 -1.84
C GLU H 142 47.81 -2.23 -2.67
N GLU H 143 47.47 -1.07 -3.23
CA GLU H 143 48.43 -0.28 -3.97
C GLU H 143 49.20 0.69 -3.07
N THR H 144 48.51 1.35 -2.14
CA THR H 144 49.19 2.32 -1.28
C THR H 144 50.00 1.64 -0.17
N GLY H 145 49.43 0.61 0.46
CA GLY H 145 50.06 0.02 1.61
C GLY H 145 49.82 0.76 2.91
N MET H 146 48.85 1.67 2.94
CA MET H 146 48.66 2.57 4.07
C MET H 146 47.21 2.63 4.49
N GLY H 147 46.96 2.33 5.76
CA GLY H 147 45.64 2.40 6.34
C GLY H 147 44.99 1.03 6.44
N ASN H 148 43.77 1.04 6.95
CA ASN H 148 42.89 -0.12 6.89
C ASN H 148 41.66 0.25 6.08
N TYR H 149 40.86 -0.75 5.75
CA TYR H 149 39.81 -0.59 4.75
C TYR H 149 38.42 -0.44 5.32
N GLU H 150 38.12 -1.13 6.43
CA GLU H 150 36.82 -0.92 7.06
C GLU H 150 36.61 0.54 7.40
N HIS H 151 37.70 1.30 7.59
CA HIS H 151 37.63 2.75 7.75
C HIS H 151 37.65 3.49 6.42
N LYS H 152 38.33 2.95 5.40
CA LYS H 152 38.21 3.53 4.06
C LYS H 152 36.77 3.47 3.58
N LEU H 153 36.05 2.39 3.92
CA LEU H 153 34.61 2.34 3.69
C LEU H 153 33.92 3.50 4.39
N ILE H 154 34.31 3.78 5.64
CA ILE H 154 33.72 4.89 6.39
C ILE H 154 33.98 6.22 5.68
N LYS H 155 35.20 6.40 5.17
CA LYS H 155 35.57 7.67 4.56
C LYS H 155 34.95 7.82 3.17
N ASN H 156 34.97 6.76 2.36
CA ASN H 156 34.39 6.83 1.02
C ASN H 156 32.90 7.07 1.07
N ARG H 157 32.23 6.65 2.15
CA ARG H 157 30.79 6.89 2.28
C ARG H 157 30.50 8.33 2.66
N LEU H 158 31.28 8.90 3.58
CA LEU H 158 31.10 10.31 3.95
C LEU H 158 31.29 11.21 2.74
N ALA H 159 32.37 10.99 1.98
CA ALA H 159 32.57 11.72 0.74
C ALA H 159 31.38 11.55 -0.21
N GLY H 160 30.68 10.42 -0.11
CA GLY H 160 29.57 10.17 -1.01
C GLY H 160 28.26 10.77 -0.59
N GLU H 161 28.04 10.94 0.72
CA GLU H 161 26.75 11.40 1.21
C GLU H 161 26.84 12.62 2.13
N LYS H 162 28.02 13.20 2.30
CA LYS H 162 28.17 14.39 3.14
C LYS H 162 28.88 15.55 2.46
N THR H 163 29.42 15.36 1.26
CA THR H 163 29.99 16.47 0.52
C THR H 163 28.86 17.32 -0.07
N PRO H 164 28.88 18.64 0.14
CA PRO H 164 27.80 19.48 -0.39
C PRO H 164 27.72 19.43 -1.92
N GLY H 165 26.59 19.88 -2.44
CA GLY H 165 26.36 19.87 -3.86
C GLY H 165 25.84 21.18 -4.43
N ILE H 166 24.74 21.11 -5.17
CA ILE H 166 24.16 22.31 -5.77
C ILE H 166 23.66 23.26 -4.69
N GLU H 167 23.08 22.72 -3.62
CA GLU H 167 22.54 23.55 -2.55
C GLU H 167 23.60 24.39 -1.84
N ASP H 168 24.89 24.15 -2.13
CA ASP H 168 25.95 24.91 -1.50
C ASP H 168 26.20 26.25 -2.18
N LEU H 169 25.70 26.44 -3.39
CA LEU H 169 25.89 27.71 -4.11
C LEU H 169 24.71 28.63 -3.79
N THR H 170 24.77 29.21 -2.60
CA THR H 170 23.73 30.14 -2.16
C THR H 170 23.81 31.43 -2.98
N THR H 171 22.84 32.32 -2.74
CA THR H 171 22.79 33.61 -3.41
C THR H 171 22.45 34.69 -2.40
N ASP H 172 23.08 35.85 -2.55
CA ASP H 172 22.87 37.00 -1.69
C ASP H 172 22.08 38.07 -2.45
N ALA H 173 21.07 38.64 -1.80
CA ALA H 173 20.26 39.69 -2.39
C ALA H 173 20.25 40.90 -1.47
N PHE H 174 20.29 42.09 -2.08
CA PHE H 174 20.22 43.35 -1.35
C PHE H 174 19.43 44.32 -2.21
N SER H 175 18.40 44.93 -1.63
CA SER H 175 17.54 45.83 -2.37
C SER H 175 17.38 47.13 -1.59
N GLY H 176 16.93 48.17 -2.30
CA GLY H 176 16.72 49.48 -1.71
C GLY H 176 16.34 50.55 -2.71
N ASP H 177 16.74 51.80 -2.44
CA ASP H 177 16.39 52.89 -3.35
C ASP H 177 17.07 52.71 -4.71
N ASN H 178 18.36 52.39 -4.71
CA ASN H 178 19.11 52.27 -5.94
C ASN H 178 18.80 51.00 -6.72
N GLY H 179 17.85 50.20 -6.27
CA GLY H 179 17.41 49.04 -7.03
C GLY H 179 17.67 47.70 -6.36
N LEU H 180 18.29 46.78 -7.09
CA LEU H 180 18.55 45.44 -6.60
C LEU H 180 19.94 45.02 -7.05
N THR H 181 20.65 44.33 -6.16
CA THR H 181 21.95 43.74 -6.48
C THR H 181 21.96 42.28 -6.03
N LEU H 182 22.50 41.42 -6.89
CA LEU H 182 22.62 39.99 -6.61
C LEU H 182 24.08 39.59 -6.66
N VAL H 183 24.46 38.65 -5.78
CA VAL H 183 25.79 38.08 -5.75
C VAL H 183 25.68 36.58 -5.92
N GLU H 184 26.45 36.02 -6.85
CA GLU H 184 26.32 34.63 -7.26
C GLU H 184 27.66 33.93 -7.23
N TYR H 185 27.60 32.60 -7.18
CA TYR H 185 28.77 31.74 -7.34
C TYR H 185 28.78 31.19 -8.76
N SER H 186 29.92 31.28 -9.43
CA SER H 186 30.01 30.94 -10.84
C SER H 186 31.30 30.19 -11.13
N PRO H 187 31.32 29.36 -12.18
CA PRO H 187 32.46 28.47 -12.39
C PRO H 187 33.74 29.21 -12.77
N PHE H 188 34.87 28.57 -12.45
CA PHE H 188 36.18 29.02 -12.91
C PHE H 188 36.42 28.53 -14.34
N GLY H 189 36.36 27.21 -14.54
CA GLY H 189 36.72 26.59 -15.79
C GLY H 189 37.31 25.21 -15.55
N VAL H 190 38.50 24.97 -16.10
CA VAL H 190 39.22 23.73 -15.85
C VAL H 190 39.90 23.83 -14.49
N ILE H 191 39.72 22.81 -13.66
CA ILE H 191 40.36 22.74 -12.34
C ILE H 191 41.32 21.57 -12.34
N GLY H 192 42.57 21.83 -11.97
CA GLY H 192 43.55 20.78 -11.83
C GLY H 192 43.72 20.34 -10.39
N ALA H 193 43.25 19.13 -10.06
CA ALA H 193 43.27 18.62 -8.70
C ALA H 193 44.35 17.56 -8.54
N ILE H 194 45.02 17.57 -7.40
CA ILE H 194 46.12 16.65 -7.11
C ILE H 194 45.80 15.95 -5.79
N THR H 195 45.64 14.62 -5.86
CA THR H 195 45.21 13.79 -4.75
C THR H 195 46.39 13.04 -4.13
N PRO H 196 46.30 12.69 -2.84
CA PRO H 196 47.38 11.91 -2.21
C PRO H 196 47.13 10.41 -2.24
N THR H 197 48.09 9.65 -1.71
CA THR H 197 47.90 8.24 -1.41
C THR H 197 47.06 8.03 -0.17
N THR H 198 47.02 9.02 0.72
CA THR H 198 46.24 8.89 1.95
C THR H 198 44.76 8.71 1.63
N ASN H 199 44.19 9.59 0.83
CA ASN H 199 42.79 9.51 0.42
C ASN H 199 42.67 9.79 -1.06
N PRO H 200 43.16 8.87 -1.92
CA PRO H 200 42.97 9.07 -3.36
C PRO H 200 41.54 8.83 -3.80
N THR H 201 40.82 7.93 -3.12
CA THR H 201 39.43 7.67 -3.47
C THR H 201 38.51 8.78 -2.95
N GLU H 202 38.69 9.16 -1.68
CA GLU H 202 37.79 10.13 -1.07
C GLU H 202 37.91 11.50 -1.72
N THR H 203 39.14 11.96 -1.97
CA THR H 203 39.31 13.30 -2.50
C THR H 203 38.73 13.41 -3.91
N ILE H 204 38.99 12.42 -4.77
CA ILE H 204 38.43 12.43 -6.12
C ILE H 204 36.90 12.52 -6.05
N VAL H 205 36.29 11.69 -5.19
CA VAL H 205 34.85 11.76 -5.00
C VAL H 205 34.45 13.14 -4.48
N CYS H 206 35.04 13.55 -3.36
CA CYS H 206 34.67 14.82 -2.74
C CYS H 206 34.92 16.00 -3.67
N ASN H 207 36.06 16.01 -4.36
CA ASN H 207 36.35 17.09 -5.30
C ASN H 207 35.32 17.12 -6.43
N SER H 208 35.17 15.98 -7.12
CA SER H 208 34.30 15.95 -8.29
C SER H 208 32.86 16.35 -7.94
N ILE H 209 32.41 15.98 -6.74
CA ILE H 209 31.08 16.41 -6.29
C ILE H 209 31.03 17.93 -6.18
N GLY H 210 32.03 18.53 -5.53
CA GLY H 210 32.00 19.96 -5.33
C GLY H 210 32.35 20.74 -6.58
N MET H 211 33.29 20.24 -7.37
CA MET H 211 33.73 20.99 -8.54
C MET H 211 32.70 20.94 -9.67
N LEU H 212 32.02 19.80 -9.82
CA LEU H 212 30.97 19.71 -10.82
C LEU H 212 29.69 20.42 -10.38
N ALA H 213 29.43 20.47 -9.07
CA ALA H 213 28.29 21.24 -8.57
C ALA H 213 28.41 22.71 -8.95
N ALA H 214 29.63 23.25 -8.93
CA ALA H 214 29.86 24.63 -9.32
C ALA H 214 29.86 24.82 -10.83
N GLY H 215 30.02 23.75 -11.60
CA GLY H 215 30.07 23.84 -13.04
C GLY H 215 31.45 23.78 -13.65
N ASN H 216 32.39 23.08 -13.01
CA ASN H 216 33.76 23.01 -13.48
C ASN H 216 34.08 21.61 -14.00
N SER H 217 35.05 21.54 -14.92
CA SER H 217 35.66 20.29 -15.32
C SER H 217 36.95 20.09 -14.54
N VAL H 218 37.26 18.84 -14.24
CA VAL H 218 38.34 18.49 -13.32
C VAL H 218 39.36 17.63 -14.04
N VAL H 219 40.63 18.04 -13.98
CA VAL H 219 41.76 17.24 -14.42
C VAL H 219 42.51 16.78 -13.18
N PHE H 220 42.57 15.47 -12.97
CA PHE H 220 43.24 14.91 -11.81
C PHE H 220 44.67 14.50 -12.14
N SER H 221 45.54 14.62 -11.14
CA SER H 221 46.93 14.18 -11.23
C SER H 221 47.23 13.40 -9.95
N PRO H 222 46.79 12.15 -9.87
CA PRO H 222 46.88 11.42 -8.60
C PRO H 222 48.29 10.90 -8.34
N HIS H 223 48.55 10.64 -7.06
CA HIS H 223 49.76 10.00 -6.60
C HIS H 223 49.92 8.65 -7.30
N PRO H 224 51.04 8.39 -7.99
CA PRO H 224 51.10 7.20 -8.85
C PRO H 224 51.03 5.90 -8.11
N ARG H 225 51.39 5.89 -6.82
CA ARG H 225 51.17 4.70 -6.02
C ARG H 225 49.70 4.36 -5.93
N ALA H 226 48.83 5.36 -6.01
CA ALA H 226 47.38 5.17 -6.02
C ALA H 226 46.82 5.24 -7.44
N ARG H 227 47.56 4.68 -8.40
CA ARG H 227 47.25 4.95 -9.80
C ARG H 227 45.97 4.23 -10.25
N GLN H 228 45.93 2.91 -10.11
CA GLN H 228 44.81 2.16 -10.68
C GLN H 228 43.50 2.48 -9.97
N VAL H 229 43.56 2.70 -8.64
CA VAL H 229 42.37 3.12 -7.91
C VAL H 229 41.82 4.42 -8.48
N SER H 230 42.70 5.39 -8.72
CA SER H 230 42.26 6.68 -9.22
C SER H 230 41.83 6.63 -10.67
N LEU H 231 42.28 5.61 -11.42
CA LEU H 231 41.85 5.45 -12.80
C LEU H 231 40.51 4.76 -12.90
N LEU H 232 40.34 3.64 -12.20
CA LEU H 232 39.05 2.98 -12.22
C LEU H 232 37.94 3.95 -11.83
N LEU H 233 38.15 4.75 -10.77
CA LEU H 233 37.10 5.65 -10.30
C LEU H 233 36.67 6.62 -11.39
N VAL H 234 37.65 7.24 -12.05
CA VAL H 234 37.34 8.12 -13.18
C VAL H 234 36.63 7.36 -14.29
N ARG H 235 36.96 6.08 -14.47
CA ARG H 235 36.25 5.27 -15.47
C ARG H 235 34.80 5.03 -15.05
N LEU H 236 34.57 4.70 -13.77
CA LEU H 236 33.19 4.46 -13.32
C LEU H 236 32.39 5.76 -13.28
N ILE H 237 33.02 6.87 -12.88
CA ILE H 237 32.35 8.17 -12.93
C ILE H 237 31.91 8.46 -14.37
N ASN H 238 32.85 8.38 -15.32
CA ASN H 238 32.53 8.63 -16.72
C ASN H 238 31.48 7.65 -17.23
N GLN H 239 31.48 6.42 -16.71
CA GLN H 239 30.48 5.45 -17.14
C GLN H 239 29.09 5.87 -16.69
N LYS H 240 28.96 6.39 -15.46
CA LYS H 240 27.66 6.85 -14.98
C LYS H 240 27.30 8.21 -15.58
N LEU H 241 28.29 9.10 -15.73
CA LEU H 241 28.02 10.39 -16.36
C LEU H 241 27.62 10.21 -17.82
N ALA H 242 28.16 9.21 -18.50
CA ALA H 242 27.76 8.95 -19.88
C ALA H 242 26.31 8.47 -19.95
N ALA H 243 25.89 7.65 -19.00
CA ALA H 243 24.52 7.17 -18.93
C ALA H 243 23.55 8.21 -18.38
N LEU H 244 24.05 9.37 -17.97
CA LEU H 244 23.20 10.46 -17.49
C LEU H 244 23.21 11.66 -18.44
N GLY H 245 23.80 11.51 -19.62
CA GLY H 245 23.81 12.59 -20.59
C GLY H 245 24.79 13.70 -20.29
N ALA H 246 25.77 13.47 -19.44
CA ALA H 246 26.75 14.50 -19.13
C ALA H 246 27.64 14.76 -20.33
N PRO H 247 28.19 15.97 -20.44
CA PRO H 247 29.19 16.24 -21.48
C PRO H 247 30.39 15.32 -21.32
N GLU H 248 30.97 14.91 -22.45
CA GLU H 248 32.09 13.98 -22.43
C GLU H 248 33.30 14.58 -21.71
N ASN H 249 34.00 13.73 -20.96
CA ASN H 249 35.27 14.09 -20.33
C ASN H 249 35.11 15.21 -19.31
N LEU H 250 33.99 15.22 -18.60
CA LEU H 250 33.78 16.22 -17.56
C LEU H 250 34.77 16.06 -16.42
N VAL H 251 35.22 14.83 -16.16
CA VAL H 251 36.26 14.54 -15.18
C VAL H 251 37.25 13.60 -15.84
N VAL H 252 38.52 13.99 -15.89
CA VAL H 252 39.55 13.30 -16.65
C VAL H 252 40.75 13.03 -15.75
N THR H 253 41.74 12.35 -16.31
CA THR H 253 43.03 12.10 -15.69
C THR H 253 43.92 11.46 -16.76
N VAL H 254 45.10 10.99 -16.36
CA VAL H 254 46.09 10.45 -17.27
C VAL H 254 46.31 8.97 -16.98
N GLU H 255 47.05 8.31 -17.87
CA GLU H 255 47.36 6.89 -17.68
C GLU H 255 48.46 6.71 -16.65
N LYS H 256 49.54 7.47 -16.77
CA LYS H 256 50.69 7.36 -15.88
C LYS H 256 50.79 8.61 -15.02
N PRO H 257 50.21 8.59 -13.80
CA PRO H 257 50.55 9.61 -12.80
C PRO H 257 52.05 9.83 -12.69
N SER H 258 52.46 11.08 -12.53
CA SER H 258 53.88 11.44 -12.38
C SER H 258 53.95 12.90 -12.02
N ILE H 259 55.06 13.28 -11.35
CA ILE H 259 55.33 14.70 -11.11
C ILE H 259 55.45 15.43 -12.44
N GLU H 260 55.96 14.75 -13.48
CA GLU H 260 56.12 15.39 -14.79
C GLU H 260 54.77 15.74 -15.41
N ASN H 261 53.78 14.85 -15.31
CA ASN H 261 52.44 15.18 -15.79
C ASN H 261 51.73 16.16 -14.88
N THR H 262 52.13 16.23 -13.60
CA THR H 262 51.59 17.27 -12.72
C THR H 262 52.14 18.64 -13.09
N ASN H 263 53.46 18.72 -13.34
CA ASN H 263 54.06 19.99 -13.71
C ASN H 263 53.55 20.47 -15.07
N ALA H 264 53.18 19.55 -15.95
CA ALA H 264 52.55 19.94 -17.21
C ALA H 264 51.16 20.49 -16.98
N MET H 265 50.42 19.94 -16.00
CA MET H 265 49.12 20.48 -15.65
C MET H 265 49.25 21.85 -14.99
N MET H 266 50.25 22.02 -14.14
CA MET H 266 50.50 23.33 -13.53
C MET H 266 50.92 24.35 -14.57
N ALA H 267 51.69 23.93 -15.58
CA ALA H 267 52.17 24.83 -16.61
C ALA H 267 51.16 25.06 -17.72
N HIS H 268 50.08 24.29 -17.77
CA HIS H 268 49.14 24.39 -18.88
C HIS H 268 48.35 25.69 -18.76
N PRO H 269 48.24 26.48 -19.83
CA PRO H 269 47.61 27.80 -19.71
C PRO H 269 46.10 27.77 -19.61
N LYS H 270 45.44 26.71 -20.08
CA LYS H 270 43.99 26.63 -20.03
C LYS H 270 43.47 26.15 -18.68
N VAL H 271 44.34 25.63 -17.82
CA VAL H 271 43.95 25.30 -16.46
C VAL H 271 43.74 26.59 -15.68
N ARG H 272 42.50 26.82 -15.24
CA ARG H 272 42.11 28.05 -14.58
C ARG H 272 42.35 28.04 -13.07
N MET H 273 42.57 26.86 -12.49
CA MET H 273 42.62 26.74 -11.04
C MET H 273 43.30 25.43 -10.68
N LEU H 274 44.06 25.46 -9.59
CA LEU H 274 44.76 24.30 -9.09
C LEU H 274 44.33 24.06 -7.64
N VAL H 275 44.08 22.79 -7.30
CA VAL H 275 43.74 22.39 -5.94
C VAL H 275 44.69 21.26 -5.57
N ALA H 276 45.72 21.58 -4.79
CA ALA H 276 46.70 20.60 -4.34
C ALA H 276 46.31 20.10 -2.96
N THR H 277 46.44 18.78 -2.76
CA THR H 277 46.12 18.13 -1.48
C THR H 277 47.31 17.25 -1.13
N GLY H 278 48.20 17.75 -0.27
CA GLY H 278 49.39 17.01 0.09
C GLY H 278 50.30 17.73 1.07
N GLY H 279 51.61 17.48 0.96
CA GLY H 279 52.57 18.01 1.89
C GLY H 279 52.91 19.46 1.63
N PRO H 280 53.96 19.97 2.29
CA PRO H 280 54.32 21.38 2.11
C PRO H 280 54.85 21.69 0.73
N ALA H 281 55.68 20.81 0.16
CA ALA H 281 56.34 21.11 -1.10
C ALA H 281 55.33 21.27 -2.24
N ILE H 282 54.32 20.40 -2.28
CA ILE H 282 53.34 20.47 -3.36
C ILE H 282 52.51 21.75 -3.25
N VAL H 283 52.30 22.25 -2.03
CA VAL H 283 51.50 23.46 -1.86
C VAL H 283 52.30 24.69 -2.28
N LYS H 284 53.59 24.73 -1.94
CA LYS H 284 54.41 25.88 -2.33
C LYS H 284 54.55 25.95 -3.85
N ALA H 285 54.83 24.82 -4.49
CA ALA H 285 55.01 24.80 -5.94
C ALA H 285 53.71 25.15 -6.66
N VAL H 286 52.57 24.67 -6.15
CA VAL H 286 51.30 24.97 -6.80
C VAL H 286 50.91 26.43 -6.64
N LEU H 287 51.45 27.10 -5.62
CA LEU H 287 51.23 28.53 -5.42
C LEU H 287 52.25 29.39 -6.15
N SER H 288 53.04 28.79 -7.04
CA SER H 288 54.08 29.48 -7.80
C SER H 288 53.91 29.20 -9.28
N THR H 289 52.66 29.16 -9.75
CA THR H 289 52.35 28.80 -11.13
C THR H 289 51.75 29.93 -11.94
N GLY H 290 51.41 31.06 -11.33
CA GLY H 290 50.83 32.17 -12.06
C GLY H 290 49.32 32.15 -12.18
N LYS H 291 48.63 31.38 -11.34
CA LYS H 291 47.18 31.27 -11.42
C LYS H 291 46.63 30.95 -10.04
N LYS H 292 45.31 31.07 -9.92
CA LYS H 292 44.63 30.76 -8.65
C LYS H 292 44.95 29.34 -8.21
N ALA H 293 45.30 29.20 -6.94
CA ALA H 293 45.66 27.91 -6.37
C ALA H 293 45.13 27.79 -4.95
N ILE H 294 44.66 26.59 -4.60
CA ILE H 294 44.27 26.25 -3.24
C ILE H 294 45.23 25.18 -2.73
N GLY H 295 45.76 25.39 -1.53
CA GLY H 295 46.69 24.44 -0.95
C GLY H 295 46.20 23.84 0.36
N ALA H 296 46.03 22.52 0.38
CA ALA H 296 45.59 21.80 1.58
C ALA H 296 46.82 21.16 2.20
N GLY H 297 47.49 21.90 3.07
CA GLY H 297 48.73 21.46 3.66
C GLY H 297 48.53 20.37 4.71
N ALA H 298 49.60 20.12 5.45
CA ALA H 298 49.63 19.11 6.50
C ALA H 298 49.45 19.78 7.86
N GLY H 299 49.75 19.04 8.91
CA GLY H 299 49.61 19.57 10.26
C GLY H 299 50.07 18.54 11.28
N ASN H 300 50.27 19.03 12.51
CA ASN H 300 50.74 18.21 13.63
C ASN H 300 49.73 18.33 14.77
N PRO H 301 48.58 17.68 14.65
CA PRO H 301 47.48 17.93 15.58
C PRO H 301 47.75 17.33 16.95
N PRO H 302 47.78 18.16 18.00
CA PRO H 302 47.82 17.63 19.37
C PRO H 302 46.41 17.52 19.95
N VAL H 303 46.32 16.79 21.05
CA VAL H 303 45.09 16.72 21.84
C VAL H 303 45.43 17.05 23.28
N VAL H 304 44.66 17.95 23.89
CA VAL H 304 44.89 18.39 25.26
C VAL H 304 43.75 17.86 26.11
N VAL H 305 44.09 17.10 27.15
CA VAL H 305 43.13 16.56 28.11
C VAL H 305 43.50 17.10 29.47
N ASP H 306 42.51 17.62 30.19
CA ASP H 306 42.73 18.20 31.51
C ASP H 306 41.89 17.48 32.55
N GLU H 307 42.04 17.91 33.81
CA GLU H 307 41.29 17.39 34.96
C GLU H 307 39.80 17.74 34.90
N THR H 308 39.35 18.35 33.80
CA THR H 308 37.97 18.78 33.64
C THR H 308 37.17 17.89 32.70
N ALA H 309 37.83 17.11 31.84
CA ALA H 309 37.17 16.36 30.80
C ALA H 309 36.45 15.13 31.36
N ASN H 310 35.46 14.64 30.59
CA ASN H 310 34.98 13.29 30.79
C ASN H 310 36.13 12.37 30.42
N ILE H 311 36.96 12.06 31.41
CA ILE H 311 38.20 11.36 31.17
C ILE H 311 37.96 9.98 30.56
N GLU H 312 36.87 9.31 30.94
CA GLU H 312 36.57 8.01 30.34
C GLU H 312 36.20 8.15 28.87
N LYS H 313 35.46 9.19 28.51
CA LYS H 313 35.11 9.40 27.10
C LYS H 313 36.29 9.89 26.29
N ALA H 314 37.17 10.70 26.90
CA ALA H 314 38.34 11.18 26.18
C ALA H 314 39.21 10.02 25.69
N ALA H 315 39.36 8.98 26.51
CA ALA H 315 40.20 7.85 26.11
C ALA H 315 39.57 7.05 24.98
N CYS H 316 38.24 6.96 24.92
CA CYS H 316 37.62 6.27 23.80
C CYS H 316 37.73 7.09 22.52
N ASP H 317 37.65 8.41 22.63
CA ASP H 317 37.76 9.28 21.46
C ASP H 317 39.20 9.39 20.98
N ILE H 318 40.15 9.47 21.92
CA ILE H 318 41.55 9.61 21.54
C ILE H 318 42.03 8.40 20.75
N VAL H 319 41.66 7.20 21.20
CA VAL H 319 42.09 5.99 20.49
C VAL H 319 41.34 5.85 19.17
N ASN H 320 40.02 5.97 19.20
CA ASN H 320 39.23 5.84 17.97
C ASN H 320 39.63 6.89 16.95
N GLY H 321 39.90 8.12 17.40
CA GLY H 321 40.33 9.15 16.48
C GLY H 321 41.72 8.90 15.94
N CYS H 322 42.66 8.58 16.83
CA CYS H 322 44.04 8.33 16.40
C CYS H 322 44.14 7.11 15.51
N SER H 323 43.46 6.03 15.88
CA SER H 323 43.50 4.79 15.12
C SER H 323 42.59 4.81 13.89
N PHE H 324 41.93 5.93 13.60
CA PHE H 324 41.06 5.99 12.44
C PHE H 324 41.90 5.97 11.17
N ASP H 325 41.68 4.95 10.34
CA ASP H 325 42.49 4.71 9.14
C ASP H 325 43.98 4.69 9.47
N ASN H 326 44.30 4.24 10.69
CA ASN H 326 45.67 4.14 11.18
C ASN H 326 46.42 5.47 11.03
N ASN H 327 45.80 6.53 11.56
CA ASN H 327 46.43 7.84 11.71
C ASN H 327 46.80 8.47 10.37
N LEU H 328 46.10 8.10 9.32
CA LEU H 328 46.32 8.72 8.01
C LEU H 328 45.57 10.04 7.83
N PRO H 329 44.36 10.22 8.38
CA PRO H 329 43.72 11.53 8.30
C PRO H 329 44.61 12.63 8.88
N CYS H 330 44.73 13.73 8.14
CA CYS H 330 45.49 14.88 8.62
C CYS H 330 44.86 15.53 9.84
N VAL H 331 43.65 15.12 10.23
CA VAL H 331 43.03 15.64 11.44
C VAL H 331 43.30 14.77 12.66
N ALA H 332 43.79 13.55 12.47
CA ALA H 332 43.87 12.58 13.56
C ALA H 332 44.81 13.05 14.66
N GLU H 333 44.58 12.52 15.87
CA GLU H 333 45.46 12.81 16.99
C GLU H 333 46.85 12.22 16.73
N LYS H 334 47.87 12.99 17.10
CA LYS H 334 49.25 12.50 16.97
C LYS H 334 50.12 12.78 18.18
N GLU H 335 49.68 13.62 19.13
CA GLU H 335 50.39 13.83 20.38
C GLU H 335 49.38 14.09 21.48
N ILE H 336 49.60 13.50 22.65
CA ILE H 336 48.78 13.75 23.83
C ILE H 336 49.54 14.70 24.76
N ILE H 337 48.84 15.73 25.24
CA ILE H 337 49.39 16.67 26.21
C ILE H 337 48.41 16.66 27.39
N ALA H 338 48.68 15.82 28.38
CA ALA H 338 47.76 15.57 29.47
C ALA H 338 48.20 16.28 30.74
N VAL H 339 47.23 16.80 31.49
CA VAL H 339 47.50 17.38 32.80
C VAL H 339 47.86 16.26 33.77
N ALA H 340 48.85 16.53 34.62
CA ALA H 340 49.44 15.47 35.45
C ALA H 340 48.40 14.76 36.32
N GLN H 341 47.37 15.48 36.77
CA GLN H 341 46.41 14.89 37.71
C GLN H 341 45.70 13.69 37.10
N ILE H 342 45.15 13.85 35.88
CA ILE H 342 44.40 12.78 35.25
C ILE H 342 45.28 11.85 34.42
N ALA H 343 46.59 12.09 34.38
CA ALA H 343 47.46 11.37 33.45
C ALA H 343 47.47 9.87 33.73
N ASP H 344 47.77 9.48 34.98
CA ASP H 344 47.88 8.08 35.32
C ASP H 344 46.56 7.34 35.13
N TYR H 345 45.44 8.02 35.32
CA TYR H 345 44.16 7.35 35.15
C TYR H 345 43.60 7.48 33.73
N LEU H 346 44.12 8.44 32.94
CA LEU H 346 43.82 8.46 31.51
C LEU H 346 44.49 7.28 30.83
N ILE H 347 45.81 7.17 30.99
CA ILE H 347 46.60 6.09 30.41
C ILE H 347 45.99 4.76 30.77
N PHE H 348 45.34 4.68 31.94
CA PHE H 348 44.64 3.45 32.32
C PHE H 348 43.49 3.17 31.38
N ASN H 349 42.70 4.20 31.04
CA ASN H 349 41.53 3.97 30.19
C ASN H 349 41.92 3.74 28.73
N LEU H 350 43.04 4.31 28.27
CA LEU H 350 43.49 3.99 26.91
C LEU H 350 43.83 2.53 26.79
N LYS H 351 44.43 1.94 27.82
CA LYS H 351 44.67 0.50 27.83
C LYS H 351 43.37 -0.26 27.69
N LYS H 352 42.35 0.15 28.44
CA LYS H 352 41.03 -0.46 28.29
C LYS H 352 40.41 -0.19 26.93
N ASN H 353 40.93 0.79 26.18
CA ASN H 353 40.42 1.14 24.87
C ASN H 353 41.31 0.66 23.73
N GLY H 354 42.34 -0.14 24.03
CA GLY H 354 43.17 -0.70 22.99
C GLY H 354 44.46 0.06 22.75
N ALA H 355 45.13 0.48 23.82
CA ALA H 355 46.41 1.18 23.73
C ALA H 355 47.45 0.37 24.49
N TYR H 356 48.43 -0.16 23.76
CA TYR H 356 49.54 -0.90 24.36
C TYR H 356 50.63 0.08 24.75
N GLU H 357 50.95 0.15 26.04
CA GLU H 357 51.94 1.09 26.54
C GLU H 357 53.34 0.50 26.47
N ILE H 358 54.28 1.31 25.99
CA ILE H 358 55.69 0.95 25.93
C ILE H 358 56.43 1.87 26.89
N LYS H 359 56.90 1.31 28.00
CA LYS H 359 57.62 2.06 29.02
C LYS H 359 59.03 1.49 29.23
N ASP H 360 59.58 0.86 28.20
CA ASP H 360 60.94 0.34 28.25
C ASP H 360 61.81 1.14 27.30
N PRO H 361 62.87 1.80 27.80
CA PRO H 361 63.71 2.61 26.90
C PRO H 361 64.36 1.80 25.80
N ALA H 362 64.57 0.50 26.01
CA ALA H 362 65.13 -0.33 24.95
C ALA H 362 64.12 -0.57 23.84
N VAL H 363 62.90 -0.97 24.20
CA VAL H 363 61.86 -1.22 23.19
C VAL H 363 61.52 0.07 22.45
N LEU H 364 61.47 1.18 23.16
CA LEU H 364 61.17 2.46 22.52
C LEU H 364 62.24 2.84 21.49
N GLN H 365 63.50 2.54 21.79
CA GLN H 365 64.58 2.91 20.87
C GLN H 365 64.57 2.08 19.61
N GLN H 366 64.03 0.87 19.68
CA GLN H 366 64.00 0.03 18.50
C GLN H 366 62.92 0.50 17.53
N LEU H 367 61.74 0.88 18.03
CA LEU H 367 60.67 1.35 17.15
C LEU H 367 61.06 2.62 16.43
N GLN H 368 61.85 3.49 17.07
CA GLN H 368 62.30 4.71 16.41
C GLN H 368 63.04 4.38 15.12
N ASP H 369 64.14 3.63 15.21
CA ASP H 369 64.90 3.27 14.02
C ASP H 369 64.11 2.40 13.05
N LEU H 370 62.94 1.88 13.46
CA LEU H 370 62.09 1.16 12.52
C LEU H 370 61.25 2.12 11.68
N VAL H 371 60.64 3.12 12.31
CA VAL H 371 59.72 4.02 11.62
C VAL H 371 60.33 5.37 11.32
N LEU H 372 61.54 5.64 11.79
CA LEU H 372 62.23 6.90 11.57
C LEU H 372 63.50 6.58 10.79
N THR H 373 63.73 7.29 9.68
CA THR H 373 64.92 7.03 8.88
C THR H 373 66.13 7.67 9.56
N ALA H 374 66.92 8.43 8.80
CA ALA H 374 68.06 9.14 9.37
C ALA H 374 67.78 10.61 9.63
N LYS H 375 67.11 11.28 8.69
CA LYS H 375 66.81 12.69 8.84
C LYS H 375 65.73 12.98 9.89
N GLY H 376 65.01 11.96 10.36
CA GLY H 376 63.96 12.07 11.35
C GLY H 376 62.62 11.76 10.80
N GLY H 377 62.43 12.04 9.54
CA GLY H 377 61.07 11.87 8.93
C GLY H 377 60.54 10.46 9.06
N PRO H 378 59.30 10.27 8.61
CA PRO H 378 58.70 8.98 8.72
C PRO H 378 59.14 7.99 7.66
N GLN H 379 59.42 6.75 8.05
CA GLN H 379 59.70 5.78 7.00
C GLN H 379 58.39 5.50 6.30
N THR H 380 58.41 5.66 5.00
CA THR H 380 57.27 5.24 4.23
C THR H 380 57.03 3.75 4.37
N LYS H 381 57.99 3.01 4.93
CA LYS H 381 57.80 1.61 5.25
C LYS H 381 56.58 1.41 6.15
N CYS H 382 56.50 2.17 7.24
CA CYS H 382 55.55 1.91 8.32
C CYS H 382 54.36 2.85 8.34
N VAL H 383 54.28 3.79 7.40
CA VAL H 383 53.20 4.76 7.41
C VAL H 383 51.89 4.08 7.02
N GLY H 384 50.87 4.24 7.87
CA GLY H 384 49.55 3.72 7.59
C GLY H 384 49.31 2.30 8.06
N LYS H 385 50.36 1.54 8.35
CA LYS H 385 50.17 0.18 8.82
C LYS H 385 49.52 0.17 10.20
N SER H 386 48.71 -0.86 10.45
CA SER H 386 48.06 -1.00 11.74
C SER H 386 49.10 -1.15 12.85
N ALA H 387 48.67 -0.88 14.08
CA ALA H 387 49.54 -1.08 15.23
C ALA H 387 50.14 -2.48 15.21
N VAL H 388 49.27 -3.49 15.24
CA VAL H 388 49.63 -4.91 15.22
C VAL H 388 50.81 -5.18 14.28
N TRP H 389 50.79 -4.55 13.11
CA TRP H 389 51.86 -4.77 12.14
C TRP H 389 53.18 -4.17 12.62
N LEU H 390 53.15 -2.92 13.10
CA LEU H 390 54.39 -2.28 13.56
C LEU H 390 54.99 -3.02 14.74
N LEU H 391 54.14 -3.44 15.70
CA LEU H 391 54.63 -4.15 16.87
C LEU H 391 55.16 -5.53 16.52
N SER H 392 54.80 -6.08 15.35
CA SER H 392 55.34 -7.37 14.92
C SER H 392 56.78 -7.22 14.44
N GLN H 393 57.07 -6.17 13.68
CA GLN H 393 58.44 -5.89 13.24
C GLN H 393 59.38 -5.67 14.42
N ILE H 394 58.85 -5.48 15.62
CA ILE H 394 59.65 -5.27 16.81
C ILE H 394 60.00 -6.60 17.47
N GLY H 395 59.00 -7.45 17.65
CA GLY H 395 59.20 -8.76 18.23
C GLY H 395 58.20 -9.14 19.31
N ILE H 396 57.08 -8.42 19.39
CA ILE H 396 56.02 -8.77 20.32
C ILE H 396 54.71 -8.87 19.54
N SER H 397 53.87 -9.81 19.94
CA SER H 397 52.66 -10.17 19.18
C SER H 397 51.43 -9.87 20.03
N VAL H 398 50.67 -8.86 19.62
CA VAL H 398 49.43 -8.48 20.28
C VAL H 398 48.29 -8.66 19.29
N ASP H 399 47.12 -9.05 19.81
CA ASP H 399 45.95 -9.32 18.99
C ASP H 399 45.40 -8.01 18.41
N ALA H 400 44.25 -8.10 17.75
CA ALA H 400 43.63 -6.94 17.10
C ALA H 400 42.92 -6.02 18.06
N SER H 401 42.69 -6.44 19.31
CA SER H 401 42.01 -5.59 20.28
C SER H 401 42.79 -4.30 20.53
N ILE H 402 44.10 -4.33 20.36
CA ILE H 402 44.92 -3.13 20.48
C ILE H 402 44.91 -2.39 19.16
N LYS H 403 44.75 -1.07 19.22
CA LYS H 403 44.65 -0.24 18.02
C LYS H 403 45.69 0.86 17.92
N ILE H 404 46.32 1.28 19.02
CA ILE H 404 47.34 2.31 18.99
C ILE H 404 48.50 1.90 19.88
N ILE H 405 49.62 2.61 19.72
CA ILE H 405 50.80 2.44 20.54
C ILE H 405 50.87 3.63 21.50
N LEU H 406 50.95 3.35 22.80
CA LEU H 406 51.00 4.38 23.82
C LEU H 406 52.37 4.38 24.47
N MET H 407 52.78 5.57 24.94
CA MET H 407 54.12 5.77 25.46
C MET H 407 54.15 7.07 26.25
N GLU H 408 55.02 7.13 27.24
CA GLU H 408 55.26 8.35 28.02
C GLU H 408 56.62 8.88 27.62
N VAL H 409 56.61 10.00 26.90
CA VAL H 409 57.81 10.47 26.21
C VAL H 409 57.90 11.98 26.36
N PRO H 410 59.12 12.51 26.40
CA PRO H 410 59.28 13.97 26.51
C PRO H 410 58.76 14.70 25.29
N ARG H 411 58.51 16.00 25.48
CA ARG H 411 58.05 16.85 24.39
C ARG H 411 59.09 17.01 23.29
N GLU H 412 60.37 16.86 23.62
CA GLU H 412 61.46 16.99 22.65
C GLU H 412 61.57 15.82 21.70
N HIS H 413 60.82 14.75 21.94
CA HIS H 413 61.08 13.49 21.25
C HIS H 413 60.55 13.58 19.81
N PRO H 414 61.26 12.99 18.84
CA PRO H 414 60.89 13.20 17.43
C PRO H 414 59.48 12.77 17.03
N PHE H 415 58.84 11.82 17.71
CA PHE H 415 57.47 11.51 17.30
C PHE H 415 56.50 12.59 17.74
N VAL H 416 56.93 13.55 18.57
CA VAL H 416 56.09 14.69 18.87
C VAL H 416 56.22 15.76 17.79
N GLN H 417 57.44 15.98 17.31
CA GLN H 417 57.69 17.09 16.40
C GLN H 417 57.28 16.79 14.96
N GLU H 418 57.22 15.52 14.58
CA GLU H 418 57.01 15.14 13.19
C GLU H 418 55.68 14.42 13.02
N GLU H 419 55.19 14.48 11.78
CA GLU H 419 53.91 13.87 11.41
C GLU H 419 54.18 12.43 10.97
N LEU H 420 54.02 11.50 11.92
CA LEU H 420 54.34 10.11 11.64
C LEU H 420 53.32 9.46 10.71
N MET H 421 52.05 9.85 10.83
CA MET H 421 50.94 9.15 10.18
C MET H 421 50.95 7.67 10.55
N MET H 422 51.10 7.41 11.84
CA MET H 422 51.20 6.06 12.38
C MET H 422 50.35 5.96 13.65
N PRO H 423 49.82 4.77 13.94
CA PRO H 423 49.06 4.59 15.19
C PRO H 423 49.94 4.69 16.44
N ILE H 424 51.10 5.31 16.31
CA ILE H 424 51.92 5.68 17.46
C ILE H 424 51.37 6.98 18.04
N LEU H 425 51.34 7.08 19.37
CA LEU H 425 50.71 8.21 20.04
C LEU H 425 51.50 8.54 21.30
N PRO H 426 52.39 9.53 21.25
CA PRO H 426 53.12 9.94 22.46
C PRO H 426 52.21 10.56 23.51
N LEU H 427 52.78 10.91 24.66
CA LEU H 427 52.02 11.60 25.71
C LEU H 427 52.98 12.46 26.51
N VAL H 428 52.73 13.76 26.57
CA VAL H 428 53.52 14.70 27.35
C VAL H 428 52.71 15.08 28.58
N ARG H 429 53.34 14.98 29.76
CA ARG H 429 52.69 15.27 31.03
C ARG H 429 52.98 16.71 31.42
N VAL H 430 51.93 17.48 31.67
CA VAL H 430 52.05 18.87 32.09
C VAL H 430 51.33 19.04 33.42
N GLU H 431 51.57 20.19 34.05
CA GLU H 431 51.08 20.45 35.41
C GLU H 431 49.66 21.01 35.44
N THR H 432 49.33 21.88 34.50
CA THR H 432 48.02 22.52 34.46
C THR H 432 47.50 22.51 33.03
N VAL H 433 46.22 22.85 32.88
CA VAL H 433 45.66 22.99 31.54
C VAL H 433 46.31 24.14 30.80
N ASP H 434 46.70 25.20 31.52
CA ASP H 434 47.33 26.35 30.89
C ASP H 434 48.69 26.00 30.31
N ASP H 435 49.40 25.05 30.92
CA ASP H 435 50.66 24.58 30.35
C ASP H 435 50.42 23.68 29.15
N ALA H 436 49.30 22.95 29.13
CA ALA H 436 48.97 22.13 27.97
C ALA H 436 48.65 22.99 26.74
N ILE H 437 47.89 24.08 26.95
CA ILE H 437 47.58 24.99 25.86
C ILE H 437 48.86 25.56 25.27
N ASP H 438 49.76 26.05 26.13
CA ASP H 438 50.97 26.71 25.67
C ASP H 438 51.87 25.76 24.87
N LEU H 439 51.79 24.46 25.14
CA LEU H 439 52.59 23.48 24.43
C LEU H 439 51.92 23.02 23.13
N ALA H 440 50.59 22.90 23.14
CA ALA H 440 49.88 22.53 21.92
C ALA H 440 50.09 23.56 20.83
N ILE H 441 50.16 24.84 21.21
CA ILE H 441 50.41 25.90 20.23
C ILE H 441 51.82 25.75 19.62
N GLU H 442 52.80 25.43 20.46
CA GLU H 442 54.17 25.29 19.98
C GLU H 442 54.34 24.02 19.16
N VAL H 443 53.83 22.90 19.66
CA VAL H 443 53.96 21.62 18.96
C VAL H 443 53.27 21.67 17.60
N GLU H 444 52.25 22.51 17.46
CA GLU H 444 51.56 22.63 16.17
C GLU H 444 52.45 23.24 15.10
N HIS H 445 53.42 24.08 15.50
CA HIS H 445 54.42 24.65 14.60
C HIS H 445 53.79 25.56 13.55
N ASP H 446 52.77 26.33 13.96
CA ASP H 446 52.10 27.30 13.09
C ASP H 446 51.57 26.65 11.82
N ASN H 447 51.22 25.37 11.88
CA ASN H 447 50.47 24.78 10.78
C ASN H 447 49.04 25.28 10.77
N ARG H 448 48.46 25.45 11.96
CA ARG H 448 47.09 25.96 12.12
C ARG H 448 46.10 25.14 11.31
N HIS H 449 46.17 23.82 11.50
CA HIS H 449 45.35 22.87 10.75
C HIS H 449 44.32 22.19 11.64
N THR H 450 44.75 21.49 12.68
CA THR H 450 43.82 20.78 13.57
C THR H 450 44.39 20.72 14.97
N ALA H 451 43.54 20.93 15.96
CA ALA H 451 43.90 20.78 17.36
C ALA H 451 42.66 20.35 18.14
N ILE H 452 42.79 19.31 18.93
CA ILE H 452 41.68 18.75 19.69
C ILE H 452 41.86 19.10 21.16
N MET H 453 40.74 19.28 21.86
CA MET H 453 40.77 19.50 23.30
C MET H 453 39.65 18.72 23.96
N HIS H 454 39.97 18.13 25.12
CA HIS H 454 38.98 17.49 25.96
C HIS H 454 38.89 18.25 27.28
N SER H 455 37.73 18.83 27.53
CA SER H 455 37.48 19.67 28.70
C SER H 455 36.01 20.05 28.72
N THR H 456 35.39 20.06 29.90
CA THR H 456 34.02 20.51 30.03
C THR H 456 33.92 21.95 30.52
N ASP H 457 35.06 22.62 30.70
CA ASP H 457 35.11 24.00 31.15
C ASP H 457 35.10 24.91 29.92
N VAL H 458 34.00 25.61 29.71
CA VAL H 458 33.86 26.48 28.54
C VAL H 458 34.96 27.54 28.52
N ARG H 459 35.47 27.93 29.69
CA ARG H 459 36.51 28.94 29.75
C ARG H 459 37.82 28.46 29.14
N LYS H 460 38.15 27.19 29.36
CA LYS H 460 39.41 26.64 28.87
C LYS H 460 39.31 26.13 27.45
N LEU H 461 38.12 25.70 27.01
CA LEU H 461 37.92 25.39 25.60
C LEU H 461 37.97 26.67 24.76
N THR H 462 37.39 27.75 25.28
CA THR H 462 37.46 29.02 24.58
C THR H 462 38.91 29.48 24.44
N LYS H 463 39.70 29.35 25.51
CA LYS H 463 41.06 29.87 25.51
C LYS H 463 41.94 29.12 24.51
N MET H 464 41.94 27.79 24.57
CA MET H 464 42.80 27.02 23.68
C MET H 464 42.40 27.20 22.23
N ALA H 465 41.10 27.18 21.94
CA ALA H 465 40.64 27.40 20.57
C ALA H 465 40.92 28.84 20.13
N LYS H 466 40.98 29.78 21.07
CA LYS H 466 41.20 31.18 20.71
C LYS H 466 42.62 31.40 20.20
N LEU H 467 43.61 30.86 20.91
CA LEU H 467 45.00 31.21 20.65
C LEU H 467 45.69 30.26 19.67
N ILE H 468 45.16 29.07 19.43
CA ILE H 468 45.82 28.13 18.53
C ILE H 468 45.47 28.38 17.07
N GLN H 469 44.31 29.01 16.79
CA GLN H 469 43.99 29.54 15.46
C GLN H 469 44.05 28.44 14.39
N THR H 470 43.57 27.26 14.71
CA THR H 470 43.63 26.12 13.81
C THR H 470 42.42 26.10 12.88
N THR H 471 42.65 25.59 11.67
CA THR H 471 41.57 25.47 10.68
C THR H 471 40.41 24.66 11.23
N ILE H 472 40.70 23.65 12.04
CA ILE H 472 39.69 22.86 12.72
C ILE H 472 40.06 22.77 14.19
N PHE H 473 39.05 22.82 15.05
CA PHE H 473 39.23 22.62 16.49
C PHE H 473 38.07 21.78 16.99
N VAL H 474 38.37 20.62 17.56
CA VAL H 474 37.36 19.68 18.04
C VAL H 474 37.40 19.67 19.56
N LYS H 475 36.22 19.74 20.18
CA LYS H 475 36.09 19.81 21.62
C LYS H 475 35.27 18.63 22.11
N ASN H 476 35.88 17.78 22.94
CA ASN H 476 35.21 16.66 23.59
C ASN H 476 34.72 15.62 22.58
N GLY H 477 35.56 15.30 21.61
CA GLY H 477 35.21 14.32 20.60
C GLY H 477 36.43 13.82 19.86
N PRO H 478 36.25 12.79 19.03
CA PRO H 478 37.35 12.28 18.22
C PRO H 478 37.72 13.27 17.11
N SER H 479 38.89 13.03 16.52
CA SER H 479 39.40 13.94 15.50
C SER H 479 38.49 14.00 14.28
N TYR H 480 37.91 12.87 13.90
CA TYR H 480 37.05 12.82 12.72
C TYR H 480 35.67 13.42 12.96
N ALA H 481 35.46 14.10 14.09
CA ALA H 481 34.20 14.82 14.30
C ALA H 481 34.21 16.15 13.57
N GLY H 482 35.34 16.85 13.58
CA GLY H 482 35.49 18.08 12.82
C GLY H 482 35.42 17.88 11.31
N LEU H 483 35.50 16.64 10.84
CA LEU H 483 35.33 16.31 9.43
C LEU H 483 33.89 15.96 9.08
N GLY H 484 33.00 15.91 10.07
CA GLY H 484 31.60 15.61 9.85
C GLY H 484 31.14 14.28 10.38
N ALA H 485 32.05 13.44 10.87
CA ALA H 485 31.71 12.14 11.44
C ALA H 485 31.71 12.27 12.96
N GLY H 486 30.56 12.61 13.51
CA GLY H 486 30.40 12.83 14.94
C GLY H 486 30.19 14.28 15.30
N GLY H 487 30.47 15.20 14.40
CA GLY H 487 30.25 16.62 14.64
C GLY H 487 29.38 17.20 13.54
N GLU H 488 28.69 18.30 13.89
CA GLU H 488 27.86 18.98 12.92
C GLU H 488 28.71 19.54 11.78
N GLY H 489 28.07 19.72 10.64
CA GLY H 489 28.72 20.26 9.47
C GLY H 489 28.85 19.22 8.36
N TYR H 490 29.43 19.67 7.25
CA TYR H 490 29.63 18.84 6.08
C TYR H 490 31.04 18.24 6.09
N SER H 491 31.27 17.33 5.15
CA SER H 491 32.52 16.60 5.06
C SER H 491 33.37 17.12 3.90
N THR H 492 34.69 17.05 4.09
CA THR H 492 35.62 17.37 3.02
C THR H 492 36.95 16.69 3.31
N PHE H 493 37.67 16.37 2.23
CA PHE H 493 38.98 15.76 2.35
C PHE H 493 40.08 16.65 1.80
N THR H 494 39.75 17.87 1.37
CA THR H 494 40.72 18.91 1.06
C THR H 494 40.45 20.06 2.00
N ILE H 495 41.36 20.29 2.95
CA ILE H 495 41.20 21.30 3.97
C ILE H 495 42.35 22.30 3.78
N ALA H 496 42.03 23.46 3.21
CA ALA H 496 43.03 24.47 2.91
C ALA H 496 43.49 25.14 4.19
N GLY H 497 44.75 24.94 4.55
CA GLY H 497 45.36 25.61 5.67
C GLY H 497 46.06 26.89 5.27
N PRO H 498 47.09 26.77 4.42
CA PRO H 498 47.84 27.97 4.02
C PRO H 498 46.99 29.04 3.35
N THR H 499 46.10 28.65 2.44
CA THR H 499 45.34 29.62 1.65
C THR H 499 44.01 30.00 2.28
N GLY H 500 43.70 29.48 3.46
CA GLY H 500 42.63 30.02 4.28
C GLY H 500 41.22 29.85 3.76
N GLU H 501 40.98 28.93 2.82
CA GLU H 501 39.61 28.67 2.39
C GLU H 501 38.85 27.78 3.36
N GLY H 502 39.51 27.18 4.34
CA GLY H 502 38.84 26.32 5.30
C GLY H 502 38.48 24.97 4.71
N LEU H 503 37.33 24.44 5.10
CA LEU H 503 36.85 23.16 4.59
C LEU H 503 36.28 23.39 3.19
N THR H 504 37.08 23.05 2.17
CA THR H 504 36.67 23.31 0.80
C THR H 504 35.38 22.58 0.46
N SER H 505 34.51 23.26 -0.28
CA SER H 505 33.25 22.69 -0.74
C SER H 505 32.97 23.27 -2.11
N ALA H 506 31.70 23.19 -2.55
CA ALA H 506 31.35 23.72 -3.87
C ALA H 506 31.55 25.22 -3.95
N LYS H 507 31.37 25.93 -2.83
CA LYS H 507 31.66 27.36 -2.81
C LYS H 507 33.13 27.63 -3.14
N SER H 508 34.03 26.80 -2.63
CA SER H 508 35.46 27.05 -2.74
C SER H 508 35.99 26.94 -4.15
N PHE H 509 35.20 26.44 -5.09
CA PHE H 509 35.63 26.29 -6.48
C PHE H 509 34.84 27.19 -7.42
N ALA H 510 34.04 28.09 -6.89
CA ALA H 510 33.25 29.01 -7.69
C ALA H 510 33.81 30.42 -7.59
N ARG H 511 33.67 31.17 -8.68
CA ARG H 511 33.97 32.58 -8.70
C ARG H 511 32.75 33.36 -8.22
N ARG H 512 33.02 34.48 -7.56
CA ARG H 512 31.96 35.34 -7.05
C ARG H 512 31.75 36.51 -7.99
N ARG H 513 30.53 36.66 -8.46
CA ARG H 513 30.17 37.76 -9.35
C ARG H 513 28.94 38.47 -8.82
N LYS H 514 28.84 39.75 -9.17
CA LYS H 514 27.74 40.61 -8.75
C LYS H 514 26.87 40.93 -9.97
N CYS H 515 25.64 41.36 -9.70
CA CYS H 515 24.74 41.80 -10.76
C CYS H 515 23.90 42.93 -10.19
N VAL H 516 24.11 44.15 -10.69
CA VAL H 516 23.44 45.34 -10.16
C VAL H 516 22.35 45.75 -11.14
N MET H 517 21.12 45.80 -10.66
CA MET H 517 19.97 46.32 -11.39
C MET H 517 19.62 47.68 -10.83
N VAL H 518 19.79 48.72 -11.64
CA VAL H 518 19.70 50.09 -11.14
C VAL H 518 18.24 50.54 -11.10
N GLU H 519 17.77 50.87 -9.90
CA GLU H 519 16.44 51.42 -9.66
C GLU H 519 15.34 50.59 -10.33
N ALA H 520 15.38 49.29 -10.06
CA ALA H 520 14.32 48.37 -10.44
C ALA H 520 14.48 47.11 -9.60
N LEU H 521 13.40 46.34 -9.52
CA LEU H 521 13.36 45.06 -8.82
C LEU H 521 13.63 45.21 -7.33
N ASN H 522 13.40 46.40 -6.79
CA ASN H 522 13.41 46.61 -5.34
C ASN H 522 11.96 46.73 -4.91
N ILE H 523 11.30 45.58 -4.72
CA ILE H 523 9.85 45.56 -4.60
C ILE H 523 9.38 45.59 -3.16
N ARG H 524 10.29 45.94 -2.24
CA ARG H 524 9.95 45.99 -0.81
C ARG H 524 8.78 46.95 -0.54
#